data_7W8J
#
_entry.id   7W8J
#
_cell.length_a   1.00
_cell.length_b   1.00
_cell.length_c   1.00
_cell.angle_alpha   90.00
_cell.angle_beta   90.00
_cell.angle_gamma   90.00
#
_symmetry.space_group_name_H-M   'P 1'
#
loop_
_entity.id
_entity.type
_entity.pdbx_description
1 polymer 'N,N-dimethylformamidase large subunit'
2 polymer 'N,N-dimethylformamidase small subunit'
3 non-polymer 'FE (III) ION'
4 water water
#
loop_
_entity_poly.entity_id
_entity_poly.type
_entity_poly.pdbx_seq_one_letter_code
_entity_poly.pdbx_strand_id
1 'polypeptide(L)'
;MKDIAIRGYCDRPSVATGETIRFYVSANETRGTFDAELVRLIHGDSNPAGPGYKEEAIKSDLEGQYPARFQRTQFGSYVE
VADPDAGLQPDGAFSVHLFLWSTTPSRGRQGIASRWNDERQSGWNLAIEDGRVVFTIGDGSGATSSVVSDRPLFQQIWYS
ITGVYDPEKKQLRLYQKSVVNRTNSRFGLVVPLDSDCAVSADATVKAADSETSLLIAGLGEAAAQDGRTWCIAHYNGKVD
APKIYGCALGQDDAEKLSRGEIVRPISRLAHWDFSAGIGLNGIPTDHVVDASGYGHHGRCMNQPSRGSTGWNWDGHEENF
IHCPEQYGALWFHEDCLDDCRWEKDFEFTVPEGLKSDFYAVKIRYEDTEDYIPFFVLPPRGTATAPILVIASTLSYLAYA
NEQIMHKADIGQAVAGHTPVLNENDVELHKNLSYYGLSTYDGHIDGRGVQYTSWRRPIMNLRPKHRQGFGSIWELPADLH
LIDWLNHNGFEYDVATEHDLNDQGAELLRRYKVVLTGSHPEYQTWANADAWEDYLADGGRGMYLAANGMYWIVEVHPEKP
WVMEVRKELGVTAWEAPPGEYHYSTNGRRGGRFRGRARATQKIWGTGMSSFGFDHSGYFVQMPDSQDERVAWIMEGIDPE
ERIGDGGLVGGGAGGYELDRYDLALGTPPNTLLLASSVEHSVVYTVIPDDKAFPHPGMNGGEHPFVRADITYFSTANGGG
MFATSSISWLGSLSWNDYDNNVSKMTKNVLNQFIKDEPAPRVKLAAALEHHHHHH
;
A,C,E,G
2 'polypeptide(L)'
;MTEASESCVRDPSNYRDRSADWYAFYDERRRKEIIDIIDEHPEIVEEHAANPFGYRKHPSPYLQRVHNYFRMQPTFGRYY
IYSEREWDAYRIATIREFGELPELGDERFKTEEEAMHAVFLRRIEDVRAELA
;
B,D,F,H
#
loop_
_chem_comp.id
_chem_comp.type
_chem_comp.name
_chem_comp.formula
FE non-polymer 'FE (III) ION' 'Fe 3'
#
# COMPACT_ATOMS: atom_id res chain seq x y z
N MET A 1 -22.08 59.22 3.59
CA MET A 1 -21.21 59.22 2.36
C MET A 1 -21.88 58.43 1.23
N LYS A 2 -21.26 58.42 0.03
CA LYS A 2 -21.74 57.71 -1.18
C LYS A 2 -21.72 56.20 -0.90
N ASP A 3 -22.88 55.55 -0.98
CA ASP A 3 -23.08 54.11 -0.65
C ASP A 3 -23.62 53.40 -1.88
N ILE A 4 -23.41 52.09 -1.96
CA ILE A 4 -23.80 51.23 -3.13
C ILE A 4 -25.26 50.84 -2.96
N ALA A 5 -26.08 51.03 -4.00
CA ALA A 5 -27.54 50.76 -4.04
C ALA A 5 -27.84 49.49 -4.85
N ILE A 6 -27.03 49.15 -5.85
CA ILE A 6 -27.25 47.99 -6.78
C ILE A 6 -25.95 47.20 -6.94
N ARG A 7 -26.07 45.87 -7.07
CA ARG A 7 -24.95 44.93 -7.31
C ARG A 7 -25.46 43.75 -8.15
N GLY A 8 -24.56 43.04 -8.84
CA GLY A 8 -24.92 41.90 -9.70
C GLY A 8 -23.72 41.09 -10.15
N TYR A 9 -23.99 39.96 -10.82
CA TYR A 9 -22.98 39.03 -11.37
C TYR A 9 -23.58 38.25 -12.55
N CYS A 10 -22.76 37.41 -13.19
CA CYS A 10 -23.16 36.49 -14.30
C CYS A 10 -22.77 35.05 -13.96
N ASP A 11 -23.43 34.08 -14.58
CA ASP A 11 -23.29 32.62 -14.30
C ASP A 11 -21.91 32.13 -14.77
N ARG A 12 -21.39 32.67 -15.87
CA ARG A 12 -20.12 32.21 -16.51
C ARG A 12 -19.30 33.40 -17.01
N PRO A 13 -17.95 33.31 -16.98
CA PRO A 13 -17.10 34.43 -17.39
C PRO A 13 -17.08 34.72 -18.90
N SER A 14 -17.04 33.67 -19.74
CA SER A 14 -16.90 33.77 -21.21
C SER A 14 -18.06 33.07 -21.92
N VAL A 15 -18.39 33.56 -23.12
CA VAL A 15 -19.50 33.08 -23.98
CA VAL A 15 -19.51 33.08 -23.98
C VAL A 15 -19.12 33.25 -25.45
N ALA A 16 -19.47 32.28 -26.30
CA ALA A 16 -19.20 32.26 -27.75
C ALA A 16 -20.49 32.63 -28.52
N THR A 17 -20.42 32.69 -29.84
CA THR A 17 -21.55 33.09 -30.73
C THR A 17 -22.68 32.06 -30.59
N GLY A 18 -23.91 32.53 -30.38
CA GLY A 18 -25.12 31.70 -30.26
C GLY A 18 -25.26 31.02 -28.90
N GLU A 19 -24.41 31.36 -27.92
CA GLU A 19 -24.46 30.83 -26.54
C GLU A 19 -25.07 31.88 -25.61
N THR A 20 -25.72 31.45 -24.52
CA THR A 20 -26.50 32.31 -23.59
C THR A 20 -25.72 32.55 -22.29
N ILE A 21 -25.76 33.79 -21.79
CA ILE A 21 -25.20 34.20 -20.46
C ILE A 21 -26.35 34.81 -19.64
N ARG A 22 -26.46 34.43 -18.36
CA ARG A 22 -27.53 34.88 -17.43
C ARG A 22 -26.95 35.90 -16.44
N PHE A 23 -27.76 36.87 -16.01
CA PHE A 23 -27.36 37.98 -15.11
C PHE A 23 -28.29 38.02 -13.89
N TYR A 24 -27.70 38.20 -12.71
CA TYR A 24 -28.38 38.23 -11.39
C TYR A 24 -28.09 39.58 -10.74
N VAL A 25 -29.12 40.29 -10.28
CA VAL A 25 -29.03 41.70 -9.77
C VAL A 25 -29.81 41.80 -8.46
N SER A 26 -29.22 42.45 -7.45
CA SER A 26 -29.83 42.70 -6.12
C SER A 26 -29.72 44.19 -5.76
N ALA A 27 -30.83 44.79 -5.32
CA ALA A 27 -30.90 46.17 -4.77
C ALA A 27 -30.97 46.11 -3.25
N ASN A 28 -30.71 47.24 -2.57
CA ASN A 28 -30.74 47.35 -1.09
C ASN A 28 -32.17 47.07 -0.59
N GLU A 29 -33.18 47.62 -1.26
CA GLU A 29 -34.62 47.36 -0.99
C GLU A 29 -35.36 47.10 -2.31
N THR A 30 -36.51 46.42 -2.25
CA THR A 30 -37.42 46.19 -3.40
C THR A 30 -38.23 47.46 -3.65
N ARG A 31 -37.85 48.25 -4.66
CA ARG A 31 -38.56 49.51 -5.03
C ARG A 31 -38.06 50.04 -6.38
N GLY A 32 -39.01 50.38 -7.27
CA GLY A 32 -38.75 50.97 -8.59
C GLY A 32 -38.08 50.00 -9.54
N THR A 33 -37.40 50.51 -10.57
CA THR A 33 -36.76 49.74 -11.67
C THR A 33 -35.34 50.27 -11.91
N PHE A 34 -34.53 49.52 -12.65
CA PHE A 34 -33.15 49.89 -13.06
C PHE A 34 -33.01 49.71 -14.58
N ASP A 35 -32.10 50.49 -15.19
CA ASP A 35 -31.79 50.47 -16.64
C ASP A 35 -30.57 49.56 -16.86
N ALA A 36 -30.63 48.67 -17.86
CA ALA A 36 -29.53 47.76 -18.28
C ALA A 36 -29.21 48.01 -19.76
N GLU A 37 -27.93 48.16 -20.09
CA GLU A 37 -27.44 48.28 -21.49
C GLU A 37 -26.12 47.50 -21.62
N LEU A 38 -25.64 47.32 -22.87
CA LEU A 38 -24.39 46.61 -23.22
C LEU A 38 -23.33 47.62 -23.66
N VAL A 39 -22.10 47.50 -23.14
CA VAL A 39 -20.94 48.36 -23.50
C VAL A 39 -19.72 47.47 -23.78
N ARG A 40 -18.81 47.96 -24.62
CA ARG A 40 -17.47 47.36 -24.87
C ARG A 40 -16.43 48.22 -24.15
N LEU A 41 -15.67 47.62 -23.23
CA LEU A 41 -14.63 48.30 -22.41
C LEU A 41 -13.40 48.54 -23.29
N ILE A 42 -12.80 49.73 -23.21
CA ILE A 42 -11.56 50.09 -23.98
C ILE A 42 -10.47 50.47 -22.99
N HIS A 43 -10.69 51.50 -22.16
CA HIS A 43 -9.74 52.01 -21.14
C HIS A 43 -10.48 52.26 -19.83
N GLY A 44 -10.03 51.66 -18.73
CA GLY A 44 -10.63 51.76 -17.38
C GLY A 44 -10.04 52.89 -16.55
N ASP A 45 -8.72 53.12 -16.68
CA ASP A 45 -7.96 54.10 -15.84
C ASP A 45 -8.48 55.51 -16.13
N SER A 46 -8.77 56.27 -15.07
CA SER A 46 -9.31 57.66 -15.14
C SER A 46 -8.22 58.67 -14.75
N ASN A 47 -6.94 58.29 -14.81
CA ASN A 47 -5.78 59.15 -14.43
C ASN A 47 -5.72 60.32 -15.41
N PRO A 48 -5.78 61.60 -14.94
CA PRO A 48 -5.66 62.77 -15.82
C PRO A 48 -4.41 62.79 -16.73
N ALA A 49 -3.31 62.17 -16.28
CA ALA A 49 -2.05 62.04 -17.05
C ALA A 49 -2.19 61.09 -18.24
N GLY A 50 -3.28 60.31 -18.31
CA GLY A 50 -3.51 59.26 -19.33
C GLY A 50 -4.68 59.56 -20.26
N PRO A 51 -5.01 58.63 -21.20
CA PRO A 51 -6.14 58.81 -22.11
C PRO A 51 -7.50 59.03 -21.42
N GLY A 52 -7.72 58.44 -20.25
CA GLY A 52 -8.97 58.53 -19.47
C GLY A 52 -9.93 57.40 -19.84
N TYR A 53 -11.07 57.31 -19.15
CA TYR A 53 -12.06 56.22 -19.30
C TYR A 53 -12.63 56.23 -20.72
N LYS A 54 -12.76 55.04 -21.34
CA LYS A 54 -13.28 54.85 -22.72
C LYS A 54 -14.14 53.58 -22.79
N GLU A 55 -15.38 53.72 -23.28
CA GLU A 55 -16.32 52.60 -23.55
C GLU A 55 -17.11 52.90 -24.82
N GLU A 56 -17.68 51.87 -25.44
CA GLU A 56 -18.56 51.98 -26.64
C GLU A 56 -19.90 51.30 -26.34
N ALA A 57 -21.00 52.08 -26.36
CA ALA A 57 -22.39 51.58 -26.25
C ALA A 57 -22.70 50.69 -27.47
N ILE A 58 -23.32 49.54 -27.23
CA ILE A 58 -23.69 48.53 -28.27
C ILE A 58 -25.19 48.24 -28.17
N LYS A 59 -25.91 48.34 -29.29
CA LYS A 59 -27.36 48.02 -29.40
C LYS A 59 -27.54 46.51 -29.21
N SER A 60 -28.48 46.10 -28.37
CA SER A 60 -28.81 44.68 -28.06
C SER A 60 -30.25 44.56 -27.54
N ASP A 61 -30.78 43.33 -27.53
CA ASP A 61 -32.10 42.99 -26.93
C ASP A 61 -32.04 43.18 -25.40
N LEU A 62 -30.84 43.11 -24.81
CA LEU A 62 -30.58 43.27 -23.36
C LEU A 62 -31.04 44.65 -22.86
N GLU A 63 -30.90 45.70 -23.68
CA GLU A 63 -31.20 47.11 -23.29
C GLU A 63 -32.66 47.23 -22.83
N GLY A 64 -32.91 47.88 -21.69
CA GLY A 64 -34.27 48.21 -21.22
C GLY A 64 -34.33 48.43 -19.71
N GLN A 65 -35.55 48.32 -19.16
CA GLN A 65 -35.86 48.50 -17.71
C GLN A 65 -36.28 47.16 -17.10
N TYR A 66 -35.79 46.87 -15.89
CA TYR A 66 -36.12 45.65 -15.11
C TYR A 66 -36.43 46.03 -13.66
N PRO A 67 -37.37 45.34 -12.99
CA PRO A 67 -37.70 45.65 -11.60
C PRO A 67 -36.51 45.37 -10.66
N ALA A 68 -36.27 46.27 -9.71
CA ALA A 68 -35.18 46.18 -8.71
C ALA A 68 -35.74 45.56 -7.43
N ARG A 69 -35.07 44.53 -6.92
CA ARG A 69 -35.52 43.71 -5.76
C ARG A 69 -34.30 43.25 -4.95
N PHE A 70 -34.50 43.07 -3.65
CA PHE A 70 -33.48 42.50 -2.73
C PHE A 70 -33.50 40.97 -2.86
N GLN A 71 -32.32 40.36 -2.98
CA GLN A 71 -32.13 38.89 -3.08
C GLN A 71 -31.22 38.46 -1.93
N ARG A 72 -31.74 37.62 -1.02
CA ARG A 72 -31.00 37.12 0.17
C ARG A 72 -29.92 36.13 -0.30
N THR A 73 -28.77 36.15 0.36
CA THR A 73 -27.62 35.25 0.10
C THR A 73 -27.40 34.36 1.32
N GLN A 74 -27.35 33.03 1.12
CA GLN A 74 -26.94 32.06 2.18
C GLN A 74 -25.42 32.15 2.31
N PHE A 75 -24.93 32.51 3.49
CA PHE A 75 -23.50 32.76 3.79
C PHE A 75 -23.01 31.73 4.83
N GLY A 76 -21.81 31.19 4.62
CA GLY A 76 -21.20 30.16 5.50
C GLY A 76 -21.41 28.76 4.94
N SER A 77 -20.43 27.87 5.17
CA SER A 77 -20.43 26.46 4.70
C SER A 77 -21.10 25.57 5.74
N TYR A 78 -21.79 24.52 5.28
CA TYR A 78 -22.48 23.51 6.13
C TYR A 78 -22.74 22.23 5.30
N VAL A 79 -23.38 21.23 5.92
CA VAL A 79 -23.89 20.01 5.22
C VAL A 79 -25.40 19.93 5.43
N GLU A 80 -26.15 19.69 4.35
CA GLU A 80 -27.63 19.61 4.34
C GLU A 80 -28.05 18.18 3.98
N VAL A 81 -28.86 17.54 4.83
CA VAL A 81 -29.45 16.20 4.58
C VAL A 81 -30.97 16.38 4.48
N ALA A 82 -31.51 16.32 3.27
CA ALA A 82 -32.97 16.40 2.97
C ALA A 82 -33.66 15.19 3.59
N ASP A 83 -34.69 15.41 4.41
CA ASP A 83 -35.45 14.36 5.14
C ASP A 83 -36.94 14.65 5.02
N PRO A 84 -37.57 14.39 3.84
CA PRO A 84 -38.98 14.71 3.62
C PRO A 84 -39.94 13.95 4.56
N ASP A 85 -39.61 12.71 4.92
CA ASP A 85 -40.49 11.77 5.67
C ASP A 85 -40.14 11.79 7.16
N ALA A 86 -39.29 12.72 7.61
CA ALA A 86 -38.89 12.91 9.03
C ALA A 86 -38.30 11.60 9.60
N GLY A 87 -37.53 10.87 8.79
CA GLY A 87 -36.79 9.65 9.20
C GLY A 87 -35.80 9.94 10.31
N LEU A 88 -35.08 11.07 10.20
CA LEU A 88 -34.05 11.53 11.18
C LEU A 88 -34.70 12.36 12.31
N GLN A 89 -36.02 12.22 12.53
CA GLN A 89 -36.72 12.70 13.75
C GLN A 89 -37.37 11.49 14.43
N PRO A 90 -36.64 10.77 15.32
CA PRO A 90 -37.20 9.62 16.03
C PRO A 90 -38.32 10.00 17.01
N ASP A 91 -39.22 9.06 17.29
CA ASP A 91 -40.40 9.25 18.19
C ASP A 91 -40.09 8.76 19.61
N GLY A 92 -39.04 7.94 19.78
CA GLY A 92 -38.64 7.35 21.07
C GLY A 92 -37.25 7.78 21.49
N ALA A 93 -36.51 6.91 22.20
CA ALA A 93 -35.12 7.12 22.63
C ALA A 93 -34.23 7.28 21.39
N PHE A 94 -33.26 8.19 21.43
CA PHE A 94 -32.24 8.38 20.36
C PHE A 94 -30.97 8.99 20.94
N SER A 95 -29.89 8.92 20.16
CA SER A 95 -28.54 9.42 20.51
C SER A 95 -27.87 10.06 19.28
N VAL A 96 -26.99 11.04 19.52
CA VAL A 96 -26.17 11.71 18.47
C VAL A 96 -24.71 11.71 18.95
N HIS A 97 -23.79 11.16 18.14
CA HIS A 97 -22.34 11.14 18.42
C HIS A 97 -21.58 11.83 17.29
N LEU A 98 -20.52 12.57 17.63
CA LEU A 98 -19.60 13.19 16.64
C LEU A 98 -18.26 13.55 17.31
N PHE A 99 -17.25 13.80 16.49
CA PHE A 99 -15.96 14.41 16.88
C PHE A 99 -15.98 15.88 16.43
N LEU A 100 -15.62 16.80 17.34
CA LEU A 100 -15.64 18.26 17.10
C LEU A 100 -14.24 18.83 17.38
N TRP A 101 -13.89 19.90 16.67
CA TRP A 101 -12.59 20.63 16.76
C TRP A 101 -12.87 22.12 16.54
N SER A 102 -13.17 22.85 17.62
CA SER A 102 -13.74 24.23 17.61
C SER A 102 -12.61 25.26 17.52
N THR A 103 -12.73 26.21 16.60
CA THR A 103 -11.73 27.29 16.36
C THR A 103 -12.15 28.59 17.08
N THR A 104 -13.46 28.85 17.24
CA THR A 104 -14.00 30.04 17.93
C THR A 104 -15.08 29.60 18.93
N PRO A 105 -14.73 28.84 19.99
CA PRO A 105 -15.73 28.30 20.91
C PRO A 105 -16.54 29.36 21.68
N SER A 106 -15.99 30.57 21.86
CA SER A 106 -16.61 31.68 22.64
C SER A 106 -17.28 32.73 21.73
N ARG A 107 -17.47 32.44 20.44
CA ARG A 107 -18.05 33.40 19.46
C ARG A 107 -19.56 33.11 19.31
N GLY A 108 -20.32 33.37 20.38
CA GLY A 108 -21.79 33.31 20.40
C GLY A 108 -22.32 31.89 20.24
N ARG A 109 -23.59 31.76 19.83
CA ARG A 109 -24.29 30.46 19.66
C ARG A 109 -23.94 29.86 18.29
N GLN A 110 -23.44 28.62 18.28
CA GLN A 110 -22.96 27.89 17.07
C GLN A 110 -23.60 26.49 17.06
N GLY A 111 -24.49 26.22 16.10
CA GLY A 111 -25.12 24.90 15.92
C GLY A 111 -24.13 23.88 15.37
N ILE A 112 -23.93 22.75 16.07
CA ILE A 112 -22.97 21.68 15.67
C ILE A 112 -23.69 20.71 14.72
N ALA A 113 -24.83 20.16 15.15
CA ALA A 113 -25.67 19.22 14.36
C ALA A 113 -27.12 19.28 14.86
N SER A 114 -28.09 19.42 13.96
CA SER A 114 -29.51 19.72 14.31
C SER A 114 -30.49 19.25 13.24
N ARG A 115 -31.69 18.84 13.69
CA ARG A 115 -32.95 18.87 12.92
C ARG A 115 -33.91 19.77 13.71
N TRP A 116 -33.82 21.08 13.47
CA TRP A 116 -34.29 22.15 14.40
C TRP A 116 -35.02 23.26 13.65
N ASN A 117 -36.15 23.71 14.19
CA ASN A 117 -36.89 24.92 13.74
C ASN A 117 -36.72 25.99 14.83
N ASP A 118 -35.95 27.04 14.54
CA ASP A 118 -35.60 28.11 15.52
C ASP A 118 -36.78 29.06 15.71
N GLU A 119 -37.63 29.25 14.69
CA GLU A 119 -38.84 30.10 14.76
C GLU A 119 -39.82 29.49 15.80
N ARG A 120 -40.09 28.19 15.69
CA ARG A 120 -41.06 27.45 16.56
C ARG A 120 -40.34 26.79 17.75
N GLN A 121 -39.00 26.72 17.75
CA GLN A 121 -38.19 26.03 18.78
C GLN A 121 -38.62 24.55 18.86
N SER A 122 -38.69 23.86 17.72
CA SER A 122 -39.15 22.45 17.60
C SER A 122 -38.02 21.58 17.04
N GLY A 123 -38.02 20.29 17.41
CA GLY A 123 -37.05 19.28 16.97
C GLY A 123 -35.93 19.08 17.98
N TRP A 124 -34.72 18.78 17.51
CA TRP A 124 -33.52 18.55 18.37
C TRP A 124 -32.31 19.29 17.78
N ASN A 125 -31.38 19.71 18.63
CA ASN A 125 -30.11 20.37 18.21
C ASN A 125 -29.01 20.10 19.24
N LEU A 126 -27.77 20.02 18.75
CA LEU A 126 -26.52 20.03 19.56
C LEU A 126 -25.73 21.27 19.13
N ALA A 127 -25.51 22.22 20.04
CA ALA A 127 -24.92 23.55 19.75
C ALA A 127 -23.88 23.94 20.81
N ILE A 128 -23.16 25.02 20.56
CA ILE A 128 -22.23 25.66 21.54
C ILE A 128 -22.88 26.97 22.02
N GLU A 129 -23.15 27.08 23.32
CA GLU A 129 -23.71 28.29 23.98
C GLU A 129 -22.82 28.66 25.16
N ASP A 130 -22.38 29.93 25.24
CA ASP A 130 -21.48 30.44 26.30
C ASP A 130 -20.25 29.53 26.41
N GLY A 131 -19.70 29.09 25.27
CA GLY A 131 -18.51 28.23 25.17
C GLY A 131 -18.70 26.85 25.81
N ARG A 132 -19.93 26.33 25.81
CA ARG A 132 -20.28 24.99 26.37
CA ARG A 132 -20.28 24.99 26.37
C ARG A 132 -21.15 24.22 25.37
N VAL A 133 -20.96 22.91 25.26
CA VAL A 133 -21.79 22.02 24.40
C VAL A 133 -23.14 21.83 25.11
N VAL A 134 -24.24 22.08 24.39
CA VAL A 134 -25.64 21.98 24.92
C VAL A 134 -26.45 21.08 23.98
N PHE A 135 -27.19 20.13 24.53
CA PHE A 135 -28.12 19.23 23.79
C PHE A 135 -29.55 19.61 24.18
N THR A 136 -30.35 20.01 23.19
CA THR A 136 -31.71 20.60 23.39
C THR A 136 -32.75 19.88 22.52
N ILE A 137 -33.94 19.68 23.06
CA ILE A 137 -35.16 19.22 22.33
C ILE A 137 -36.30 20.22 22.60
N GLY A 138 -37.26 20.30 21.67
CA GLY A 138 -38.42 21.22 21.73
C GLY A 138 -39.63 20.66 21.00
N ASP A 139 -40.83 20.92 21.52
CA ASP A 139 -42.11 20.35 21.04
C ASP A 139 -42.86 21.35 20.14
N GLY A 140 -42.30 22.56 19.94
CA GLY A 140 -42.87 23.59 19.05
C GLY A 140 -43.81 24.56 19.77
N SER A 141 -44.10 24.34 21.06
CA SER A 141 -44.96 25.22 21.89
C SER A 141 -44.17 26.38 22.49
N GLY A 142 -42.85 26.45 22.24
CA GLY A 142 -41.93 27.44 22.83
C GLY A 142 -41.16 26.86 24.01
N ALA A 143 -41.70 25.83 24.67
CA ALA A 143 -41.07 25.09 25.78
C ALA A 143 -39.99 24.15 25.22
N THR A 144 -38.80 24.18 25.83
CA THR A 144 -37.62 23.33 25.45
C THR A 144 -37.00 22.70 26.69
N SER A 145 -36.34 21.55 26.51
CA SER A 145 -35.56 20.82 27.53
C SER A 145 -34.10 20.72 27.05
N SER A 146 -33.15 21.12 27.90
CA SER A 146 -31.70 21.22 27.56
C SER A 146 -30.85 20.53 28.63
N VAL A 147 -29.69 20.01 28.23
CA VAL A 147 -28.61 19.52 29.14
C VAL A 147 -27.31 20.22 28.73
N VAL A 148 -26.60 20.80 29.71
CA VAL A 148 -25.43 21.70 29.50
C VAL A 148 -24.19 21.06 30.14
N SER A 149 -23.08 21.00 29.39
CA SER A 149 -21.77 20.50 29.88
C SER A 149 -21.20 21.48 30.92
N ASP A 150 -20.50 20.94 31.92
CA ASP A 150 -19.86 21.71 33.03
C ASP A 150 -18.38 21.95 32.72
N ARG A 151 -17.89 21.48 31.56
CA ARG A 151 -16.49 21.70 31.09
C ARG A 151 -16.52 22.49 29.78
N PRO A 152 -16.25 23.83 29.80
CA PRO A 152 -16.18 24.61 28.57
C PRO A 152 -15.08 24.12 27.62
N LEU A 153 -15.33 24.18 26.30
CA LEU A 153 -14.42 23.67 25.24
C LEU A 153 -13.14 24.52 25.19
N PHE A 154 -11.99 23.87 25.02
CA PHE A 154 -10.68 24.51 24.69
C PHE A 154 -10.61 24.69 23.16
N GLN A 155 -10.01 25.80 22.72
CA GLN A 155 -9.88 26.17 21.28
C GLN A 155 -8.97 25.16 20.57
N GLN A 156 -9.42 24.62 19.43
CA GLN A 156 -8.67 23.71 18.53
C GLN A 156 -8.19 22.48 19.31
N ILE A 157 -9.08 21.89 20.12
CA ILE A 157 -8.87 20.58 20.82
C ILE A 157 -9.95 19.62 20.33
N TRP A 158 -9.55 18.41 19.91
CA TRP A 158 -10.49 17.35 19.45
C TRP A 158 -11.28 16.81 20.64
N TYR A 159 -12.61 16.74 20.49
CA TYR A 159 -13.56 16.23 21.50
C TYR A 159 -14.45 15.15 20.87
N SER A 160 -14.79 14.12 21.65
CA SER A 160 -15.87 13.14 21.36
C SER A 160 -17.11 13.56 22.15
N ILE A 161 -18.23 13.80 21.46
CA ILE A 161 -19.50 14.34 22.04
C ILE A 161 -20.62 13.34 21.79
N THR A 162 -21.37 12.97 22.83
CA THR A 162 -22.57 12.11 22.76
C THR A 162 -23.73 12.80 23.49
N GLY A 163 -24.83 13.07 22.78
CA GLY A 163 -26.11 13.54 23.34
C GLY A 163 -27.16 12.44 23.29
N VAL A 164 -27.86 12.18 24.40
CA VAL A 164 -28.82 11.05 24.54
C VAL A 164 -30.16 11.59 25.05
N TYR A 165 -31.26 11.20 24.40
CA TYR A 165 -32.65 11.38 24.89
C TYR A 165 -33.22 10.00 25.28
N ASP A 166 -33.58 9.86 26.56
CA ASP A 166 -34.08 8.60 27.17
C ASP A 166 -35.46 8.87 27.77
N PRO A 167 -36.58 8.66 27.02
CA PRO A 167 -37.93 8.86 27.55
C PRO A 167 -38.31 7.91 28.70
N GLU A 168 -37.76 6.68 28.71
CA GLU A 168 -38.03 5.66 29.76
C GLU A 168 -37.55 6.20 31.12
N LYS A 169 -36.36 6.81 31.16
CA LYS A 169 -35.80 7.48 32.37
C LYS A 169 -36.22 8.96 32.40
N LYS A 170 -36.92 9.45 31.36
CA LYS A 170 -37.34 10.87 31.19
C LYS A 170 -36.14 11.78 31.39
N GLN A 171 -35.05 11.52 30.65
CA GLN A 171 -33.72 12.14 30.89
C GLN A 171 -33.10 12.62 29.58
N LEU A 172 -32.29 13.68 29.66
CA LEU A 172 -31.28 14.08 28.65
C LEU A 172 -29.89 13.89 29.26
N ARG A 173 -28.98 13.23 28.54
CA ARG A 173 -27.58 12.96 29.01
C ARG A 173 -26.60 13.52 27.98
N LEU A 174 -25.44 13.98 28.46
CA LEU A 174 -24.34 14.52 27.62
C LEU A 174 -23.01 13.93 28.11
N TYR A 175 -22.23 13.33 27.20
CA TYR A 175 -20.88 12.77 27.46
C TYR A 175 -19.86 13.55 26.60
N GLN A 176 -18.81 14.07 27.23
CA GLN A 176 -17.72 14.85 26.58
C GLN A 176 -16.38 14.25 27.00
N LYS A 177 -15.52 13.93 26.03
CA LYS A 177 -14.16 13.37 26.28
C LYS A 177 -13.15 13.97 25.29
N SER A 178 -12.05 14.52 25.81
CA SER A 178 -10.88 14.97 25.01
C SER A 178 -10.19 13.74 24.40
N VAL A 179 -9.85 13.80 23.11
CA VAL A 179 -9.21 12.69 22.35
C VAL A 179 -7.91 13.21 21.73
N VAL A 180 -7.20 14.09 22.47
CA VAL A 180 -5.92 14.73 22.06
C VAL A 180 -4.88 13.62 21.82
N ASN A 181 -4.12 13.72 20.74
CA ASN A 181 -2.92 12.90 20.46
C ASN A 181 -1.74 13.85 20.21
N ARG A 182 -0.63 13.33 19.68
CA ARG A 182 0.64 14.07 19.52
C ARG A 182 0.50 15.19 18.48
N THR A 183 -0.34 15.02 17.45
CA THR A 183 -0.30 15.84 16.21
C THR A 183 -1.65 16.47 15.83
N ASN A 184 -2.77 16.13 16.49
CA ASN A 184 -4.14 16.46 16.00
C ASN A 184 -4.66 17.77 16.61
N SER A 185 -4.14 18.20 17.77
CA SER A 185 -4.71 19.31 18.59
C SER A 185 -3.73 20.48 18.67
N ARG A 186 -4.18 21.61 19.25
CA ARG A 186 -3.38 22.85 19.44
C ARG A 186 -2.16 22.54 20.32
N PHE A 187 -2.38 21.94 21.50
CA PHE A 187 -1.33 21.52 22.45
C PHE A 187 -1.29 20.00 22.58
N GLY A 188 -0.18 19.46 23.08
CA GLY A 188 0.14 18.03 23.10
C GLY A 188 -0.27 17.33 24.39
N LEU A 189 0.33 16.16 24.66
CA LEU A 189 -0.05 15.25 25.77
C LEU A 189 0.60 15.70 27.09
N VAL A 190 1.54 16.65 27.06
CA VAL A 190 2.23 17.19 28.27
C VAL A 190 1.23 17.98 29.14
N VAL A 191 0.20 18.58 28.53
CA VAL A 191 -0.83 19.40 29.25
C VAL A 191 -1.74 18.46 30.03
N PRO A 192 -1.83 18.59 31.38
CA PRO A 192 -2.73 17.75 32.18
C PRO A 192 -4.20 18.21 32.05
N LEU A 193 -4.78 18.02 30.87
CA LEU A 193 -6.14 18.51 30.50
C LEU A 193 -7.19 17.67 31.24
N ASP A 194 -8.18 18.33 31.84
CA ASP A 194 -9.36 17.71 32.49
C ASP A 194 -10.62 18.36 31.91
N SER A 195 -11.11 17.85 30.77
CA SER A 195 -12.30 18.36 30.04
C SER A 195 -13.33 17.24 29.81
N ASP A 196 -13.19 16.10 30.48
CA ASP A 196 -14.18 14.98 30.42
C ASP A 196 -15.34 15.29 31.37
N CYS A 197 -16.56 14.91 30.99
CA CYS A 197 -17.79 15.09 31.83
C CYS A 197 -18.92 14.16 31.35
N ALA A 198 -19.79 13.78 32.28
CA ALA A 198 -21.08 13.07 32.04
C ALA A 198 -22.17 13.76 32.87
N VAL A 199 -23.10 14.47 32.21
CA VAL A 199 -24.11 15.34 32.87
C VAL A 199 -25.52 14.88 32.46
N SER A 200 -26.48 15.00 33.39
CA SER A 200 -27.90 14.58 33.23
C SER A 200 -28.83 15.75 33.55
N ALA A 201 -29.98 15.81 32.88
CA ALA A 201 -31.06 16.80 33.09
C ALA A 201 -32.42 16.16 32.84
N ASP A 202 -33.48 16.73 33.42
CA ASP A 202 -34.88 16.24 33.29
C ASP A 202 -35.44 16.65 31.93
N ALA A 203 -36.02 15.70 31.18
CA ALA A 203 -36.72 15.93 29.90
C ALA A 203 -38.22 16.08 30.19
N THR A 204 -38.78 17.28 29.99
CA THR A 204 -40.18 17.64 30.31
C THR A 204 -41.04 17.72 29.03
N VAL A 205 -40.41 17.82 27.84
CA VAL A 205 -41.11 17.92 26.53
C VAL A 205 -40.65 16.74 25.63
N LYS A 206 -41.27 16.60 24.46
CA LYS A 206 -40.92 15.59 23.43
C LYS A 206 -40.47 16.32 22.16
N ALA A 207 -39.53 15.74 21.41
CA ALA A 207 -38.99 16.28 20.15
C ALA A 207 -40.05 16.15 19.06
N ALA A 208 -40.57 17.28 18.56
CA ALA A 208 -41.58 17.36 17.47
C ALA A 208 -40.87 17.44 16.12
N ASP A 209 -41.61 17.23 15.02
CA ASP A 209 -41.08 17.39 13.64
C ASP A 209 -40.83 18.87 13.39
N SER A 210 -39.59 19.25 13.07
CA SER A 210 -39.15 20.65 12.80
C SER A 210 -39.62 21.11 11.42
N GLU A 211 -39.93 20.18 10.50
CA GLU A 211 -40.29 20.46 9.08
C GLU A 211 -39.13 21.18 8.38
N THR A 212 -37.88 20.82 8.74
CA THR A 212 -36.63 21.32 8.11
C THR A 212 -35.74 20.12 7.77
N SER A 213 -34.71 20.34 6.95
CA SER A 213 -33.66 19.35 6.62
C SER A 213 -32.65 19.32 7.78
N LEU A 214 -32.00 18.16 8.01
CA LEU A 214 -30.93 18.01 9.02
C LEU A 214 -29.71 18.81 8.56
N LEU A 215 -29.05 19.51 9.49
CA LEU A 215 -27.88 20.38 9.21
C LEU A 215 -26.68 19.94 10.06
N ILE A 216 -25.49 19.87 9.44
CA ILE A 216 -24.18 19.79 10.14
C ILE A 216 -23.53 21.17 10.03
N ALA A 217 -23.16 21.75 11.18
CA ALA A 217 -22.54 23.09 11.34
C ALA A 217 -23.58 24.20 11.06
N GLY A 218 -24.77 24.10 11.66
CA GLY A 218 -25.81 25.13 11.56
C GLY A 218 -27.14 24.75 12.21
N LEU A 219 -28.07 25.71 12.27
CA LEU A 219 -29.46 25.53 12.79
C LEU A 219 -30.46 26.00 11.72
N GLY A 220 -31.59 25.31 11.59
CA GLY A 220 -32.71 25.71 10.70
C GLY A 220 -33.38 26.98 11.21
N GLU A 221 -33.52 28.00 10.35
CA GLU A 221 -34.12 29.31 10.72
C GLU A 221 -35.63 29.13 10.96
N ALA A 222 -36.32 28.47 10.03
CA ALA A 222 -37.78 28.25 10.06
C ALA A 222 -38.16 27.07 9.16
N ALA A 223 -39.46 26.76 9.07
CA ALA A 223 -40.05 25.72 8.20
C ALA A 223 -39.62 25.98 6.74
N ALA A 224 -39.16 24.93 6.04
CA ALA A 224 -38.64 25.01 4.65
C ALA A 224 -39.74 25.52 3.71
N GLN A 225 -39.44 26.59 2.96
CA GLN A 225 -40.34 27.17 1.93
C GLN A 225 -39.77 26.81 0.55
N ASP A 226 -40.60 26.18 -0.30
CA ASP A 226 -40.22 25.70 -1.66
C ASP A 226 -39.00 24.76 -1.55
N GLY A 227 -38.93 23.97 -0.47
CA GLY A 227 -37.88 22.97 -0.20
C GLY A 227 -36.49 23.58 -0.01
N ARG A 228 -36.41 24.75 0.65
CA ARG A 228 -35.11 25.39 1.03
C ARG A 228 -35.12 25.66 2.53
N THR A 229 -34.13 25.12 3.26
CA THR A 229 -33.89 25.38 4.70
C THR A 229 -32.75 26.39 4.83
N TRP A 230 -33.06 27.63 5.24
CA TRP A 230 -32.06 28.68 5.55
C TRP A 230 -31.29 28.28 6.82
N CYS A 231 -29.95 28.33 6.74
CA CYS A 231 -29.02 27.91 7.82
C CYS A 231 -28.54 29.15 8.59
N ILE A 232 -28.70 29.14 9.92
CA ILE A 232 -28.25 30.24 10.84
C ILE A 232 -27.41 29.64 11.97
N ALA A 233 -26.80 30.49 12.79
CA ALA A 233 -25.90 30.13 13.91
C ALA A 233 -24.79 29.22 13.39
N HIS A 234 -23.98 29.73 12.46
CA HIS A 234 -22.94 28.97 11.71
C HIS A 234 -21.80 28.58 12.67
N TYR A 235 -21.32 27.34 12.56
CA TYR A 235 -20.22 26.77 13.38
C TYR A 235 -18.89 26.99 12.65
N ASN A 236 -17.84 27.23 13.44
CA ASN A 236 -16.44 27.43 12.97
C ASN A 236 -15.58 26.28 13.50
N GLY A 237 -14.97 25.50 12.60
CA GLY A 237 -14.04 24.40 12.95
C GLY A 237 -14.39 23.10 12.23
N LYS A 238 -13.84 21.98 12.71
CA LYS A 238 -13.97 20.65 12.03
C LYS A 238 -15.02 19.78 12.74
N VAL A 239 -15.80 19.05 11.95
CA VAL A 239 -16.69 17.95 12.41
C VAL A 239 -16.24 16.65 11.72
N ASP A 240 -16.21 15.55 12.47
CA ASP A 240 -15.71 14.22 11.99
C ASP A 240 -16.68 13.13 12.45
N ALA A 241 -17.22 12.38 11.48
CA ALA A 241 -18.03 11.14 11.66
C ALA A 241 -19.25 11.40 12.55
N PRO A 242 -20.19 12.30 12.16
CA PRO A 242 -21.46 12.43 12.88
C PRO A 242 -22.39 11.25 12.59
N LYS A 243 -23.11 10.76 13.61
CA LYS A 243 -24.03 9.60 13.50
C LYS A 243 -25.21 9.75 14.49
N ILE A 244 -26.35 9.16 14.13
CA ILE A 244 -27.59 9.14 14.96
C ILE A 244 -27.95 7.68 15.24
N TYR A 245 -28.30 7.35 16.48
CA TYR A 245 -28.74 6.01 16.94
C TYR A 245 -30.21 6.09 17.35
N GLY A 246 -30.99 5.03 17.04
CA GLY A 246 -32.43 4.92 17.36
C GLY A 246 -32.67 4.37 18.76
N CYS A 247 -31.64 4.29 19.61
CA CYS A 247 -31.71 3.82 21.02
C CYS A 247 -31.04 4.84 21.94
N ALA A 248 -31.10 4.60 23.26
CA ALA A 248 -30.43 5.40 24.31
C ALA A 248 -29.10 4.74 24.68
N LEU A 249 -27.98 5.43 24.44
CA LEU A 249 -26.60 4.91 24.69
C LEU A 249 -26.18 5.21 26.13
N GLY A 250 -25.33 4.33 26.69
CA GLY A 250 -24.77 4.43 28.06
C GLY A 250 -23.37 5.04 28.06
N GLN A 251 -22.70 4.97 29.21
CA GLN A 251 -21.33 5.51 29.42
C GLN A 251 -20.32 4.66 28.64
N ASP A 252 -20.43 3.32 28.74
CA ASP A 252 -19.54 2.33 28.05
C ASP A 252 -19.63 2.52 26.52
N ASP A 253 -20.84 2.76 25.98
CA ASP A 253 -21.07 3.00 24.54
C ASP A 253 -20.35 4.28 24.11
N ALA A 254 -20.46 5.35 24.91
CA ALA A 254 -19.78 6.65 24.68
C ALA A 254 -18.26 6.45 24.71
N GLU A 255 -17.76 5.63 25.66
CA GLU A 255 -16.32 5.32 25.82
C GLU A 255 -15.80 4.60 24.57
N LYS A 256 -16.54 3.61 24.06
CA LYS A 256 -16.17 2.84 22.84
C LYS A 256 -16.25 3.75 21.61
N LEU A 257 -17.24 4.65 21.55
CA LEU A 257 -17.43 5.61 20.42
C LEU A 257 -16.25 6.59 20.39
N SER A 258 -15.73 7.01 21.54
CA SER A 258 -14.61 7.99 21.66
C SER A 258 -13.30 7.39 21.09
N ARG A 259 -13.18 6.07 21.04
CA ARG A 259 -11.96 5.36 20.55
C ARG A 259 -12.12 4.95 19.07
N GLY A 260 -13.25 5.30 18.43
CA GLY A 260 -13.48 5.12 16.98
C GLY A 260 -14.18 3.82 16.62
N GLU A 261 -14.71 3.09 17.61
CA GLU A 261 -15.46 1.83 17.39
C GLU A 261 -16.89 2.17 16.99
N ILE A 262 -17.46 1.47 16.00
CA ILE A 262 -18.87 1.65 15.54
C ILE A 262 -19.74 0.69 16.36
N VAL A 263 -20.29 1.17 17.48
CA VAL A 263 -21.11 0.36 18.43
C VAL A 263 -22.51 0.16 17.84
N ARG A 264 -23.16 -0.96 18.19
CA ARG A 264 -24.55 -1.31 17.82
C ARG A 264 -24.85 -0.91 16.37
N PRO A 265 -24.12 -1.46 15.36
CA PRO A 265 -24.25 -1.00 13.97
C PRO A 265 -25.68 -1.07 13.43
N ILE A 266 -26.44 -2.11 13.83
CA ILE A 266 -27.86 -2.33 13.42
C ILE A 266 -28.74 -1.17 13.89
N SER A 267 -28.42 -0.52 15.01
CA SER A 267 -29.25 0.52 15.67
C SER A 267 -29.07 1.91 15.03
N ARG A 268 -28.07 2.11 14.15
CA ARG A 268 -27.81 3.42 13.48
C ARG A 268 -29.00 3.80 12.60
N LEU A 269 -29.43 5.06 12.64
CA LEU A 269 -30.45 5.65 11.72
C LEU A 269 -29.74 6.31 10.53
N ALA A 270 -28.63 7.01 10.79
CA ALA A 270 -27.72 7.59 9.78
C ALA A 270 -26.28 7.62 10.32
N HIS A 271 -25.30 7.56 9.42
CA HIS A 271 -23.84 7.68 9.72
C HIS A 271 -23.14 8.26 8.49
N TRP A 272 -22.76 9.54 8.55
CA TRP A 272 -22.10 10.28 7.43
C TRP A 272 -20.58 10.12 7.55
N ASP A 273 -19.97 9.41 6.60
CA ASP A 273 -18.49 9.27 6.47
C ASP A 273 -18.01 10.28 5.42
N PHE A 274 -17.40 11.38 5.88
CA PHE A 274 -16.92 12.48 5.00
C PHE A 274 -15.74 12.01 4.13
N SER A 275 -15.04 10.94 4.53
CA SER A 275 -13.89 10.36 3.79
C SER A 275 -14.36 9.46 2.64
N ALA A 276 -15.62 8.99 2.65
CA ALA A 276 -16.19 8.11 1.61
C ALA A 276 -16.21 8.87 0.27
N GLY A 277 -15.44 8.40 -0.71
CA GLY A 277 -15.30 9.02 -2.05
C GLY A 277 -13.89 9.50 -2.36
N ILE A 278 -12.94 9.35 -1.42
CA ILE A 278 -11.50 9.68 -1.65
C ILE A 278 -10.88 8.56 -2.52
N GLY A 279 -10.26 8.95 -3.64
CA GLY A 279 -9.51 8.04 -4.54
C GLY A 279 -8.19 8.66 -4.98
N LEU A 280 -7.56 8.09 -6.01
CA LEU A 280 -6.27 8.56 -6.58
C LEU A 280 -6.43 9.98 -7.17
N ASN A 281 -7.66 10.36 -7.54
CA ASN A 281 -8.01 11.69 -8.10
C ASN A 281 -8.63 12.61 -7.03
N GLY A 282 -8.44 12.32 -5.74
CA GLY A 282 -8.99 13.10 -4.63
C GLY A 282 -10.49 12.83 -4.44
N ILE A 283 -11.24 13.85 -4.01
CA ILE A 283 -12.72 13.78 -3.76
C ILE A 283 -13.38 15.01 -4.38
N PRO A 284 -13.48 15.06 -5.73
CA PRO A 284 -14.11 16.21 -6.41
C PRO A 284 -15.63 16.08 -6.49
N THR A 285 -16.31 16.18 -5.33
CA THR A 285 -17.79 16.07 -5.22
C THR A 285 -18.29 16.75 -3.94
N ASP A 286 -19.57 17.13 -3.94
CA ASP A 286 -20.30 17.67 -2.76
C ASP A 286 -21.16 16.56 -2.13
N HIS A 287 -21.20 15.36 -2.73
CA HIS A 287 -22.01 14.22 -2.24
C HIS A 287 -21.38 13.67 -0.95
N VAL A 288 -22.16 13.60 0.13
CA VAL A 288 -21.76 12.99 1.43
C VAL A 288 -22.49 11.65 1.55
N VAL A 289 -21.73 10.56 1.72
CA VAL A 289 -22.26 9.17 1.73
C VAL A 289 -22.81 8.87 3.13
N ASP A 290 -24.02 8.31 3.19
CA ASP A 290 -24.62 7.73 4.41
C ASP A 290 -24.13 6.28 4.52
N ALA A 291 -23.27 6.01 5.50
CA ALA A 291 -22.56 4.72 5.68
C ALA A 291 -23.40 3.73 6.51
N SER A 292 -24.62 4.10 6.94
CA SER A 292 -25.53 3.21 7.71
C SER A 292 -26.40 2.37 6.76
N GLY A 293 -26.36 2.65 5.45
CA GLY A 293 -27.14 1.93 4.42
C GLY A 293 -28.63 2.18 4.54
N TYR A 294 -29.04 3.44 4.79
CA TYR A 294 -30.45 3.90 4.82
C TYR A 294 -30.68 5.06 3.84
N GLY A 295 -29.66 5.43 3.04
CA GLY A 295 -29.77 6.38 1.92
C GLY A 295 -30.12 7.79 2.35
N HIS A 296 -29.74 8.21 3.55
CA HIS A 296 -29.87 9.62 4.03
C HIS A 296 -28.61 10.39 3.63
N HIS A 297 -28.32 10.46 2.32
CA HIS A 297 -27.12 11.12 1.75
C HIS A 297 -27.22 12.64 1.98
N GLY A 298 -26.07 13.29 2.19
CA GLY A 298 -25.96 14.74 2.45
C GLY A 298 -25.39 15.49 1.25
N ARG A 299 -25.39 16.83 1.35
CA ARG A 299 -24.82 17.74 0.32
C ARG A 299 -24.02 18.83 1.04
N CYS A 300 -22.74 19.01 0.67
CA CYS A 300 -21.88 20.13 1.10
C CYS A 300 -22.41 21.43 0.48
N MET A 301 -22.48 22.50 1.27
CA MET A 301 -23.04 23.82 0.84
C MET A 301 -22.01 24.92 1.17
N ASN A 302 -21.70 25.77 0.19
CA ASN A 302 -20.69 26.87 0.28
C ASN A 302 -19.28 26.30 0.44
N GLN A 303 -19.03 25.09 -0.07
CA GLN A 303 -17.67 24.47 -0.23
C GLN A 303 -16.92 24.48 1.10
N PRO A 304 -17.27 23.60 2.08
CA PRO A 304 -16.40 23.33 3.22
C PRO A 304 -15.12 22.61 2.77
N SER A 305 -14.02 22.79 3.52
CA SER A 305 -12.69 22.21 3.20
C SER A 305 -12.76 20.69 3.37
N ARG A 306 -12.69 19.94 2.25
CA ARG A 306 -12.63 18.45 2.21
C ARG A 306 -11.15 18.03 2.20
N GLY A 307 -10.89 16.76 2.52
CA GLY A 307 -9.53 16.23 2.74
C GLY A 307 -8.84 16.93 3.90
N SER A 308 -9.58 17.20 4.98
CA SER A 308 -9.08 17.85 6.22
C SER A 308 -8.63 16.78 7.22
N THR A 309 -7.54 17.05 7.95
CA THR A 309 -6.96 16.14 8.97
C THR A 309 -8.04 15.87 10.03
N GLY A 310 -8.20 14.61 10.42
CA GLY A 310 -9.29 14.12 11.29
C GLY A 310 -8.86 14.00 12.75
N TRP A 311 -9.72 13.42 13.58
CA TRP A 311 -9.51 13.25 15.04
C TRP A 311 -8.36 12.28 15.32
N ASN A 312 -8.12 11.31 14.44
CA ASN A 312 -7.16 10.18 14.64
C ASN A 312 -5.91 10.36 13.76
N TRP A 313 -5.67 11.57 13.23
CA TRP A 313 -4.50 11.86 12.35
C TRP A 313 -3.23 11.88 13.18
N ASP A 314 -2.36 10.87 13.01
CA ASP A 314 -1.10 10.69 13.77
C ASP A 314 0.10 11.24 12.99
N GLY A 315 -0.11 11.74 11.77
CA GLY A 315 0.90 12.45 10.97
C GLY A 315 1.91 11.53 10.29
N HIS A 316 1.67 10.22 10.22
CA HIS A 316 2.56 9.25 9.52
C HIS A 316 2.41 9.42 8.01
N GLU A 317 1.22 9.78 7.53
CA GLU A 317 0.90 10.06 6.10
C GLU A 317 0.27 11.45 5.98
N GLU A 318 0.78 12.28 5.07
CA GLU A 318 0.37 13.70 4.89
C GLU A 318 -0.39 13.91 3.57
N ASN A 319 -0.65 12.84 2.82
CA ASN A 319 -1.51 12.88 1.60
C ASN A 319 -2.80 12.12 1.89
N PHE A 320 -3.94 12.79 1.75
CA PHE A 320 -5.29 12.27 2.11
C PHE A 320 -5.70 11.15 1.16
N ILE A 321 -5.13 11.06 -0.05
CA ILE A 321 -5.46 9.98 -1.04
C ILE A 321 -4.81 8.66 -0.62
N HIS A 322 -3.80 8.67 0.26
CA HIS A 322 -3.08 7.45 0.71
C HIS A 322 -3.52 7.00 2.11
N CYS A 323 -4.19 7.86 2.89
CA CYS A 323 -4.67 7.54 4.26
C CYS A 323 -6.05 8.17 4.49
N PRO A 324 -7.10 7.75 3.75
CA PRO A 324 -8.43 8.35 3.88
C PRO A 324 -9.10 8.17 5.25
N GLU A 325 -8.75 7.11 6.00
CA GLU A 325 -9.36 6.80 7.33
C GLU A 325 -8.96 7.85 8.37
N GLN A 326 -7.86 8.60 8.16
CA GLN A 326 -7.40 9.68 9.08
C GLN A 326 -7.76 11.07 8.53
N TYR A 327 -8.53 11.15 7.44
CA TYR A 327 -8.93 12.43 6.79
C TYR A 327 -10.46 12.49 6.67
N GLY A 328 -11.16 12.15 7.75
CA GLY A 328 -12.64 12.03 7.79
C GLY A 328 -13.33 13.30 8.27
N ALA A 329 -12.61 14.43 8.37
CA ALA A 329 -13.12 15.71 8.94
C ALA A 329 -13.50 16.67 7.81
N LEU A 330 -14.48 17.54 8.07
CA LEU A 330 -14.81 18.73 7.24
C LEU A 330 -14.58 19.98 8.08
N TRP A 331 -13.91 20.99 7.51
CA TRP A 331 -13.70 22.33 8.13
C TRP A 331 -14.79 23.29 7.62
N PHE A 332 -15.60 23.83 8.53
CA PHE A 332 -16.67 24.81 8.26
C PHE A 332 -16.24 26.20 8.75
N HIS A 333 -16.48 27.23 7.93
CA HIS A 333 -16.27 28.65 8.28
C HIS A 333 -17.60 29.41 8.09
N GLU A 334 -17.89 30.38 8.96
CA GLU A 334 -19.15 31.16 8.93
C GLU A 334 -19.16 32.14 7.74
N ASP A 335 -18.03 32.31 7.03
CA ASP A 335 -17.84 33.32 5.97
C ASP A 335 -17.39 32.65 4.66
N CYS A 336 -17.88 31.44 4.37
CA CYS A 336 -17.69 30.72 3.09
C CYS A 336 -18.82 31.11 2.11
N LEU A 337 -18.52 31.14 0.81
CA LEU A 337 -19.50 31.44 -0.27
C LEU A 337 -18.97 30.89 -1.61
N ASP A 338 -19.71 29.96 -2.23
CA ASP A 338 -19.39 29.35 -3.56
C ASP A 338 -20.43 29.76 -4.62
N ASP A 339 -21.61 30.25 -4.22
CA ASP A 339 -22.69 30.68 -5.14
C ASP A 339 -23.72 31.50 -4.37
N CYS A 340 -24.08 32.68 -4.89
CA CYS A 340 -25.12 33.57 -4.30
C CYS A 340 -26.51 32.94 -4.45
N ARG A 341 -26.72 32.10 -5.47
CA ARG A 341 -27.97 31.33 -5.72
C ARG A 341 -29.16 32.30 -5.86
N TRP A 342 -28.95 33.43 -6.51
CA TRP A 342 -30.01 34.46 -6.77
C TRP A 342 -30.91 34.00 -7.93
N GLU A 343 -32.04 34.69 -8.11
CA GLU A 343 -32.96 34.52 -9.26
C GLU A 343 -32.44 35.34 -10.45
N LYS A 344 -32.50 34.76 -11.66
CA LYS A 344 -32.09 35.40 -12.94
C LYS A 344 -32.96 36.64 -13.17
N ASP A 345 -32.36 37.75 -13.59
CA ASP A 345 -33.04 39.03 -13.90
C ASP A 345 -33.24 39.15 -15.43
N PHE A 346 -32.25 38.74 -16.21
CA PHE A 346 -32.31 38.70 -17.70
C PHE A 346 -31.13 37.87 -18.24
N GLU A 347 -31.21 37.46 -19.51
CA GLU A 347 -30.16 36.68 -20.21
C GLU A 347 -29.85 37.32 -21.56
N PHE A 348 -28.69 37.00 -22.13
CA PHE A 348 -28.18 37.54 -23.42
C PHE A 348 -27.62 36.39 -24.26
N THR A 349 -28.08 36.27 -25.51
CA THR A 349 -27.53 35.34 -26.53
C THR A 349 -26.65 36.15 -27.49
N VAL A 350 -25.39 35.72 -27.68
CA VAL A 350 -24.39 36.42 -28.52
C VAL A 350 -24.83 36.31 -29.98
N PRO A 351 -25.16 37.43 -30.68
CA PRO A 351 -25.52 37.37 -32.10
C PRO A 351 -24.31 37.15 -33.00
N GLU A 352 -24.57 36.83 -34.28
CA GLU A 352 -23.52 36.71 -35.33
C GLU A 352 -23.00 38.13 -35.64
N GLY A 353 -21.68 38.29 -35.74
CA GLY A 353 -21.01 39.55 -36.12
C GLY A 353 -20.42 40.30 -34.94
N LEU A 354 -20.89 40.04 -33.71
CA LEU A 354 -20.36 40.71 -32.47
C LEU A 354 -18.91 40.25 -32.26
N LYS A 355 -17.96 41.18 -32.46
CA LYS A 355 -16.50 40.94 -32.44
C LYS A 355 -16.07 40.50 -31.04
N SER A 356 -15.18 39.50 -30.94
CA SER A 356 -14.61 38.96 -29.68
C SER A 356 -13.80 40.07 -28.98
N ASP A 357 -14.20 40.44 -27.75
CA ASP A 357 -13.58 41.56 -26.99
C ASP A 357 -14.02 41.51 -25.52
N PHE A 358 -13.61 42.50 -24.72
CA PHE A 358 -14.06 42.71 -23.33
C PHE A 358 -15.39 43.47 -23.39
N TYR A 359 -16.44 42.92 -22.75
CA TYR A 359 -17.79 43.54 -22.69
C TYR A 359 -18.25 43.65 -21.24
N ALA A 360 -19.27 44.48 -20.99
CA ALA A 360 -19.91 44.66 -19.68
C ALA A 360 -21.39 45.04 -19.84
N VAL A 361 -22.23 44.62 -18.89
CA VAL A 361 -23.63 45.12 -18.74
C VAL A 361 -23.59 46.31 -17.77
N LYS A 362 -23.95 47.50 -18.26
CA LYS A 362 -23.99 48.77 -17.48
C LYS A 362 -25.40 48.94 -16.91
N ILE A 363 -25.51 49.10 -15.58
CA ILE A 363 -26.80 49.21 -14.85
C ILE A 363 -26.85 50.56 -14.11
N ARG A 364 -27.92 51.33 -14.33
CA ARG A 364 -28.20 52.61 -13.62
C ARG A 364 -29.43 52.41 -12.73
N TYR A 365 -29.29 52.72 -11.44
CA TYR A 365 -30.36 52.64 -10.41
C TYR A 365 -30.15 53.75 -9.37
N GLU A 366 -31.14 54.64 -9.20
CA GLU A 366 -31.04 55.88 -8.38
C GLU A 366 -29.89 56.70 -8.97
N ASP A 367 -28.86 57.06 -8.18
CA ASP A 367 -27.64 57.77 -8.68
C ASP A 367 -26.49 56.76 -8.86
N THR A 368 -26.72 55.47 -8.58
CA THR A 368 -25.67 54.41 -8.61
C THR A 368 -25.53 53.87 -10.03
N GLU A 369 -24.28 53.63 -10.44
CA GLU A 369 -23.88 53.00 -11.72
C GLU A 369 -23.02 51.77 -11.42
N ASP A 370 -23.43 50.59 -11.90
CA ASP A 370 -22.69 49.31 -11.69
C ASP A 370 -22.36 48.69 -13.06
N TYR A 371 -21.31 47.86 -13.10
CA TYR A 371 -20.87 47.11 -14.30
C TYR A 371 -20.81 45.62 -13.97
N ILE A 372 -21.29 44.77 -14.87
CA ILE A 372 -21.09 43.29 -14.83
C ILE A 372 -20.23 42.92 -16.03
N PRO A 373 -18.88 42.80 -15.88
CA PRO A 373 -18.00 42.43 -16.98
C PRO A 373 -18.14 40.96 -17.40
N PHE A 374 -17.87 40.68 -18.68
CA PHE A 374 -17.76 39.31 -19.27
C PHE A 374 -16.97 39.40 -20.59
N PHE A 375 -16.74 38.26 -21.24
CA PHE A 375 -15.87 38.12 -22.43
C PHE A 375 -16.64 37.38 -23.53
N VAL A 376 -16.62 37.90 -24.76
CA VAL A 376 -17.22 37.24 -25.95
C VAL A 376 -16.11 36.51 -26.70
N LEU A 377 -16.26 35.19 -26.88
CA LEU A 377 -15.34 34.32 -27.65
C LEU A 377 -15.75 34.34 -29.12
N PRO A 378 -14.83 34.04 -30.06
CA PRO A 378 -15.21 33.86 -31.47
C PRO A 378 -16.05 32.59 -31.65
N PRO A 379 -16.71 32.40 -32.81
CA PRO A 379 -17.49 31.18 -33.06
C PRO A 379 -16.67 29.90 -32.81
N ARG A 380 -17.30 28.91 -32.17
CA ARG A 380 -16.62 27.68 -31.65
C ARG A 380 -15.82 27.01 -32.76
N GLY A 381 -14.53 26.76 -32.52
CA GLY A 381 -13.62 26.02 -33.41
C GLY A 381 -12.99 26.87 -34.50
N THR A 382 -13.16 28.20 -34.47
CA THR A 382 -12.61 29.15 -35.47
C THR A 382 -11.89 30.30 -34.75
N ALA A 383 -10.97 30.97 -35.45
CA ALA A 383 -10.31 32.24 -35.06
C ALA A 383 -10.68 33.33 -36.08
N THR A 384 -10.76 34.58 -35.63
CA THR A 384 -11.19 35.76 -36.44
C THR A 384 -10.11 36.86 -36.44
N ALA A 385 -8.88 36.53 -35.99
CA ALA A 385 -7.73 37.47 -35.92
C ALA A 385 -6.43 36.69 -35.80
N PRO A 386 -5.27 37.27 -36.18
CA PRO A 386 -3.97 36.63 -35.97
C PRO A 386 -3.40 36.78 -34.54
N ILE A 387 -4.02 37.62 -33.70
CA ILE A 387 -3.57 37.90 -32.30
C ILE A 387 -4.63 37.37 -31.32
N LEU A 388 -4.20 36.65 -30.27
CA LEU A 388 -5.07 36.21 -29.15
C LEU A 388 -4.61 36.88 -27.86
N VAL A 389 -5.56 37.45 -27.10
CA VAL A 389 -5.33 38.04 -25.75
C VAL A 389 -5.98 37.12 -24.71
N ILE A 390 -5.21 36.65 -23.73
CA ILE A 390 -5.67 35.74 -22.64
C ILE A 390 -6.01 36.59 -21.42
N ALA A 391 -7.30 36.68 -21.08
CA ALA A 391 -7.82 37.32 -19.85
C ALA A 391 -7.48 36.42 -18.64
N SER A 392 -6.90 37.00 -17.59
CA SER A 392 -6.41 36.28 -16.39
C SER A 392 -7.54 36.06 -15.39
N THR A 393 -8.58 35.31 -15.80
CA THR A 393 -9.83 35.09 -15.02
C THR A 393 -9.53 34.33 -13.73
N LEU A 394 -8.57 33.39 -13.74
CA LEU A 394 -8.13 32.65 -12.53
C LEU A 394 -7.53 33.66 -11.52
N SER A 395 -6.66 34.56 -11.98
CA SER A 395 -6.07 35.65 -11.16
C SER A 395 -7.16 36.60 -10.68
N TYR A 396 -8.17 36.89 -11.51
CA TYR A 396 -9.33 37.74 -11.14
C TYR A 396 -10.09 37.10 -9.98
N LEU A 397 -10.30 35.78 -10.03
CA LEU A 397 -10.97 35.01 -8.95
C LEU A 397 -10.09 35.01 -7.68
N ALA A 398 -8.76 34.89 -7.83
CA ALA A 398 -7.80 34.87 -6.69
C ALA A 398 -7.90 36.17 -5.89
N TYR A 399 -8.04 37.33 -6.56
CA TYR A 399 -8.09 38.67 -5.92
C TYR A 399 -9.55 39.14 -5.74
N ALA A 400 -10.55 38.29 -6.00
CA ALA A 400 -11.99 38.66 -6.00
C ALA A 400 -12.40 39.14 -4.60
N ASN A 401 -12.88 40.39 -4.50
CA ASN A 401 -13.32 41.03 -3.23
C ASN A 401 -12.17 41.00 -2.22
N GLU A 402 -10.96 41.38 -2.65
CA GLU A 402 -9.75 41.46 -1.79
C GLU A 402 -9.97 42.58 -0.75
N GLN A 403 -9.61 42.31 0.50
CA GLN A 403 -9.76 43.24 1.65
C GLN A 403 -8.46 43.23 2.47
N ILE A 404 -7.31 43.30 1.80
CA ILE A 404 -5.96 43.23 2.44
C ILE A 404 -5.80 44.41 3.41
N MET A 405 -6.12 45.63 2.96
CA MET A 405 -5.85 46.88 3.73
C MET A 405 -6.76 46.99 4.96
N HIS A 406 -7.88 46.25 5.01
CA HIS A 406 -8.85 46.25 6.15
C HIS A 406 -8.56 45.10 7.13
N LYS A 407 -7.84 44.04 6.71
CA LYS A 407 -7.67 42.80 7.51
C LYS A 407 -6.21 42.56 7.87
N ALA A 408 -5.30 42.56 6.88
CA ALA A 408 -3.86 42.23 7.04
C ALA A 408 -3.12 43.40 7.69
N ASP A 409 -2.43 43.16 8.81
CA ASP A 409 -1.60 44.15 9.55
C ASP A 409 -0.46 44.65 8.65
N ILE A 410 0.11 43.77 7.81
CA ILE A 410 1.33 44.05 6.98
C ILE A 410 0.93 44.54 5.57
N GLY A 411 -0.36 44.79 5.31
CA GLY A 411 -0.87 45.31 4.03
C GLY A 411 -0.18 46.62 3.64
N GLN A 412 -0.14 47.57 4.58
CA GLN A 412 0.45 48.91 4.36
C GLN A 412 1.97 48.81 4.26
N ALA A 413 2.60 47.94 5.07
CA ALA A 413 4.06 47.69 5.07
C ALA A 413 4.49 47.17 3.69
N VAL A 414 3.74 46.22 3.12
CA VAL A 414 3.99 45.66 1.75
C VAL A 414 3.75 46.77 0.71
N ALA A 415 2.67 47.56 0.86
CA ALA A 415 2.28 48.63 -0.07
C ALA A 415 3.35 49.73 -0.11
N GLY A 416 3.98 50.03 1.03
CA GLY A 416 5.05 51.05 1.15
C GLY A 416 4.51 52.46 1.10
N HIS A 417 3.24 52.66 1.45
CA HIS A 417 2.55 53.98 1.58
C HIS A 417 1.16 53.76 2.20
N THR A 418 0.54 54.83 2.69
CA THR A 418 -0.86 54.81 3.19
C THR A 418 -1.78 54.47 2.03
N PRO A 419 -2.61 53.41 2.13
CA PRO A 419 -3.48 52.99 1.03
C PRO A 419 -4.59 54.02 0.75
N VAL A 420 -5.02 54.10 -0.52
CA VAL A 420 -6.16 54.94 -0.98
C VAL A 420 -7.30 54.00 -1.36
N LEU A 421 -8.42 54.06 -0.63
CA LEU A 421 -9.59 53.16 -0.81
C LEU A 421 -10.81 53.99 -1.23
N ASN A 422 -11.74 53.37 -1.95
CA ASN A 422 -12.96 54.00 -2.54
C ASN A 422 -14.19 53.35 -1.89
N GLU A 423 -15.38 53.73 -2.35
CA GLU A 423 -16.69 53.27 -1.80
C GLU A 423 -16.85 51.75 -1.93
N ASN A 424 -16.21 51.12 -2.92
CA ASN A 424 -16.26 49.64 -3.13
C ASN A 424 -15.66 48.92 -1.91
N ASP A 425 -14.51 49.39 -1.42
CA ASP A 425 -13.80 48.80 -0.25
C ASP A 425 -14.66 48.98 1.01
N VAL A 426 -15.23 50.18 1.22
CA VAL A 426 -16.14 50.50 2.35
C VAL A 426 -17.36 49.57 2.28
N GLU A 427 -17.92 49.37 1.08
CA GLU A 427 -19.09 48.50 0.83
C GLU A 427 -18.74 47.05 1.22
N LEU A 428 -17.56 46.56 0.80
CA LEU A 428 -17.06 45.21 1.14
C LEU A 428 -16.97 45.05 2.67
N HIS A 429 -16.38 46.03 3.36
CA HIS A 429 -16.19 46.03 4.84
C HIS A 429 -17.54 46.04 5.55
N LYS A 430 -18.51 46.83 5.05
CA LYS A 430 -19.84 47.04 5.70
C LYS A 430 -20.70 45.77 5.55
N ASN A 431 -20.82 45.22 4.35
CA ASN A 431 -21.70 44.07 4.04
C ASN A 431 -20.85 42.94 3.47
N LEU A 432 -20.20 42.14 4.33
CA LEU A 432 -19.34 40.99 3.92
C LEU A 432 -20.21 39.87 3.33
N SER A 433 -21.41 39.65 3.90
CA SER A 433 -22.33 38.54 3.55
C SER A 433 -22.74 38.57 2.06
N TYR A 434 -22.77 39.75 1.44
CA TYR A 434 -23.18 39.93 0.01
C TYR A 434 -22.08 39.46 -0.94
N TYR A 435 -20.80 39.55 -0.55
CA TYR A 435 -19.65 39.51 -1.49
C TYR A 435 -18.70 38.33 -1.22
N GLY A 436 -18.41 38.02 0.04
CA GLY A 436 -17.45 36.95 0.43
C GLY A 436 -16.02 37.48 0.49
N LEU A 437 -15.04 36.57 0.60
CA LEU A 437 -13.61 36.91 0.81
C LEU A 437 -12.76 36.51 -0.42
N SER A 438 -11.52 36.99 -0.45
CA SER A 438 -10.47 36.67 -1.45
C SER A 438 -9.57 35.55 -0.92
N THR A 439 -8.73 34.98 -1.79
CA THR A 439 -7.68 33.99 -1.41
C THR A 439 -6.53 34.70 -0.69
N TYR A 440 -6.49 36.03 -0.68
CA TYR A 440 -5.49 36.85 0.05
C TYR A 440 -5.99 37.21 1.46
N ASP A 441 -7.21 36.79 1.82
CA ASP A 441 -7.80 37.01 3.17
C ASP A 441 -7.86 35.67 3.91
N GLY A 442 -7.87 35.72 5.24
CA GLY A 442 -8.14 34.57 6.13
C GLY A 442 -9.59 34.56 6.56
N HIS A 443 -10.14 33.39 6.88
CA HIS A 443 -11.46 33.24 7.54
C HIS A 443 -11.38 33.84 8.95
N ILE A 444 -12.53 33.97 9.62
CA ILE A 444 -12.61 34.49 11.03
C ILE A 444 -11.82 33.57 11.96
N ASP A 445 -11.63 32.30 11.57
CA ASP A 445 -10.85 31.28 12.33
C ASP A 445 -9.36 31.62 12.29
N GLY A 446 -8.86 32.10 11.14
CA GLY A 446 -7.44 32.40 10.91
C GLY A 446 -6.87 31.67 9.70
N ARG A 447 -7.44 30.52 9.33
CA ARG A 447 -7.03 29.72 8.14
C ARG A 447 -7.33 30.54 6.89
N GLY A 448 -6.38 30.57 5.94
CA GLY A 448 -6.51 31.28 4.65
C GLY A 448 -7.62 30.71 3.78
N VAL A 449 -8.29 31.55 3.00
CA VAL A 449 -9.41 31.14 2.09
C VAL A 449 -8.82 30.33 0.94
N GLN A 450 -9.33 29.12 0.71
CA GLN A 450 -8.82 28.13 -0.27
C GLN A 450 -9.69 28.10 -1.53
N TYR A 451 -10.96 28.52 -1.46
CA TYR A 451 -11.94 28.43 -2.57
C TYR A 451 -12.50 29.81 -2.89
N THR A 452 -12.60 30.12 -4.20
CA THR A 452 -13.13 31.40 -4.74
C THR A 452 -14.13 31.08 -5.85
N SER A 453 -15.21 31.87 -5.96
CA SER A 453 -16.35 31.65 -6.89
C SER A 453 -16.50 32.84 -7.84
N TRP A 454 -16.93 32.56 -9.08
CA TRP A 454 -17.31 33.56 -10.10
C TRP A 454 -18.74 34.05 -9.85
N ARG A 455 -19.61 33.19 -9.31
CA ARG A 455 -21.08 33.47 -9.17
C ARG A 455 -21.33 34.29 -7.90
N ARG A 456 -20.78 35.51 -7.88
CA ARG A 456 -20.97 36.51 -6.80
C ARG A 456 -20.58 37.89 -7.34
N PRO A 457 -21.14 38.99 -6.79
CA PRO A 457 -20.70 40.34 -7.18
C PRO A 457 -19.24 40.59 -6.77
N ILE A 458 -18.35 40.77 -7.75
CA ILE A 458 -16.89 41.01 -7.54
C ILE A 458 -16.61 42.49 -7.86
N MET A 459 -16.40 43.30 -6.82
CA MET A 459 -16.36 44.79 -6.91
C MET A 459 -15.06 45.24 -7.58
N ASN A 460 -13.94 44.59 -7.28
CA ASN A 460 -12.60 44.95 -7.84
C ASN A 460 -12.45 44.45 -9.30
N LEU A 461 -13.49 43.85 -9.90
CA LEU A 461 -13.50 43.39 -11.32
C LEU A 461 -13.97 44.52 -12.25
N ARG A 462 -14.65 45.54 -11.74
CA ARG A 462 -15.26 46.63 -12.55
C ARG A 462 -14.16 47.53 -13.10
N PRO A 463 -14.35 48.13 -14.31
CA PRO A 463 -13.27 48.87 -14.98
C PRO A 463 -12.81 50.15 -14.26
N LYS A 464 -13.69 50.77 -13.45
CA LYS A 464 -13.45 52.09 -12.80
C LYS A 464 -12.83 51.93 -11.41
N HIS A 465 -12.61 50.69 -10.93
CA HIS A 465 -12.06 50.42 -9.57
C HIS A 465 -10.56 50.76 -9.52
N ARG A 466 -10.12 51.39 -8.44
CA ARG A 466 -8.70 51.67 -8.11
C ARG A 466 -8.33 50.89 -6.84
N GLN A 467 -7.20 50.19 -6.86
CA GLN A 467 -6.79 49.18 -5.84
C GLN A 467 -5.88 49.84 -4.80
N GLY A 468 -5.74 49.19 -3.63
CA GLY A 468 -5.03 49.69 -2.43
C GLY A 468 -3.53 49.90 -2.61
N PHE A 469 -2.88 49.23 -3.58
CA PHE A 469 -1.40 49.30 -3.79
C PHE A 469 -1.00 50.60 -4.52
N GLY A 470 -1.95 51.51 -4.81
CA GLY A 470 -1.66 52.90 -5.23
C GLY A 470 -2.09 53.18 -6.66
N SER A 471 -2.49 52.17 -7.43
CA SER A 471 -3.01 52.31 -8.81
C SER A 471 -4.01 51.17 -9.13
N ILE A 472 -4.35 50.98 -10.40
CA ILE A 472 -5.31 49.94 -10.89
C ILE A 472 -4.63 48.56 -10.86
N TRP A 473 -5.44 47.50 -10.84
CA TRP A 473 -5.00 46.10 -10.57
C TRP A 473 -5.91 45.11 -11.32
N GLU A 474 -5.33 44.03 -11.87
CA GLU A 474 -6.03 42.94 -12.59
C GLU A 474 -6.77 43.53 -13.81
N LEU A 475 -8.10 43.36 -13.92
CA LEU A 475 -8.86 43.58 -15.19
C LEU A 475 -8.66 45.00 -15.71
N PRO A 476 -8.88 46.07 -14.90
CA PRO A 476 -8.58 47.44 -15.35
C PRO A 476 -7.16 47.60 -15.92
N ALA A 477 -6.16 47.02 -15.25
CA ALA A 477 -4.73 47.03 -15.69
C ALA A 477 -4.64 46.36 -17.08
N ASP A 478 -5.33 45.24 -17.29
CA ASP A 478 -5.37 44.53 -18.59
C ASP A 478 -5.92 45.45 -19.68
N LEU A 479 -6.87 46.34 -19.34
CA LEU A 479 -7.45 47.30 -20.32
C LEU A 479 -6.36 48.23 -20.86
N HIS A 480 -5.31 48.53 -20.08
CA HIS A 480 -4.12 49.30 -20.57
C HIS A 480 -3.62 48.69 -21.90
N LEU A 481 -3.53 47.37 -21.98
CA LEU A 481 -3.13 46.65 -23.22
C LEU A 481 -4.23 46.84 -24.28
N ILE A 482 -5.49 46.55 -23.94
CA ILE A 482 -6.64 46.54 -24.90
C ILE A 482 -6.68 47.90 -25.62
N ASP A 483 -6.76 49.00 -24.86
CA ASP A 483 -6.78 50.38 -25.40
C ASP A 483 -5.62 50.55 -26.40
N TRP A 484 -4.40 50.20 -25.99
CA TRP A 484 -3.17 50.31 -26.82
C TRP A 484 -3.40 49.63 -28.16
N LEU A 485 -3.85 48.37 -28.14
CA LEU A 485 -4.14 47.57 -29.36
C LEU A 485 -5.14 48.34 -30.23
N ASN A 486 -6.26 48.78 -29.64
CA ASN A 486 -7.34 49.53 -30.35
C ASN A 486 -6.78 50.83 -30.94
N HIS A 487 -5.81 51.47 -30.28
CA HIS A 487 -5.16 52.72 -30.76
C HIS A 487 -4.28 52.45 -31.99
N ASN A 488 -3.69 51.26 -32.10
CA ASN A 488 -2.69 50.90 -33.14
C ASN A 488 -3.34 50.12 -34.29
N GLY A 489 -4.65 49.89 -34.24
CA GLY A 489 -5.43 49.26 -35.32
C GLY A 489 -5.17 47.76 -35.46
N PHE A 490 -4.55 47.12 -34.45
CA PHE A 490 -4.32 45.66 -34.41
C PHE A 490 -5.67 44.95 -34.28
N GLU A 491 -5.85 43.86 -35.03
CA GLU A 491 -7.03 42.95 -34.95
C GLU A 491 -6.66 41.78 -34.04
N TYR A 492 -7.42 41.57 -32.97
CA TYR A 492 -7.16 40.54 -31.92
C TYR A 492 -8.46 39.81 -31.56
N ASP A 493 -8.31 38.60 -31.00
CA ASP A 493 -9.41 37.84 -30.34
C ASP A 493 -9.13 37.79 -28.84
N VAL A 494 -10.16 37.42 -28.06
CA VAL A 494 -10.12 37.37 -26.58
C VAL A 494 -10.53 35.95 -26.14
N ALA A 495 -9.77 35.37 -25.21
CA ALA A 495 -10.06 34.09 -24.52
C ALA A 495 -9.70 34.23 -23.04
N THR A 496 -10.35 33.45 -22.17
CA THR A 496 -10.10 33.41 -20.70
C THR A 496 -9.21 32.20 -20.39
N GLU A 497 -8.60 32.20 -19.20
CA GLU A 497 -7.76 31.09 -18.68
C GLU A 497 -8.63 29.84 -18.50
N HIS A 498 -9.92 30.00 -18.17
CA HIS A 498 -10.91 28.90 -18.09
C HIS A 498 -11.05 28.23 -19.46
N ASP A 499 -11.19 29.03 -20.52
CA ASP A 499 -11.32 28.55 -21.93
C ASP A 499 -10.05 27.79 -22.33
N LEU A 500 -8.87 28.33 -21.98
CA LEU A 500 -7.56 27.67 -22.24
C LEU A 500 -7.52 26.34 -21.49
N ASN A 501 -7.96 26.31 -20.22
CA ASN A 501 -8.00 25.07 -19.39
C ASN A 501 -8.84 24.01 -20.11
N ASP A 502 -10.00 24.41 -20.67
CA ASP A 502 -10.94 23.49 -21.36
C ASP A 502 -10.34 22.99 -22.68
N GLN A 503 -9.76 23.89 -23.49
CA GLN A 503 -9.46 23.64 -24.93
C GLN A 503 -8.00 23.21 -25.16
N GLY A 504 -7.10 23.50 -24.23
CA GLY A 504 -5.68 23.12 -24.31
C GLY A 504 -4.93 23.88 -25.40
N ALA A 505 -3.86 23.28 -25.94
CA ALA A 505 -2.95 23.87 -26.95
C ALA A 505 -3.68 24.15 -28.26
N GLU A 506 -4.83 23.48 -28.51
CA GLU A 506 -5.63 23.60 -29.76
C GLU A 506 -6.14 25.04 -29.92
N LEU A 507 -6.56 25.68 -28.82
CA LEU A 507 -7.01 27.11 -28.80
C LEU A 507 -5.85 28.02 -29.23
N LEU A 508 -4.66 27.83 -28.65
CA LEU A 508 -3.46 28.68 -28.91
C LEU A 508 -2.97 28.46 -30.34
N ARG A 509 -3.05 27.23 -30.87
CA ARG A 509 -2.49 26.84 -32.20
C ARG A 509 -3.21 27.55 -33.36
N ARG A 510 -4.38 28.16 -33.13
CA ARG A 510 -5.20 28.85 -34.17
CA ARG A 510 -5.20 28.85 -34.17
C ARG A 510 -4.67 30.27 -34.41
N TYR A 511 -3.71 30.75 -33.63
CA TYR A 511 -3.18 32.14 -33.71
C TYR A 511 -1.68 32.14 -33.97
N LYS A 512 -1.21 33.17 -34.68
CA LYS A 512 0.23 33.45 -34.94
C LYS A 512 0.95 33.79 -33.63
N VAL A 513 0.32 34.65 -32.80
CA VAL A 513 0.92 35.15 -31.53
C VAL A 513 -0.16 35.21 -30.44
N VAL A 514 0.23 34.93 -29.20
CA VAL A 514 -0.65 34.98 -27.99
C VAL A 514 -0.05 36.00 -27.02
N LEU A 515 -0.90 36.88 -26.47
CA LEU A 515 -0.51 37.93 -25.50
C LEU A 515 -1.13 37.61 -24.13
N THR A 516 -0.30 37.58 -23.08
CA THR A 516 -0.73 37.36 -21.68
C THR A 516 -1.27 38.68 -21.11
N GLY A 517 -1.90 38.63 -19.93
CA GLY A 517 -2.42 39.81 -19.21
C GLY A 517 -1.30 40.55 -18.49
N SER A 518 -1.68 41.45 -17.57
CA SER A 518 -0.75 42.23 -16.72
C SER A 518 -0.20 41.37 -15.58
N HIS A 519 -0.87 40.26 -15.21
CA HIS A 519 -0.54 39.47 -14.00
C HIS A 519 -1.17 38.07 -14.07
N PRO A 520 -0.66 37.17 -14.94
CA PRO A 520 -1.16 35.79 -15.02
C PRO A 520 -0.58 34.90 -13.90
N GLU A 521 -0.81 35.29 -12.65
CA GLU A 521 -0.17 34.70 -11.43
C GLU A 521 -0.67 33.27 -11.21
N TYR A 522 -1.98 33.04 -11.37
CA TYR A 522 -2.67 31.77 -11.06
C TYR A 522 -2.95 31.02 -12.37
N GLN A 523 -2.39 29.81 -12.50
CA GLN A 523 -2.55 28.93 -13.69
C GLN A 523 -2.82 27.49 -13.23
N THR A 524 -3.42 26.68 -14.11
CA THR A 524 -3.60 25.22 -13.92
C THR A 524 -2.39 24.50 -14.53
N TRP A 525 -2.19 23.24 -14.13
CA TRP A 525 -1.15 22.33 -14.69
C TRP A 525 -1.36 22.20 -16.20
N ALA A 526 -2.62 22.02 -16.63
CA ALA A 526 -3.05 21.90 -18.05
C ALA A 526 -2.67 23.17 -18.82
N ASN A 527 -2.83 24.36 -18.21
CA ASN A 527 -2.48 25.66 -18.84
C ASN A 527 -0.99 25.72 -19.14
N ALA A 528 -0.14 25.31 -18.19
CA ALA A 528 1.33 25.24 -18.35
C ALA A 528 1.69 24.26 -19.46
N ASP A 529 1.05 23.08 -19.49
CA ASP A 529 1.25 22.04 -20.54
C ASP A 529 0.88 22.62 -21.91
N ALA A 530 -0.26 23.31 -22.02
CA ALA A 530 -0.77 23.91 -23.28
C ALA A 530 0.22 24.96 -23.79
N TRP A 531 0.69 25.87 -22.91
CA TRP A 531 1.69 26.92 -23.23
C TRP A 531 2.98 26.27 -23.74
N GLU A 532 3.48 25.25 -23.04
CA GLU A 532 4.75 24.53 -23.38
C GLU A 532 4.60 23.91 -24.77
N ASP A 533 3.51 23.17 -25.02
CA ASP A 533 3.24 22.46 -26.30
C ASP A 533 3.10 23.49 -27.44
N TYR A 534 2.41 24.61 -27.20
CA TYR A 534 2.19 25.69 -28.20
C TYR A 534 3.55 26.30 -28.62
N LEU A 535 4.37 26.70 -27.65
CA LEU A 535 5.67 27.38 -27.90
C LEU A 535 6.66 26.39 -28.55
N ALA A 536 6.63 25.11 -28.15
CA ALA A 536 7.55 24.06 -28.65
C ALA A 536 7.39 23.83 -30.16
N ASP A 537 6.15 23.92 -30.69
CA ASP A 537 5.81 23.54 -32.09
C ASP A 537 5.76 24.76 -33.01
N GLY A 538 6.32 25.91 -32.59
CA GLY A 538 6.49 27.12 -33.42
C GLY A 538 5.53 28.24 -33.08
N GLY A 539 4.86 28.18 -31.91
CA GLY A 539 4.02 29.27 -31.39
C GLY A 539 4.84 30.48 -30.98
N ARG A 540 4.24 31.67 -31.01
CA ARG A 540 4.90 32.95 -30.61
C ARG A 540 4.10 33.55 -29.44
N GLY A 541 4.80 33.99 -28.38
CA GLY A 541 4.20 34.49 -27.13
C GLY A 541 4.88 35.76 -26.64
N MET A 542 4.09 36.69 -26.08
CA MET A 542 4.58 37.95 -25.46
C MET A 542 4.16 37.98 -23.99
N TYR A 543 5.13 37.88 -23.08
CA TYR A 543 4.92 37.89 -21.61
C TYR A 543 5.12 39.31 -21.09
N LEU A 544 4.09 40.15 -21.23
CA LEU A 544 4.09 41.59 -20.87
C LEU A 544 3.63 41.75 -19.41
N ALA A 545 4.28 41.05 -18.48
CA ALA A 545 3.85 40.94 -17.07
C ALA A 545 4.98 40.41 -16.18
N ALA A 546 4.72 40.26 -14.89
CA ALA A 546 5.61 39.61 -13.90
C ALA A 546 4.80 38.68 -12.99
N ASN A 547 5.48 37.78 -12.29
CA ASN A 547 4.91 36.85 -11.27
C ASN A 547 3.90 35.91 -11.93
N GLY A 548 4.08 35.59 -13.22
CA GLY A 548 3.22 34.63 -13.94
C GLY A 548 3.53 33.19 -13.51
N MET A 549 2.55 32.29 -13.61
CA MET A 549 2.69 30.84 -13.32
CA MET A 549 2.70 30.85 -13.31
C MET A 549 3.40 30.65 -11.96
N TYR A 550 2.94 31.35 -10.92
CA TYR A 550 3.51 31.23 -9.56
C TYR A 550 2.75 30.14 -8.78
N TRP A 551 1.42 30.23 -8.75
CA TRP A 551 0.53 29.33 -7.96
C TRP A 551 -0.13 28.31 -8.90
N ILE A 552 -0.15 27.03 -8.49
CA ILE A 552 -0.92 25.95 -9.18
C ILE A 552 -2.38 26.07 -8.69
N VAL A 553 -3.34 26.12 -9.61
CA VAL A 553 -4.78 26.10 -9.24
C VAL A 553 -5.44 24.93 -9.95
N GLU A 554 -6.60 24.50 -9.44
CA GLU A 554 -7.47 23.47 -10.08
C GLU A 554 -8.90 24.02 -10.14
N VAL A 555 -9.56 23.84 -11.28
CA VAL A 555 -11.00 24.19 -11.49
C VAL A 555 -11.83 23.00 -11.02
N HIS A 556 -12.86 23.25 -10.20
CA HIS A 556 -13.72 22.19 -9.61
C HIS A 556 -14.43 21.44 -10.74
N PRO A 557 -14.26 20.11 -10.88
CA PRO A 557 -14.87 19.37 -11.98
C PRO A 557 -16.41 19.48 -12.04
N GLU A 558 -17.07 19.49 -10.88
CA GLU A 558 -18.56 19.57 -10.74
C GLU A 558 -19.04 21.03 -10.83
N LYS A 559 -18.24 21.99 -10.38
CA LYS A 559 -18.60 23.44 -10.37
C LYS A 559 -17.52 24.23 -11.10
N PRO A 560 -17.59 24.35 -12.45
CA PRO A 560 -16.58 25.09 -13.22
C PRO A 560 -16.36 26.56 -12.81
N TRP A 561 -17.30 27.14 -12.03
CA TRP A 561 -17.25 28.54 -11.52
C TRP A 561 -16.47 28.62 -10.20
N VAL A 562 -16.06 27.49 -9.61
CA VAL A 562 -15.30 27.44 -8.32
C VAL A 562 -13.83 27.10 -8.64
N MET A 563 -12.90 27.77 -7.94
CA MET A 563 -11.43 27.62 -8.09
C MET A 563 -10.83 27.31 -6.72
N GLU A 564 -9.91 26.34 -6.66
CA GLU A 564 -9.17 25.94 -5.43
C GLU A 564 -7.70 26.32 -5.56
N VAL A 565 -7.10 26.81 -4.48
CA VAL A 565 -5.62 27.01 -4.34
C VAL A 565 -5.25 26.82 -2.86
N ARG A 566 -4.17 26.07 -2.60
CA ARG A 566 -3.61 25.84 -1.24
C ARG A 566 -2.17 26.33 -1.24
N LYS A 567 -1.86 27.32 -0.40
CA LYS A 567 -0.61 28.11 -0.43
C LYS A 567 0.35 27.63 0.64
N GLU A 568 1.64 27.91 0.46
CA GLU A 568 2.76 27.46 1.32
C GLU A 568 3.76 28.62 1.49
N LEU A 569 4.88 28.38 2.18
CA LEU A 569 5.97 29.38 2.40
C LEU A 569 6.45 29.89 1.04
N GLY A 570 6.67 31.21 0.93
CA GLY A 570 6.97 31.92 -0.33
C GLY A 570 6.30 33.28 -0.37
N VAL A 571 5.94 33.76 -1.56
CA VAL A 571 5.20 35.04 -1.77
C VAL A 571 3.71 34.74 -1.55
N THR A 572 3.30 34.62 -0.29
CA THR A 572 1.97 34.09 0.13
C THR A 572 1.31 35.03 1.14
N ALA A 573 -0.03 34.98 1.22
CA ALA A 573 -0.83 35.66 2.27
C ALA A 573 -0.95 34.76 3.51
N TRP A 574 -0.83 33.44 3.33
CA TRP A 574 -1.03 32.42 4.41
C TRP A 574 -0.35 31.09 4.04
N GLU A 575 -0.18 30.21 5.03
CA GLU A 575 0.42 28.86 4.90
C GLU A 575 -0.65 27.81 5.24
N ALA A 576 -0.75 26.74 4.44
CA ALA A 576 -1.67 25.60 4.65
C ALA A 576 -1.29 24.91 5.97
N PRO A 577 -2.27 24.51 6.82
CA PRO A 577 -1.94 23.81 8.06
C PRO A 577 -1.35 22.43 7.78
N PRO A 578 -0.61 21.81 8.74
CA PRO A 578 0.05 20.53 8.51
C PRO A 578 -0.86 19.42 7.96
N GLY A 579 -0.43 18.74 6.91
CA GLY A 579 -1.10 17.56 6.32
C GLY A 579 -2.26 17.91 5.39
N GLU A 580 -2.45 19.19 5.04
CA GLU A 580 -3.59 19.66 4.20
C GLU A 580 -3.06 20.46 3.00
N TYR A 581 -2.03 19.94 2.32
CA TYR A 581 -1.36 20.60 1.17
C TYR A 581 -1.98 20.13 -0.15
N HIS A 582 -2.51 18.90 -0.21
CA HIS A 582 -3.05 18.27 -1.45
C HIS A 582 -4.48 18.76 -1.72
N TYR A 583 -4.80 19.01 -2.99
CA TYR A 583 -6.09 19.61 -3.45
C TYR A 583 -7.17 18.52 -3.41
N SER A 584 -8.33 18.83 -2.85
CA SER A 584 -9.52 17.93 -2.81
C SER A 584 -10.07 17.71 -4.23
N THR A 585 -9.84 18.64 -5.16
CA THR A 585 -10.41 18.61 -6.54
C THR A 585 -9.70 17.57 -7.41
N ASN A 586 -8.39 17.35 -7.26
CA ASN A 586 -7.62 16.38 -8.11
C ASN A 586 -6.66 15.50 -7.30
N GLY A 587 -6.50 15.70 -5.99
CA GLY A 587 -5.67 14.84 -5.11
C GLY A 587 -4.18 15.04 -5.30
N ARG A 588 -3.74 16.13 -5.94
CA ARG A 588 -2.32 16.37 -6.31
C ARG A 588 -1.69 17.44 -5.41
N ARG A 589 -0.37 17.38 -5.22
CA ARG A 589 0.41 18.41 -4.51
C ARG A 589 0.44 19.66 -5.40
N GLY A 590 -0.13 20.78 -4.94
CA GLY A 590 -0.19 22.05 -5.67
C GLY A 590 0.82 23.06 -5.15
N GLY A 591 0.37 24.26 -4.79
CA GLY A 591 1.20 25.36 -4.28
C GLY A 591 2.04 25.98 -5.38
N ARG A 592 3.34 26.15 -5.14
CA ARG A 592 4.27 26.89 -6.05
C ARG A 592 4.61 25.99 -7.25
N PHE A 593 4.55 26.56 -8.46
CA PHE A 593 5.01 25.93 -9.73
C PHE A 593 6.50 25.57 -9.61
N ARG A 594 7.29 26.44 -8.99
CA ARG A 594 8.76 26.27 -8.80
C ARG A 594 9.05 25.01 -7.99
N GLY A 595 8.26 24.76 -6.92
CA GLY A 595 8.39 23.60 -6.03
C GLY A 595 8.11 22.27 -6.72
N ARG A 596 7.48 22.28 -7.90
CA ARG A 596 7.13 21.05 -8.68
C ARG A 596 8.03 20.94 -9.92
N ALA A 597 9.20 21.59 -9.91
CA ALA A 597 10.20 21.59 -11.01
C ALA A 597 9.59 22.17 -12.31
N ARG A 598 8.73 23.18 -12.20
CA ARG A 598 8.14 23.90 -13.36
C ARG A 598 8.10 25.41 -13.08
N ALA A 599 9.25 25.98 -12.69
CA ALA A 599 9.44 27.45 -12.53
C ALA A 599 9.13 28.16 -13.86
N THR A 600 8.66 29.41 -13.79
CA THR A 600 8.22 30.21 -14.96
C THR A 600 9.36 30.31 -16.00
N GLN A 601 10.62 30.38 -15.56
CA GLN A 601 11.83 30.43 -16.44
C GLN A 601 11.77 29.29 -17.47
N LYS A 602 11.29 28.12 -17.08
CA LYS A 602 11.25 26.89 -17.92
C LYS A 602 10.38 27.12 -19.18
N ILE A 603 9.39 28.02 -19.13
CA ILE A 603 8.41 28.24 -20.23
C ILE A 603 8.54 29.65 -20.82
N TRP A 604 8.53 30.71 -20.00
CA TRP A 604 8.47 32.13 -20.48
C TRP A 604 9.82 32.84 -20.37
N GLY A 605 10.86 32.19 -19.84
CA GLY A 605 12.25 32.70 -19.86
C GLY A 605 12.67 33.41 -18.57
N THR A 606 11.74 34.06 -17.86
CA THR A 606 12.01 34.78 -16.59
C THR A 606 11.01 34.33 -15.50
N GLY A 607 11.40 34.46 -14.23
CA GLY A 607 10.60 34.06 -13.06
C GLY A 607 10.66 35.08 -11.93
N MET A 608 9.62 35.07 -11.07
CA MET A 608 9.43 36.02 -9.93
C MET A 608 10.73 36.18 -9.14
N SER A 609 11.13 37.42 -8.89
CA SER A 609 12.39 37.79 -8.18
C SER A 609 12.14 38.74 -7.01
N SER A 610 11.22 39.72 -7.14
CA SER A 610 10.96 40.76 -6.12
C SER A 610 9.56 41.38 -6.29
N PHE A 611 9.07 42.03 -5.24
CA PHE A 611 7.83 42.86 -5.24
C PHE A 611 8.02 44.08 -4.32
N GLY A 612 7.31 45.16 -4.63
CA GLY A 612 7.34 46.46 -3.92
C GLY A 612 6.44 47.47 -4.62
N PHE A 613 5.67 48.27 -3.88
CA PHE A 613 4.54 49.07 -4.42
C PHE A 613 4.61 50.54 -3.99
N ASP A 614 5.80 51.04 -3.62
CA ASP A 614 6.01 52.48 -3.28
C ASP A 614 5.98 53.28 -4.58
N HIS A 615 6.66 52.80 -5.62
CA HIS A 615 6.68 53.38 -7.00
C HIS A 615 7.39 52.40 -7.95
N SER A 616 7.61 52.79 -9.20
CA SER A 616 8.26 51.97 -10.26
C SER A 616 9.57 52.63 -10.71
N GLY A 617 10.52 51.81 -11.18
CA GLY A 617 11.81 52.25 -11.74
C GLY A 617 11.77 52.30 -13.27
N TYR A 618 12.95 52.29 -13.90
CA TYR A 618 13.12 52.29 -15.38
C TYR A 618 14.20 51.29 -15.78
N PHE A 619 14.21 50.91 -17.06
CA PHE A 619 15.13 49.91 -17.65
C PHE A 619 16.39 50.62 -18.17
N VAL A 620 17.55 50.00 -17.95
CA VAL A 620 18.86 50.39 -18.54
C VAL A 620 19.28 49.27 -19.50
N GLN A 621 19.71 49.64 -20.71
CA GLN A 621 20.05 48.69 -21.82
C GLN A 621 21.32 47.92 -21.45
N MET A 622 21.33 46.61 -21.74
CA MET A 622 22.46 45.69 -21.46
C MET A 622 23.19 45.40 -22.78
N PRO A 623 24.43 44.83 -22.77
CA PRO A 623 25.19 44.59 -24.00
C PRO A 623 24.41 43.91 -25.14
N ASP A 624 23.57 42.92 -24.82
CA ASP A 624 22.83 42.09 -25.81
C ASP A 624 21.86 42.96 -26.63
N SER A 625 21.44 44.12 -26.11
CA SER A 625 20.64 45.14 -26.86
C SER A 625 21.38 45.59 -28.12
N GLN A 626 22.72 45.59 -28.12
CA GLN A 626 23.58 46.03 -29.25
C GLN A 626 23.82 44.87 -30.24
N ASP A 627 23.38 43.64 -29.93
CA ASP A 627 23.55 42.45 -30.80
C ASP A 627 22.79 42.68 -32.11
N GLU A 628 23.38 42.26 -33.24
CA GLU A 628 22.78 42.33 -34.59
C GLU A 628 21.52 41.45 -34.65
N ARG A 629 21.48 40.36 -33.88
CA ARG A 629 20.39 39.35 -33.92
C ARG A 629 19.06 39.94 -33.40
N VAL A 630 19.08 41.04 -32.63
CA VAL A 630 17.87 41.64 -31.99
C VAL A 630 17.78 43.13 -32.35
N ALA A 631 18.34 43.53 -33.50
CA ALA A 631 18.27 44.91 -34.04
C ALA A 631 16.82 45.28 -34.34
N TRP A 632 16.01 44.29 -34.74
CA TRP A 632 14.55 44.41 -34.99
C TRP A 632 13.79 44.83 -33.74
N ILE A 633 14.16 44.33 -32.55
CA ILE A 633 13.47 44.63 -31.26
C ILE A 633 13.75 46.10 -30.90
N MET A 634 15.01 46.54 -31.03
CA MET A 634 15.49 47.86 -30.55
C MET A 634 15.50 48.91 -31.67
N GLU A 635 14.78 48.66 -32.78
CA GLU A 635 14.75 49.56 -33.97
C GLU A 635 14.02 50.85 -33.58
N GLY A 636 14.64 52.01 -33.85
CA GLY A 636 14.09 53.35 -33.55
C GLY A 636 14.35 53.80 -32.12
N ILE A 637 15.10 53.02 -31.32
CA ILE A 637 15.46 53.36 -29.91
C ILE A 637 16.97 53.65 -29.87
N ASP A 638 17.34 54.88 -29.47
CA ASP A 638 18.76 55.31 -29.31
C ASP A 638 19.41 54.44 -28.23
N PRO A 639 20.56 53.79 -28.51
CA PRO A 639 21.20 52.89 -27.55
C PRO A 639 21.64 53.48 -26.19
N GLU A 640 21.55 54.81 -26.00
CA GLU A 640 21.84 55.51 -24.72
C GLU A 640 20.56 56.18 -24.18
N GLU A 641 19.42 55.51 -24.28
CA GLU A 641 18.14 56.03 -23.73
C GLU A 641 17.72 55.14 -22.55
N ARG A 642 16.97 55.71 -21.60
CA ARG A 642 16.23 54.96 -20.55
C ARG A 642 14.91 54.47 -21.17
N ILE A 643 14.46 53.26 -20.81
CA ILE A 643 13.20 52.65 -21.33
C ILE A 643 12.15 52.68 -20.21
N GLY A 644 11.08 53.46 -20.41
CA GLY A 644 9.92 53.54 -19.51
C GLY A 644 10.23 54.29 -18.22
N ASP A 645 10.69 55.55 -18.35
CA ASP A 645 10.81 56.52 -17.22
C ASP A 645 9.58 57.42 -17.27
N GLY A 646 8.53 57.05 -16.52
CA GLY A 646 7.20 57.68 -16.56
C GLY A 646 6.13 56.69 -16.99
N GLY A 647 4.99 56.68 -16.29
CA GLY A 647 3.86 55.75 -16.55
C GLY A 647 2.69 55.99 -15.60
N LEU A 648 1.58 55.29 -15.83
CA LEU A 648 0.33 55.41 -15.03
C LEU A 648 0.37 54.47 -13.82
N VAL A 649 1.35 53.57 -13.74
CA VAL A 649 1.50 52.59 -12.61
C VAL A 649 2.89 52.82 -11.98
N GLY A 650 2.93 53.65 -10.94
CA GLY A 650 4.16 53.96 -10.15
C GLY A 650 5.14 54.86 -10.90
N GLY A 651 4.76 55.40 -12.06
CA GLY A 651 5.60 56.33 -12.85
C GLY A 651 6.84 55.66 -13.43
N GLY A 652 6.70 54.45 -13.99
CA GLY A 652 7.81 53.71 -14.61
C GLY A 652 7.39 52.35 -15.15
N ALA A 653 8.21 51.77 -16.04
CA ALA A 653 7.92 50.48 -16.72
C ALA A 653 8.37 49.30 -15.84
N GLY A 654 9.47 49.44 -15.09
CA GLY A 654 10.00 48.40 -14.20
C GLY A 654 9.58 48.63 -12.76
N GLY A 655 8.52 47.96 -12.29
CA GLY A 655 8.03 48.12 -10.92
C GLY A 655 6.88 47.20 -10.55
N TYR A 656 6.39 47.35 -9.30
CA TYR A 656 5.30 46.56 -8.66
C TYR A 656 5.82 45.14 -8.38
N GLU A 657 5.99 44.31 -9.41
CA GLU A 657 6.61 42.96 -9.30
C GLU A 657 7.56 42.75 -10.47
N LEU A 658 8.66 42.01 -10.25
CA LEU A 658 9.79 41.87 -11.20
C LEU A 658 10.10 40.39 -11.43
N ASP A 659 10.53 40.04 -12.64
CA ASP A 659 11.01 38.69 -13.02
C ASP A 659 12.47 38.79 -13.46
N ARG A 660 13.26 37.72 -13.30
CA ARG A 660 14.70 37.71 -13.65
C ARG A 660 15.04 36.48 -14.51
N TYR A 661 16.13 36.62 -15.27
CA TYR A 661 16.88 35.56 -16.00
C TYR A 661 17.53 34.60 -14.98
N ASP A 662 17.41 33.29 -15.18
CA ASP A 662 18.00 32.26 -14.28
C ASP A 662 18.10 30.90 -15.01
N LEU A 663 19.31 30.48 -15.36
CA LEU A 663 19.58 29.21 -16.09
C LEU A 663 19.25 28.00 -15.20
N ALA A 664 19.56 28.09 -13.89
CA ALA A 664 19.37 27.00 -12.90
C ALA A 664 17.88 26.67 -12.75
N LEU A 665 16.97 27.63 -12.99
CA LEU A 665 15.50 27.45 -12.85
C LEU A 665 14.85 27.13 -14.21
N GLY A 666 15.64 27.08 -15.30
CA GLY A 666 15.24 26.51 -16.60
C GLY A 666 15.13 27.54 -17.71
N THR A 667 15.81 28.69 -17.61
CA THR A 667 15.91 29.69 -18.71
C THR A 667 16.58 29.00 -19.90
N PRO A 668 15.99 29.03 -21.13
CA PRO A 668 16.62 28.44 -22.30
C PRO A 668 18.04 28.97 -22.53
N PRO A 669 19.04 28.10 -22.84
CA PRO A 669 20.44 28.54 -22.99
C PRO A 669 20.68 29.67 -24.01
N ASN A 670 19.83 29.77 -25.04
CA ASN A 670 19.94 30.74 -26.16
C ASN A 670 19.25 32.08 -25.83
N THR A 671 18.65 32.22 -24.64
CA THR A 671 17.94 33.45 -24.21
C THR A 671 18.95 34.61 -24.10
N LEU A 672 18.56 35.80 -24.59
CA LEU A 672 19.36 37.05 -24.50
C LEU A 672 18.75 37.97 -23.44
N LEU A 673 19.59 38.69 -22.69
CA LEU A 673 19.20 39.69 -21.66
C LEU A 673 19.43 41.09 -22.25
N LEU A 674 18.34 41.80 -22.57
CA LEU A 674 18.37 43.07 -23.34
C LEU A 674 18.51 44.28 -22.40
N ALA A 675 17.76 44.30 -21.28
CA ALA A 675 17.74 45.43 -20.32
C ALA A 675 17.39 44.96 -18.91
N SER A 676 17.80 45.72 -17.90
CA SER A 676 17.52 45.48 -16.46
C SER A 676 16.98 46.75 -15.80
N SER A 677 15.98 46.62 -14.93
CA SER A 677 15.34 47.75 -14.21
C SER A 677 16.19 48.15 -13.02
N VAL A 678 16.22 49.44 -12.70
CA VAL A 678 17.00 50.05 -11.57
C VAL A 678 16.09 50.99 -10.78
N GLU A 679 16.63 51.67 -9.76
CA GLU A 679 15.93 52.66 -8.89
C GLU A 679 14.79 51.96 -8.15
N HIS A 680 15.12 50.88 -7.43
CA HIS A 680 14.20 50.17 -6.49
C HIS A 680 14.66 50.48 -5.06
N SER A 681 13.72 50.91 -4.19
CA SER A 681 13.99 51.32 -2.79
C SER A 681 13.98 50.09 -1.87
N VAL A 682 14.15 50.31 -0.56
CA VAL A 682 14.17 49.25 0.50
C VAL A 682 12.84 48.51 0.54
N VAL A 683 11.74 49.10 0.05
CA VAL A 683 10.37 48.50 0.03
C VAL A 683 10.41 47.21 -0.82
N TYR A 684 11.09 47.23 -1.97
CA TYR A 684 11.29 46.04 -2.84
C TYR A 684 12.15 45.03 -2.07
N THR A 685 11.70 43.78 -1.99
CA THR A 685 12.31 42.72 -1.13
C THR A 685 12.67 41.49 -1.97
N VAL A 686 13.70 40.75 -1.52
CA VAL A 686 14.04 39.39 -2.04
C VAL A 686 12.96 38.43 -1.55
N ILE A 687 12.42 37.59 -2.44
CA ILE A 687 11.31 36.64 -2.13
C ILE A 687 11.85 35.54 -1.24
N PRO A 688 11.03 34.91 -0.36
CA PRO A 688 11.50 33.81 0.50
C PRO A 688 12.04 32.57 -0.24
N ASP A 689 11.65 32.36 -1.51
CA ASP A 689 12.09 31.22 -2.34
C ASP A 689 13.60 31.29 -2.63
N ASP A 690 14.18 32.48 -2.63
CA ASP A 690 15.61 32.72 -2.99
C ASP A 690 16.49 32.88 -1.74
N LYS A 691 15.94 32.66 -0.54
CA LYS A 691 16.67 32.81 0.76
C LYS A 691 16.94 31.43 1.36
N ALA A 692 18.18 31.19 1.80
CA ALA A 692 18.57 30.07 2.67
C ALA A 692 18.50 30.55 4.12
N PHE A 693 19.38 31.48 4.50
CA PHE A 693 19.38 32.18 5.81
C PHE A 693 19.12 33.66 5.56
N PRO A 694 17.97 34.24 6.00
CA PRO A 694 17.77 35.68 5.93
C PRO A 694 18.88 36.45 6.65
N HIS A 695 19.40 37.51 6.03
CA HIS A 695 20.41 38.43 6.59
C HIS A 695 20.03 39.87 6.26
N PRO A 696 20.60 40.89 6.95
CA PRO A 696 20.26 42.29 6.67
C PRO A 696 20.56 42.72 5.22
N GLY A 697 19.74 43.62 4.68
CA GLY A 697 19.97 44.30 3.39
C GLY A 697 19.53 43.48 2.18
N MET A 698 18.68 42.46 2.37
CA MET A 698 18.10 41.66 1.25
C MET A 698 16.88 42.40 0.69
N ASN A 699 17.13 43.50 -0.02
CA ASN A 699 16.09 44.45 -0.52
C ASN A 699 16.63 45.28 -1.67
N GLY A 700 15.76 46.09 -2.29
CA GLY A 700 16.06 46.88 -3.50
C GLY A 700 17.24 47.83 -3.29
N GLY A 701 18.20 47.80 -4.21
CA GLY A 701 19.41 48.65 -4.18
C GLY A 701 20.53 48.09 -3.31
N GLU A 702 20.31 46.96 -2.63
CA GLU A 702 21.32 46.31 -1.73
C GLU A 702 21.51 44.82 -2.05
N HIS A 703 20.75 44.24 -3.00
CA HIS A 703 20.87 42.81 -3.40
C HIS A 703 20.74 42.68 -4.92
N PRO A 704 21.58 41.85 -5.59
CA PRO A 704 21.53 41.70 -7.05
C PRO A 704 20.22 41.12 -7.62
N PHE A 705 19.48 40.35 -6.82
CA PHE A 705 18.25 39.63 -7.24
C PHE A 705 17.09 40.60 -7.48
N VAL A 706 17.09 41.78 -6.85
CA VAL A 706 15.98 42.78 -7.02
C VAL A 706 16.19 43.51 -8.36
N ARG A 707 15.57 43.00 -9.43
CA ARG A 707 15.61 43.57 -10.80
C ARG A 707 14.55 42.91 -11.68
N ALA A 708 14.21 43.56 -12.81
CA ALA A 708 13.44 42.98 -13.93
C ALA A 708 14.36 42.84 -15.14
N ASP A 709 14.22 41.75 -15.90
CA ASP A 709 15.08 41.43 -17.08
C ASP A 709 14.19 41.33 -18.32
N ILE A 710 14.44 42.16 -19.33
CA ILE A 710 13.81 42.05 -20.68
C ILE A 710 14.59 40.98 -21.45
N THR A 711 13.91 39.92 -21.87
CA THR A 711 14.54 38.71 -22.49
C THR A 711 13.78 38.30 -23.75
N TYR A 712 14.48 37.60 -24.65
CA TYR A 712 13.92 36.95 -25.86
C TYR A 712 14.68 35.65 -26.13
N PHE A 713 13.95 34.62 -26.59
CA PHE A 713 14.52 33.37 -27.13
C PHE A 713 13.63 32.85 -28.27
N SER A 714 14.20 31.99 -29.12
CA SER A 714 13.55 31.36 -30.30
C SER A 714 13.46 29.85 -30.09
N THR A 715 12.43 29.22 -30.65
CA THR A 715 12.12 27.75 -30.54
C THR A 715 12.09 27.16 -31.95
N ALA A 716 11.71 25.88 -32.07
CA ALA A 716 11.63 25.15 -33.36
C ALA A 716 10.47 25.66 -34.21
N ASN A 717 10.60 25.57 -35.54
CA ASN A 717 9.51 25.81 -36.53
C ASN A 717 9.08 27.29 -36.50
N GLY A 718 10.04 28.21 -36.26
CA GLY A 718 9.84 29.68 -36.38
C GLY A 718 9.07 30.30 -35.22
N GLY A 719 9.09 29.67 -34.04
CA GLY A 719 8.46 30.17 -32.81
C GLY A 719 9.43 31.00 -31.99
N GLY A 720 8.90 31.85 -31.09
CA GLY A 720 9.71 32.72 -30.21
C GLY A 720 8.93 33.19 -28.99
N MET A 721 9.63 33.59 -27.94
CA MET A 721 9.04 34.13 -26.68
C MET A 721 9.79 35.39 -26.26
N PHE A 722 9.05 36.47 -26.00
CA PHE A 722 9.56 37.80 -25.54
C PHE A 722 8.92 38.14 -24.20
N ALA A 723 9.73 38.52 -23.22
CA ALA A 723 9.31 38.84 -21.82
C ALA A 723 9.86 40.21 -21.40
N THR A 724 9.03 41.02 -20.75
CA THR A 724 9.37 42.37 -20.23
C THR A 724 9.59 42.29 -18.71
N SER A 725 8.97 41.30 -18.03
CA SER A 725 9.27 40.90 -16.64
C SER A 725 8.84 41.98 -15.64
N SER A 726 7.78 42.74 -15.95
CA SER A 726 7.26 43.84 -15.08
C SER A 726 5.74 43.99 -15.22
N ILE A 727 5.04 44.12 -14.09
CA ILE A 727 3.55 44.34 -14.05
C ILE A 727 3.26 45.74 -14.61
N SER A 728 4.08 46.74 -14.26
CA SER A 728 3.86 48.18 -14.61
C SER A 728 4.16 48.47 -16.09
N TRP A 729 4.68 47.50 -16.86
CA TRP A 729 5.04 47.65 -18.30
C TRP A 729 3.85 48.21 -19.08
N LEU A 730 2.69 47.55 -19.01
CA LEU A 730 1.45 47.96 -19.72
C LEU A 730 1.00 49.35 -19.25
N GLY A 731 1.37 49.75 -18.04
CA GLY A 731 1.10 51.10 -17.49
C GLY A 731 1.85 52.22 -18.21
N SER A 732 2.91 51.90 -18.96
CA SER A 732 3.80 52.89 -19.63
C SER A 732 3.58 52.92 -21.15
N LEU A 733 2.61 52.17 -21.69
CA LEU A 733 2.36 52.09 -23.17
C LEU A 733 1.85 53.44 -23.69
N SER A 734 0.93 54.08 -22.98
CA SER A 734 0.22 55.31 -23.43
C SER A 734 0.92 56.58 -22.94
N TRP A 735 2.08 56.47 -22.27
CA TRP A 735 2.82 57.64 -21.70
C TRP A 735 3.28 58.58 -22.82
N ASN A 736 3.15 59.89 -22.59
CA ASN A 736 3.56 60.97 -23.54
C ASN A 736 2.78 60.80 -24.86
N ASP A 737 1.46 60.55 -24.77
CA ASP A 737 0.53 60.41 -25.92
C ASP A 737 1.06 59.34 -26.89
N TYR A 738 1.33 58.14 -26.37
CA TYR A 738 1.79 56.94 -27.12
C TYR A 738 3.10 57.23 -27.87
N ASP A 739 3.98 58.06 -27.30
CA ASP A 739 5.31 58.37 -27.87
C ASP A 739 6.38 58.09 -26.80
N ASN A 740 6.91 56.88 -26.78
CA ASN A 740 7.87 56.38 -25.76
C ASN A 740 8.53 55.09 -26.25
N ASN A 741 9.61 54.68 -25.57
CA ASN A 741 10.44 53.49 -25.93
C ASN A 741 9.62 52.21 -25.71
N VAL A 742 8.82 52.16 -24.63
CA VAL A 742 7.99 50.98 -24.26
C VAL A 742 7.03 50.67 -25.41
N SER A 743 6.28 51.67 -25.89
CA SER A 743 5.33 51.52 -27.03
C SER A 743 6.08 51.04 -28.28
N LYS A 744 7.21 51.67 -28.59
CA LYS A 744 8.04 51.38 -29.79
C LYS A 744 8.49 49.91 -29.76
N MET A 745 9.05 49.46 -28.63
CA MET A 745 9.59 48.09 -28.45
C MET A 745 8.46 47.06 -28.60
N THR A 746 7.33 47.27 -27.91
CA THR A 746 6.14 46.38 -27.95
C THR A 746 5.61 46.29 -29.38
N LYS A 747 5.52 47.43 -30.07
CA LYS A 747 5.01 47.53 -31.47
C LYS A 747 5.94 46.75 -32.41
N ASN A 748 7.26 46.90 -32.24
CA ASN A 748 8.30 46.20 -33.06
C ASN A 748 8.13 44.69 -32.90
N VAL A 749 8.06 44.19 -31.66
CA VAL A 749 7.94 42.74 -31.34
C VAL A 749 6.64 42.20 -31.94
N LEU A 750 5.51 42.90 -31.73
CA LEU A 750 4.16 42.47 -32.19
C LEU A 750 4.12 42.47 -33.73
N ASN A 751 4.72 43.48 -34.38
CA ASN A 751 4.78 43.58 -35.86
C ASN A 751 5.59 42.40 -36.43
N GLN A 752 6.72 42.05 -35.80
CA GLN A 752 7.58 40.91 -36.23
C GLN A 752 6.81 39.60 -36.08
N PHE A 753 6.08 39.42 -34.98
CA PHE A 753 5.42 38.13 -34.62
C PHE A 753 4.19 37.85 -35.49
N ILE A 754 3.53 38.86 -36.06
CA ILE A 754 2.28 38.67 -36.88
C ILE A 754 2.61 38.50 -38.37
N LYS A 755 3.89 38.56 -38.77
CA LYS A 755 4.32 38.34 -40.18
C LYS A 755 4.26 36.84 -40.51
N ASP A 756 4.29 36.51 -41.81
CA ASP A 756 4.30 35.12 -42.33
C ASP A 756 5.72 34.53 -42.23
N GLU A 757 6.72 35.33 -41.89
CA GLU A 757 8.15 34.93 -41.74
C GLU A 757 8.35 34.21 -40.40
N PRO A 758 9.28 33.22 -40.30
CA PRO A 758 9.65 32.66 -39.00
C PRO A 758 10.24 33.74 -38.08
N ALA A 759 10.01 33.62 -36.76
CA ALA A 759 10.57 34.53 -35.73
C ALA A 759 12.09 34.48 -35.81
N PRO A 760 12.82 35.61 -35.68
CA PRO A 760 14.28 35.62 -35.82
C PRO A 760 15.00 34.64 -34.87
N ARG A 761 16.02 33.94 -35.40
CA ARG A 761 16.79 32.91 -34.66
C ARG A 761 17.80 33.60 -33.74
N VAL A 762 17.90 33.16 -32.48
CA VAL A 762 18.88 33.64 -31.47
C VAL A 762 19.53 32.41 -30.82
N SER B 7 -1.83 20.07 39.98
CA SER B 7 -1.86 20.68 38.61
C SER B 7 -3.06 20.13 37.83
N CYS B 8 -3.93 21.03 37.34
CA CYS B 8 -5.18 20.69 36.60
C CYS B 8 -5.60 21.85 35.69
N VAL B 9 -5.89 21.57 34.43
CA VAL B 9 -6.38 22.55 33.41
C VAL B 9 -7.81 22.14 33.02
N ARG B 10 -8.82 22.88 33.51
CA ARG B 10 -10.26 22.55 33.32
C ARG B 10 -11.02 23.71 32.66
N ASP B 11 -10.77 24.96 33.07
CA ASP B 11 -11.55 26.16 32.63
C ASP B 11 -10.69 27.02 31.71
N PRO B 12 -11.06 27.18 30.41
CA PRO B 12 -10.36 28.09 29.51
C PRO B 12 -10.35 29.56 29.97
N SER B 13 -11.28 29.98 30.82
CA SER B 13 -11.41 31.37 31.34
C SER B 13 -10.30 31.69 32.36
N ASN B 14 -9.58 30.69 32.87
CA ASN B 14 -8.47 30.86 33.86
C ASN B 14 -7.13 31.18 33.17
N TYR B 15 -7.10 31.31 31.84
CA TYR B 15 -5.87 31.49 31.02
C TYR B 15 -6.09 32.57 29.96
N ARG B 16 -4.99 33.15 29.46
CA ARG B 16 -5.00 34.27 28.47
C ARG B 16 -3.69 34.26 27.68
N ASP B 17 -3.62 35.06 26.60
CA ASP B 17 -2.40 35.26 25.79
C ASP B 17 -1.44 36.15 26.59
N ARG B 18 -0.54 35.55 27.35
CA ARG B 18 0.37 36.25 28.30
C ARG B 18 1.42 37.07 27.53
N SER B 19 1.66 36.73 26.25
CA SER B 19 2.58 37.48 25.34
C SER B 19 2.12 38.94 25.18
N ALA B 20 0.84 39.23 25.41
CA ALA B 20 0.28 40.61 25.51
C ALA B 20 1.14 41.47 26.45
N ASP B 21 1.58 40.90 27.58
CA ASP B 21 2.45 41.58 28.58
C ASP B 21 3.73 42.09 27.88
N TRP B 22 4.33 41.28 27.01
CA TRP B 22 5.47 41.72 26.16
C TRP B 22 5.03 42.83 25.21
N TYR B 23 3.91 42.62 24.50
CA TYR B 23 3.43 43.51 23.40
C TYR B 23 3.23 44.94 23.92
N ALA B 24 2.74 45.10 25.16
CA ALA B 24 2.63 46.40 25.86
C ALA B 24 4.05 46.95 26.10
N PHE B 25 4.88 46.18 26.82
CA PHE B 25 6.26 46.56 27.23
C PHE B 25 7.08 47.00 26.01
N TYR B 26 7.02 46.21 24.92
CA TYR B 26 7.65 46.51 23.61
C TYR B 26 7.15 47.87 23.11
N ASP B 27 5.82 48.01 22.96
CA ASP B 27 5.18 49.13 22.23
C ASP B 27 5.58 50.46 22.88
N GLU B 28 5.51 50.54 24.21
CA GLU B 28 5.89 51.76 24.98
C GLU B 28 7.32 52.17 24.58
N ARG B 29 8.29 51.25 24.72
CA ARG B 29 9.72 51.50 24.37
C ARG B 29 9.78 52.09 22.96
N ARG B 30 9.15 51.41 21.99
CA ARG B 30 9.15 51.82 20.55
C ARG B 30 8.67 53.26 20.41
N ARG B 31 7.55 53.63 21.07
CA ARG B 31 7.00 55.00 21.03
C ARG B 31 8.08 55.98 21.50
N LYS B 32 8.70 55.71 22.65
CA LYS B 32 9.79 56.54 23.23
C LYS B 32 10.93 56.70 22.22
N GLU B 33 11.25 55.63 21.48
CA GLU B 33 12.29 55.63 20.41
C GLU B 33 11.86 56.59 19.29
N ILE B 34 10.65 56.43 18.76
CA ILE B 34 10.15 57.19 17.57
C ILE B 34 10.19 58.69 17.88
N ILE B 35 9.62 59.11 19.02
CA ILE B 35 9.62 60.54 19.48
C ILE B 35 11.07 61.05 19.52
N ASP B 36 12.02 60.24 20.00
CA ASP B 36 13.46 60.62 20.05
C ASP B 36 13.96 60.92 18.63
N ILE B 37 13.70 60.03 17.66
CA ILE B 37 14.17 60.17 16.25
C ILE B 37 13.68 61.52 15.71
N ILE B 38 12.37 61.78 15.79
CA ILE B 38 11.73 63.02 15.25
C ILE B 38 12.29 64.23 15.99
N ASP B 39 12.70 64.08 17.26
CA ASP B 39 13.34 65.17 18.06
C ASP B 39 14.78 65.40 17.58
N GLU B 40 15.54 64.34 17.26
CA GLU B 40 16.99 64.42 16.91
C GLU B 40 17.16 64.60 15.38
N HIS B 41 16.15 64.30 14.57
CA HIS B 41 16.19 64.43 13.08
C HIS B 41 14.92 65.13 12.60
N PRO B 42 14.71 66.43 12.95
CA PRO B 42 13.48 67.14 12.59
C PRO B 42 13.26 67.33 11.08
N GLU B 43 14.34 67.33 10.29
CA GLU B 43 14.31 67.51 8.80
C GLU B 43 13.44 66.45 8.12
N ILE B 44 13.39 65.21 8.65
CA ILE B 44 12.71 64.05 8.01
C ILE B 44 11.25 64.43 7.69
N VAL B 45 10.57 65.14 8.60
CA VAL B 45 9.16 65.61 8.44
C VAL B 45 9.08 66.36 7.11
N GLU B 46 9.92 67.39 6.93
CA GLU B 46 9.96 68.22 5.69
C GLU B 46 10.25 67.32 4.49
N GLU B 47 11.19 66.36 4.64
CA GLU B 47 11.53 65.37 3.58
C GLU B 47 10.24 64.68 3.13
N HIS B 48 9.45 64.16 4.07
CA HIS B 48 8.17 63.44 3.79
C HIS B 48 7.18 64.38 3.06
N ALA B 49 7.17 65.67 3.39
CA ALA B 49 6.30 66.68 2.75
C ALA B 49 6.66 66.83 1.26
N ALA B 50 7.96 66.78 0.94
CA ALA B 50 8.49 67.00 -0.43
C ALA B 50 8.10 65.83 -1.36
N ASN B 51 8.19 64.58 -0.89
CA ASN B 51 8.03 63.37 -1.73
C ASN B 51 7.65 62.18 -0.85
N PRO B 52 6.36 62.02 -0.48
CA PRO B 52 5.93 60.91 0.38
C PRO B 52 6.16 59.52 -0.21
N PHE B 53 6.12 59.38 -1.54
CA PHE B 53 6.32 58.12 -2.28
C PHE B 53 7.81 57.74 -2.37
N GLY B 54 8.71 58.72 -2.16
CA GLY B 54 10.17 58.54 -2.36
C GLY B 54 10.53 58.38 -3.82
N TYR B 55 9.68 58.89 -4.72
CA TYR B 55 9.84 58.81 -6.21
C TYR B 55 11.14 59.48 -6.64
N ARG B 56 12.13 58.68 -7.06
CA ARG B 56 13.47 59.14 -7.54
C ARG B 56 14.25 59.86 -6.42
N LYS B 57 13.81 59.74 -5.16
CA LYS B 57 14.46 60.31 -3.95
C LYS B 57 14.05 59.46 -2.75
N HIS B 58 14.79 58.38 -2.50
CA HIS B 58 14.41 57.30 -1.54
C HIS B 58 14.42 57.85 -0.12
N PRO B 59 13.48 57.44 0.77
CA PRO B 59 13.44 57.94 2.15
C PRO B 59 14.76 57.74 2.92
N SER B 60 15.07 58.68 3.83
CA SER B 60 16.22 58.61 4.76
C SER B 60 16.07 57.39 5.67
N PRO B 61 17.17 56.73 6.12
CA PRO B 61 17.07 55.60 7.04
C PRO B 61 16.22 55.86 8.30
N TYR B 62 16.31 57.06 8.87
CA TYR B 62 15.56 57.48 10.08
C TYR B 62 14.07 57.61 9.75
N LEU B 63 13.75 58.26 8.62
CA LEU B 63 12.37 58.35 8.08
C LEU B 63 11.83 56.94 7.81
N GLN B 64 12.66 56.06 7.24
CA GLN B 64 12.29 54.65 6.95
C GLN B 64 12.02 53.90 8.26
N ARG B 65 12.80 54.18 9.32
CA ARG B 65 12.60 53.57 10.67
C ARG B 65 11.22 53.97 11.22
N VAL B 66 10.88 55.26 11.10
CA VAL B 66 9.56 55.82 11.55
C VAL B 66 8.44 55.12 10.75
N HIS B 67 8.60 55.04 9.42
CA HIS B 67 7.67 54.33 8.50
C HIS B 67 7.52 52.86 8.92
N ASN B 68 8.63 52.19 9.23
CA ASN B 68 8.66 50.75 9.63
C ASN B 68 7.81 50.55 10.89
N TYR B 69 7.91 51.47 11.87
CA TYR B 69 7.07 51.43 13.11
C TYR B 69 5.59 51.63 12.73
N PHE B 70 5.28 52.66 11.94
CA PHE B 70 3.89 53.12 11.70
C PHE B 70 3.11 52.13 10.83
N ARG B 71 3.77 51.50 9.83
CA ARG B 71 3.08 50.73 8.76
C ARG B 71 2.66 49.33 9.24
N MET B 72 3.22 48.79 10.32
CA MET B 72 2.96 47.41 10.79
C MET B 72 2.01 47.38 12.00
N GLN B 73 1.29 48.48 12.27
CA GLN B 73 0.37 48.57 13.45
C GLN B 73 -0.88 47.74 13.18
N PRO B 74 -1.61 47.30 14.25
CA PRO B 74 -2.89 46.62 14.08
C PRO B 74 -3.91 47.45 13.27
N THR B 75 -4.68 46.78 12.40
CA THR B 75 -5.64 47.42 11.45
C THR B 75 -6.74 48.15 12.23
N PHE B 76 -7.25 47.56 13.30
CA PHE B 76 -8.33 48.15 14.15
C PHE B 76 -7.80 49.46 14.76
N GLY B 77 -8.38 50.59 14.36
CA GLY B 77 -8.01 51.94 14.82
C GLY B 77 -6.98 52.61 13.92
N ARG B 78 -6.51 51.93 12.87
CA ARG B 78 -5.43 52.47 11.99
C ARG B 78 -6.06 53.39 10.93
N TYR B 79 -5.32 54.41 10.52
CA TYR B 79 -5.76 55.42 9.53
C TYR B 79 -5.52 54.91 8.11
N TYR B 80 -6.40 55.29 7.18
CA TYR B 80 -6.21 55.20 5.71
C TYR B 80 -6.83 56.44 5.05
N ILE B 81 -6.75 56.53 3.72
CA ILE B 81 -7.25 57.70 2.93
C ILE B 81 -8.48 57.25 2.15
N TYR B 82 -9.62 57.94 2.34
CA TYR B 82 -10.89 57.73 1.59
C TYR B 82 -11.00 58.77 0.48
N SER B 83 -11.13 58.33 -0.77
CA SER B 83 -11.31 59.19 -1.96
C SER B 83 -12.80 59.53 -2.11
N GLU B 84 -13.20 60.71 -1.64
CA GLU B 84 -14.59 61.23 -1.74
C GLU B 84 -14.92 61.48 -3.21
N ARG B 85 -14.03 62.19 -3.92
CA ARG B 85 -14.12 62.48 -5.37
C ARG B 85 -12.75 62.22 -6.01
N GLU B 86 -12.72 61.45 -7.10
CA GLU B 86 -11.48 60.97 -7.77
C GLU B 86 -10.67 62.20 -8.23
N TRP B 87 -9.42 62.32 -7.75
CA TRP B 87 -8.46 63.40 -8.14
C TRP B 87 -8.94 64.78 -7.67
N ASP B 88 -9.94 64.87 -6.77
CA ASP B 88 -10.55 66.15 -6.33
C ASP B 88 -10.50 66.26 -4.80
N ALA B 89 -11.08 65.29 -4.07
CA ALA B 89 -11.24 65.34 -2.60
C ALA B 89 -10.83 64.00 -1.95
N TYR B 90 -9.97 64.07 -0.94
CA TYR B 90 -9.56 62.92 -0.07
C TYR B 90 -9.74 63.32 1.39
N ARG B 91 -10.10 62.34 2.24
CA ARG B 91 -10.31 62.51 3.70
C ARG B 91 -9.55 61.39 4.44
N ILE B 92 -9.27 61.60 5.73
CA ILE B 92 -8.60 60.60 6.61
C ILE B 92 -9.71 59.77 7.30
N ALA B 93 -9.66 58.44 7.13
CA ALA B 93 -10.65 57.48 7.66
C ALA B 93 -9.97 56.58 8.71
N THR B 94 -10.74 56.12 9.71
CA THR B 94 -10.29 55.19 10.77
C THR B 94 -11.02 53.85 10.60
N ILE B 95 -10.27 52.74 10.56
CA ILE B 95 -10.82 51.36 10.46
C ILE B 95 -11.52 51.03 11.77
N ARG B 96 -12.74 50.48 11.70
CA ARG B 96 -13.56 50.06 12.86
C ARG B 96 -13.99 48.61 12.65
N GLU B 97 -14.84 48.07 13.54
CA GLU B 97 -15.34 46.66 13.51
C GLU B 97 -16.15 46.43 12.22
N PHE B 98 -16.19 45.18 11.75
CA PHE B 98 -16.98 44.74 10.57
C PHE B 98 -18.45 45.11 10.78
N GLY B 99 -19.07 45.72 9.77
CA GLY B 99 -20.46 46.22 9.82
C GLY B 99 -20.56 47.63 10.37
N GLU B 100 -19.43 48.34 10.51
CA GLU B 100 -19.38 49.79 10.91
C GLU B 100 -18.80 50.59 9.75
N LEU B 101 -19.30 51.82 9.53
CA LEU B 101 -18.71 52.81 8.59
C LEU B 101 -17.45 53.39 9.23
N PRO B 102 -16.44 53.83 8.43
CA PRO B 102 -15.24 54.45 8.99
C PRO B 102 -15.54 55.85 9.53
N GLU B 103 -14.73 56.32 10.49
CA GLU B 103 -14.75 57.72 10.99
C GLU B 103 -13.95 58.58 10.01
N LEU B 104 -14.62 59.47 9.27
CA LEU B 104 -13.99 60.39 8.27
C LEU B 104 -13.60 61.69 8.96
N GLY B 105 -12.45 62.26 8.56
CA GLY B 105 -11.99 63.61 8.97
C GLY B 105 -12.83 64.70 8.33
N ASP B 106 -12.81 65.91 8.89
CA ASP B 106 -13.60 67.07 8.43
C ASP B 106 -12.88 67.76 7.26
N GLU B 107 -11.54 67.84 7.32
CA GLU B 107 -10.70 68.52 6.29
C GLU B 107 -10.65 67.68 5.01
N ARG B 108 -10.71 68.36 3.87
CA ARG B 108 -10.56 67.79 2.51
C ARG B 108 -9.15 68.09 1.99
N PHE B 109 -8.60 67.21 1.15
CA PHE B 109 -7.24 67.33 0.54
C PHE B 109 -7.37 67.22 -0.99
N LYS B 110 -6.67 68.10 -1.72
CA LYS B 110 -6.73 68.17 -3.20
C LYS B 110 -6.03 66.97 -3.84
N THR B 111 -4.92 66.50 -3.26
CA THR B 111 -4.08 65.39 -3.80
C THR B 111 -3.89 64.32 -2.72
N GLU B 112 -3.61 63.08 -3.16
CA GLU B 112 -3.34 61.91 -2.28
C GLU B 112 -2.03 62.12 -1.50
N GLU B 113 -1.03 62.80 -2.08
CA GLU B 113 0.29 63.06 -1.41
C GLU B 113 0.06 63.94 -0.17
N GLU B 114 -0.73 65.00 -0.31
CA GLU B 114 -1.13 65.92 0.79
C GLU B 114 -1.81 65.13 1.91
N ALA B 115 -2.72 64.22 1.55
CA ALA B 115 -3.46 63.34 2.49
C ALA B 115 -2.49 62.44 3.24
N MET B 116 -1.52 61.84 2.54
CA MET B 116 -0.48 60.94 3.15
C MET B 116 0.34 61.73 4.17
N HIS B 117 0.79 62.94 3.83
CA HIS B 117 1.59 63.81 4.74
C HIS B 117 0.75 64.19 5.96
N ALA B 118 -0.54 64.51 5.78
CA ALA B 118 -1.49 64.84 6.86
C ALA B 118 -1.64 63.63 7.81
N VAL B 119 -1.76 62.42 7.24
CA VAL B 119 -1.85 61.14 8.02
C VAL B 119 -0.58 60.97 8.86
N PHE B 120 0.59 61.20 8.25
CA PHE B 120 1.93 61.11 8.91
C PHE B 120 1.96 62.05 10.12
N LEU B 121 1.61 63.33 9.92
CA LEU B 121 1.60 64.38 10.98
C LEU B 121 0.62 63.97 12.10
N ARG B 122 -0.59 63.50 11.73
CA ARG B 122 -1.66 63.11 12.69
C ARG B 122 -1.16 61.94 13.56
N ARG B 123 -0.47 60.96 12.97
CA ARG B 123 0.09 59.79 13.70
C ARG B 123 1.15 60.25 14.69
N ILE B 124 2.04 61.17 14.29
CA ILE B 124 3.10 61.74 15.17
C ILE B 124 2.42 62.46 16.34
N GLU B 125 1.39 63.25 16.08
CA GLU B 125 0.60 64.00 17.12
C GLU B 125 -0.05 63.00 18.08
N ASP B 126 -0.60 61.90 17.57
CA ASP B 126 -1.23 60.83 18.40
C ASP B 126 -0.17 60.21 19.33
N VAL B 127 1.01 59.86 18.80
CA VAL B 127 2.12 59.26 19.60
C VAL B 127 2.54 60.25 20.69
N ARG B 128 2.62 61.55 20.36
CA ARG B 128 2.96 62.63 21.34
C ARG B 128 1.88 62.69 22.42
N ALA B 129 0.59 62.65 22.04
CA ALA B 129 -0.57 62.74 22.94
C ALA B 129 -0.55 61.60 23.96
N GLU B 130 -0.24 60.37 23.51
CA GLU B 130 -0.16 59.15 24.35
C GLU B 130 0.95 59.31 25.39
N LEU B 131 2.07 59.95 25.01
CA LEU B 131 3.25 60.19 25.90
C LEU B 131 3.12 61.58 26.54
N MET C 1 52.80 28.18 8.49
CA MET C 1 52.01 28.29 9.77
C MET C 1 51.90 26.90 10.44
N LYS C 2 51.31 26.85 11.63
CA LYS C 2 51.04 25.61 12.41
C LYS C 2 50.05 24.73 11.61
N ASP C 3 50.47 23.51 11.24
CA ASP C 3 49.66 22.54 10.46
C ASP C 3 49.42 21.28 11.30
N ILE C 4 48.35 20.54 10.97
CA ILE C 4 47.90 19.33 11.71
C ILE C 4 48.73 18.13 11.23
N ALA C 5 49.31 17.38 12.18
CA ALA C 5 50.18 16.20 11.94
C ALA C 5 49.45 14.89 12.21
N ILE C 6 48.48 14.88 13.15
CA ILE C 6 47.75 13.66 13.60
C ILE C 6 46.25 13.95 13.65
N ARG C 7 45.44 12.95 13.30
CA ARG C 7 43.94 12.99 13.37
C ARG C 7 43.43 11.58 13.70
N GLY C 8 42.20 11.49 14.23
CA GLY C 8 41.58 10.20 14.60
C GLY C 8 40.11 10.32 14.91
N TYR C 9 39.45 9.17 15.12
CA TYR C 9 38.01 9.05 15.47
C TYR C 9 37.77 7.73 16.22
N CYS C 10 36.53 7.51 16.65
CA CYS C 10 36.06 6.27 17.33
C CYS C 10 34.85 5.70 16.59
N ASP C 11 34.60 4.40 16.75
CA ASP C 11 33.55 3.63 16.03
C ASP C 11 32.15 4.04 16.49
N ARG C 12 31.99 4.41 17.77
CA ARG C 12 30.67 4.73 18.39
C ARG C 12 30.80 5.90 19.35
N PRO C 13 29.76 6.77 19.48
CA PRO C 13 29.84 7.95 20.34
C PRO C 13 29.81 7.64 21.84
N SER C 14 28.96 6.70 22.29
CA SER C 14 28.74 6.36 23.71
C SER C 14 29.03 4.89 24.00
N VAL C 15 29.42 4.60 25.24
CA VAL C 15 29.81 3.24 25.72
CA VAL C 15 29.79 3.23 25.72
C VAL C 15 29.43 3.13 27.21
N ALA C 16 28.93 1.96 27.63
CA ALA C 16 28.53 1.65 29.02
C ALA C 16 29.61 0.78 29.68
N THR C 17 29.42 0.41 30.95
CA THR C 17 30.39 -0.37 31.75
C THR C 17 30.54 -1.77 31.14
N GLY C 18 31.78 -2.22 30.93
CA GLY C 18 32.12 -3.54 30.37
C GLY C 18 31.96 -3.62 28.85
N GLU C 19 31.69 -2.50 28.18
CA GLU C 19 31.56 -2.42 26.69
C GLU C 19 32.84 -1.83 26.10
N THR C 20 33.17 -2.18 24.85
CA THR C 20 34.44 -1.83 24.17
C THR C 20 34.20 -0.72 23.15
N ILE C 21 35.13 0.25 23.07
CA ILE C 21 35.18 1.35 22.05
C ILE C 21 36.54 1.26 21.35
N ARG C 22 36.54 1.36 20.01
CA ARG C 22 37.74 1.22 19.13
C ARG C 22 38.13 2.61 18.63
N PHE C 23 39.44 2.86 18.44
CA PHE C 23 40.00 4.16 18.02
C PHE C 23 40.87 3.97 16.77
N TYR C 24 40.73 4.88 15.81
CA TYR C 24 41.41 4.88 14.50
C TYR C 24 42.19 6.19 14.37
N VAL C 25 43.49 6.12 14.04
CA VAL C 25 44.42 7.28 14.05
C VAL C 25 45.25 7.27 12.75
N SER C 26 45.39 8.43 12.11
CA SER C 26 46.19 8.63 10.87
C SER C 26 47.15 9.81 11.05
N ALA C 27 48.42 9.61 10.69
CA ALA C 27 49.48 10.66 10.65
C ALA C 27 49.71 11.08 9.19
N ASN C 28 50.35 12.23 8.97
CA ASN C 28 50.66 12.77 7.61
C ASN C 28 51.57 11.79 6.87
N GLU C 29 52.59 11.23 7.55
CA GLU C 29 53.49 10.19 7.00
C GLU C 29 53.67 9.07 8.03
N THR C 30 54.06 7.87 7.58
CA THR C 30 54.41 6.72 8.45
C THR C 30 55.82 6.92 8.99
N ARG C 31 55.92 7.34 10.26
CA ARG C 31 57.13 7.88 10.92
C ARG C 31 56.90 7.92 12.44
N GLY C 32 57.80 7.30 13.23
CA GLY C 32 57.83 7.42 14.70
C GLY C 32 56.64 6.78 15.39
N THR C 33 56.36 7.23 16.63
CA THR C 33 55.21 6.79 17.47
C THR C 33 54.50 8.02 18.04
N PHE C 34 53.30 7.83 18.60
CA PHE C 34 52.49 8.87 19.30
C PHE C 34 52.06 8.34 20.66
N ASP C 35 51.84 9.26 21.61
CA ASP C 35 51.39 8.97 23.01
C ASP C 35 49.87 9.12 23.07
N ALA C 36 49.19 8.15 23.70
CA ALA C 36 47.73 8.15 23.94
C ALA C 36 47.45 8.03 25.44
N GLU C 37 46.58 8.88 25.97
CA GLU C 37 46.11 8.83 27.40
C GLU C 37 44.61 9.15 27.44
N LEU C 38 43.98 8.94 28.60
CA LEU C 38 42.55 9.18 28.86
C LEU C 38 42.39 10.41 29.76
N VAL C 39 41.48 11.32 29.39
CA VAL C 39 41.17 12.55 30.17
C VAL C 39 39.64 12.70 30.28
N ARG C 40 39.19 13.36 31.36
CA ARG C 40 37.77 13.77 31.58
C ARG C 40 37.70 15.28 31.33
N LEU C 41 36.87 15.70 30.37
CA LEU C 41 36.68 17.11 29.97
C LEU C 41 35.82 17.81 31.03
N ILE C 42 36.20 19.03 31.43
CA ILE C 42 35.44 19.84 32.43
C ILE C 42 35.03 21.16 31.78
N HIS C 43 36.00 21.96 31.31
CA HIS C 43 35.78 23.28 30.66
C HIS C 43 36.67 23.38 29.42
N GLY C 44 36.07 23.66 28.25
CA GLY C 44 36.76 23.76 26.95
C GLY C 44 37.20 25.18 26.63
N ASP C 45 36.38 26.18 26.99
CA ASP C 45 36.59 27.61 26.63
C ASP C 45 37.88 28.11 27.30
N SER C 46 38.75 28.77 26.53
CA SER C 46 40.05 29.31 26.98
C SER C 46 40.00 30.85 27.09
N ASN C 47 38.79 31.42 27.20
CA ASN C 47 38.58 32.90 27.29
C ASN C 47 39.20 33.39 28.60
N PRO C 48 40.16 34.35 28.58
CA PRO C 48 40.74 34.92 29.80
C PRO C 48 39.73 35.47 30.82
N ALA C 49 38.57 35.94 30.36
CA ALA C 49 37.45 36.45 31.20
C ALA C 49 36.76 35.32 31.97
N GLY C 50 37.03 34.05 31.64
CA GLY C 50 36.35 32.87 32.21
C GLY C 50 37.29 31.97 33.02
N PRO C 51 36.77 30.82 33.53
CA PRO C 51 37.59 29.88 34.29
C PRO C 51 38.83 29.32 33.55
N GLY C 52 38.75 29.20 32.22
CA GLY C 52 39.82 28.66 31.36
C GLY C 52 39.72 27.16 31.19
N TYR C 53 40.59 26.56 30.36
CA TYR C 53 40.55 25.11 30.01
C TYR C 53 40.78 24.27 31.27
N LYS C 54 40.00 23.18 31.42
CA LYS C 54 40.06 22.26 32.58
C LYS C 54 39.83 20.82 32.12
N GLU C 55 40.76 19.92 32.45
CA GLU C 55 40.65 18.45 32.23
C GLU C 55 41.25 17.70 33.42
N GLU C 56 40.88 16.42 33.58
CA GLU C 56 41.43 15.52 34.61
C GLU C 56 42.00 14.27 33.94
N ALA C 57 43.30 14.02 34.10
CA ALA C 57 44.00 12.78 33.65
C ALA C 57 43.44 11.59 34.44
N ILE C 58 43.17 10.48 33.73
CA ILE C 58 42.60 9.22 34.31
C ILE C 58 43.54 8.07 33.91
N LYS C 59 43.98 7.28 34.90
CA LYS C 59 44.82 6.06 34.70
C LYS C 59 43.97 5.00 34.00
N SER C 60 44.49 4.37 32.95
CA SER C 60 43.82 3.32 32.15
C SER C 60 44.86 2.45 31.42
N ASP C 61 44.43 1.28 30.93
CA ASP C 61 45.24 0.38 30.09
C ASP C 61 45.53 1.05 28.74
N LEU C 62 44.68 2.01 28.32
CA LEU C 62 44.80 2.78 27.05
C LEU C 62 46.12 3.55 26.99
N GLU C 63 46.61 4.07 28.12
CA GLU C 63 47.82 4.94 28.17
C GLU C 63 49.03 4.20 27.62
N GLY C 64 49.81 4.84 26.75
CA GLY C 64 51.08 4.30 26.21
C GLY C 64 51.47 4.89 24.87
N GLN C 65 52.36 4.19 24.14
CA GLN C 65 52.91 4.60 22.82
C GLN C 65 52.41 3.63 21.75
N TYR C 66 52.01 4.16 20.59
CA TYR C 66 51.54 3.38 19.41
C TYR C 66 52.21 3.91 18.14
N PRO C 67 52.53 3.04 17.15
CA PRO C 67 53.17 3.47 15.92
C PRO C 67 52.23 4.39 15.11
N ALA C 68 52.80 5.47 14.56
CA ALA C 68 52.09 6.48 13.73
C ALA C 68 52.24 6.11 12.25
N ARG C 69 51.12 6.06 11.53
CA ARG C 69 51.06 5.59 10.11
C ARG C 69 49.97 6.38 9.37
N PHE C 70 50.16 6.56 8.06
CA PHE C 70 49.16 7.18 7.16
C PHE C 70 48.14 6.11 6.76
N GLN C 71 46.86 6.46 6.83
CA GLN C 71 45.72 5.58 6.45
C GLN C 71 44.91 6.28 5.36
N ARG C 72 44.85 5.68 4.17
CA ARG C 72 44.15 6.24 2.99
C ARG C 72 42.63 6.14 3.23
N THR C 73 41.89 7.16 2.79
CA THR C 73 40.40 7.25 2.89
C THR C 73 39.81 7.20 1.47
N GLN C 74 38.87 6.29 1.22
CA GLN C 74 38.05 6.27 -0.02
C GLN C 74 37.02 7.40 0.09
N PHE C 75 37.07 8.36 -0.84
CA PHE C 75 36.23 9.59 -0.85
C PHE C 75 35.32 9.57 -2.08
N GLY C 76 34.05 9.94 -1.91
CA GLY C 76 33.03 9.96 -2.99
C GLY C 76 32.17 8.71 -2.97
N SER C 77 30.90 8.85 -3.34
CA SER C 77 29.89 7.76 -3.37
C SER C 77 29.93 7.06 -4.73
N TYR C 78 29.65 5.75 -4.75
CA TYR C 78 29.59 4.90 -5.96
C TYR C 78 28.83 3.61 -5.65
N VAL C 79 28.70 2.72 -6.64
CA VAL C 79 28.16 1.34 -6.47
C VAL C 79 29.24 0.34 -6.90
N GLU C 80 29.47 -0.68 -6.08
CA GLU C 80 30.51 -1.73 -6.28
C GLU C 80 29.80 -3.08 -6.48
N VAL C 81 30.07 -3.76 -7.60
CA VAL C 81 29.58 -5.14 -7.88
C VAL C 81 30.79 -6.06 -7.94
N ALA C 82 30.98 -6.87 -6.89
CA ALA C 82 32.06 -7.89 -6.78
C ALA C 82 31.84 -8.95 -7.87
N ASP C 83 32.85 -9.21 -8.69
CA ASP C 83 32.79 -10.18 -9.82
C ASP C 83 34.07 -11.03 -9.81
N PRO C 84 34.18 -12.02 -8.89
CA PRO C 84 35.40 -12.83 -8.77
C PRO C 84 35.73 -13.64 -10.03
N ASP C 85 34.70 -14.13 -10.73
CA ASP C 85 34.82 -15.10 -11.85
C ASP C 85 34.77 -14.36 -13.21
N ALA C 86 34.83 -13.01 -13.20
CA ALA C 86 34.85 -12.15 -14.40
C ALA C 86 33.64 -12.44 -15.29
N GLY C 87 32.47 -12.67 -14.68
CA GLY C 87 31.18 -12.85 -15.37
C GLY C 87 30.80 -11.62 -16.17
N LEU C 88 31.00 -10.43 -15.60
CA LEU C 88 30.70 -9.11 -16.22
C LEU C 88 31.88 -8.62 -17.09
N GLN C 89 32.77 -9.52 -17.51
CA GLN C 89 33.77 -9.27 -18.58
C GLN C 89 33.53 -10.28 -19.71
N PRO C 90 32.63 -9.98 -20.68
CA PRO C 90 32.37 -10.88 -21.82
C PRO C 90 33.58 -11.04 -22.74
N ASP C 91 33.66 -12.17 -23.45
CA ASP C 91 34.77 -12.53 -24.38
C ASP C 91 34.39 -12.18 -25.83
N GLY C 92 33.10 -11.98 -26.12
CA GLY C 92 32.58 -11.67 -27.47
C GLY C 92 31.90 -10.31 -27.52
N ALA C 93 30.88 -10.17 -28.37
CA ALA C 93 30.05 -8.94 -28.51
C ALA C 93 29.36 -8.65 -27.18
N PHE C 94 29.27 -7.39 -26.79
CA PHE C 94 28.50 -6.94 -25.60
C PHE C 94 28.07 -5.48 -25.75
N SER C 95 27.12 -5.07 -24.90
CA SER C 95 26.52 -3.70 -24.89
C SER C 95 26.29 -3.25 -23.44
N VAL C 96 26.33 -1.94 -23.21
CA VAL C 96 26.05 -1.29 -21.89
C VAL C 96 25.04 -0.16 -22.15
N HIS C 97 23.90 -0.18 -21.46
CA HIS C 97 22.86 0.89 -21.53
C HIS C 97 22.62 1.48 -20.13
N LEU C 98 22.38 2.79 -20.07
CA LEU C 98 21.99 3.48 -18.82
C LEU C 98 21.35 4.85 -19.14
N PHE C 99 20.67 5.42 -18.16
CA PHE C 99 20.19 6.82 -18.15
C PHE C 99 21.12 7.63 -17.25
N LEU C 100 21.61 8.79 -17.74
CA LEU C 100 22.55 9.66 -16.99
C LEU C 100 21.97 11.07 -16.91
N TRP C 101 22.31 11.79 -15.83
CA TRP C 101 21.88 13.17 -15.51
C TRP C 101 23.05 13.89 -14.84
N SER C 102 23.90 14.54 -15.66
CA SER C 102 25.23 15.07 -15.26
C SER C 102 25.09 16.49 -14.69
N THR C 103 25.70 16.73 -13.52
CA THR C 103 25.66 18.03 -12.80
C THR C 103 26.93 18.85 -13.09
N THR C 104 28.07 18.19 -13.34
CA THR C 104 29.37 18.86 -13.66
C THR C 104 30.00 18.17 -14.87
N PRO C 105 29.36 18.25 -16.08
CA PRO C 105 29.86 17.54 -17.25
C PRO C 105 31.26 17.95 -17.73
N SER C 106 31.71 19.18 -17.41
CA SER C 106 33.00 19.76 -17.86
C SER C 106 34.07 19.70 -16.76
N ARG C 107 33.84 18.95 -15.67
CA ARG C 107 34.78 18.87 -14.51
C ARG C 107 35.67 17.63 -14.67
N GLY C 108 36.54 17.65 -15.69
CA GLY C 108 37.57 16.62 -15.92
C GLY C 108 36.99 15.27 -16.32
N ARG C 109 37.77 14.19 -16.14
CA ARG C 109 37.39 12.81 -16.52
C ARG C 109 36.55 12.19 -15.39
N GLN C 110 35.35 11.70 -15.73
CA GLN C 110 34.36 11.13 -14.78
C GLN C 110 33.88 9.78 -15.32
N GLY C 111 34.22 8.68 -14.63
CA GLY C 111 33.77 7.32 -14.99
C GLY C 111 32.30 7.13 -14.68
N ILE C 112 31.49 6.75 -15.68
CA ILE C 112 30.01 6.55 -15.55
C ILE C 112 29.76 5.11 -15.07
N ALA C 113 30.27 4.11 -15.81
CA ALA C 113 30.16 2.67 -15.51
C ALA C 113 31.32 1.91 -16.14
N SER C 114 32.00 1.04 -15.38
CA SER C 114 33.29 0.41 -15.79
C SER C 114 33.55 -0.92 -15.09
N ARG C 115 34.20 -1.84 -15.81
CA ARG C 115 35.04 -2.93 -15.25
C ARG C 115 36.46 -2.70 -15.82
N TRP C 116 37.24 -1.86 -15.14
CA TRP C 116 38.42 -1.16 -15.72
C TRP C 116 39.59 -1.15 -14.74
N ASN C 117 40.79 -1.44 -15.24
CA ASN C 117 42.08 -1.28 -14.53
C ASN C 117 42.82 -0.10 -15.17
N ASP C 118 42.93 1.02 -14.45
CA ASP C 118 43.52 2.29 -14.95
C ASP C 118 45.05 2.20 -14.98
N GLU C 119 45.65 1.41 -14.08
CA GLU C 119 47.12 1.18 -14.02
C GLU C 119 47.56 0.47 -15.31
N ARG C 120 46.87 -0.61 -15.70
CA ARG C 120 47.20 -1.45 -16.88
C ARG C 120 46.40 -1.02 -18.11
N GLN C 121 45.36 -0.17 -17.96
CA GLN C 121 44.45 0.27 -19.04
C GLN C 121 43.79 -0.97 -19.66
N SER C 122 43.23 -1.86 -18.84
CA SER C 122 42.60 -3.14 -19.26
C SER C 122 41.10 -3.16 -18.88
N GLY C 123 40.30 -3.90 -19.65
CA GLY C 123 38.84 -4.05 -19.45
C GLY C 123 38.04 -3.09 -20.31
N TRP C 124 36.89 -2.64 -19.82
CA TRP C 124 35.99 -1.70 -20.52
C TRP C 124 35.51 -0.61 -19.56
N ASN C 125 35.22 0.58 -20.09
CA ASN C 125 34.69 1.73 -19.31
C ASN C 125 33.85 2.64 -20.21
N LEU C 126 32.81 3.26 -19.62
CA LEU C 126 32.02 4.37 -20.20
C LEU C 126 32.21 5.58 -19.27
N ALA C 127 32.81 6.66 -19.78
CA ALA C 127 33.24 7.84 -18.99
C ALA C 127 32.88 9.13 -19.71
N ILE C 128 33.05 10.26 -19.02
CA ILE C 128 32.93 11.64 -19.59
C ILE C 128 34.34 12.22 -19.69
N GLU C 129 34.78 12.56 -20.91
CA GLU C 129 36.10 13.20 -21.19
C GLU C 129 35.85 14.44 -22.06
N ASP C 130 36.39 15.60 -21.64
CA ASP C 130 36.22 16.90 -22.34
C ASP C 130 34.72 17.16 -22.58
N GLY C 131 33.88 16.85 -21.59
CA GLY C 131 32.42 17.04 -21.63
C GLY C 131 31.71 16.21 -22.69
N ARG C 132 32.27 15.04 -23.05
CA ARG C 132 31.69 14.11 -24.06
CA ARG C 132 31.70 14.11 -24.06
C ARG C 132 31.69 12.69 -23.49
N VAL C 133 30.65 11.90 -23.81
CA VAL C 133 30.55 10.47 -23.42
C VAL C 133 31.51 9.68 -24.32
N VAL C 134 32.38 8.87 -23.72
CA VAL C 134 33.40 8.04 -24.43
C VAL C 134 33.27 6.59 -23.95
N PHE C 135 33.24 5.64 -24.90
CA PHE C 135 33.21 4.17 -24.63
C PHE C 135 34.57 3.60 -25.05
N THR C 136 35.29 2.99 -24.11
CA THR C 136 36.70 2.55 -24.27
C THR C 136 36.86 1.08 -23.84
N ILE C 137 37.68 0.32 -24.58
CA ILE C 137 38.16 -1.04 -24.21
C ILE C 137 39.69 -1.04 -24.28
N GLY C 138 40.33 -1.94 -23.52
CA GLY C 138 41.79 -2.09 -23.43
C GLY C 138 42.20 -3.52 -23.09
N ASP C 139 43.32 -3.98 -23.65
CA ASP C 139 43.82 -5.38 -23.56
C ASP C 139 44.90 -5.50 -22.49
N GLY C 140 45.28 -4.41 -21.82
CA GLY C 140 46.28 -4.40 -20.74
C GLY C 140 47.70 -4.15 -21.20
N SER C 141 47.93 -4.05 -22.52
CA SER C 141 49.27 -3.78 -23.13
C SER C 141 49.56 -2.27 -23.18
N GLY C 142 48.61 -1.43 -22.75
CA GLY C 142 48.68 0.04 -22.85
C GLY C 142 47.89 0.57 -24.04
N ALA C 143 47.69 -0.25 -25.07
CA ALA C 143 46.87 0.05 -26.27
C ALA C 143 45.38 -0.03 -25.92
N THR C 144 44.60 0.98 -26.31
CA THR C 144 43.13 1.08 -26.07
C THR C 144 42.42 1.50 -27.36
N SER C 145 41.15 1.11 -27.48
CA SER C 145 40.21 1.49 -28.57
C SER C 145 39.03 2.24 -27.97
N SER C 146 38.71 3.43 -28.50
CA SER C 146 37.68 4.35 -27.96
C SER C 146 36.73 4.82 -29.08
N VAL C 147 35.49 5.12 -28.73
CA VAL C 147 34.49 5.82 -29.59
C VAL C 147 33.95 7.02 -28.80
N VAL C 148 33.95 8.21 -29.41
CA VAL C 148 33.67 9.52 -28.76
C VAL C 148 32.43 10.14 -29.40
N SER C 149 31.48 10.59 -28.59
CA SER C 149 30.25 11.31 -29.04
C SER C 149 30.64 12.69 -29.60
N ASP C 150 29.91 13.13 -30.62
CA ASP C 150 30.10 14.43 -31.31
C ASP C 150 29.13 15.49 -30.74
N ARG C 151 28.30 15.12 -29.75
CA ARG C 151 27.37 16.03 -29.05
C ARG C 151 27.74 16.11 -27.57
N PRO C 152 28.44 17.18 -27.11
CA PRO C 152 28.75 17.35 -25.69
C PRO C 152 27.48 17.44 -24.81
N LEU C 153 27.54 16.88 -23.61
CA LEU C 153 26.38 16.79 -22.66
C LEU C 153 26.02 18.18 -22.15
N PHE C 154 24.71 18.47 -22.06
CA PHE C 154 24.16 19.66 -21.36
C PHE C 154 24.01 19.32 -19.87
N GLN C 155 24.25 20.32 -19.00
CA GLN C 155 24.21 20.17 -17.52
C GLN C 155 22.77 19.86 -17.08
N GLN C 156 22.60 18.83 -16.25
CA GLN C 156 21.32 18.42 -15.61
C GLN C 156 20.25 18.19 -16.68
N ILE C 157 20.61 17.46 -17.75
CA ILE C 157 19.68 16.97 -18.81
C ILE C 157 19.75 15.45 -18.81
N TRP C 158 18.60 14.78 -18.78
CA TRP C 158 18.51 13.30 -18.82
C TRP C 158 18.89 12.81 -20.22
N TYR C 159 19.79 11.81 -20.29
CA TYR C 159 20.27 11.17 -21.53
C TYR C 159 20.12 9.65 -21.43
N SER C 160 19.78 9.00 -22.53
CA SER C 160 19.88 7.53 -22.74
C SER C 160 21.17 7.24 -23.51
N ILE C 161 22.06 6.42 -22.92
CA ILE C 161 23.41 6.13 -23.47
C ILE C 161 23.52 4.61 -23.71
N THR C 162 23.96 4.22 -24.91
CA THR C 162 24.27 2.81 -25.28
C THR C 162 25.67 2.75 -25.90
N GLY C 163 26.57 1.95 -25.29
CA GLY C 163 27.89 1.60 -25.83
C GLY C 163 27.91 0.14 -26.28
N VAL C 164 28.39 -0.13 -27.49
CA VAL C 164 28.36 -1.48 -28.13
C VAL C 164 29.76 -1.85 -28.61
N TYR C 165 30.22 -3.06 -28.28
CA TYR C 165 31.42 -3.71 -28.86
C TYR C 165 30.96 -4.86 -29.76
N ASP C 166 31.31 -4.79 -31.06
CA ASP C 166 30.91 -5.74 -32.11
C ASP C 166 32.18 -6.29 -32.77
N PRO C 167 32.75 -7.43 -32.29
CA PRO C 167 33.94 -8.02 -32.91
C PRO C 167 33.72 -8.53 -34.34
N GLU C 168 32.51 -8.96 -34.69
CA GLU C 168 32.16 -9.48 -36.05
C GLU C 168 32.35 -8.35 -37.07
N LYS C 169 31.90 -7.13 -36.74
CA LYS C 169 32.10 -5.90 -37.57
C LYS C 169 33.42 -5.20 -37.17
N LYS C 170 34.11 -5.68 -36.13
CA LYS C 170 35.35 -5.10 -35.55
C LYS C 170 35.11 -3.60 -35.27
N GLN C 171 34.04 -3.29 -34.53
CA GLN C 171 33.51 -1.92 -34.36
C GLN C 171 33.21 -1.62 -32.88
N LEU C 172 33.34 -0.35 -32.50
CA LEU C 172 32.73 0.25 -31.29
C LEU C 172 31.66 1.26 -31.74
N ARG C 173 30.46 1.19 -31.17
CA ARG C 173 29.33 2.10 -31.50
C ARG C 173 28.84 2.79 -30.23
N LEU C 174 28.37 4.04 -30.36
CA LEU C 174 27.81 4.85 -29.25
C LEU C 174 26.52 5.51 -29.73
N TYR C 175 25.43 5.34 -28.97
CA TYR C 175 24.10 5.96 -29.22
C TYR C 175 23.77 6.86 -28.03
N GLN C 176 23.43 8.13 -28.30
CA GLN C 176 23.07 9.17 -27.29
C GLN C 176 21.75 9.80 -27.70
N LYS C 177 20.77 9.85 -26.79
CA LYS C 177 19.43 10.46 -27.02
C LYS C 177 18.98 11.21 -25.77
N SER C 178 18.61 12.49 -25.92
CA SER C 178 17.95 13.30 -24.87
C SER C 178 16.53 12.75 -24.62
N VAL C 179 16.16 12.59 -23.35
CA VAL C 179 14.85 12.02 -22.92
C VAL C 179 14.16 13.04 -22.00
N VAL C 180 14.34 14.33 -22.30
CA VAL C 180 13.77 15.48 -21.53
C VAL C 180 12.25 15.36 -21.55
N ASN C 181 11.61 15.59 -20.39
CA ASN C 181 10.14 15.75 -20.25
C ASN C 181 9.88 17.08 -19.54
N ARG C 182 8.65 17.31 -19.08
CA ARG C 182 8.18 18.60 -18.51
C ARG C 182 8.92 18.91 -17.19
N THR C 183 9.26 17.88 -16.40
CA THR C 183 9.61 18.05 -14.96
C THR C 183 10.97 17.42 -14.57
N ASN C 184 11.65 16.67 -15.45
CA ASN C 184 12.81 15.81 -15.05
C ASN C 184 14.16 16.53 -15.27
N SER C 185 14.22 17.55 -16.13
CA SER C 185 15.48 18.18 -16.60
C SER C 185 15.56 19.64 -16.15
N ARG C 186 16.71 20.28 -16.38
CA ARG C 186 17.00 21.70 -16.04
C ARG C 186 16.02 22.61 -16.80
N PHE C 187 15.93 22.45 -18.13
CA PHE C 187 15.01 23.21 -19.02
C PHE C 187 13.98 22.25 -19.65
N GLY C 188 12.88 22.81 -20.14
CA GLY C 188 11.68 22.07 -20.59
C GLY C 188 11.70 21.78 -22.08
N LEU C 189 10.52 21.49 -22.64
CA LEU C 189 10.32 21.00 -24.03
C LEU C 189 10.33 22.17 -25.03
N VAL C 190 10.29 23.42 -24.56
CA VAL C 190 10.30 24.65 -25.41
C VAL C 190 11.67 24.80 -26.09
N VAL C 191 12.74 24.29 -25.47
CA VAL C 191 14.14 24.40 -26.00
C VAL C 191 14.28 23.42 -27.17
N PRO C 192 14.62 23.89 -28.38
CA PRO C 192 14.82 23.00 -29.53
C PRO C 192 16.18 22.29 -29.45
N LEU C 193 16.32 21.37 -28.50
CA LEU C 193 17.59 20.66 -28.18
C LEU C 193 17.89 19.65 -29.28
N ASP C 194 19.15 19.63 -29.76
CA ASP C 194 19.68 18.64 -30.73
C ASP C 194 20.96 18.04 -30.14
N SER C 195 20.82 17.00 -29.32
CA SER C 195 21.93 16.29 -28.63
C SER C 195 21.92 14.78 -28.93
N ASP C 196 21.14 14.33 -29.93
CA ASP C 196 21.10 12.92 -30.35
C ASP C 196 22.27 12.65 -31.30
N CYS C 197 22.87 11.45 -31.22
CA CYS C 197 23.98 11.02 -32.11
C CYS C 197 24.13 9.49 -32.13
N ALA C 198 24.64 8.95 -33.24
CA ALA C 198 25.06 7.55 -33.44
C ALA C 198 26.43 7.54 -34.12
N VAL C 199 27.49 7.16 -33.40
CA VAL C 199 28.91 7.28 -33.85
C VAL C 199 29.55 5.88 -33.84
N SER C 200 30.44 5.62 -34.80
CA SER C 200 31.19 4.35 -34.95
C SER C 200 32.70 4.62 -34.99
N ALA C 201 33.49 3.67 -34.49
CA ALA C 201 34.98 3.69 -34.51
C ALA C 201 35.52 2.26 -34.67
N ASP C 202 36.76 2.13 -35.15
CA ASP C 202 37.42 0.82 -35.39
C ASP C 202 37.93 0.28 -34.06
N ALA C 203 37.62 -1.00 -33.76
CA ALA C 203 38.12 -1.74 -32.58
C ALA C 203 39.35 -2.56 -33.01
N THR C 204 40.54 -2.19 -32.50
CA THR C 204 41.85 -2.79 -32.85
C THR C 204 42.35 -3.73 -31.74
N VAL C 205 41.80 -3.64 -30.53
CA VAL C 205 42.19 -4.49 -29.36
C VAL C 205 40.96 -5.24 -28.86
N LYS C 206 41.14 -6.16 -27.90
CA LYS C 206 40.07 -6.92 -27.22
C LYS C 206 40.06 -6.57 -25.73
N ALA C 207 38.88 -6.57 -25.11
CA ALA C 207 38.69 -6.28 -23.68
C ALA C 207 39.22 -7.44 -22.84
N ALA C 208 40.30 -7.21 -22.07
CA ALA C 208 40.95 -8.19 -21.17
C ALA C 208 40.30 -8.11 -19.77
N ASP C 209 40.54 -9.11 -18.93
CA ASP C 209 40.08 -9.12 -17.51
C ASP C 209 40.86 -8.05 -16.74
N SER C 210 40.16 -7.08 -16.15
CA SER C 210 40.75 -5.95 -15.39
C SER C 210 41.21 -6.41 -14.00
N GLU C 211 40.68 -7.54 -13.50
CA GLU C 211 40.94 -8.07 -12.12
C GLU C 211 40.48 -7.04 -11.08
N THR C 212 39.39 -6.34 -11.37
CA THR C 212 38.72 -5.37 -10.45
C THR C 212 37.22 -5.69 -10.40
N SER C 213 36.51 -5.14 -9.43
CA SER C 213 35.02 -5.19 -9.31
C SER C 213 34.43 -4.14 -10.27
N LEU C 214 33.22 -4.40 -10.77
CA LEU C 214 32.47 -3.44 -11.63
C LEU C 214 32.05 -2.24 -10.77
N LEU C 215 32.17 -1.02 -11.32
CA LEU C 215 31.85 0.24 -10.60
C LEU C 215 30.80 1.04 -11.39
N ILE C 216 29.80 1.57 -10.67
CA ILE C 216 28.88 2.64 -11.18
C ILE C 216 29.33 3.95 -10.53
N ALA C 217 29.59 4.97 -11.35
CA ALA C 217 30.06 6.33 -10.98
C ALA C 217 31.52 6.27 -10.48
N GLY C 218 32.41 5.60 -11.24
CA GLY C 218 33.85 5.56 -10.93
C GLY C 218 34.64 4.62 -11.84
N LEU C 219 35.97 4.66 -11.72
CA LEU C 219 36.95 3.78 -12.44
C LEU C 219 37.84 3.08 -11.42
N GLY C 220 38.20 1.81 -11.68
CA GLY C 220 39.15 1.04 -10.86
C GLY C 220 40.56 1.60 -11.01
N GLU C 221 41.23 1.89 -9.90
CA GLU C 221 42.59 2.48 -9.88
C GLU C 221 43.61 1.44 -10.36
N ALA C 222 43.54 0.22 -9.81
CA ALA C 222 44.47 -0.90 -10.10
C ALA C 222 43.84 -2.24 -9.70
N ALA C 223 44.56 -3.34 -9.91
CA ALA C 223 44.17 -4.71 -9.52
C ALA C 223 43.84 -4.74 -8.01
N ALA C 224 42.72 -5.36 -7.65
CA ALA C 224 42.20 -5.43 -6.26
C ALA C 224 43.22 -6.13 -5.36
N GLN C 225 43.61 -5.48 -4.26
CA GLN C 225 44.52 -6.03 -3.22
C GLN C 225 43.69 -6.35 -1.97
N ASP C 226 43.75 -7.60 -1.51
CA ASP C 226 42.97 -8.13 -0.35
C ASP C 226 41.46 -7.90 -0.61
N GLY C 227 41.03 -8.02 -1.87
CA GLY C 227 39.63 -7.88 -2.30
C GLY C 227 39.05 -6.49 -2.09
N ARG C 228 39.85 -5.44 -2.30
CA ARG C 228 39.39 -4.02 -2.28
C ARG C 228 39.78 -3.33 -3.58
N THR C 229 38.79 -2.79 -4.31
CA THR C 229 38.99 -1.98 -5.54
C THR C 229 38.84 -0.49 -5.17
N TRP C 230 39.96 0.25 -5.18
CA TRP C 230 39.97 1.72 -4.98
C TRP C 230 39.31 2.39 -6.19
N CYS C 231 38.37 3.30 -5.94
CA CYS C 231 37.55 4.01 -6.95
C CYS C 231 38.13 5.40 -7.19
N ILE C 232 38.42 5.74 -8.45
CA ILE C 232 38.96 7.07 -8.89
C ILE C 232 38.10 7.61 -10.03
N ALA C 233 38.33 8.87 -10.43
CA ALA C 233 37.58 9.61 -11.48
C ALA C 233 36.08 9.56 -11.15
N HIS C 234 35.71 10.14 -10.00
CA HIS C 234 34.34 10.08 -9.41
C HIS C 234 33.38 10.90 -10.28
N TYR C 235 32.18 10.36 -10.54
CA TYR C 235 31.10 10.99 -11.35
C TYR C 235 30.18 11.80 -10.42
N ASN C 236 29.68 12.92 -10.92
CA ASN C 236 28.73 13.82 -10.22
C ASN C 236 27.40 13.81 -10.99
N GLY C 237 26.31 13.41 -10.33
CA GLY C 237 24.94 13.43 -10.89
C GLY C 237 24.23 12.09 -10.69
N LYS C 238 23.15 11.86 -11.45
CA LYS C 238 22.26 10.69 -11.28
C LYS C 238 22.53 9.65 -12.36
N VAL C 239 22.51 8.36 -11.97
CA VAL C 239 22.49 7.19 -12.89
C VAL C 239 21.20 6.40 -12.62
N ASP C 240 20.53 5.94 -13.68
CA ASP C 240 19.22 5.24 -13.61
C ASP C 240 19.25 4.01 -14.53
N ALA C 241 19.02 2.83 -13.96
CA ALA C 241 18.80 1.53 -14.64
C ALA C 241 19.97 1.17 -15.55
N PRO C 242 21.22 1.01 -15.02
CA PRO C 242 22.33 0.49 -15.81
C PRO C 242 22.18 -1.03 -16.06
N LYS C 243 22.51 -1.49 -17.28
CA LYS C 243 22.39 -2.92 -17.68
C LYS C 243 23.48 -3.27 -18.70
N ILE C 244 23.88 -4.55 -18.73
CA ILE C 244 24.89 -5.11 -19.68
C ILE C 244 24.20 -6.24 -20.46
N TYR C 245 24.41 -6.27 -21.79
CA TYR C 245 23.89 -7.30 -22.72
C TYR C 245 25.07 -8.11 -23.28
N GLY C 246 24.89 -9.42 -23.44
CA GLY C 246 25.91 -10.35 -23.97
C GLY C 246 25.90 -10.42 -25.50
N CYS C 247 25.22 -9.49 -26.17
CA CYS C 247 25.13 -9.38 -27.65
C CYS C 247 25.45 -7.94 -28.08
N ALA C 248 25.52 -7.71 -29.40
CA ALA C 248 25.72 -6.38 -30.03
C ALA C 248 24.35 -5.80 -30.41
N LEU C 249 23.96 -4.67 -29.81
CA LEU C 249 22.64 -4.01 -30.02
C LEU C 249 22.73 -3.04 -31.22
N GLY C 250 21.59 -2.87 -31.92
CA GLY C 250 21.44 -1.98 -33.08
C GLY C 250 20.82 -0.65 -32.70
N GLN C 251 20.43 0.14 -33.70
CA GLN C 251 19.84 1.50 -33.52
C GLN C 251 18.42 1.36 -32.96
N ASP C 252 17.62 0.45 -33.51
CA ASP C 252 16.22 0.16 -33.08
C ASP C 252 16.20 -0.30 -31.61
N ASP C 253 17.15 -1.14 -31.19
CA ASP C 253 17.30 -1.63 -29.79
C ASP C 253 17.57 -0.44 -28.87
N ALA C 254 18.49 0.46 -29.26
CA ALA C 254 18.83 1.70 -28.53
C ALA C 254 17.59 2.60 -28.42
N GLU C 255 16.81 2.72 -29.50
CA GLU C 255 15.57 3.54 -29.57
C GLU C 255 14.53 2.99 -28.57
N LYS C 256 14.34 1.66 -28.53
CA LYS C 256 13.39 1.00 -27.60
C LYS C 256 13.89 1.14 -26.16
N LEU C 257 15.21 1.03 -25.94
CA LEU C 257 15.84 1.17 -24.58
C LEU C 257 15.62 2.60 -24.06
N SER C 258 15.70 3.61 -24.93
CA SER C 258 15.55 5.05 -24.56
C SER C 258 14.12 5.35 -24.06
N ARG C 259 13.13 4.53 -24.45
CA ARG C 259 11.69 4.72 -24.06
C ARG C 259 11.34 3.85 -22.83
N GLY C 260 12.30 3.10 -22.28
CA GLY C 260 12.15 2.35 -21.02
C GLY C 260 11.72 0.90 -21.22
N GLU C 261 11.74 0.39 -22.46
CA GLU C 261 11.45 -1.04 -22.76
C GLU C 261 12.70 -1.88 -22.45
N ILE C 262 12.50 -3.05 -21.84
CA ILE C 262 13.57 -4.04 -21.54
C ILE C 262 13.67 -4.99 -22.74
N VAL C 263 14.55 -4.67 -23.70
CA VAL C 263 14.73 -5.43 -24.97
C VAL C 263 15.54 -6.70 -24.67
N ARG C 264 15.30 -7.77 -25.45
CA ARG C 264 16.04 -9.06 -25.40
C ARG C 264 16.33 -9.48 -23.96
N PRO C 265 15.30 -9.69 -23.11
CA PRO C 265 15.52 -9.94 -21.68
C PRO C 265 16.44 -11.13 -21.39
N ILE C 266 16.35 -12.18 -22.21
CA ILE C 266 17.17 -13.42 -22.09
C ILE C 266 18.67 -13.09 -22.27
N SER C 267 19.01 -12.06 -23.05
CA SER C 267 20.41 -11.70 -23.43
C SER C 267 21.12 -10.87 -22.34
N ARG C 268 20.41 -10.37 -21.32
CA ARG C 268 21.00 -9.55 -20.22
C ARG C 268 22.01 -10.39 -19.44
N LEU C 269 23.18 -9.83 -19.12
CA LEU C 269 24.19 -10.43 -18.20
C LEU C 269 23.95 -9.91 -16.78
N ALA C 270 23.65 -8.61 -16.64
CA ALA C 270 23.23 -7.96 -15.37
C ALA C 270 22.28 -6.79 -15.67
N HIS C 271 21.40 -6.48 -14.72
CA HIS C 271 20.46 -5.32 -14.76
C HIS C 271 20.17 -4.87 -13.33
N TRP C 272 20.75 -3.75 -12.90
CA TRP C 272 20.62 -3.19 -11.54
C TRP C 272 19.42 -2.23 -11.48
N ASP C 273 18.37 -2.61 -10.76
CA ASP C 273 17.18 -1.76 -10.49
C ASP C 273 17.36 -1.11 -9.12
N PHE C 274 17.73 0.18 -9.08
CA PHE C 274 18.00 0.94 -7.84
C PHE C 274 16.70 1.12 -7.03
N SER C 275 15.52 1.03 -7.66
CA SER C 275 14.20 1.17 -7.00
C SER C 275 13.78 -0.13 -6.29
N ALA C 276 14.38 -1.28 -6.65
CA ALA C 276 14.07 -2.59 -6.01
C ALA C 276 14.42 -2.54 -4.53
N GLY C 277 13.41 -2.66 -3.66
CA GLY C 277 13.55 -2.60 -2.19
C GLY C 277 12.79 -1.45 -1.55
N ILE C 278 12.13 -0.59 -2.35
CA ILE C 278 11.26 0.51 -1.83
C ILE C 278 9.95 -0.10 -1.30
N GLY C 279 9.60 0.21 -0.06
CA GLY C 279 8.33 -0.20 0.60
C GLY C 279 7.73 0.96 1.38
N LEU C 280 6.74 0.65 2.24
CA LEU C 280 6.05 1.65 3.10
C LEU C 280 7.04 2.27 4.09
N ASN C 281 8.14 1.59 4.40
CA ASN C 281 9.21 2.05 5.33
C ASN C 281 10.42 2.60 4.55
N GLY C 282 10.25 2.97 3.28
CA GLY C 282 11.34 3.48 2.41
C GLY C 282 12.27 2.37 1.95
N ILE C 283 13.57 2.68 1.79
CA ILE C 283 14.61 1.71 1.34
C ILE C 283 15.84 1.87 2.24
N PRO C 284 15.78 1.41 3.50
CA PRO C 284 16.90 1.52 4.43
C PRO C 284 17.93 0.39 4.25
N THR C 285 18.64 0.38 3.11
CA THR C 285 19.65 -0.65 2.77
C THR C 285 20.66 -0.11 1.75
N ASP C 286 21.84 -0.73 1.69
CA ASP C 286 22.90 -0.47 0.68
C ASP C 286 22.86 -1.57 -0.39
N HIS C 287 22.00 -2.58 -0.24
CA HIS C 287 21.89 -3.72 -1.18
C HIS C 287 21.25 -3.24 -2.48
N VAL C 288 21.93 -3.45 -3.61
CA VAL C 288 21.39 -3.15 -4.98
C VAL C 288 21.04 -4.50 -5.63
N VAL C 289 19.78 -4.66 -6.05
CA VAL C 289 19.23 -5.93 -6.60
C VAL C 289 19.61 -6.03 -8.08
N ASP C 290 20.14 -7.19 -8.48
CA ASP C 290 20.34 -7.57 -9.90
C ASP C 290 19.03 -8.17 -10.41
N ALA C 291 18.35 -7.44 -11.31
CA ALA C 291 16.99 -7.77 -11.81
C ALA C 291 17.06 -8.72 -13.01
N SER C 292 18.25 -9.13 -13.46
CA SER C 292 18.42 -10.09 -14.60
C SER C 292 18.37 -11.54 -14.11
N GLY C 293 18.36 -11.76 -12.79
CA GLY C 293 18.30 -13.10 -12.16
C GLY C 293 19.59 -13.89 -12.39
N TYR C 294 20.74 -13.25 -12.27
CA TYR C 294 22.09 -13.88 -12.34
C TYR C 294 22.91 -13.58 -11.07
N GLY C 295 22.31 -12.93 -10.07
CA GLY C 295 22.87 -12.75 -8.71
C GLY C 295 24.13 -11.90 -8.69
N HIS C 296 24.29 -10.96 -9.63
CA HIS C 296 25.39 -9.96 -9.62
C HIS C 296 24.94 -8.74 -8.82
N HIS C 297 24.61 -8.94 -7.54
CA HIS C 297 24.09 -7.88 -6.62
C HIS C 297 25.20 -6.87 -6.35
N GLY C 298 24.84 -5.59 -6.17
CA GLY C 298 25.76 -4.47 -5.92
C GLY C 298 25.70 -3.98 -4.48
N ARG C 299 26.60 -3.07 -4.12
CA ARG C 299 26.65 -2.42 -2.80
C ARG C 299 26.88 -0.92 -2.99
N CYS C 300 26.03 -0.08 -2.39
CA CYS C 300 26.23 1.40 -2.31
C CYS C 300 27.40 1.68 -1.37
N MET C 301 28.28 2.62 -1.76
CA MET C 301 29.50 2.99 -0.99
C MET C 301 29.54 4.51 -0.81
N ASN C 302 29.74 4.96 0.44
CA ASN C 302 29.76 6.39 0.86
C ASN C 302 28.36 7.01 0.70
N GLN C 303 27.30 6.21 0.82
CA GLN C 303 25.88 6.66 0.93
C GLN C 303 25.51 7.61 -0.21
N PRO C 304 25.31 7.10 -1.45
CA PRO C 304 24.65 7.89 -2.50
C PRO C 304 23.17 8.10 -2.15
N SER C 305 22.59 9.20 -2.63
CA SER C 305 21.19 9.61 -2.36
C SER C 305 20.23 8.62 -3.02
N ARG C 306 19.54 7.80 -2.22
CA ARG C 306 18.48 6.85 -2.67
C ARG C 306 17.12 7.56 -2.60
N GLY C 307 16.12 7.01 -3.29
CA GLY C 307 14.80 7.63 -3.49
C GLY C 307 14.93 8.95 -4.25
N SER C 308 15.79 9.00 -5.26
CA SER C 308 16.03 10.18 -6.13
C SER C 308 15.12 10.10 -7.35
N THR C 309 14.61 11.26 -7.81
CA THR C 309 13.71 11.37 -9.00
C THR C 309 14.47 10.83 -10.21
N GLY C 310 13.79 10.00 -11.01
CA GLY C 310 14.37 9.25 -12.14
C GLY C 310 14.17 9.94 -13.47
N TRP C 311 14.52 9.24 -14.57
CA TRP C 311 14.45 9.76 -15.96
C TRP C 311 13.00 9.99 -16.39
N ASN C 312 12.05 9.20 -15.85
CA ASN C 312 10.63 9.16 -16.29
C ASN C 312 9.72 9.82 -15.25
N TRP C 313 10.27 10.62 -14.32
CA TRP C 313 9.51 11.29 -13.24
C TRP C 313 8.69 12.44 -13.85
N ASP C 314 7.36 12.30 -13.90
CA ASP C 314 6.42 13.27 -14.51
C ASP C 314 5.82 14.20 -13.44
N GLY C 315 6.14 13.97 -12.16
CA GLY C 315 5.77 14.85 -11.03
C GLY C 315 4.33 14.71 -10.57
N HIS C 316 3.62 13.64 -10.98
CA HIS C 316 2.22 13.36 -10.53
C HIS C 316 2.24 12.89 -9.07
N GLU C 317 3.29 12.16 -8.67
CA GLU C 317 3.50 11.66 -7.29
C GLU C 317 4.89 12.13 -6.80
N GLU C 318 4.95 12.71 -5.60
CA GLU C 318 6.18 13.32 -5.03
C GLU C 318 6.69 12.51 -3.82
N ASN C 319 6.06 11.37 -3.50
CA ASN C 319 6.55 10.42 -2.47
C ASN C 319 7.03 9.15 -3.16
N PHE C 320 8.30 8.78 -2.96
CA PHE C 320 8.97 7.65 -3.65
C PHE C 320 8.39 6.31 -3.19
N ILE C 321 7.75 6.24 -2.01
CA ILE C 321 7.14 4.97 -1.49
C ILE C 321 5.84 4.67 -2.23
N HIS C 322 5.24 5.65 -2.93
CA HIS C 322 3.94 5.46 -3.64
C HIS C 322 4.15 5.35 -5.17
N CYS C 323 5.32 5.72 -5.70
CA CYS C 323 5.65 5.64 -7.15
C CYS C 323 7.10 5.21 -7.34
N PRO C 324 7.49 3.97 -6.93
CA PRO C 324 8.87 3.52 -7.03
C PRO C 324 9.42 3.41 -8.45
N GLU C 325 8.57 3.19 -9.46
CA GLU C 325 8.98 3.02 -10.89
C GLU C 325 9.54 4.33 -11.45
N GLN C 326 9.21 5.50 -10.87
CA GLN C 326 9.71 6.82 -11.30
C GLN C 326 10.83 7.32 -10.37
N TYR C 327 11.31 6.50 -9.43
CA TYR C 327 12.37 6.86 -8.45
C TYR C 327 13.51 5.83 -8.52
N GLY C 328 13.94 5.50 -9.73
CA GLY C 328 14.95 4.45 -10.00
C GLY C 328 16.36 4.99 -10.12
N ALA C 329 16.60 6.25 -9.74
CA ALA C 329 17.91 6.94 -9.92
C ALA C 329 18.69 6.94 -8.60
N LEU C 330 20.02 6.95 -8.68
CA LEU C 330 20.95 7.24 -7.56
C LEU C 330 21.73 8.51 -7.89
N TRP C 331 21.86 9.43 -6.93
CA TRP C 331 22.67 10.66 -7.03
C TRP C 331 24.04 10.40 -6.39
N PHE C 332 25.12 10.52 -7.17
CA PHE C 332 26.52 10.37 -6.74
C PHE C 332 27.19 11.74 -6.68
N HIS C 333 27.95 11.99 -5.60
CA HIS C 333 28.80 13.20 -5.42
C HIS C 333 30.24 12.74 -5.17
N GLU C 334 31.23 13.48 -5.70
CA GLU C 334 32.68 13.15 -5.58
C GLU C 334 33.17 13.40 -4.15
N ASP C 335 32.37 14.03 -3.29
CA ASP C 335 32.77 14.48 -1.92
C ASP C 335 31.81 13.89 -0.87
N CYS C 336 31.32 12.67 -1.07
CA CYS C 336 30.54 11.88 -0.08
C CYS C 336 31.48 11.06 0.80
N LEU C 337 31.11 10.85 2.07
CA LEU C 337 31.87 10.03 3.05
C LEU C 337 30.94 9.58 4.18
N ASP C 338 30.78 8.25 4.36
CA ASP C 338 29.96 7.63 5.43
C ASP C 338 30.85 6.86 6.43
N ASP C 339 32.09 6.52 6.06
CA ASP C 339 33.04 5.77 6.91
C ASP C 339 34.45 5.88 6.32
N CYS C 340 35.43 6.26 7.15
CA CYS C 340 36.87 6.34 6.76
C CYS C 340 37.45 4.95 6.51
N ARG C 341 36.88 3.91 7.16
CA ARG C 341 37.25 2.48 6.96
C ARG C 341 38.75 2.27 7.25
N TRP C 342 39.28 2.94 8.28
CA TRP C 342 40.70 2.83 8.71
C TRP C 342 40.88 1.53 9.52
N GLU C 343 42.14 1.17 9.78
CA GLU C 343 42.54 0.05 10.67
C GLU C 343 42.54 0.55 12.12
N LYS C 344 42.04 -0.27 13.05
CA LYS C 344 42.02 0.01 14.50
C LYS C 344 43.46 0.16 15.01
N ASP C 345 43.71 1.16 15.85
CA ASP C 345 45.03 1.45 16.48
C ASP C 345 45.05 0.90 17.92
N PHE C 346 43.93 1.02 18.65
CA PHE C 346 43.74 0.46 20.02
C PHE C 346 42.27 0.53 20.40
N GLU C 347 41.88 -0.22 21.43
CA GLU C 347 40.48 -0.27 21.97
C GLU C 347 40.52 -0.09 23.49
N PHE C 348 39.38 0.30 24.07
CA PHE C 348 39.20 0.57 25.53
C PHE C 348 37.91 -0.10 26.01
N THR C 349 37.99 -0.91 27.07
CA THR C 349 36.83 -1.49 27.78
C THR C 349 36.59 -0.69 29.06
N VAL C 350 35.37 -0.19 29.27
CA VAL C 350 35.00 0.67 30.43
C VAL C 350 35.05 -0.19 31.69
N PRO C 351 35.94 0.10 32.67
CA PRO C 351 35.97 -0.65 33.92
C PRO C 351 34.81 -0.28 34.86
N GLU C 352 34.62 -1.09 35.91
CA GLU C 352 33.63 -0.82 36.99
C GLU C 352 34.16 0.35 37.83
N GLY C 353 33.28 1.32 38.14
CA GLY C 353 33.59 2.48 39.01
C GLY C 353 33.83 3.76 38.24
N LEU C 354 34.16 3.69 36.94
CA LEU C 354 34.39 4.89 36.08
C LEU C 354 33.06 5.64 35.92
N LYS C 355 32.96 6.82 36.55
CA LYS C 355 31.73 7.66 36.64
C LYS C 355 31.33 8.13 35.25
N SER C 356 30.02 8.10 34.95
CA SER C 356 29.42 8.53 33.67
C SER C 356 29.67 10.04 33.49
N ASP C 357 30.37 10.43 32.42
CA ASP C 357 30.77 11.84 32.15
C ASP C 357 31.26 11.99 30.71
N PHE C 358 31.72 13.19 30.34
CA PHE C 358 32.38 13.50 29.05
C PHE C 358 33.85 13.08 29.17
N TYR C 359 34.34 12.23 28.26
CA TYR C 359 35.74 11.74 28.23
C TYR C 359 36.35 12.01 26.85
N ALA C 360 37.67 11.94 26.76
CA ALA C 360 38.44 12.06 25.50
C ALA C 360 39.74 11.26 25.59
N VAL C 361 40.21 10.76 24.45
CA VAL C 361 41.59 10.20 24.27
C VAL C 361 42.48 11.33 23.77
N LYS C 362 43.48 11.72 24.59
CA LYS C 362 44.46 12.79 24.27
C LYS C 362 45.68 12.15 23.60
N ILE C 363 46.04 12.62 22.40
CA ILE C 363 47.15 12.08 21.58
C ILE C 363 48.19 13.18 21.34
N ARG C 364 49.46 12.91 21.66
CA ARG C 364 50.62 13.81 21.41
C ARG C 364 51.51 13.16 20.34
N TYR C 365 51.79 13.90 19.25
CA TYR C 365 52.65 13.47 18.12
C TYR C 365 53.37 14.68 17.55
N GLU C 366 54.71 14.67 17.55
CA GLU C 366 55.58 15.83 17.20
C GLU C 366 55.21 16.96 18.18
N ASP C 367 54.80 18.14 17.71
CA ASP C 367 54.32 19.26 18.57
C ASP C 367 52.79 19.29 18.56
N THR C 368 52.12 18.38 17.85
CA THR C 368 50.64 18.37 17.66
C THR C 368 49.99 17.63 18.84
N GLU C 369 48.86 18.18 19.31
CA GLU C 369 47.98 17.61 20.38
C GLU C 369 46.57 17.48 19.80
N ASP C 370 46.01 16.27 19.78
CA ASP C 370 44.65 15.98 19.26
C ASP C 370 43.81 15.31 20.36
N TYR C 371 42.49 15.45 20.25
CA TYR C 371 41.49 14.84 21.18
C TYR C 371 40.51 13.99 20.36
N ILE C 372 40.15 12.81 20.87
CA ILE C 372 39.03 11.98 20.37
C ILE C 372 37.99 11.92 21.49
N PRO C 373 36.95 12.80 21.47
CA PRO C 373 35.91 12.77 22.50
C PRO C 373 34.96 11.56 22.39
N PHE C 374 34.41 11.14 23.53
CA PHE C 374 33.33 10.11 23.64
C PHE C 374 32.63 10.27 24.99
N PHE C 375 31.61 9.45 25.26
CA PHE C 375 30.74 9.53 26.45
C PHE C 375 30.67 8.16 27.12
N VAL C 376 30.83 8.11 28.44
CA VAL C 376 30.68 6.88 29.27
C VAL C 376 29.27 6.89 29.87
N LEU C 377 28.47 5.85 29.57
CA LEU C 377 27.10 5.64 30.12
C LEU C 377 27.22 4.88 31.44
N PRO C 378 26.22 5.00 32.35
CA PRO C 378 26.18 4.15 33.55
C PRO C 378 25.92 2.69 33.18
N PRO C 379 26.13 1.73 34.11
CA PRO C 379 25.84 0.32 33.84
C PRO C 379 24.41 0.10 33.30
N ARG C 380 24.29 -0.76 32.28
CA ARG C 380 23.05 -0.95 31.46
C ARG C 380 21.85 -1.23 32.40
N GLY C 381 20.79 -0.44 32.25
CA GLY C 381 19.50 -0.62 32.96
C GLY C 381 19.48 0.00 34.34
N THR C 382 20.48 0.79 34.72
CA THR C 382 20.59 1.46 36.06
C THR C 382 20.94 2.93 35.86
N ALA C 383 20.63 3.76 36.87
CA ALA C 383 21.06 5.17 37.02
C ALA C 383 21.91 5.32 38.27
N THR C 384 22.89 6.23 38.27
CA THR C 384 23.87 6.46 39.36
C THR C 384 23.82 7.91 39.87
N ALA C 385 22.77 8.67 39.51
CA ALA C 385 22.57 10.08 39.91
C ALA C 385 21.10 10.48 39.71
N PRO C 386 20.61 11.52 40.42
CA PRO C 386 19.25 12.04 40.18
C PRO C 386 19.13 12.99 38.97
N ILE C 387 20.26 13.42 38.38
CA ILE C 387 20.31 14.37 37.22
C ILE C 387 20.86 13.63 36.00
N LEU C 388 20.21 13.79 34.84
CA LEU C 388 20.69 13.28 33.53
C LEU C 388 20.98 14.47 32.60
N VAL C 389 22.15 14.46 31.96
CA VAL C 389 22.56 15.46 30.93
C VAL C 389 22.56 14.75 29.57
N ILE C 390 21.81 15.30 28.59
CA ILE C 390 21.68 14.73 27.22
C ILE C 390 22.66 15.47 26.30
N ALA C 391 23.71 14.78 25.84
CA ALA C 391 24.68 15.28 24.84
C ALA C 391 24.00 15.30 23.47
N SER C 392 24.11 16.43 22.75
CA SER C 392 23.42 16.68 21.45
C SER C 392 24.24 16.09 20.30
N THR C 393 24.43 14.77 20.29
CA THR C 393 25.30 14.04 19.32
C THR C 393 24.74 14.17 17.89
N LEU C 394 23.41 14.19 17.73
CA LEU C 394 22.76 14.40 16.41
C LEU C 394 23.13 15.79 15.88
N SER C 395 23.05 16.82 16.74
CA SER C 395 23.44 18.22 16.40
C SER C 395 24.95 18.27 16.13
N TYR C 396 25.77 17.51 16.87
CA TYR C 396 27.24 17.42 16.65
C TYR C 396 27.52 16.88 15.25
N LEU C 397 26.78 15.84 14.83
CA LEU C 397 26.89 15.25 13.47
C LEU C 397 26.42 16.25 12.42
N ALA C 398 25.36 17.03 12.68
CA ALA C 398 24.79 18.03 11.75
C ALA C 398 25.85 19.09 11.42
N TYR C 399 26.63 19.54 12.40
CA TYR C 399 27.65 20.60 12.25
C TYR C 399 29.06 20.01 12.04
N ALA C 400 29.18 18.68 11.87
CA ALA C 400 30.48 17.96 11.80
C ALA C 400 31.30 18.46 10.59
N ASN C 401 32.49 19.01 10.84
CA ASN C 401 33.40 19.56 9.81
C ASN C 401 32.69 20.65 9.01
N GLU C 402 32.00 21.56 9.72
CA GLU C 402 31.29 22.71 9.09
C GLU C 402 32.33 23.66 8.48
N GLN C 403 32.06 24.14 7.26
CA GLN C 403 32.96 25.02 6.46
C GLN C 403 32.11 26.16 5.87
N ILE C 404 31.24 26.76 6.68
CA ILE C 404 30.28 27.84 6.25
C ILE C 404 31.09 29.04 5.75
N MET C 405 32.07 29.50 6.53
CA MET C 405 32.82 30.76 6.26
C MET C 405 33.72 30.63 5.03
N HIS C 406 34.05 29.41 4.59
CA HIS C 406 34.91 29.13 3.40
C HIS C 406 34.06 28.88 2.14
N LYS C 407 32.77 28.53 2.27
CA LYS C 407 31.91 28.08 1.13
C LYS C 407 30.73 29.04 0.92
N ALA C 408 29.95 29.31 1.97
CA ALA C 408 28.68 30.09 1.90
C ALA C 408 29.01 31.59 1.79
N ASP C 409 28.50 32.26 0.75
CA ASP C 409 28.66 33.72 0.51
C ASP C 409 28.04 34.52 1.66
N ILE C 410 26.92 34.05 2.22
CA ILE C 410 26.11 34.77 3.27
C ILE C 410 26.55 34.36 4.69
N GLY C 411 27.62 33.56 4.84
CA GLY C 411 28.16 33.15 6.15
C GLY C 411 28.49 34.35 7.03
N GLN C 412 29.23 35.32 6.47
CA GLN C 412 29.68 36.53 7.21
C GLN C 412 28.48 37.45 7.45
N ALA C 413 27.55 37.56 6.50
CA ALA C 413 26.31 38.39 6.61
C ALA C 413 25.46 37.87 7.79
N VAL C 414 25.31 36.55 7.91
CA VAL C 414 24.57 35.89 9.04
C VAL C 414 25.34 36.12 10.34
N ALA C 415 26.68 35.97 10.31
CA ALA C 415 27.57 36.11 11.49
C ALA C 415 27.52 37.54 12.03
N GLY C 416 27.40 38.54 11.15
CA GLY C 416 27.33 39.98 11.52
C GLY C 416 28.66 40.54 11.96
N HIS C 417 29.77 39.93 11.53
CA HIS C 417 31.17 40.39 11.75
C HIS C 417 32.12 39.52 10.92
N THR C 418 33.36 39.97 10.73
CA THR C 418 34.43 39.18 10.06
C THR C 418 34.72 37.96 10.92
N PRO C 419 34.63 36.73 10.35
CA PRO C 419 34.84 35.51 11.14
C PRO C 419 36.30 35.36 11.60
N VAL C 420 36.49 34.70 12.74
CA VAL C 420 37.82 34.33 13.30
C VAL C 420 37.96 32.81 13.20
N LEU C 421 38.92 32.35 12.39
CA LEU C 421 39.15 30.91 12.08
C LEU C 421 40.53 30.50 12.59
N ASN C 422 40.69 29.21 12.93
CA ASN C 422 41.92 28.63 13.52
C ASN C 422 42.48 27.59 12.56
N GLU C 423 43.56 26.89 12.94
CA GLU C 423 44.28 25.89 12.11
C GLU C 423 43.35 24.73 11.70
N ASN C 424 42.32 24.41 12.50
CA ASN C 424 41.34 23.33 12.20
C ASN C 424 40.58 23.67 10.90
N ASP C 425 40.13 24.92 10.74
CA ASP C 425 39.37 25.40 9.55
C ASP C 425 40.28 25.36 8.32
N VAL C 426 41.53 25.82 8.47
CA VAL C 426 42.57 25.81 7.38
C VAL C 426 42.82 24.35 6.98
N GLU C 427 42.94 23.44 7.95
CA GLU C 427 43.17 21.98 7.74
C GLU C 427 41.99 21.41 6.95
N LEU C 428 40.75 21.73 7.33
CA LEU C 428 39.51 21.28 6.63
C LEU C 428 39.56 21.74 5.17
N HIS C 429 39.88 23.01 4.92
CA HIS C 429 39.94 23.63 3.57
C HIS C 429 41.04 22.97 2.73
N LYS C 430 42.20 22.67 3.33
CA LYS C 430 43.39 22.14 2.63
C LYS C 430 43.16 20.68 2.23
N ASN C 431 42.71 19.83 3.15
CA ASN C 431 42.53 18.37 2.94
C ASN C 431 41.07 18.00 3.20
N LEU C 432 40.19 18.19 2.22
CA LEU C 432 38.73 17.87 2.34
C LEU C 432 38.54 16.35 2.39
N SER C 433 39.34 15.59 1.63
CA SER C 433 39.22 14.12 1.46
C SER C 433 39.34 13.37 2.80
N TYR C 434 40.07 13.92 3.78
CA TYR C 434 40.31 13.29 5.10
C TYR C 434 39.06 13.40 5.99
N TYR C 435 38.24 14.45 5.83
CA TYR C 435 37.24 14.88 6.85
C TYR C 435 35.79 14.82 6.32
N GLY C 436 35.53 15.23 5.08
CA GLY C 436 34.18 15.30 4.50
C GLY C 436 33.50 16.62 4.80
N LEU C 437 32.19 16.72 4.54
CA LEU C 437 31.39 17.98 4.64
C LEU C 437 30.35 17.87 5.77
N SER C 438 29.76 19.02 6.11
CA SER C 438 28.65 19.17 7.09
C SER C 438 27.31 19.22 6.35
N THR C 439 26.20 19.10 7.08
CA THR C 439 24.82 19.27 6.53
C THR C 439 24.55 20.76 6.26
N TYR C 440 25.42 21.67 6.70
CA TYR C 440 25.33 23.13 6.42
C TYR C 440 26.13 23.50 5.15
N ASP C 441 26.78 22.53 4.51
CA ASP C 441 27.54 22.72 3.25
C ASP C 441 26.78 22.03 2.10
N GLY C 442 27.00 22.52 0.88
CA GLY C 442 26.56 21.87 -0.37
C GLY C 442 27.67 21.02 -0.96
N HIS C 443 27.32 19.99 -1.72
CA HIS C 443 28.27 19.21 -2.57
C HIS C 443 28.81 20.13 -3.67
N ILE C 444 29.82 19.67 -4.42
CA ILE C 444 30.42 20.44 -5.56
C ILE C 444 29.35 20.66 -6.64
N ASP C 445 28.31 19.83 -6.66
CA ASP C 445 27.15 19.91 -7.60
C ASP C 445 26.29 21.14 -7.26
N GLY C 446 26.10 21.42 -5.96
CA GLY C 446 25.26 22.53 -5.45
C GLY C 446 24.21 22.03 -4.47
N ARG C 447 23.77 20.78 -4.60
CA ARG C 447 22.76 20.14 -3.72
C ARG C 447 23.36 20.03 -2.31
N GLY C 448 22.57 20.36 -1.28
CA GLY C 448 22.95 20.29 0.14
C GLY C 448 23.26 18.87 0.60
N VAL C 449 24.21 18.73 1.52
CA VAL C 449 24.63 17.41 2.08
C VAL C 449 23.49 16.88 2.97
N GLN C 450 23.04 15.65 2.71
CA GLN C 450 21.87 15.01 3.38
C GLN C 450 22.31 13.99 4.42
N TYR C 451 23.53 13.44 4.33
CA TYR C 451 24.03 12.35 5.20
C TYR C 451 25.33 12.79 5.90
N THR C 452 25.44 12.50 7.19
CA THR C 452 26.61 12.80 8.06
C THR C 452 26.98 11.55 8.85
N SER C 453 28.27 11.32 9.08
CA SER C 453 28.83 10.10 9.72
C SER C 453 29.62 10.46 10.98
N TRP C 454 29.57 9.57 11.98
CA TRP C 454 30.38 9.65 13.22
C TRP C 454 31.79 9.10 12.96
N ARG C 455 31.93 8.12 12.06
CA ARG C 455 33.20 7.37 11.82
C ARG C 455 34.10 8.16 10.87
N ARG C 456 34.53 9.35 11.33
CA ARG C 456 35.48 10.25 10.62
C ARG C 456 36.04 11.23 11.64
N PRO C 457 37.27 11.78 11.42
CA PRO C 457 37.80 12.83 12.29
C PRO C 457 36.96 14.12 12.18
N ILE C 458 36.30 14.51 13.28
CA ILE C 458 35.44 15.72 13.35
C ILE C 458 36.18 16.77 14.18
N MET C 459 36.71 17.81 13.51
CA MET C 459 37.67 18.79 14.09
C MET C 459 36.93 19.74 15.05
N ASN C 460 35.72 20.16 14.70
CA ASN C 460 34.90 21.10 15.52
C ASN C 460 34.25 20.39 16.73
N LEU C 461 34.54 19.10 16.95
CA LEU C 461 34.04 18.31 18.13
C LEU C 461 35.02 18.43 19.31
N ARG C 462 36.28 18.82 19.07
CA ARG C 462 37.34 18.86 20.13
C ARG C 462 37.06 20.02 21.08
N PRO C 463 37.44 19.89 22.38
CA PRO C 463 37.06 20.88 23.40
C PRO C 463 37.69 22.28 23.21
N LYS C 464 38.85 22.36 22.54
CA LYS C 464 39.66 23.60 22.41
C LYS C 464 39.28 24.38 21.14
N HIS C 465 38.37 23.87 20.31
CA HIS C 465 37.96 24.52 19.03
C HIS C 465 37.10 25.76 19.31
N ARG C 466 37.35 26.83 18.56
CA ARG C 466 36.53 28.08 18.53
C ARG C 466 35.91 28.25 17.15
N GLN C 467 34.61 28.53 17.08
CA GLN C 467 33.78 28.47 15.85
C GLN C 467 33.69 29.87 15.22
N GLY C 468 33.32 29.93 13.93
CA GLY C 468 33.29 31.13 13.07
C GLY C 468 32.31 32.21 13.51
N PHE C 469 31.26 31.88 14.28
CA PHE C 469 30.20 32.85 14.71
C PHE C 469 30.69 33.73 15.86
N GLY C 470 31.95 33.61 16.30
CA GLY C 470 32.62 34.58 17.19
C GLY C 470 32.92 34.02 18.58
N SER C 471 32.42 32.81 18.90
CA SER C 471 32.70 32.09 20.17
C SER C 471 32.65 30.57 19.94
N ILE C 472 32.59 29.79 21.02
CA ILE C 472 32.53 28.29 21.01
C ILE C 472 31.10 27.84 20.60
N TRP C 473 30.98 26.60 20.13
CA TRP C 473 29.76 26.07 19.47
C TRP C 473 29.65 24.55 19.71
N GLU C 474 28.44 24.04 19.96
CA GLU C 474 28.12 22.60 20.18
C GLU C 474 28.90 22.09 21.40
N LEU C 475 29.74 21.05 21.27
CA LEU C 475 30.27 20.27 22.43
C LEU C 475 31.01 21.17 23.41
N PRO C 476 32.00 22.00 22.98
CA PRO C 476 32.64 22.96 23.89
C PRO C 476 31.62 23.82 24.67
N ALA C 477 30.59 24.34 23.99
CA ALA C 477 29.51 25.15 24.60
C ALA C 477 28.80 24.31 25.69
N ASP C 478 28.52 23.04 25.41
CA ASP C 478 27.90 22.10 26.38
C ASP C 478 28.79 21.99 27.64
N LEU C 479 30.11 22.04 27.49
CA LEU C 479 31.07 21.97 28.63
C LEU C 479 30.81 23.14 29.60
N HIS C 480 30.35 24.31 29.12
CA HIS C 480 29.94 25.44 29.99
C HIS C 480 29.00 24.94 31.08
N LEU C 481 28.01 24.10 30.74
CA LEU C 481 27.09 23.47 31.73
C LEU C 481 27.87 22.51 32.62
N ILE C 482 28.63 21.58 32.03
CA ILE C 482 29.35 20.48 32.77
C ILE C 482 30.19 21.12 33.88
N ASP C 483 31.09 22.05 33.53
CA ASP C 483 31.96 22.77 34.50
C ASP C 483 31.09 23.32 35.64
N TRP C 484 30.03 24.07 35.30
CA TRP C 484 29.10 24.69 36.28
C TRP C 484 28.61 23.62 37.28
N LEU C 485 28.11 22.49 36.78
CA LEU C 485 27.62 21.36 37.61
C LEU C 485 28.74 20.91 38.54
N ASN C 486 29.94 20.65 37.99
CA ASN C 486 31.13 20.19 38.77
C ASN C 486 31.52 21.23 39.82
N HIS C 487 31.33 22.53 39.55
CA HIS C 487 31.63 23.64 40.49
C HIS C 487 30.64 23.64 41.66
N ASN C 488 29.39 23.21 41.45
CA ASN C 488 28.28 23.32 42.44
C ASN C 488 28.07 21.97 43.16
N GLY C 489 28.88 20.95 42.87
CA GLY C 489 28.87 19.65 43.57
C GLY C 489 27.67 18.80 43.23
N PHE C 490 26.93 19.11 42.16
CA PHE C 490 25.78 18.31 41.67
C PHE C 490 26.30 16.97 41.13
N GLU C 491 25.59 15.89 41.45
CA GLU C 491 25.88 14.52 40.92
C GLU C 491 24.94 14.28 39.74
N TYR C 492 25.50 13.99 38.56
CA TYR C 492 24.75 13.83 37.28
C TYR C 492 25.25 12.60 36.52
N ASP C 493 24.41 12.08 35.62
CA ASP C 493 24.78 11.06 34.60
C ASP C 493 24.75 11.71 33.22
N VAL C 494 25.36 11.04 32.24
CA VAL C 494 25.49 11.52 30.83
C VAL C 494 24.89 10.46 29.90
N ALA C 495 24.08 10.89 28.94
CA ALA C 495 23.53 10.08 27.83
C ALA C 495 23.55 10.90 26.54
N THR C 496 23.62 10.23 25.39
CA THR C 496 23.61 10.86 24.04
C THR C 496 22.19 10.77 23.46
N GLU C 497 21.92 11.57 22.43
CA GLU C 497 20.62 11.56 21.69
C GLU C 497 20.44 10.22 20.99
N HIS C 498 21.54 9.57 20.56
CA HIS C 498 21.53 8.20 19.99
C HIS C 498 21.00 7.20 21.03
N ASP C 499 21.49 7.29 22.28
CA ASP C 499 21.07 6.41 23.41
C ASP C 499 19.59 6.64 23.70
N LEU C 500 19.13 7.90 23.71
CA LEU C 500 17.71 8.26 23.90
C LEU C 500 16.87 7.64 22.77
N ASN C 501 17.34 7.76 21.51
CA ASN C 501 16.66 7.18 20.33
C ASN C 501 16.48 5.67 20.53
N ASP C 502 17.50 4.97 21.03
CA ASP C 502 17.49 3.50 21.24
C ASP C 502 16.54 3.14 22.40
N GLN C 503 16.61 3.85 23.53
CA GLN C 503 16.03 3.41 24.83
C GLN C 503 14.64 4.03 25.09
N GLY C 504 14.30 5.14 24.43
CA GLY C 504 13.00 5.82 24.57
C GLY C 504 12.82 6.45 25.95
N ALA C 505 11.57 6.59 26.39
CA ALA C 505 11.16 7.26 27.65
C ALA C 505 11.70 6.51 28.89
N GLU C 506 12.06 5.22 28.74
CA GLU C 506 12.56 4.35 29.83
C GLU C 506 13.87 4.91 30.39
N LEU C 507 14.76 5.43 29.52
CA LEU C 507 16.04 6.07 29.92
C LEU C 507 15.75 7.32 30.78
N LEU C 508 14.82 8.17 30.34
CA LEU C 508 14.48 9.45 31.02
C LEU C 508 13.79 9.17 32.36
N ARG C 509 12.96 8.11 32.42
CA ARG C 509 12.11 7.79 33.62
C ARG C 509 12.97 7.39 34.83
N ARG C 510 14.26 7.10 34.66
CA ARG C 510 15.17 6.66 35.75
CA ARG C 510 15.17 6.66 35.75
C ARG C 510 15.72 7.87 36.53
N TYR C 511 15.42 9.09 36.09
CA TYR C 511 15.97 10.34 36.68
C TYR C 511 14.84 11.27 37.14
N LYS C 512 15.10 12.03 38.20
CA LYS C 512 14.20 13.09 38.75
C LYS C 512 14.09 14.23 37.74
N VAL C 513 15.22 14.65 37.14
CA VAL C 513 15.29 15.81 36.21
C VAL C 513 16.27 15.49 35.07
N VAL C 514 15.95 15.98 33.86
CA VAL C 514 16.80 15.82 32.64
C VAL C 514 17.17 17.22 32.14
N LEU C 515 18.46 17.42 31.81
CA LEU C 515 19.01 18.70 31.30
C LEU C 515 19.42 18.53 29.84
N THR C 516 18.94 19.41 28.96
CA THR C 516 19.30 19.45 27.51
C THR C 516 20.65 20.15 27.35
N GLY C 517 21.23 20.08 26.15
CA GLY C 517 22.50 20.75 25.81
C GLY C 517 22.29 22.23 25.52
N SER C 518 23.28 22.89 24.91
CA SER C 518 23.25 24.31 24.50
C SER C 518 22.42 24.48 23.22
N HIS C 519 22.22 23.43 22.43
CA HIS C 519 21.61 23.51 21.07
C HIS C 519 21.12 22.14 20.59
N PRO C 520 20.03 21.60 21.16
CA PRO C 520 19.45 20.33 20.72
C PRO C 520 18.57 20.50 19.46
N GLU C 521 19.18 21.02 18.38
CA GLU C 521 18.48 21.47 17.15
C GLU C 521 17.91 20.25 16.39
N TYR C 522 18.70 19.17 16.30
CA TYR C 522 18.38 17.97 15.48
C TYR C 522 17.92 16.83 16.41
N GLN C 523 16.68 16.36 16.20
CA GLN C 523 16.04 15.28 17.00
C GLN C 523 15.34 14.30 16.07
N THR C 524 15.12 13.07 16.53
CA THR C 524 14.29 12.04 15.85
C THR C 524 12.84 12.17 16.35
N TRP C 525 11.90 11.61 15.59
CA TRP C 525 10.46 11.52 15.94
C TRP C 525 10.32 10.79 17.28
N ALA C 526 11.06 9.69 17.45
CA ALA C 526 11.10 8.85 18.68
C ALA C 526 11.58 9.69 19.88
N ASN C 527 12.57 10.57 19.69
CA ASN C 527 13.11 11.46 20.74
C ASN C 527 12.01 12.40 21.24
N ALA C 528 11.25 13.01 20.33
CA ALA C 528 10.11 13.91 20.65
C ALA C 528 9.04 13.13 21.42
N ASP C 529 8.72 11.91 20.98
CA ASP C 529 7.73 11.00 21.63
C ASP C 529 8.20 10.68 23.06
N ALA C 530 9.48 10.33 23.23
CA ALA C 530 10.10 9.98 24.54
C ALA C 530 10.00 11.17 25.50
N TRP C 531 10.39 12.36 25.04
CA TRP C 531 10.32 13.63 25.82
C TRP C 531 8.88 13.90 26.27
N GLU C 532 7.92 13.80 25.34
CA GLU C 532 6.47 14.05 25.59
C GLU C 532 5.97 13.08 26.66
N ASP C 533 6.23 11.78 26.50
CA ASP C 533 5.79 10.70 27.42
C ASP C 533 6.42 10.91 28.80
N TYR C 534 7.71 11.27 28.86
CA TYR C 534 8.46 11.51 30.13
C TYR C 534 7.82 12.68 30.89
N LEU C 535 7.62 13.82 30.22
CA LEU C 535 7.09 15.06 30.86
C LEU C 535 5.63 14.85 31.28
N ALA C 536 4.84 14.12 30.49
CA ALA C 536 3.39 13.87 30.72
C ALA C 536 3.16 13.12 32.03
N ASP C 537 4.04 12.17 32.38
CA ASP C 537 3.85 11.22 33.53
C ASP C 537 4.59 11.70 34.79
N GLY C 538 5.01 12.97 34.84
CA GLY C 538 5.58 13.60 36.05
C GLY C 538 7.09 13.83 35.97
N GLY C 539 7.69 13.72 34.77
CA GLY C 539 9.10 14.04 34.52
C GLY C 539 9.36 15.54 34.67
N ARG C 540 10.60 15.91 35.00
CA ARG C 540 11.04 17.33 35.14
C ARG C 540 12.18 17.59 34.15
N GLY C 541 12.10 18.70 33.40
CA GLY C 541 13.05 19.04 32.32
C GLY C 541 13.47 20.49 32.37
N MET C 542 14.74 20.77 32.04
CA MET C 542 15.31 22.15 31.97
C MET C 542 15.85 22.37 30.54
N TYR C 543 15.19 23.25 29.78
CA TYR C 543 15.54 23.61 28.38
C TYR C 543 16.42 24.87 28.41
N LEU C 544 17.72 24.67 28.67
CA LEU C 544 18.74 25.76 28.82
C LEU C 544 19.38 26.04 27.45
N ALA C 545 18.55 26.31 26.42
CA ALA C 545 18.98 26.43 25.00
C ALA C 545 17.91 27.13 24.17
N ALA C 546 18.17 27.29 22.86
CA ALA C 546 17.20 27.78 21.85
C ALA C 546 17.30 26.92 20.58
N ASN C 547 16.28 27.02 19.73
CA ASN C 547 16.22 26.34 18.39
C ASN C 547 16.25 24.82 18.56
N GLY C 548 15.73 24.29 19.67
CA GLY C 548 15.62 22.84 19.91
C GLY C 548 14.49 22.25 19.08
N MET C 549 14.60 20.95 18.74
CA MET C 549 13.54 20.19 18.01
CA MET C 549 13.54 20.19 18.01
C MET C 549 13.09 20.99 16.77
N TYR C 550 14.04 21.49 15.97
CA TYR C 550 13.71 22.24 14.73
C TYR C 550 13.65 21.28 13.54
N TRP C 551 14.68 20.45 13.36
CA TRP C 551 14.83 19.51 12.21
C TRP C 551 14.50 18.09 12.66
N ILE C 552 13.72 17.37 11.85
CA ILE C 552 13.47 15.90 12.03
C ILE C 552 14.67 15.16 11.41
N VAL C 553 15.27 14.25 12.16
CA VAL C 553 16.37 13.39 11.63
C VAL C 553 15.97 11.93 11.82
N GLU C 554 16.58 11.05 11.03
CA GLU C 554 16.44 9.57 11.16
C GLU C 554 17.85 8.96 11.20
N VAL C 555 18.05 8.01 12.12
CA VAL C 555 19.31 7.21 12.25
C VAL C 555 19.18 6.01 11.31
N HIS C 556 20.21 5.76 10.47
CA HIS C 556 20.21 4.68 9.46
C HIS C 556 20.07 3.33 10.16
N PRO C 557 19.03 2.52 9.88
CA PRO C 557 18.83 1.24 10.57
C PRO C 557 20.02 0.27 10.45
N GLU C 558 20.67 0.22 9.28
CA GLU C 558 21.83 -0.68 8.98
C GLU C 558 23.14 -0.07 9.48
N LYS C 559 23.27 1.27 9.50
CA LYS C 559 24.50 1.99 9.92
C LYS C 559 24.15 2.98 11.02
N PRO C 560 24.10 2.57 12.31
CA PRO C 560 23.75 3.49 13.41
C PRO C 560 24.64 4.74 13.54
N TRP C 561 25.81 4.76 12.90
CA TRP C 561 26.78 5.89 12.88
C TRP C 561 26.45 6.91 11.79
N VAL C 562 25.47 6.62 10.90
CA VAL C 562 25.05 7.54 9.80
C VAL C 562 23.71 8.19 10.16
N MET C 563 23.58 9.49 9.86
CA MET C 563 22.38 10.32 10.15
C MET C 563 21.92 10.99 8.87
N GLU C 564 20.60 10.97 8.60
CA GLU C 564 19.97 11.61 7.41
C GLU C 564 19.12 12.80 7.86
N VAL C 565 19.17 13.89 7.09
CA VAL C 565 18.24 15.06 7.22
C VAL C 565 18.04 15.68 5.83
N ARG C 566 16.79 16.00 5.48
CA ARG C 566 16.40 16.67 4.21
C ARG C 566 15.67 17.96 4.56
N LYS C 567 16.23 19.10 4.15
CA LYS C 567 15.85 20.46 4.63
C LYS C 567 14.97 21.14 3.58
N GLU C 568 14.18 22.12 4.02
CA GLU C 568 13.18 22.86 3.21
C GLU C 568 13.25 24.35 3.58
N LEU C 569 12.36 25.17 3.01
CA LEU C 569 12.25 26.63 3.30
C LEU C 569 12.07 26.85 4.81
N GLY C 570 12.78 27.83 5.37
CA GLY C 570 12.86 28.11 6.81
C GLY C 570 14.27 28.56 7.21
N VAL C 571 14.70 28.23 8.43
CA VAL C 571 16.07 28.52 8.95
C VAL C 571 16.97 27.38 8.44
N THR C 572 17.37 27.45 7.17
CA THR C 572 18.03 26.33 6.43
C THR C 572 19.29 26.85 5.71
N ALA C 573 20.25 25.96 5.43
CA ALA C 573 21.43 26.21 4.58
C ALA C 573 21.08 25.94 3.11
N TRP C 574 20.08 25.09 2.84
CA TRP C 574 19.68 24.64 1.48
C TRP C 574 18.25 24.10 1.47
N GLU C 575 17.67 23.95 0.27
CA GLU C 575 16.31 23.41 0.02
C GLU C 575 16.43 22.12 -0.78
N ALA C 576 15.67 21.07 -0.41
CA ALA C 576 15.61 19.78 -1.11
C ALA C 576 15.04 20.01 -2.51
N PRO C 577 15.60 19.38 -3.58
CA PRO C 577 15.04 19.55 -4.93
C PRO C 577 13.65 18.93 -5.04
N PRO C 578 12.83 19.33 -6.04
CA PRO C 578 11.45 18.84 -6.17
C PRO C 578 11.33 17.31 -6.14
N GLY C 579 10.39 16.79 -5.33
CA GLY C 579 10.03 15.36 -5.27
C GLY C 579 10.98 14.51 -4.43
N GLU C 580 11.94 15.12 -3.71
CA GLU C 580 12.97 14.39 -2.92
C GLU C 580 12.96 14.88 -1.46
N TYR C 581 11.77 15.00 -0.86
CA TYR C 581 11.57 15.50 0.53
C TYR C 581 11.54 14.33 1.51
N HIS C 582 11.09 13.14 1.09
CA HIS C 582 10.89 11.95 1.96
C HIS C 582 12.23 11.24 2.18
N TYR C 583 12.46 10.76 3.41
CA TYR C 583 13.74 10.14 3.86
C TYR C 583 13.80 8.71 3.33
N SER C 584 14.94 8.31 2.74
CA SER C 584 15.20 6.94 2.25
C SER C 584 15.25 5.94 3.43
N THR C 585 15.59 6.41 4.64
CA THR C 585 15.81 5.56 5.84
C THR C 585 14.48 5.05 6.41
N ASN C 586 13.39 5.83 6.37
CA ASN C 586 12.08 5.43 6.94
C ASN C 586 10.89 5.74 6.03
N GLY C 587 11.08 6.42 4.88
CA GLY C 587 10.02 6.71 3.89
C GLY C 587 9.03 7.78 4.33
N ARG C 588 9.36 8.58 5.35
CA ARG C 588 8.43 9.57 5.97
CA ARG C 588 8.43 9.57 5.97
C ARG C 588 8.82 11.00 5.57
N ARG C 589 7.84 11.91 5.55
CA ARG C 589 8.07 13.36 5.33
C ARG C 589 8.74 13.91 6.58
N GLY C 590 9.97 14.41 6.46
CA GLY C 590 10.78 14.97 7.56
C GLY C 590 10.78 16.49 7.53
N GLY C 591 11.98 17.09 7.55
CA GLY C 591 12.16 18.56 7.54
C GLY C 591 11.82 19.17 8.89
N ARG C 592 11.03 20.24 8.90
CA ARG C 592 10.71 21.04 10.11
C ARG C 592 9.72 20.28 10.99
N PHE C 593 9.98 20.20 12.30
CA PHE C 593 9.04 19.67 13.33
C PHE C 593 7.73 20.47 13.30
N ARG C 594 7.82 21.80 13.12
CA ARG C 594 6.67 22.74 13.09
C ARG C 594 5.72 22.36 11.95
N GLY C 595 6.27 22.03 10.77
CA GLY C 595 5.52 21.64 9.56
C GLY C 595 4.73 20.34 9.73
N ARG C 596 5.04 19.53 10.75
CA ARG C 596 4.37 18.23 11.02
C ARG C 596 3.47 18.34 12.26
N ALA C 597 3.05 19.56 12.63
CA ALA C 597 2.18 19.87 13.79
C ALA C 597 2.83 19.41 15.10
N ARG C 598 4.16 19.54 15.24
CA ARG C 598 4.92 19.23 16.48
C ARG C 598 6.00 20.30 16.71
N ALA C 599 5.61 21.58 16.71
CA ALA C 599 6.47 22.73 17.05
C ALA C 599 6.99 22.55 18.49
N THR C 600 8.18 23.08 18.78
CA THR C 600 8.89 22.95 20.08
C THR C 600 7.98 23.42 21.23
N GLN C 601 7.18 24.47 21.01
CA GLN C 601 6.21 25.02 22.00
C GLN C 601 5.34 23.90 22.58
N LYS C 602 4.96 22.91 21.76
CA LYS C 602 4.05 21.80 22.13
C LYS C 602 4.66 20.96 23.27
N ILE C 603 6.00 20.90 23.40
CA ILE C 603 6.71 20.01 24.37
C ILE C 603 7.48 20.84 25.41
N TRP C 604 8.30 21.81 24.99
CA TRP C 604 9.23 22.54 25.90
C TRP C 604 8.75 23.96 26.22
N GLY C 605 7.63 24.42 25.63
CA GLY C 605 6.96 25.68 26.02
C GLY C 605 7.30 26.85 25.09
N THR C 606 8.51 26.89 24.53
CA THR C 606 8.98 27.98 23.61
C THR C 606 9.55 27.38 22.32
N GLY C 607 9.51 28.15 21.22
CA GLY C 607 10.00 27.73 19.90
C GLY C 607 10.76 28.82 19.17
N MET C 608 11.61 28.42 18.21
CA MET C 608 12.57 29.27 17.46
C MET C 608 11.84 30.52 16.94
N SER C 609 12.42 31.69 17.17
CA SER C 609 11.83 33.02 16.81
C SER C 609 12.81 33.87 15.99
N SER C 610 14.11 33.86 16.32
CA SER C 610 15.15 34.72 15.68
C SER C 610 16.55 34.15 15.88
N PHE C 611 17.49 34.58 15.03
CA PHE C 611 18.94 34.30 15.14
C PHE C 611 19.75 35.54 14.71
N GLY C 612 20.97 35.67 15.26
CA GLY C 612 21.91 36.79 15.04
C GLY C 612 23.15 36.62 15.91
N PHE C 613 24.34 36.88 15.38
CA PHE C 613 25.63 36.48 16.00
C PHE C 613 26.62 37.65 16.10
N ASP C 614 26.14 38.90 16.07
CA ASP C 614 26.99 40.11 16.27
C ASP C 614 27.39 40.18 17.74
N HIS C 615 26.43 39.97 18.65
CA HIS C 615 26.61 39.92 20.13
C HIS C 615 25.31 39.42 20.77
N SER C 616 25.25 39.41 22.10
CA SER C 616 24.08 38.95 22.91
C SER C 616 23.51 40.12 23.73
N GLY C 617 22.21 40.06 24.02
CA GLY C 617 21.49 41.03 24.87
C GLY C 617 21.35 40.53 26.30
N TYR C 618 20.40 41.11 27.05
CA TYR C 618 20.09 40.73 28.45
C TYR C 618 18.57 40.66 28.64
N PHE C 619 18.13 39.99 29.71
CA PHE C 619 16.71 39.74 30.05
C PHE C 619 16.20 40.87 30.95
N VAL C 620 14.97 41.32 30.70
CA VAL C 620 14.20 42.26 31.55
C VAL C 620 13.01 41.49 32.13
N GLN C 621 12.78 41.61 33.45
CA GLN C 621 11.75 40.84 34.21
C GLN C 621 10.36 41.30 33.77
N MET C 622 9.43 40.37 33.61
CA MET C 622 8.01 40.60 33.21
C MET C 622 7.12 40.46 34.43
N PRO C 623 5.84 40.93 34.41
CA PRO C 623 4.96 40.87 35.57
C PRO C 623 4.91 39.51 36.30
N ASP C 624 4.90 38.40 35.56
CA ASP C 624 4.75 37.03 36.11
C ASP C 624 5.93 36.68 37.03
N SER C 625 7.09 37.34 36.88
CA SER C 625 8.25 37.22 37.80
C SER C 625 7.85 37.60 39.24
N GLN C 626 6.87 38.49 39.41
CA GLN C 626 6.39 38.97 40.73
C GLN C 626 5.30 38.06 41.30
N ASP C 627 4.83 37.05 40.53
CA ASP C 627 3.77 36.11 40.96
C ASP C 627 4.29 35.27 42.14
N GLU C 628 3.43 35.02 43.12
CA GLU C 628 3.75 34.24 44.35
C GLU C 628 4.09 32.79 43.97
N ARG C 629 3.48 32.27 42.91
CA ARG C 629 3.62 30.85 42.47
C ARG C 629 5.03 30.53 41.99
N VAL C 630 5.85 31.53 41.62
CA VAL C 630 7.22 31.34 41.06
C VAL C 630 8.25 32.14 41.87
N ALA C 631 7.95 32.41 43.15
CA ALA C 631 8.86 33.10 44.11
C ALA C 631 10.13 32.28 44.30
N TRP C 632 10.01 30.94 44.25
CA TRP C 632 11.11 29.96 44.34
C TRP C 632 12.13 30.15 43.20
N ILE C 633 11.67 30.45 41.97
CA ILE C 633 12.55 30.62 40.78
C ILE C 633 13.38 31.90 40.96
N MET C 634 12.74 32.99 41.40
CA MET C 634 13.33 34.35 41.44
C MET C 634 13.89 34.68 42.84
N GLU C 635 14.09 33.68 43.70
CA GLU C 635 14.56 33.86 45.10
C GLU C 635 16.02 34.34 45.08
N GLY C 636 16.31 35.44 45.79
CA GLY C 636 17.65 36.05 45.89
C GLY C 636 17.96 36.99 44.74
N ILE C 637 17.01 37.25 43.84
CA ILE C 637 17.16 38.19 42.68
C ILE C 637 16.27 39.40 42.94
N ASP C 638 16.88 40.59 43.03
CA ASP C 638 16.18 41.90 43.21
C ASP C 638 15.26 42.12 42.01
N PRO C 639 13.94 42.38 42.23
CA PRO C 639 12.99 42.52 41.12
C PRO C 639 13.24 43.66 40.11
N GLU C 640 14.23 44.53 40.34
CA GLU C 640 14.64 45.62 39.40
C GLU C 640 16.07 45.37 38.90
N GLU C 641 16.48 44.12 38.68
CA GLU C 641 17.83 43.80 38.16
C GLU C 641 17.70 43.31 36.71
N ARG C 642 18.74 43.50 35.91
CA ARG C 642 18.92 42.86 34.58
C ARG C 642 19.47 41.45 34.82
N ILE C 643 19.04 40.47 34.02
CA ILE C 643 19.48 39.04 34.14
C ILE C 643 20.41 38.72 32.96
N GLY C 644 21.69 38.45 33.26
CA GLY C 644 22.70 38.04 32.28
C GLY C 644 23.15 39.17 31.38
N ASP C 645 23.64 40.26 31.98
CA ASP C 645 24.35 41.36 31.26
C ASP C 645 25.86 41.13 31.44
N GLY C 646 26.47 40.42 30.48
CA GLY C 646 27.86 39.92 30.55
C GLY C 646 27.91 38.41 30.47
N GLY C 647 28.83 37.87 29.68
CA GLY C 647 29.00 36.41 29.45
C GLY C 647 30.13 36.10 28.48
N LEU C 648 30.44 34.82 28.31
CA LEU C 648 31.55 34.33 27.44
C LEU C 648 31.04 34.13 26.00
N VAL C 649 29.74 34.22 25.75
CA VAL C 649 29.11 34.05 24.41
C VAL C 649 28.34 35.33 24.07
N GLY C 650 29.01 36.27 23.39
CA GLY C 650 28.43 37.55 22.92
C GLY C 650 28.21 38.56 24.05
N GLY C 651 28.70 38.28 25.25
CA GLY C 651 28.61 39.19 26.41
C GLY C 651 27.18 39.39 26.90
N GLY C 652 26.40 38.31 27.01
CA GLY C 652 25.00 38.36 27.49
C GLY C 652 24.33 37.00 27.48
N ALA C 653 23.22 36.85 28.23
CA ALA C 653 22.46 35.59 28.40
C ALA C 653 21.47 35.39 27.25
N GLY C 654 20.86 36.48 26.75
CA GLY C 654 19.89 36.45 25.64
C GLY C 654 20.54 36.79 24.32
N GLY C 655 20.93 35.80 23.51
CA GLY C 655 21.59 36.03 22.22
C GLY C 655 21.84 34.77 21.41
N TYR C 656 22.46 34.95 20.23
CA TYR C 656 22.82 33.91 19.23
C TYR C 656 21.53 33.42 18.56
N GLU C 657 20.71 32.64 19.27
CA GLU C 657 19.36 32.20 18.79
C GLU C 657 18.37 32.30 19.96
N LEU C 658 17.12 32.62 19.64
CA LEU C 658 16.06 32.96 20.63
C LEU C 658 14.81 32.10 20.39
N ASP C 659 14.11 31.73 21.47
CA ASP C 659 12.78 31.06 21.44
C ASP C 659 11.74 31.98 22.08
N ARG C 660 10.47 31.85 21.68
CA ARG C 660 9.37 32.70 22.21
C ARG C 660 8.18 31.84 22.64
N TYR C 661 7.38 32.41 23.55
CA TYR C 661 6.03 31.95 23.98
C TYR C 661 5.05 32.11 22.80
N ASP C 662 4.24 31.09 22.53
CA ASP C 662 3.23 31.11 21.43
C ASP C 662 2.16 30.04 21.67
N LEU C 663 0.94 30.45 22.03
CA LEU C 663 -0.21 29.55 22.30
C LEU C 663 -0.65 28.85 21.00
N ALA C 664 -0.63 29.56 19.87
CA ALA C 664 -1.06 29.05 18.55
C ALA C 664 -0.19 27.86 18.09
N LEU C 665 1.07 27.79 18.52
CA LEU C 665 2.03 26.72 18.14
C LEU C 665 2.09 25.61 19.22
N GLY C 666 1.33 25.76 20.31
CA GLY C 666 1.06 24.69 21.30
C GLY C 666 1.69 24.92 22.67
N THR C 667 1.98 26.18 23.04
CA THR C 667 2.43 26.52 24.42
C THR C 667 1.31 26.13 25.40
N PRO C 668 1.60 25.34 26.46
CA PRO C 668 0.59 24.98 27.45
C PRO C 668 -0.12 26.20 28.03
N PRO C 669 -1.48 26.20 28.16
CA PRO C 669 -2.22 27.38 28.64
C PRO C 669 -1.77 27.95 30.00
N ASN C 670 -1.23 27.11 30.87
CA ASN C 670 -0.82 27.45 32.27
C ASN C 670 0.63 27.98 32.30
N THR C 671 1.33 28.07 31.16
CA THR C 671 2.73 28.56 31.08
C THR C 671 2.79 30.04 31.49
N LEU C 672 3.80 30.40 32.29
CA LEU C 672 4.08 31.79 32.74
C LEU C 672 5.28 32.34 31.97
N LEU C 673 5.24 33.64 31.62
CA LEU C 673 6.34 34.38 30.94
C LEU C 673 7.04 35.26 31.99
N LEU C 674 8.26 34.89 32.39
CA LEU C 674 8.99 35.50 33.53
C LEU C 674 9.82 36.70 33.07
N ALA C 675 10.54 36.58 31.94
CA ALA C 675 11.44 37.64 31.42
C ALA C 675 11.56 37.56 29.89
N SER C 676 11.92 38.68 29.26
CA SER C 676 12.15 38.80 27.80
C SER C 676 13.48 39.52 27.53
N SER C 677 14.24 39.04 26.54
CA SER C 677 15.57 39.59 26.15
C SER C 677 15.37 40.83 25.28
N VAL C 678 16.27 41.82 25.42
CA VAL C 678 16.25 43.11 24.68
C VAL C 678 17.65 43.38 24.13
N GLU C 679 17.85 44.53 23.48
CA GLU C 679 19.15 45.01 22.91
C GLU C 679 19.60 44.03 21.81
N HIS C 680 18.74 43.78 20.84
CA HIS C 680 19.04 43.01 19.59
C HIS C 680 19.12 43.99 18.43
N SER C 681 20.20 43.93 17.64
CA SER C 681 20.48 44.84 16.51
C SER C 681 19.78 44.34 15.23
N VAL C 682 19.98 45.03 14.11
CA VAL C 682 19.40 44.71 12.77
C VAL C 682 19.88 43.33 12.30
N VAL C 683 21.01 42.83 12.81
CA VAL C 683 21.59 41.49 12.44
C VAL C 683 20.59 40.39 12.81
N TYR C 684 19.95 40.47 13.98
CA TYR C 684 18.89 39.53 14.42
C TYR C 684 17.69 39.70 13.48
N THR C 685 17.18 38.60 12.93
CA THR C 685 16.15 38.58 11.85
C THR C 685 14.94 37.74 12.28
N VAL C 686 13.76 38.08 11.76
CA VAL C 686 12.53 37.24 11.84
C VAL C 686 12.75 36.04 10.91
N ILE C 687 12.45 34.83 11.39
CA ILE C 687 12.66 33.56 10.64
C ILE C 687 11.64 33.49 9.51
N PRO C 688 11.94 32.81 8.36
CA PRO C 688 10.97 32.70 7.26
C PRO C 688 9.64 32.02 7.61
N ASP C 689 9.61 31.19 8.66
CA ASP C 689 8.41 30.43 9.11
C ASP C 689 7.32 31.39 9.61
N ASP C 690 7.69 32.58 10.10
CA ASP C 690 6.77 33.57 10.72
C ASP C 690 6.40 34.69 9.74
N LYS C 691 6.81 34.58 8.47
CA LYS C 691 6.55 35.61 7.42
C LYS C 691 5.50 35.09 6.43
N ALA C 692 4.51 35.91 6.11
CA ALA C 692 3.60 35.74 4.96
C ALA C 692 4.19 36.48 3.76
N PHE C 693 4.21 37.82 3.83
CA PHE C 693 4.84 38.72 2.83
C PHE C 693 5.99 39.45 3.51
N PRO C 694 7.27 39.22 3.10
CA PRO C 694 8.40 40.00 3.61
C PRO C 694 8.20 41.50 3.36
N HIS C 695 8.45 42.32 4.37
CA HIS C 695 8.40 43.80 4.31
C HIS C 695 9.59 44.39 5.05
N PRO C 696 9.96 45.68 4.83
CA PRO C 696 11.10 46.28 5.53
C PRO C 696 10.98 46.27 7.06
N GLY C 697 12.11 46.13 7.75
CA GLY C 697 12.24 46.29 9.22
C GLY C 697 11.84 45.04 10.00
N MET C 698 11.81 43.87 9.37
CA MET C 698 11.54 42.58 10.06
C MET C 698 12.85 42.06 10.66
N ASN C 699 13.31 42.71 11.74
CA ASN C 699 14.63 42.47 12.36
C ASN C 699 14.64 43.01 13.80
N GLY C 700 15.72 42.74 14.53
CA GLY C 700 15.90 43.07 15.96
C GLY C 700 15.70 44.55 16.23
N GLY C 701 14.85 44.88 17.21
CA GLY C 701 14.55 46.26 17.64
C GLY C 701 13.48 46.92 16.80
N GLU C 702 12.96 46.25 15.76
CA GLU C 702 11.92 46.80 14.84
C GLU C 702 10.73 45.84 14.67
N HIS C 703 10.76 44.64 15.26
CA HIS C 703 9.66 43.63 15.17
C HIS C 703 9.46 42.96 16.53
N PRO C 704 8.20 42.75 16.98
CA PRO C 704 7.94 42.12 18.30
C PRO C 704 8.45 40.68 18.45
N PHE C 705 8.56 39.93 17.35
CA PHE C 705 8.92 38.48 17.35
C PHE C 705 10.38 38.27 17.72
N VAL C 706 11.27 39.25 17.54
CA VAL C 706 12.72 39.13 17.88
C VAL C 706 12.88 39.31 19.39
N ARG C 707 12.84 38.20 20.14
CA ARG C 707 13.02 38.15 21.62
C ARG C 707 13.23 36.70 22.08
N ALA C 708 13.76 36.53 23.29
CA ALA C 708 13.79 35.26 24.04
C ALA C 708 12.85 35.37 25.25
N ASP C 709 12.13 34.30 25.59
CA ASP C 709 11.13 34.28 26.69
C ASP C 709 11.53 33.21 27.69
N ILE C 710 11.79 33.59 28.96
CA ILE C 710 11.98 32.65 30.10
C ILE C 710 10.59 32.20 30.56
N THR C 711 10.32 30.90 30.50
CA THR C 711 8.97 30.32 30.77
C THR C 711 9.08 29.11 31.70
N TYR C 712 7.97 28.83 32.41
CA TYR C 712 7.79 27.63 33.25
C TYR C 712 6.33 27.18 33.16
N PHE C 713 6.11 25.86 33.16
CA PHE C 713 4.77 25.23 33.33
C PHE C 713 4.92 23.91 34.09
N SER C 714 3.82 23.44 34.69
CA SER C 714 3.70 22.20 35.48
C SER C 714 2.78 21.20 34.77
N THR C 715 3.04 19.90 34.95
CA THR C 715 2.30 18.77 34.32
C THR C 715 1.73 17.89 35.44
N ALA C 716 1.13 16.74 35.08
CA ALA C 716 0.51 15.77 36.02
C ALA C 716 1.60 15.06 36.84
N ASN C 717 1.26 14.63 38.06
CA ASN C 717 2.09 13.74 38.92
C ASN C 717 3.39 14.45 39.33
N GLY C 718 3.35 15.77 39.53
CA GLY C 718 4.46 16.58 40.10
C GLY C 718 5.59 16.84 39.14
N GLY C 719 5.32 16.83 37.82
CA GLY C 719 6.29 17.16 36.76
C GLY C 719 6.24 18.64 36.39
N GLY C 720 7.31 19.14 35.77
CA GLY C 720 7.43 20.55 35.34
C GLY C 720 8.47 20.74 34.25
N MET C 721 8.38 21.83 33.50
CA MET C 721 9.34 22.20 32.42
C MET C 721 9.70 23.68 32.55
N PHE C 722 11.00 23.99 32.57
CA PHE C 722 11.58 25.36 32.65
C PHE C 722 12.45 25.60 31.43
N ALA C 723 12.25 26.73 30.74
CA ALA C 723 12.95 27.11 29.49
C ALA C 723 13.52 28.54 29.63
N THR C 724 14.77 28.73 29.18
CA THR C 724 15.49 30.03 29.18
C THR C 724 15.49 30.62 27.76
N SER C 725 15.37 29.78 26.73
CA SER C 725 15.06 30.18 25.33
C SER C 725 16.25 30.94 24.70
N SER C 726 17.48 30.63 25.10
CA SER C 726 18.71 31.29 24.58
C SER C 726 19.90 30.32 24.56
N ILE C 727 20.65 30.31 23.45
CA ILE C 727 21.89 29.49 23.29
C ILE C 727 22.97 30.02 24.23
N SER C 728 23.09 31.35 24.35
CA SER C 728 24.17 32.03 25.12
C SER C 728 23.94 31.95 26.64
N TRP C 729 22.81 31.40 27.10
CA TRP C 729 22.46 31.26 28.55
C TRP C 729 23.59 30.58 29.31
N LEU C 730 24.01 29.38 28.86
CA LEU C 730 25.09 28.57 29.50
C LEU C 730 26.41 29.35 29.47
N GLY C 731 26.58 30.27 28.50
CA GLY C 731 27.75 31.17 28.40
C GLY C 731 27.86 32.16 29.55
N SER C 732 26.78 32.43 30.29
CA SER C 732 26.71 33.46 31.37
C SER C 732 26.68 32.82 32.77
N LEU C 733 26.82 31.49 32.90
CA LEU C 733 26.74 30.79 34.20
C LEU C 733 27.94 31.17 35.08
N SER C 734 29.16 31.20 34.51
CA SER C 734 30.44 31.39 35.23
C SER C 734 30.85 32.87 35.30
N TRP C 735 30.01 33.80 34.80
CA TRP C 735 30.33 35.25 34.74
C TRP C 735 30.48 35.81 36.16
N ASN C 736 31.49 36.67 36.36
CA ASN C 736 31.78 37.34 37.66
C ASN C 736 32.07 36.27 38.73
N ASP C 737 32.87 35.26 38.38
CA ASP C 737 33.32 34.16 39.30
C ASP C 737 32.09 33.49 39.91
N TYR C 738 31.15 33.04 39.06
CA TYR C 738 29.91 32.29 39.44
C TYR C 738 29.05 33.11 40.42
N ASP C 739 29.04 34.44 40.29
CA ASP C 739 28.19 35.36 41.08
C ASP C 739 27.37 36.24 40.13
N ASN C 740 26.18 35.77 39.76
CA ASN C 740 25.26 36.45 38.80
C ASN C 740 23.85 35.88 38.91
N ASN C 741 22.88 36.56 38.30
CA ASN C 741 21.43 36.22 38.34
C ASN C 741 21.19 34.90 37.60
N VAL C 742 21.89 34.68 36.47
CA VAL C 742 21.75 33.46 35.61
C VAL C 742 22.08 32.22 36.46
N SER C 743 23.24 32.22 37.14
CA SER C 743 23.68 31.11 38.03
C SER C 743 22.65 30.87 39.13
N LYS C 744 22.21 31.96 39.79
CA LYS C 744 21.24 31.92 40.92
C LYS C 744 19.93 31.26 40.46
N MET C 745 19.37 31.72 39.33
CA MET C 745 18.08 31.23 38.77
C MET C 745 18.20 29.74 38.43
N THR C 746 19.25 29.35 37.70
CA THR C 746 19.51 27.95 37.28
C THR C 746 19.64 27.07 38.53
N LYS C 747 20.40 27.52 39.53
CA LYS C 747 20.63 26.78 40.81
C LYS C 747 19.30 26.59 41.54
N ASN C 748 18.46 27.63 41.62
CA ASN C 748 17.13 27.58 42.28
C ASN C 748 16.26 26.52 41.61
N VAL C 749 16.15 26.55 40.28
CA VAL C 749 15.30 25.62 39.48
C VAL C 749 15.81 24.19 39.69
N LEU C 750 17.12 23.97 39.58
CA LEU C 750 17.75 22.63 39.69
C LEU C 750 17.59 22.09 41.12
N ASN C 751 17.73 22.94 42.14
CA ASN C 751 17.55 22.55 43.57
C ASN C 751 16.10 22.13 43.81
N GLN C 752 15.13 22.87 43.26
CA GLN C 752 13.68 22.55 43.40
C GLN C 752 13.38 21.21 42.72
N PHE C 753 13.94 20.96 41.53
CA PHE C 753 13.59 19.79 40.68
C PHE C 753 14.18 18.49 41.23
N ILE C 754 15.27 18.52 42.01
CA ILE C 754 15.95 17.29 42.55
C ILE C 754 15.38 16.89 43.92
N LYS C 755 14.45 17.67 44.50
CA LYS C 755 13.78 17.35 45.79
C LYS C 755 12.77 16.22 45.60
N ASP C 756 12.37 15.58 46.70
CA ASP C 756 11.35 14.49 46.74
C ASP C 756 9.93 15.08 46.63
N GLU C 757 9.79 16.41 46.71
CA GLU C 757 8.49 17.14 46.63
C GLU C 757 8.04 17.23 45.18
N PRO C 758 6.72 17.24 44.87
CA PRO C 758 6.23 17.56 43.53
C PRO C 758 6.65 18.98 43.09
N ALA C 759 6.93 19.18 41.80
CA ALA C 759 7.27 20.49 41.22
C ALA C 759 6.10 21.45 41.47
N PRO C 760 6.37 22.74 41.82
CA PRO C 760 5.28 23.68 42.15
C PRO C 760 4.23 23.84 41.05
N ARG C 761 2.95 23.86 41.43
CA ARG C 761 1.79 23.95 40.51
C ARG C 761 1.63 25.39 40.01
N VAL C 762 1.44 25.57 38.70
CA VAL C 762 1.19 26.89 38.04
C VAL C 762 -0.02 26.74 37.11
N SER D 7 16.54 27.47 -36.03
CA SER D 7 16.79 27.42 -34.56
C SER D 7 17.30 26.02 -34.16
N CYS D 8 18.46 25.97 -33.51
CA CYS D 8 19.11 24.71 -33.02
C CYS D 8 20.00 25.03 -31.81
N VAL D 9 19.86 24.25 -30.74
CA VAL D 9 20.77 24.25 -29.55
C VAL D 9 21.48 22.89 -29.51
N ARG D 10 22.76 22.85 -29.88
CA ARG D 10 23.56 21.61 -30.03
C ARG D 10 24.85 21.65 -29.19
N ASP D 11 25.56 22.77 -29.15
CA ASP D 11 26.91 22.89 -28.50
C ASP D 11 26.79 23.75 -27.25
N PRO D 12 27.03 23.19 -26.04
CA PRO D 12 27.04 23.97 -24.80
C PRO D 12 28.08 25.10 -24.77
N SER D 13 29.14 25.03 -25.58
CA SER D 13 30.23 26.04 -25.65
C SER D 13 29.77 27.33 -26.34
N ASN D 14 28.62 27.32 -27.03
CA ASN D 14 28.05 28.49 -27.76
C ASN D 14 27.20 29.38 -26.83
N TYR D 15 27.12 29.06 -25.52
CA TYR D 15 26.25 29.75 -24.53
C TYR D 15 27.03 29.98 -23.24
N ARG D 16 26.55 30.92 -22.40
CA ARG D 16 27.14 31.27 -21.09
C ARG D 16 26.05 31.85 -20.18
N ASP D 17 26.37 32.04 -18.89
CA ASP D 17 25.47 32.71 -17.90
C ASP D 17 25.50 34.22 -18.20
N ARG D 18 24.54 34.69 -19.00
CA ARG D 18 24.47 36.08 -19.51
C ARG D 18 24.16 37.07 -18.38
N SER D 19 23.58 36.58 -17.27
CA SER D 19 23.29 37.38 -16.04
C SER D 19 24.58 37.98 -15.46
N ALA D 20 25.74 37.37 -15.74
CA ALA D 20 27.09 37.93 -15.43
C ALA D 20 27.19 39.39 -15.90
N ASP D 21 26.64 39.69 -17.09
CA ASP D 21 26.63 41.06 -17.68
C ASP D 21 25.94 42.02 -16.70
N TRP D 22 24.83 41.61 -16.09
CA TRP D 22 24.16 42.39 -15.01
C TRP D 22 25.09 42.50 -13.79
N TYR D 23 25.65 41.37 -13.34
CA TYR D 23 26.44 41.27 -12.08
C TYR D 23 27.62 42.23 -12.11
N ALA D 24 28.27 42.42 -13.26
CA ALA D 24 29.33 43.44 -13.48
C ALA D 24 28.71 44.84 -13.32
N PHE D 25 27.69 45.14 -14.14
CA PHE D 25 27.00 46.47 -14.22
C PHE D 25 26.51 46.88 -12.83
N TYR D 26 25.87 45.96 -12.10
CA TYR D 26 25.43 46.15 -10.70
C TYR D 26 26.63 46.51 -9.81
N ASP D 27 27.66 45.66 -9.82
CA ASP D 27 28.77 45.71 -8.83
C ASP D 27 29.47 47.07 -8.92
N GLU D 28 29.78 47.53 -10.13
CA GLU D 28 30.42 48.85 -10.38
C GLU D 28 29.60 49.94 -9.67
N ARG D 29 28.31 50.04 -9.98
CA ARG D 29 27.37 51.04 -9.39
C ARG D 29 27.52 50.99 -7.87
N ARG D 30 27.39 49.80 -7.27
CA ARG D 30 27.46 49.58 -5.79
C ARG D 30 28.76 50.18 -5.25
N ARG D 31 29.91 49.88 -5.87
CA ARG D 31 31.24 50.41 -5.45
C ARG D 31 31.17 51.94 -5.42
N LYS D 32 30.69 52.56 -6.50
CA LYS D 32 30.55 54.05 -6.64
C LYS D 32 29.69 54.57 -5.49
N GLU D 33 28.63 53.84 -5.11
CA GLU D 33 27.72 54.19 -3.98
C GLU D 33 28.52 54.18 -2.67
N ILE D 34 29.21 53.07 -2.38
CA ILE D 34 29.93 52.85 -1.08
C ILE D 34 30.95 53.98 -0.87
N ILE D 35 31.80 54.25 -1.86
CA ILE D 35 32.82 55.34 -1.82
C ILE D 35 32.12 56.67 -1.51
N ASP D 36 30.95 56.92 -2.09
CA ASP D 36 30.16 58.16 -1.83
C ASP D 36 29.81 58.24 -0.33
N ILE D 37 29.26 57.15 0.24
CA ILE D 37 28.83 57.09 1.67
C ILE D 37 30.02 57.48 2.56
N ILE D 38 31.16 56.80 2.38
CA ILE D 38 32.39 57.00 3.22
C ILE D 38 32.90 58.43 3.00
N ASP D 39 32.65 59.02 1.82
CA ASP D 39 33.03 60.44 1.52
C ASP D 39 32.08 61.40 2.23
N GLU D 40 30.78 61.11 2.28
CA GLU D 40 29.72 62.01 2.83
C GLU D 40 29.51 61.76 4.33
N HIS D 41 29.92 60.60 4.87
CA HIS D 41 29.80 60.24 6.30
C HIS D 41 31.13 59.69 6.82
N PRO D 42 32.20 60.52 6.89
CA PRO D 42 33.53 60.04 7.30
C PRO D 42 33.60 59.53 8.75
N GLU D 43 32.72 60.00 9.63
CA GLU D 43 32.67 59.62 11.07
C GLU D 43 32.48 58.09 11.25
N ILE D 44 31.77 57.42 10.33
CA ILE D 44 31.39 55.97 10.47
C ILE D 44 32.68 55.14 10.70
N VAL D 45 33.76 55.46 9.98
CA VAL D 45 35.08 54.76 10.11
C VAL D 45 35.48 54.77 11.60
N GLU D 46 35.53 55.96 12.21
CA GLU D 46 35.89 56.15 13.64
C GLU D 46 34.91 55.34 14.51
N GLU D 47 33.61 55.40 14.19
CA GLU D 47 32.55 54.61 14.89
C GLU D 47 32.97 53.14 14.92
N HIS D 48 33.33 52.57 13.77
CA HIS D 48 33.73 51.15 13.63
C HIS D 48 34.98 50.86 14.47
N ALA D 49 35.91 51.82 14.59
CA ALA D 49 37.15 51.70 15.41
C ALA D 49 36.77 51.55 16.89
N ALA D 50 35.75 52.28 17.36
CA ALA D 50 35.33 52.34 18.77
C ALA D 50 34.72 51.00 19.21
N ASN D 51 33.87 50.39 18.38
CA ASN D 51 33.04 49.20 18.75
C ASN D 51 32.65 48.45 17.48
N PRO D 52 33.53 47.59 16.90
CA PRO D 52 33.19 46.84 15.69
C PRO D 52 32.01 45.87 15.85
N PHE D 53 31.79 45.34 17.06
CA PHE D 53 30.69 44.39 17.38
C PHE D 53 29.35 45.13 17.54
N GLY D 54 29.37 46.45 17.75
CA GLY D 54 28.16 47.25 18.06
C GLY D 54 27.59 46.93 19.44
N TYR D 55 28.45 46.44 20.34
CA TYR D 55 28.09 46.01 21.73
C TYR D 55 27.53 47.21 22.51
N ARG D 56 26.22 47.18 22.79
CA ARG D 56 25.46 48.22 23.54
C ARG D 56 25.52 49.58 22.81
N LYS D 57 25.91 49.61 21.53
CA LYS D 57 25.96 50.81 20.67
C LYS D 57 25.86 50.34 19.21
N HIS D 58 24.64 50.18 18.71
CA HIS D 58 24.34 49.52 17.42
C HIS D 58 24.89 50.37 16.27
N PRO D 59 25.43 49.75 15.19
CA PRO D 59 25.98 50.51 14.06
C PRO D 59 25.00 51.50 13.43
N SER D 60 25.51 52.64 12.94
CA SER D 60 24.75 53.67 12.20
C SER D 60 24.16 53.05 10.93
N PRO D 61 22.99 53.51 10.44
CA PRO D 61 22.42 53.00 9.18
C PRO D 61 23.37 53.01 7.98
N TYR D 62 24.20 54.05 7.86
CA TYR D 62 25.19 54.23 6.75
C TYR D 62 26.31 53.20 6.92
N LEU D 63 26.83 53.04 8.14
CA LEU D 63 27.83 52.00 8.50
C LEU D 63 27.24 50.61 8.21
N GLN D 64 25.96 50.41 8.57
CA GLN D 64 25.24 49.12 8.33
C GLN D 64 25.12 48.87 6.83
N ARG D 65 24.88 49.92 6.02
CA ARG D 65 24.78 49.84 4.54
C ARG D 65 26.13 49.35 3.98
N VAL D 66 27.24 49.93 4.46
CA VAL D 66 28.63 49.57 4.05
C VAL D 66 28.88 48.10 4.42
N HIS D 67 28.53 47.70 5.65
CA HIS D 67 28.61 46.31 6.16
C HIS D 67 27.78 45.38 5.26
N ASN D 68 26.56 45.77 4.90
CA ASN D 68 25.62 44.98 4.07
C ASN D 68 26.28 44.69 2.71
N TYR D 69 26.95 45.67 2.10
CA TYR D 69 27.70 45.50 0.83
C TYR D 69 28.86 44.52 1.04
N PHE D 70 29.68 44.72 2.07
CA PHE D 70 30.97 44.01 2.26
C PHE D 70 30.74 42.54 2.65
N ARG D 71 29.72 42.24 3.46
CA ARG D 71 29.55 40.92 4.13
C ARG D 71 28.98 39.86 3.17
N MET D 72 28.35 40.26 2.05
CA MET D 72 27.65 39.31 1.11
C MET D 72 28.49 39.05 -0.14
N GLN D 73 29.79 39.38 -0.14
CA GLN D 73 30.68 39.20 -1.33
C GLN D 73 31.00 37.72 -1.51
N PRO D 74 31.38 37.28 -2.74
CA PRO D 74 31.83 35.91 -2.97
C PRO D 74 33.01 35.52 -2.08
N THR D 75 33.02 34.28 -1.58
CA THR D 75 34.02 33.73 -0.63
C THR D 75 35.42 33.74 -1.25
N PHE D 76 35.54 33.36 -2.53
CA PHE D 76 36.83 33.31 -3.27
C PHE D 76 37.39 34.73 -3.36
N GLY D 77 38.53 34.97 -2.68
CA GLY D 77 39.22 36.26 -2.63
C GLY D 77 38.82 37.10 -1.43
N ARG D 78 37.88 36.62 -0.59
CA ARG D 78 37.34 37.42 0.55
C ARG D 78 38.28 37.25 1.75
N TYR D 79 38.38 38.29 2.57
CA TYR D 79 39.25 38.34 3.77
C TYR D 79 38.55 37.69 4.96
N TYR D 80 39.33 37.06 5.84
CA TYR D 80 38.93 36.64 7.21
C TYR D 80 40.14 36.82 8.14
N ILE D 81 39.97 36.50 9.43
CA ILE D 81 41.01 36.66 10.48
C ILE D 81 41.50 35.28 10.91
N TYR D 82 42.82 35.04 10.80
CA TYR D 82 43.51 33.80 11.23
C TYR D 82 44.14 34.04 12.60
N SER D 83 43.78 33.21 13.59
CA SER D 83 44.35 33.24 14.97
C SER D 83 45.65 32.44 15.00
N GLU D 84 46.79 33.13 14.89
CA GLU D 84 48.14 32.50 14.96
C GLU D 84 48.38 31.96 16.37
N ARG D 85 48.10 32.79 17.39
CA ARG D 85 48.19 32.44 18.82
C ARG D 85 46.94 32.96 19.54
N GLU D 86 46.27 32.09 20.31
CA GLU D 86 44.95 32.36 20.96
C GLU D 86 45.10 33.57 21.88
N TRP D 87 44.32 34.62 21.65
CA TRP D 87 44.24 35.86 22.46
C TRP D 87 45.57 36.64 22.43
N ASP D 88 46.47 36.35 21.48
CA ASP D 88 47.83 36.94 21.44
C ASP D 88 48.13 37.55 20.07
N ALA D 89 47.98 36.78 18.99
CA ALA D 89 48.32 37.20 17.61
C ALA D 89 47.24 36.79 16.60
N TYR D 90 46.75 37.76 15.82
CA TYR D 90 45.80 37.57 14.69
C TYR D 90 46.40 38.20 13.43
N ARG D 91 46.11 37.60 12.27
CA ARG D 91 46.57 38.05 10.93
C ARG D 91 45.37 38.07 9.98
N ILE D 92 45.46 38.82 8.87
CA ILE D 92 44.42 38.89 7.81
C ILE D 92 44.76 37.84 6.75
N ALA D 93 43.81 36.94 6.48
CA ALA D 93 43.96 35.80 5.52
C ALA D 93 42.99 36.00 4.34
N THR D 94 43.37 35.52 3.15
CA THR D 94 42.55 35.55 1.91
C THR D 94 42.17 34.12 1.54
N ILE D 95 40.87 33.87 1.32
CA ILE D 95 40.33 32.55 0.89
C ILE D 95 40.78 32.29 -0.55
N ARG D 96 41.29 31.09 -0.82
CA ARG D 96 41.77 30.65 -2.16
C ARG D 96 41.08 29.33 -2.50
N GLU D 97 41.46 28.70 -3.62
CA GLU D 97 40.89 27.42 -4.12
C GLU D 97 41.16 26.30 -3.10
N PHE D 98 40.30 25.26 -3.11
CA PHE D 98 40.47 24.03 -2.30
C PHE D 98 41.83 23.41 -2.61
N GLY D 99 42.58 23.04 -1.56
CA GLY D 99 43.94 22.48 -1.67
C GLY D 99 45.02 23.56 -1.67
N GLU D 100 44.66 24.82 -1.41
CA GLU D 100 45.62 25.95 -1.22
C GLU D 100 45.56 26.45 0.22
N LEU D 101 46.71 26.87 0.75
CA LEU D 101 46.82 27.61 2.04
C LEU D 101 46.36 29.05 1.81
N PRO D 102 45.81 29.75 2.83
CA PRO D 102 45.42 31.15 2.67
C PRO D 102 46.66 32.07 2.60
N GLU D 103 46.51 33.23 1.95
CA GLU D 103 47.52 34.31 1.93
C GLU D 103 47.41 35.11 3.23
N LEU D 104 48.40 35.01 4.12
CA LEU D 104 48.43 35.70 5.44
C LEU D 104 49.10 37.08 5.29
N GLY D 105 48.59 38.08 6.01
CA GLY D 105 49.22 39.41 6.13
C GLY D 105 50.48 39.36 6.98
N ASP D 106 51.35 40.37 6.85
CA ASP D 106 52.65 40.46 7.57
C ASP D 106 52.42 41.00 8.98
N GLU D 107 51.51 41.96 9.14
CA GLU D 107 51.21 42.65 10.44
C GLU D 107 50.44 41.70 11.36
N ARG D 108 50.81 41.72 12.65
CA ARG D 108 50.13 40.98 13.75
C ARG D 108 49.24 41.96 14.53
N PHE D 109 48.13 41.46 15.10
CA PHE D 109 47.15 42.24 15.89
C PHE D 109 46.97 41.57 17.26
N LYS D 110 46.95 42.38 18.33
CA LYS D 110 46.86 41.89 19.74
C LYS D 110 45.45 41.37 20.01
N THR D 111 44.41 42.03 19.49
CA THR D 111 42.98 41.74 19.76
C THR D 111 42.23 41.53 18.43
N GLU D 112 41.13 40.79 18.49
CA GLU D 112 40.28 40.43 17.31
C GLU D 112 39.56 41.69 16.79
N GLU D 113 39.21 42.63 17.69
CA GLU D 113 38.52 43.90 17.31
C GLU D 113 39.44 44.74 16.41
N GLU D 114 40.72 44.86 16.79
CA GLU D 114 41.77 45.57 16.01
C GLU D 114 41.88 44.94 14.62
N ALA D 115 41.90 43.60 14.54
CA ALA D 115 41.97 42.82 13.28
C ALA D 115 40.75 43.13 12.39
N MET D 116 39.55 43.16 12.98
CA MET D 116 38.28 43.46 12.25
C MET D 116 38.34 44.88 11.66
N HIS D 117 38.79 45.86 12.44
CA HIS D 117 38.91 47.28 11.98
C HIS D 117 39.94 47.36 10.86
N ALA D 118 41.07 46.65 10.96
CA ALA D 118 42.13 46.59 9.92
C ALA D 118 41.54 45.99 8.63
N VAL D 119 40.74 44.93 8.74
CA VAL D 119 40.06 44.26 7.59
C VAL D 119 39.13 45.28 6.91
N PHE D 120 38.35 46.02 7.71
CA PHE D 120 37.41 47.07 7.24
C PHE D 120 38.17 48.11 6.43
N LEU D 121 39.25 48.66 6.99
CA LEU D 121 40.11 49.70 6.33
C LEU D 121 40.70 49.14 5.03
N ARG D 122 41.22 47.91 5.05
CA ARG D 122 41.86 47.23 3.89
C ARG D 122 40.82 47.09 2.75
N ARG D 123 39.59 46.71 3.08
CA ARG D 123 38.49 46.54 2.09
C ARG D 123 38.15 47.88 1.45
N ILE D 124 38.08 48.95 2.25
CA ILE D 124 37.80 50.34 1.75
C ILE D 124 38.93 50.75 0.80
N GLU D 125 40.18 50.49 1.18
CA GLU D 125 41.40 50.81 0.36
C GLU D 125 41.34 50.02 -0.97
N ASP D 126 40.92 48.75 -0.93
CA ASP D 126 40.77 47.90 -2.14
C ASP D 126 39.71 48.50 -3.08
N VAL D 127 38.56 48.90 -2.53
CA VAL D 127 37.43 49.50 -3.33
C VAL D 127 37.95 50.81 -3.97
N ARG D 128 38.71 51.62 -3.22
CA ARG D 128 39.32 52.88 -3.72
C ARG D 128 40.30 52.56 -4.86
N ALA D 129 41.15 51.54 -4.69
CA ALA D 129 42.19 51.13 -5.66
C ALA D 129 41.54 50.73 -7.00
N GLU D 130 40.43 49.97 -6.94
CA GLU D 130 39.66 49.49 -8.12
C GLU D 130 39.11 50.71 -8.88
N LEU D 131 38.65 51.74 -8.16
CA LEU D 131 38.08 52.99 -8.74
C LEU D 131 39.19 54.04 -8.89
N MET E 1 -53.18 -28.58 -3.12
CA MET E 1 -52.57 -28.88 -1.78
C MET E 1 -52.56 -27.62 -0.90
N LYS E 2 -52.14 -27.75 0.35
CA LYS E 2 -51.99 -26.63 1.33
C LYS E 2 -50.91 -25.67 0.82
N ASP E 3 -51.29 -24.41 0.58
CA ASP E 3 -50.39 -23.34 0.07
C ASP E 3 -50.28 -22.22 1.12
N ILE E 4 -49.18 -21.45 1.05
CA ILE E 4 -48.85 -20.37 2.02
C ILE E 4 -49.62 -19.11 1.61
N ALA E 5 -50.33 -18.48 2.58
CA ALA E 5 -51.18 -17.28 2.40
C ALA E 5 -50.50 -16.04 2.96
N ILE E 6 -49.67 -16.17 4.01
CA ILE E 6 -49.02 -15.04 4.73
C ILE E 6 -47.53 -15.35 4.94
N ARG E 7 -46.70 -14.32 4.87
CA ARG E 7 -45.23 -14.38 5.14
C ARG E 7 -44.77 -13.05 5.73
N GLY E 8 -43.63 -13.05 6.43
CA GLY E 8 -43.08 -11.84 7.08
C GLY E 8 -41.66 -12.01 7.56
N TYR E 9 -41.06 -10.92 8.03
CA TYR E 9 -39.68 -10.86 8.59
C TYR E 9 -39.55 -9.68 9.55
N CYS E 10 -38.38 -9.53 10.18
CA CYS E 10 -38.03 -8.42 11.09
C CYS E 10 -36.73 -7.75 10.62
N ASP E 11 -36.52 -6.49 11.01
CA ASP E 11 -35.39 -5.63 10.56
C ASP E 11 -34.07 -6.14 11.14
N ARG E 12 -34.08 -6.69 12.36
CA ARG E 12 -32.85 -7.10 13.10
C ARG E 12 -33.10 -8.41 13.85
N PRO E 13 -32.08 -9.29 13.99
CA PRO E 13 -32.26 -10.59 14.64
C PRO E 13 -32.45 -10.51 16.17
N SER E 14 -31.68 -9.65 16.86
CA SER E 14 -31.65 -9.54 18.33
C SER E 14 -31.99 -8.12 18.79
N VAL E 15 -32.55 -8.01 20.00
CA VAL E 15 -33.02 -6.73 20.62
CA VAL E 15 -33.00 -6.73 20.62
C VAL E 15 -32.85 -6.85 22.14
N ALA E 16 -32.42 -5.76 22.80
CA ALA E 16 -32.21 -5.68 24.27
C ALA E 16 -33.38 -4.90 24.89
N THR E 17 -33.37 -4.73 26.22
CA THR E 17 -34.45 -4.05 26.99
C THR E 17 -34.53 -2.58 26.57
N GLY E 18 -35.74 -2.10 26.25
CA GLY E 18 -36.01 -0.70 25.87
C GLY E 18 -35.64 -0.40 24.42
N GLU E 19 -35.28 -1.40 23.62
CA GLU E 19 -34.94 -1.26 22.18
C GLU E 19 -36.12 -1.75 21.34
N THR E 20 -36.28 -1.21 20.12
CA THR E 20 -37.44 -1.44 19.23
C THR E 20 -37.05 -2.39 18.09
N ILE E 21 -37.96 -3.33 17.74
CA ILE E 21 -37.85 -4.26 16.57
C ILE E 21 -39.10 -4.05 15.71
N ARG E 22 -38.92 -3.95 14.38
CA ARG E 22 -39.99 -3.67 13.38
C ARG E 22 -40.29 -4.97 12.63
N PHE E 23 -41.55 -5.16 12.23
CA PHE E 23 -42.05 -6.39 11.55
C PHE E 23 -42.74 -6.01 10.23
N TYR E 24 -42.45 -6.77 9.17
CA TYR E 24 -42.95 -6.56 7.79
C TYR E 24 -43.70 -7.83 7.37
N VAL E 25 -44.93 -7.70 6.88
CA VAL E 25 -45.85 -8.84 6.59
C VAL E 25 -46.48 -8.63 5.20
N SER E 26 -46.53 -9.68 4.38
CA SER E 26 -47.15 -9.68 3.03
C SER E 26 -48.12 -10.86 2.89
N ALA E 27 -49.33 -10.60 2.39
CA ALA E 27 -50.36 -11.62 2.06
C ALA E 27 -50.38 -11.81 0.53
N ASN E 28 -50.97 -12.90 0.06
CA ASN E 28 -51.09 -13.24 -1.39
C ASN E 28 -51.90 -12.15 -2.10
N GLU E 29 -53.00 -11.69 -1.49
CA GLU E 29 -53.84 -10.57 -2.00
C GLU E 29 -54.17 -9.62 -0.84
N THR E 30 -54.51 -8.36 -1.16
CA THR E 30 -54.98 -7.34 -0.18
C THR E 30 -56.45 -7.61 0.13
N ARG E 31 -56.72 -8.21 1.29
CA ARG E 31 -58.01 -8.83 1.69
C ARG E 31 -57.99 -9.10 3.21
N GLY E 32 -58.98 -8.60 3.95
CA GLY E 32 -59.22 -8.92 5.36
C GLY E 32 -58.14 -8.41 6.30
N THR E 33 -58.03 -9.04 7.48
CA THR E 33 -57.01 -8.75 8.53
C THR E 33 -56.38 -10.06 9.01
N PHE E 34 -55.26 -9.96 9.74
CA PHE E 34 -54.55 -11.10 10.38
C PHE E 34 -54.31 -10.80 11.87
N ASP E 35 -54.21 -11.85 12.68
CA ASP E 35 -53.96 -11.78 14.15
C ASP E 35 -52.46 -11.95 14.40
N ALA E 36 -51.89 -11.09 15.25
CA ALA E 36 -50.47 -11.13 15.68
C ALA E 36 -50.40 -11.25 17.21
N GLU E 37 -49.60 -12.18 17.73
CA GLU E 37 -49.34 -12.35 19.19
C GLU E 37 -47.85 -12.68 19.39
N LEU E 38 -47.39 -12.65 20.65
CA LEU E 38 -46.00 -12.94 21.06
C LEU E 38 -45.96 -14.29 21.78
N VAL E 39 -44.99 -15.15 21.41
CA VAL E 39 -44.77 -16.49 22.03
C VAL E 39 -43.28 -16.67 22.33
N ARG E 40 -42.98 -17.48 23.34
CA ARG E 40 -41.60 -17.94 23.70
C ARG E 40 -41.47 -19.40 23.23
N LEU E 41 -40.52 -19.67 22.34
CA LEU E 41 -40.27 -21.01 21.77
C LEU E 41 -39.55 -21.87 22.82
N ILE E 42 -39.97 -23.13 22.98
CA ILE E 42 -39.35 -24.09 23.94
C ILE E 42 -38.83 -25.31 23.16
N HIS E 43 -39.72 -26.02 22.45
CA HIS E 43 -39.40 -27.22 21.65
C HIS E 43 -40.11 -27.12 20.29
N GLY E 44 -39.36 -27.24 19.19
CA GLY E 44 -39.86 -27.14 17.81
C GLY E 44 -40.24 -28.49 17.23
N ASP E 45 -39.47 -29.54 17.54
CA ASP E 45 -39.61 -30.90 16.95
C ASP E 45 -40.97 -31.48 17.35
N SER E 46 -41.72 -32.00 16.38
CA SER E 46 -43.07 -32.60 16.56
C SER E 46 -43.02 -34.13 16.45
N ASN E 47 -41.83 -34.74 16.62
CA ASN E 47 -41.62 -36.21 16.53
C ASN E 47 -42.41 -36.88 17.65
N PRO E 48 -43.34 -37.82 17.35
CA PRO E 48 -44.08 -38.55 18.39
C PRO E 48 -43.21 -39.26 19.44
N ALA E 49 -41.99 -39.66 19.08
CA ALA E 49 -41.00 -40.31 19.98
C ALA E 49 -40.43 -39.32 21.00
N GLY E 50 -40.66 -38.00 20.83
CA GLY E 50 -40.08 -36.93 21.66
C GLY E 50 -41.13 -36.16 22.46
N PRO E 51 -40.70 -35.10 23.20
CA PRO E 51 -41.63 -34.27 23.97
C PRO E 51 -42.75 -33.60 23.16
N GLY E 52 -42.50 -33.28 21.88
CA GLY E 52 -43.45 -32.61 20.97
C GLY E 52 -43.33 -31.10 21.05
N TYR E 53 -44.08 -30.37 20.21
CA TYR E 53 -44.02 -28.89 20.08
C TYR E 53 -44.43 -28.24 21.41
N LYS E 54 -43.68 -27.20 21.82
CA LYS E 54 -43.92 -26.46 23.09
C LYS E 54 -43.64 -24.97 22.88
N GLU E 55 -44.62 -24.12 23.22
CA GLU E 55 -44.48 -22.64 23.23
C GLU E 55 -45.26 -22.06 24.43
N GLU E 56 -44.93 -20.82 24.83
CA GLU E 56 -45.62 -20.08 25.90
C GLU E 56 -46.10 -18.74 25.36
N ALA E 57 -47.42 -18.50 25.36
CA ALA E 57 -48.06 -17.21 25.01
C ALA E 57 -47.63 -16.15 26.04
N ILE E 58 -47.27 -14.95 25.55
CA ILE E 58 -46.81 -13.79 26.38
C ILE E 58 -47.69 -12.59 26.04
N LYS E 59 -48.27 -11.95 27.06
CA LYS E 59 -49.08 -10.71 26.93
C LYS E 59 -48.15 -9.56 26.53
N SER E 60 -48.54 -8.78 25.52
CA SER E 60 -47.78 -7.63 24.98
C SER E 60 -48.71 -6.65 24.26
N ASP E 61 -48.23 -5.43 24.01
CA ASP E 61 -48.93 -4.39 23.21
C ASP E 61 -49.02 -4.86 21.75
N LEU E 62 -48.12 -5.75 21.31
CA LEU E 62 -48.05 -6.31 19.94
C LEU E 62 -49.34 -7.06 19.58
N GLU E 63 -49.98 -7.74 20.54
CA GLU E 63 -51.17 -8.60 20.30
C GLU E 63 -52.30 -7.76 19.70
N GLY E 64 -52.94 -8.26 18.65
CA GLY E 64 -54.14 -7.64 18.03
C GLY E 64 -54.34 -8.01 16.57
N GLN E 65 -55.13 -7.21 15.84
CA GLN E 65 -55.49 -7.41 14.41
C GLN E 65 -54.85 -6.29 13.58
N TYR E 66 -54.30 -6.65 12.41
CA TYR E 66 -53.67 -5.71 11.44
C TYR E 66 -54.16 -6.04 10.02
N PRO E 67 -54.35 -5.02 9.14
CA PRO E 67 -54.81 -5.26 7.79
C PRO E 67 -53.76 -6.06 6.98
N ALA E 68 -54.23 -7.04 6.20
CA ALA E 68 -53.41 -7.92 5.34
C ALA E 68 -53.36 -7.33 3.93
N ARG E 69 -52.15 -7.18 3.38
CA ARG E 69 -51.90 -6.51 2.07
C ARG E 69 -50.72 -7.20 1.38
N PHE E 70 -50.72 -7.17 0.04
CA PHE E 70 -49.60 -7.66 -0.80
C PHE E 70 -48.55 -6.55 -0.89
N GLN E 71 -47.28 -6.92 -0.69
CA GLN E 71 -46.11 -6.00 -0.79
C GLN E 71 -45.15 -6.54 -1.85
N ARG E 72 -44.94 -5.78 -2.91
CA ARG E 72 -44.07 -6.16 -4.05
C ARG E 72 -42.61 -6.12 -3.60
N THR E 73 -41.80 -7.06 -4.08
CA THR E 73 -40.34 -7.18 -3.79
C THR E 73 -39.56 -6.93 -5.09
N GLN E 74 -38.61 -6.00 -5.07
CA GLN E 74 -37.62 -5.80 -6.17
C GLN E 74 -36.60 -6.95 -6.09
N PHE E 75 -36.52 -7.75 -7.15
CA PHE E 75 -35.67 -8.98 -7.22
C PHE E 75 -34.60 -8.78 -8.30
N GLY E 76 -33.36 -9.19 -8.02
CA GLY E 76 -32.21 -9.06 -8.94
C GLY E 76 -31.37 -7.84 -8.62
N SER E 77 -30.06 -7.94 -8.83
CA SER E 77 -29.06 -6.86 -8.56
C SER E 77 -28.92 -5.97 -9.79
N TYR E 78 -28.66 -4.67 -9.57
CA TYR E 78 -28.44 -3.65 -10.62
C TYR E 78 -27.74 -2.43 -10.02
N VAL E 79 -27.49 -1.40 -10.84
CA VAL E 79 -26.99 -0.07 -10.39
C VAL E 79 -28.01 1.00 -10.82
N GLU E 80 -28.38 1.88 -9.89
CA GLU E 80 -29.38 2.97 -10.07
C GLU E 80 -28.66 4.32 -9.97
N VAL E 81 -28.78 5.17 -11.00
CA VAL E 81 -28.27 6.56 -11.01
C VAL E 81 -29.48 7.50 -11.09
N ALA E 82 -29.82 8.14 -9.97
CA ALA E 82 -30.91 9.15 -9.86
C ALA E 82 -30.55 10.35 -10.73
N ASP E 83 -31.45 10.74 -11.64
CA ASP E 83 -31.24 11.87 -12.59
C ASP E 83 -32.52 12.72 -12.63
N PRO E 84 -32.77 13.56 -11.59
CA PRO E 84 -34.00 14.36 -11.52
C PRO E 84 -34.16 15.35 -12.68
N ASP E 85 -33.04 15.93 -13.15
CA ASP E 85 -33.02 17.06 -14.12
C ASP E 85 -32.78 16.53 -15.55
N ALA E 86 -32.83 15.20 -15.76
CA ALA E 86 -32.67 14.52 -17.07
C ALA E 86 -31.35 14.93 -17.73
N GLY E 87 -30.28 15.07 -16.93
CA GLY E 87 -28.91 15.33 -17.41
C GLY E 87 -28.41 14.22 -18.32
N LEU E 88 -28.68 12.96 -17.97
CA LEU E 88 -28.28 11.75 -18.73
C LEU E 88 -29.32 11.41 -19.81
N GLN E 89 -30.16 12.37 -20.22
CA GLN E 89 -31.00 12.29 -21.44
C GLN E 89 -30.61 13.45 -22.36
N PRO E 90 -29.59 13.29 -23.24
CA PRO E 90 -29.19 14.35 -24.18
C PRO E 90 -30.26 14.66 -25.22
N ASP E 91 -30.25 15.88 -25.76
CA ASP E 91 -31.23 16.39 -26.77
C ASP E 91 -30.65 16.26 -28.18
N GLY E 92 -29.33 16.08 -28.33
CA GLY E 92 -28.62 15.97 -29.62
C GLY E 92 -27.93 14.63 -29.78
N ALA E 93 -26.80 14.61 -30.49
CA ALA E 93 -25.95 13.40 -30.71
C ALA E 93 -25.44 12.92 -29.35
N PHE E 94 -25.40 11.60 -29.15
CA PHE E 94 -24.79 10.98 -27.93
C PHE E 94 -24.33 9.56 -28.24
N SER E 95 -23.50 9.01 -27.34
CA SER E 95 -22.89 7.65 -27.45
C SER E 95 -22.87 6.99 -26.07
N VAL E 96 -22.92 5.65 -26.05
CA VAL E 96 -22.80 4.81 -24.81
C VAL E 96 -21.77 3.72 -25.10
N HIS E 97 -20.74 3.63 -24.27
CA HIS E 97 -19.68 2.57 -24.34
C HIS E 97 -19.63 1.78 -23.03
N LEU E 98 -19.39 0.47 -23.14
CA LEU E 98 -19.17 -0.41 -21.96
C LEU E 98 -18.47 -1.71 -22.39
N PHE E 99 -17.93 -2.43 -21.42
CA PHE E 99 -17.44 -3.83 -21.56
C PHE E 99 -18.48 -4.75 -20.92
N LEU E 100 -18.88 -5.81 -21.64
CA LEU E 100 -19.90 -6.78 -21.17
C LEU E 100 -19.33 -8.20 -21.22
N TRP E 101 -19.81 -9.07 -20.32
CA TRP E 101 -19.40 -10.49 -20.15
C TRP E 101 -20.65 -11.28 -19.77
N SER E 102 -21.38 -11.79 -20.77
CA SER E 102 -22.75 -12.36 -20.65
C SER E 102 -22.68 -13.85 -20.28
N THR E 103 -23.43 -14.26 -19.26
CA THR E 103 -23.48 -15.65 -18.74
C THR E 103 -24.69 -16.40 -19.33
N THR E 104 -25.79 -15.71 -19.62
CA THR E 104 -27.03 -16.30 -20.22
C THR E 104 -27.49 -15.44 -21.39
N PRO E 105 -26.69 -15.34 -22.49
CA PRO E 105 -27.03 -14.46 -23.60
C PRO E 105 -28.35 -14.78 -24.32
N SER E 106 -28.82 -16.03 -24.26
CA SER E 106 -30.04 -16.53 -24.96
C SER E 106 -31.25 -16.63 -24.02
N ARG E 107 -31.17 -16.05 -22.82
CA ARG E 107 -32.26 -16.14 -21.79
C ARG E 107 -33.13 -14.87 -21.89
N GLY E 108 -33.86 -14.73 -23.00
CA GLY E 108 -34.86 -13.66 -23.22
C GLY E 108 -34.24 -12.28 -23.33
N ARG E 109 -35.06 -11.23 -23.10
CA ARG E 109 -34.64 -9.81 -23.21
C ARG E 109 -33.96 -9.38 -21.90
N GLN E 110 -32.74 -8.86 -22.00
CA GLN E 110 -31.90 -8.44 -20.84
C GLN E 110 -31.36 -7.03 -21.10
N GLY E 111 -31.80 -6.05 -20.31
CA GLY E 111 -31.32 -4.65 -20.40
C GLY E 111 -29.90 -4.52 -19.87
N ILE E 112 -28.97 -4.00 -20.68
CA ILE E 112 -27.53 -3.85 -20.32
C ILE E 112 -27.36 -2.49 -19.60
N ALA E 113 -27.78 -1.39 -20.25
CA ALA E 113 -27.72 -0.01 -19.72
C ALA E 113 -28.79 0.85 -20.38
N SER E 114 -29.58 1.60 -19.60
CA SER E 114 -30.81 2.29 -20.09
C SER E 114 -31.17 3.51 -19.24
N ARG E 115 -31.73 4.53 -19.89
CA ARG E 115 -32.65 5.54 -19.30
C ARG E 115 -33.97 5.41 -20.08
N TRP E 116 -34.84 4.49 -19.65
CA TRP E 116 -35.91 3.89 -20.48
C TRP E 116 -37.20 3.75 -19.69
N ASN E 117 -38.33 4.12 -20.30
CA ASN E 117 -39.71 3.87 -19.80
C ASN E 117 -40.34 2.80 -20.71
N ASP E 118 -40.53 1.59 -20.18
CA ASP E 118 -41.04 0.42 -20.95
C ASP E 118 -42.55 0.53 -21.17
N GLU E 119 -43.27 1.18 -20.25
CA GLU E 119 -44.74 1.41 -20.37
C GLU E 119 -45.00 2.31 -21.58
N ARG E 120 -44.28 3.43 -21.70
CA ARG E 120 -44.46 4.44 -22.78
C ARG E 120 -43.49 4.19 -23.94
N GLN E 121 -42.48 3.31 -23.78
CA GLN E 121 -41.42 3.04 -24.78
C GLN E 121 -40.69 4.34 -25.11
N SER E 122 -40.26 5.10 -24.09
CA SER E 122 -39.59 6.42 -24.23
C SER E 122 -38.16 6.36 -23.65
N GLY E 123 -37.27 7.20 -24.19
CA GLY E 123 -35.85 7.31 -23.76
C GLY E 123 -34.93 6.48 -24.64
N TRP E 124 -33.85 5.95 -24.07
CA TRP E 124 -32.84 5.11 -24.77
C TRP E 124 -32.50 3.88 -23.93
N ASN E 125 -32.13 2.78 -24.59
CA ASN E 125 -31.70 1.53 -23.92
C ASN E 125 -30.73 0.76 -24.82
N LEU E 126 -29.78 0.05 -24.20
CA LEU E 126 -28.91 -0.97 -24.82
C LEU E 126 -29.21 -2.30 -24.12
N ALA E 127 -29.72 -3.29 -24.86
CA ALA E 127 -30.24 -4.57 -24.32
C ALA E 127 -29.77 -5.75 -25.17
N ILE E 128 -30.02 -6.97 -24.68
CA ILE E 128 -29.82 -8.24 -25.43
C ILE E 128 -31.19 -8.79 -25.81
N GLU E 129 -31.46 -8.93 -27.11
CA GLU E 129 -32.72 -9.51 -27.67
C GLU E 129 -32.34 -10.61 -28.66
N ASP E 130 -32.92 -11.82 -28.51
CA ASP E 130 -32.64 -13.00 -29.36
C ASP E 130 -31.12 -13.24 -29.43
N GLY E 131 -30.42 -13.09 -28.30
CA GLY E 131 -28.97 -13.28 -28.16
C GLY E 131 -28.14 -12.32 -29.00
N ARG E 132 -28.65 -11.09 -29.24
CA ARG E 132 -27.95 -10.04 -30.01
CA ARG E 132 -27.96 -10.03 -30.01
C ARG E 132 -28.04 -8.71 -29.24
N VAL E 133 -26.98 -7.90 -29.29
CA VAL E 133 -26.94 -6.54 -28.68
C VAL E 133 -27.78 -5.61 -29.57
N VAL E 134 -28.73 -4.89 -28.99
CA VAL E 134 -29.65 -3.95 -29.70
C VAL E 134 -29.60 -2.60 -29.00
N PHE E 135 -29.45 -1.51 -29.78
CA PHE E 135 -29.49 -0.10 -29.30
C PHE E 135 -30.78 0.54 -29.81
N THR E 136 -31.62 1.01 -28.89
CA THR E 136 -33.00 1.48 -29.18
C THR E 136 -33.24 2.87 -28.56
N ILE E 137 -33.95 3.74 -29.29
CA ILE E 137 -34.49 5.03 -28.78
C ILE E 137 -36.00 5.06 -29.06
N GLY E 138 -36.74 5.85 -28.26
CA GLY E 138 -38.21 6.00 -28.35
C GLY E 138 -38.67 7.37 -27.87
N ASP E 139 -39.71 7.91 -28.50
CA ASP E 139 -40.23 9.29 -28.28
C ASP E 139 -41.46 9.28 -27.36
N GLY E 140 -41.91 8.08 -26.92
CA GLY E 140 -43.04 7.93 -25.99
C GLY E 140 -44.39 7.76 -26.68
N SER E 141 -44.44 7.86 -28.01
CA SER E 141 -45.68 7.70 -28.83
C SER E 141 -45.93 6.22 -29.15
N GLY E 142 -45.04 5.31 -28.73
CA GLY E 142 -45.09 3.87 -29.05
C GLY E 142 -44.13 3.52 -30.19
N ALA E 143 -43.80 4.49 -31.05
CA ALA E 143 -42.82 4.35 -32.16
C ALA E 143 -41.40 4.37 -31.59
N THR E 144 -40.56 3.42 -32.02
CA THR E 144 -39.14 3.27 -31.60
C THR E 144 -38.25 3.04 -32.83
N SER E 145 -36.98 3.42 -32.72
CA SER E 145 -35.90 3.21 -33.71
C SER E 145 -34.80 2.36 -33.08
N SER E 146 -34.41 1.26 -33.73
CA SER E 146 -33.44 0.26 -33.19
C SER E 146 -32.35 -0.05 -34.23
N VAL E 147 -31.16 -0.41 -33.76
CA VAL E 147 -30.05 -0.98 -34.57
C VAL E 147 -29.61 -2.29 -33.90
N VAL E 148 -29.52 -3.37 -34.68
CA VAL E 148 -29.31 -4.77 -34.20
C VAL E 148 -27.99 -5.30 -34.75
N SER E 149 -27.15 -5.88 -33.89
CA SER E 149 -25.87 -6.54 -34.27
C SER E 149 -26.16 -7.81 -35.08
N ASP E 150 -25.29 -8.11 -36.04
CA ASP E 150 -25.37 -9.28 -36.94
C ASP E 150 -24.49 -10.42 -36.40
N ARG E 151 -23.80 -10.21 -35.26
CA ARG E 151 -22.96 -11.23 -34.59
C ARG E 151 -23.54 -11.52 -33.20
N PRO E 152 -24.28 -12.64 -33.01
CA PRO E 152 -24.78 -13.02 -31.68
C PRO E 152 -23.64 -13.25 -30.67
N LEU E 153 -23.87 -12.88 -29.41
CA LEU E 153 -22.86 -12.95 -28.31
C LEU E 153 -22.55 -14.41 -27.98
N PHE E 154 -21.27 -14.72 -27.74
CA PHE E 154 -20.80 -16.00 -27.16
C PHE E 154 -20.86 -15.89 -25.63
N GLN E 155 -21.21 -17.00 -24.96
CA GLN E 155 -21.37 -17.08 -23.48
C GLN E 155 -20.01 -16.86 -22.81
N GLN E 156 -19.96 -15.96 -21.82
CA GLN E 156 -18.79 -15.66 -20.95
C GLN E 156 -17.58 -15.28 -21.83
N ILE E 157 -17.80 -14.41 -22.81
CA ILE E 157 -16.74 -13.77 -23.64
C ILE E 157 -16.83 -12.26 -23.44
N TRP E 158 -15.70 -11.62 -23.15
CA TRP E 158 -15.62 -10.15 -22.95
C TRP E 158 -15.80 -9.45 -24.30
N TYR E 159 -16.70 -8.45 -24.35
CA TYR E 159 -17.02 -7.63 -25.53
C TYR E 159 -16.89 -6.14 -25.18
N SER E 160 -16.41 -5.33 -26.12
CA SER E 160 -16.50 -3.85 -26.12
C SER E 160 -17.67 -3.43 -27.00
N ILE E 161 -18.64 -2.70 -26.43
CA ILE E 161 -19.91 -2.31 -27.10
C ILE E 161 -20.00 -0.79 -27.13
N THR E 162 -20.27 -0.21 -28.30
CA THR E 162 -20.55 1.24 -28.51
C THR E 162 -21.85 1.41 -29.29
N GLY E 163 -22.83 2.12 -28.70
CA GLY E 163 -24.06 2.57 -29.35
C GLY E 163 -24.04 4.07 -29.58
N VAL E 164 -24.36 4.52 -30.79
CA VAL E 164 -24.25 5.96 -31.21
C VAL E 164 -25.57 6.40 -31.82
N TYR E 165 -26.09 7.56 -31.38
CA TYR E 165 -27.21 8.30 -32.01
C TYR E 165 -26.64 9.57 -32.66
N ASP E 166 -26.81 9.69 -33.99
CA ASP E 166 -26.28 10.79 -34.83
C ASP E 166 -27.45 11.45 -35.56
N PRO E 167 -28.09 12.51 -34.99
CA PRO E 167 -29.19 13.20 -35.68
C PRO E 167 -28.79 13.91 -36.98
N GLU E 168 -27.54 14.38 -37.09
CA GLU E 168 -27.01 15.09 -38.29
C GLU E 168 -27.05 14.12 -39.48
N LYS E 169 -26.63 12.86 -39.29
CA LYS E 169 -26.71 11.77 -40.31
C LYS E 169 -28.06 11.03 -40.20
N LYS E 170 -28.90 11.37 -39.21
CA LYS E 170 -30.20 10.71 -38.89
C LYS E 170 -29.98 9.19 -38.81
N GLN E 171 -29.02 8.76 -37.98
CA GLN E 171 -28.51 7.37 -37.95
C GLN E 171 -28.41 6.85 -36.51
N LEU E 172 -28.57 5.54 -36.35
CA LEU E 172 -28.13 4.76 -35.16
C LEU E 172 -27.00 3.82 -35.60
N ARG E 173 -25.89 3.79 -34.88
CA ARG E 173 -24.72 2.92 -35.18
C ARG E 173 -24.40 2.05 -33.97
N LEU E 174 -23.90 0.83 -34.22
CA LEU E 174 -23.49 -0.14 -33.18
C LEU E 174 -22.14 -0.74 -33.57
N TYR E 175 -21.16 -0.69 -32.65
CA TYR E 175 -19.81 -1.28 -32.81
C TYR E 175 -19.63 -2.36 -31.73
N GLN E 176 -19.25 -3.57 -32.14
CA GLN E 176 -19.02 -4.75 -31.25
C GLN E 176 -17.64 -5.34 -31.57
N LYS E 177 -16.81 -5.52 -30.55
CA LYS E 177 -15.44 -6.11 -30.69
C LYS E 177 -15.15 -7.04 -29.51
N SER E 178 -14.75 -8.29 -29.80
CA SER E 178 -14.23 -9.25 -28.80
C SER E 178 -12.87 -8.76 -28.28
N VAL E 179 -12.67 -8.79 -26.96
CA VAL E 179 -11.44 -8.31 -26.27
C VAL E 179 -10.88 -9.46 -25.43
N VAL E 180 -11.00 -10.69 -25.94
CA VAL E 180 -10.53 -11.95 -25.28
C VAL E 180 -9.02 -11.85 -25.08
N ASN E 181 -8.55 -12.25 -23.89
CA ASN E 181 -7.11 -12.45 -23.57
C ASN E 181 -6.93 -13.87 -23.04
N ARG E 182 -5.78 -14.18 -22.45
CA ARG E 182 -5.38 -15.55 -22.03
C ARG E 182 -6.28 -16.03 -20.88
N THR E 183 -6.74 -15.14 -20.00
CA THR E 183 -7.29 -15.51 -18.66
C THR E 183 -8.69 -14.94 -18.37
N ASN E 184 -9.25 -14.05 -19.22
CA ASN E 184 -10.46 -13.25 -18.86
C ASN E 184 -11.76 -13.92 -19.36
N SER E 185 -11.69 -14.79 -20.37
CA SER E 185 -12.87 -15.33 -21.09
C SER E 185 -13.00 -16.85 -20.88
N ARG E 186 -14.10 -17.43 -21.36
CA ARG E 186 -14.41 -18.89 -21.28
C ARG E 186 -13.33 -19.68 -22.03
N PHE E 187 -13.06 -19.32 -23.29
CA PHE E 187 -12.02 -19.95 -24.15
C PHE E 187 -10.93 -18.92 -24.48
N GLY E 188 -9.76 -19.42 -24.89
CA GLY E 188 -8.52 -18.63 -25.06
C GLY E 188 -8.34 -18.11 -26.48
N LEU E 189 -7.09 -17.76 -26.82
CA LEU E 189 -6.72 -17.07 -28.09
C LEU E 189 -6.57 -18.08 -29.24
N VAL E 190 -6.58 -19.38 -28.95
CA VAL E 190 -6.47 -20.48 -29.97
C VAL E 190 -7.72 -20.50 -30.85
N VAL E 191 -8.88 -20.08 -30.31
CA VAL E 191 -10.19 -20.10 -31.04
C VAL E 191 -10.18 -18.96 -32.06
N PRO E 192 -10.34 -19.24 -33.36
CA PRO E 192 -10.40 -18.18 -34.38
C PRO E 192 -11.76 -17.48 -34.39
N LEU E 193 -12.04 -16.71 -33.33
CA LEU E 193 -13.35 -16.04 -33.09
C LEU E 193 -13.51 -14.87 -34.06
N ASP E 194 -14.68 -14.77 -34.70
CA ASP E 194 -15.09 -13.64 -35.57
C ASP E 194 -16.45 -13.12 -35.08
N SER E 195 -16.42 -12.21 -34.10
CA SER E 195 -17.63 -11.60 -33.47
C SER E 195 -17.59 -10.07 -33.54
N ASP E 196 -16.70 -9.48 -34.35
CA ASP E 196 -16.60 -8.02 -34.54
C ASP E 196 -17.64 -7.61 -35.59
N CYS E 197 -18.26 -6.42 -35.42
CA CYS E 197 -19.25 -5.85 -36.38
C CYS E 197 -19.40 -4.34 -36.19
N ALA E 198 -19.76 -3.64 -37.26
CA ALA E 198 -20.16 -2.22 -37.30
C ALA E 198 -21.43 -2.09 -38.16
N VAL E 199 -22.57 -1.80 -37.54
CA VAL E 199 -23.92 -1.84 -38.20
C VAL E 199 -24.57 -0.46 -38.06
N SER E 200 -25.32 -0.04 -39.09
CA SER E 200 -26.06 1.24 -39.15
C SER E 200 -27.55 1.00 -39.43
N ALA E 201 -28.41 1.87 -38.91
CA ALA E 201 -29.89 1.86 -39.14
C ALA E 201 -30.40 3.31 -39.15
N ASP E 202 -31.57 3.52 -39.77
CA ASP E 202 -32.21 4.86 -39.91
C ASP E 202 -32.90 5.21 -38.59
N ALA E 203 -32.64 6.41 -38.06
CA ALA E 203 -33.31 6.98 -36.87
C ALA E 203 -34.48 7.87 -37.33
N THR E 204 -35.72 7.44 -37.05
CA THR E 204 -36.98 8.10 -37.49
C THR E 204 -37.64 8.87 -36.33
N VAL E 205 -37.26 8.59 -35.08
CA VAL E 205 -37.81 9.26 -33.86
C VAL E 205 -36.67 9.92 -33.09
N LYS E 206 -37.00 10.68 -32.04
CA LYS E 206 -36.03 11.32 -31.11
C LYS E 206 -36.23 10.75 -29.71
N ALA E 207 -35.14 10.65 -28.94
CA ALA E 207 -35.14 10.14 -27.55
C ALA E 207 -35.80 11.17 -26.63
N ALA E 208 -36.96 10.84 -26.05
CA ALA E 208 -37.74 11.68 -25.12
C ALA E 208 -37.29 11.39 -23.67
N ASP E 209 -37.66 12.26 -22.73
CA ASP E 209 -37.39 12.04 -21.28
C ASP E 209 -38.26 10.88 -20.79
N SER E 210 -37.64 9.83 -20.27
CA SER E 210 -38.31 8.60 -19.76
C SER E 210 -38.97 8.85 -18.40
N GLU E 211 -38.53 9.89 -17.66
CA GLU E 211 -38.97 10.22 -16.28
C GLU E 211 -38.65 9.03 -15.35
N THR E 212 -37.53 8.37 -15.58
CA THR E 212 -36.98 7.27 -14.73
C THR E 212 -35.50 7.56 -14.44
N SER E 213 -34.93 6.86 -13.47
CA SER E 213 -33.47 6.87 -13.14
C SER E 213 -32.74 5.98 -14.15
N LEU E 214 -31.47 6.31 -14.45
CA LEU E 214 -30.61 5.47 -15.32
C LEU E 214 -30.29 4.16 -14.61
N LEU E 215 -30.32 3.03 -15.34
CA LEU E 215 -30.09 1.67 -14.78
C LEU E 215 -28.94 0.99 -15.53
N ILE E 216 -28.04 0.34 -14.77
CA ILE E 216 -27.05 -0.64 -15.30
C ILE E 216 -27.57 -2.03 -14.92
N ALA E 217 -27.70 -2.92 -15.92
CA ALA E 217 -28.20 -4.31 -15.81
C ALA E 217 -29.72 -4.31 -15.52
N GLY E 218 -30.50 -3.53 -16.29
CA GLY E 218 -31.98 -3.52 -16.18
C GLY E 218 -32.64 -2.45 -17.04
N LEU E 219 -33.98 -2.48 -17.10
CA LEU E 219 -34.85 -1.50 -17.81
C LEU E 219 -35.89 -0.95 -16.83
N GLY E 220 -36.21 0.35 -16.94
CA GLY E 220 -37.28 1.00 -16.16
C GLY E 220 -38.65 0.48 -16.58
N GLU E 221 -39.47 0.03 -15.62
CA GLU E 221 -40.81 -0.54 -15.88
C GLU E 221 -41.76 0.58 -16.33
N ALA E 222 -41.78 1.70 -15.61
CA ALA E 222 -42.67 2.86 -15.85
C ALA E 222 -42.11 4.11 -15.18
N ALA E 223 -42.82 5.24 -15.31
CA ALA E 223 -42.50 6.54 -14.67
C ALA E 223 -42.38 6.34 -13.15
N ALA E 224 -41.32 6.88 -12.54
CA ALA E 224 -41.00 6.74 -11.10
C ALA E 224 -42.14 7.31 -10.25
N GLN E 225 -42.67 6.50 -9.32
CA GLN E 225 -43.72 6.90 -8.35
C GLN E 225 -43.07 7.02 -6.97
N ASP E 226 -43.20 8.20 -6.34
CA ASP E 226 -42.59 8.53 -5.01
C ASP E 226 -41.07 8.33 -5.10
N GLY E 227 -40.47 8.63 -6.26
CA GLY E 227 -39.02 8.55 -6.50
C GLY E 227 -38.46 7.14 -6.43
N ARG E 228 -39.21 6.13 -6.90
CA ARG E 228 -38.75 4.72 -7.03
C ARG E 228 -38.94 4.24 -8.46
N THR E 229 -37.86 3.80 -9.12
CA THR E 229 -37.88 3.18 -10.47
C THR E 229 -37.77 1.66 -10.32
N TRP E 230 -38.87 0.94 -10.59
CA TRP E 230 -38.89 -0.55 -10.61
C TRP E 230 -38.06 -1.03 -11.81
N CYS E 231 -37.16 -1.98 -11.56
CA CYS E 231 -36.20 -2.54 -12.55
C CYS E 231 -36.72 -3.88 -13.07
N ILE E 232 -36.84 -4.02 -14.40
CA ILE E 232 -37.30 -5.26 -15.10
C ILE E 232 -36.28 -5.63 -16.18
N ALA E 233 -36.44 -6.82 -16.79
CA ALA E 233 -35.55 -7.40 -17.82
C ALA E 233 -34.11 -7.41 -17.29
N HIS E 234 -33.89 -8.16 -16.20
CA HIS E 234 -32.62 -8.21 -15.43
C HIS E 234 -31.54 -8.90 -16.27
N TYR E 235 -30.32 -8.34 -16.27
CA TYR E 235 -29.14 -8.86 -17.02
C TYR E 235 -28.34 -9.80 -16.10
N ASN E 236 -27.77 -10.84 -16.69
CA ASN E 236 -26.91 -11.84 -16.01
C ASN E 236 -25.49 -11.73 -16.58
N GLY E 237 -24.51 -11.44 -15.72
CA GLY E 237 -23.08 -11.39 -16.08
C GLY E 237 -22.41 -10.11 -15.60
N LYS E 238 -21.24 -9.78 -16.16
CA LYS E 238 -20.39 -8.65 -15.69
C LYS E 238 -20.52 -7.46 -16.64
N VAL E 239 -20.57 -6.25 -16.05
CA VAL E 239 -20.44 -4.95 -16.78
C VAL E 239 -19.21 -4.23 -16.22
N ASP E 240 -18.40 -3.62 -17.09
CA ASP E 240 -17.11 -2.95 -16.74
C ASP E 240 -17.04 -1.60 -17.47
N ALA E 241 -16.90 -0.52 -16.69
CA ALA E 241 -16.60 0.87 -17.14
C ALA E 241 -17.64 1.37 -18.14
N PRO E 242 -18.95 1.46 -17.76
CA PRO E 242 -19.94 2.11 -18.62
C PRO E 242 -19.78 3.64 -18.61
N LYS E 243 -19.95 4.29 -19.78
CA LYS E 243 -19.79 5.75 -19.95
C LYS E 243 -20.73 6.26 -21.04
N ILE E 244 -21.13 7.54 -20.93
CA ILE E 244 -22.00 8.25 -21.92
C ILE E 244 -21.22 9.47 -22.42
N TYR E 245 -21.25 9.70 -23.75
CA TYR E 245 -20.62 10.85 -24.43
C TYR E 245 -21.73 11.75 -25.02
N GLY E 246 -21.53 13.07 -24.96
CA GLY E 246 -22.48 14.08 -25.48
C GLY E 246 -22.27 14.37 -26.96
N CYS E 247 -21.49 13.55 -27.66
CA CYS E 247 -21.20 13.66 -29.12
C CYS E 247 -21.44 12.31 -29.80
N ALA E 248 -21.33 12.27 -31.14
CA ALA E 248 -21.42 11.05 -31.98
C ALA E 248 -20.01 10.53 -32.25
N LEU E 249 -19.70 9.32 -31.78
CA LEU E 249 -18.35 8.68 -31.90
C LEU E 249 -18.27 7.90 -33.23
N GLY E 250 -17.04 7.83 -33.79
CA GLY E 250 -16.72 7.12 -35.04
C GLY E 250 -16.15 5.74 -34.78
N GLN E 251 -15.62 5.10 -35.82
CA GLN E 251 -15.05 3.72 -35.77
C GLN E 251 -13.72 3.77 -35.00
N ASP E 252 -12.86 4.74 -35.30
CA ASP E 252 -11.54 4.95 -34.64
C ASP E 252 -11.72 5.17 -33.13
N ASP E 253 -12.72 5.96 -32.72
CA ASP E 253 -13.07 6.24 -31.31
C ASP E 253 -13.45 4.92 -30.61
N ALA E 254 -14.30 4.11 -31.25
CA ALA E 254 -14.72 2.77 -30.77
C ALA E 254 -13.50 1.85 -30.63
N GLU E 255 -12.58 1.89 -31.59
CA GLU E 255 -11.33 1.08 -31.62
C GLU E 255 -10.45 1.46 -30.41
N LYS E 256 -10.28 2.75 -30.15
CA LYS E 256 -9.48 3.27 -29.01
C LYS E 256 -10.16 2.92 -27.69
N LEU E 257 -11.50 3.01 -27.64
CA LEU E 257 -12.31 2.68 -26.42
C LEU E 257 -12.15 1.18 -26.09
N SER E 258 -12.09 0.31 -27.11
CA SER E 258 -11.98 -1.17 -26.94
C SER E 258 -10.63 -1.55 -26.29
N ARG E 259 -9.60 -0.70 -26.42
CA ARG E 259 -8.24 -0.95 -25.87
C ARG E 259 -8.06 -0.28 -24.50
N GLY E 260 -9.10 0.39 -23.97
CA GLY E 260 -9.13 0.94 -22.60
C GLY E 260 -8.70 2.40 -22.52
N GLU E 261 -8.55 3.09 -23.67
CA GLU E 261 -8.24 4.54 -23.71
C GLU E 261 -9.52 5.34 -23.44
N ILE E 262 -9.42 6.40 -22.64
CA ILE E 262 -10.53 7.35 -22.35
C ILE E 262 -10.48 8.47 -23.39
N VAL E 263 -11.21 8.30 -24.50
CA VAL E 263 -11.23 9.25 -25.66
C VAL E 263 -12.08 10.47 -25.28
N ARG E 264 -11.76 11.64 -25.86
CA ARG E 264 -12.50 12.92 -25.72
C ARG E 264 -12.99 13.11 -24.28
N PRO E 265 -12.08 13.19 -23.28
CA PRO E 265 -12.50 13.22 -21.87
C PRO E 265 -13.47 14.37 -21.54
N ILE E 266 -13.27 15.53 -22.17
CA ILE E 266 -14.12 16.75 -21.99
C ILE E 266 -15.58 16.45 -22.41
N SER E 267 -15.80 15.56 -23.38
CA SER E 267 -17.13 15.28 -23.99
C SER E 267 -17.97 14.30 -23.15
N ARG E 268 -17.40 13.65 -22.12
CA ARG E 268 -18.13 12.68 -21.25
C ARG E 268 -19.24 13.40 -20.50
N LEU E 269 -20.44 12.81 -20.43
CA LEU E 269 -21.57 13.27 -19.58
C LEU E 269 -21.53 12.55 -18.23
N ALA E 270 -21.23 11.25 -18.25
CA ALA E 270 -20.99 10.40 -17.05
C ALA E 270 -19.99 9.29 -17.39
N HIS E 271 -19.25 8.82 -16.38
CA HIS E 271 -18.30 7.68 -16.47
C HIS E 271 -18.20 7.01 -15.09
N TRP E 272 -18.83 5.84 -14.92
CA TRP E 272 -18.87 5.09 -13.64
C TRP E 272 -17.69 4.12 -13.58
N ASP E 273 -16.74 4.37 -12.67
CA ASP E 273 -15.60 3.48 -12.36
C ASP E 273 -15.96 2.64 -11.14
N PHE E 274 -16.31 1.36 -11.35
CA PHE E 274 -16.75 0.43 -10.28
C PHE E 274 -15.57 0.11 -9.34
N SER E 275 -14.31 0.28 -9.78
CA SER E 275 -13.09 0.04 -8.97
C SER E 275 -12.79 1.21 -8.03
N ALA E 276 -13.34 2.41 -8.29
CA ALA E 276 -13.14 3.61 -7.43
C ALA E 276 -13.69 3.33 -6.03
N GLY E 277 -12.82 3.32 -5.03
CA GLY E 277 -13.15 3.04 -3.61
C GLY E 277 -12.47 1.79 -3.06
N ILE E 278 -11.70 1.06 -3.87
CA ILE E 278 -10.90 -0.11 -3.41
C ILE E 278 -9.68 0.40 -2.64
N GLY E 279 -9.50 -0.10 -1.40
CA GLY E 279 -8.34 0.19 -0.53
C GLY E 279 -7.83 -1.07 0.15
N LEU E 280 -6.98 -0.91 1.17
CA LEU E 280 -6.40 -2.03 1.96
C LEU E 280 -7.51 -2.79 2.70
N ASN E 281 -8.65 -2.15 2.95
CA ASN E 281 -9.83 -2.73 3.65
C ASN E 281 -10.92 -3.14 2.64
N GLY E 282 -10.57 -3.32 1.36
CA GLY E 282 -11.53 -3.68 0.29
C GLY E 282 -12.39 -2.50 -0.13
N ILE E 283 -13.65 -2.78 -0.51
CA ILE E 283 -14.64 -1.74 -0.95
C ILE E 283 -15.98 -2.02 -0.26
N PRO E 284 -16.09 -1.75 1.06
CA PRO E 284 -17.33 -1.99 1.79
C PRO E 284 -18.34 -0.83 1.65
N THR E 285 -18.88 -0.65 0.44
CA THR E 285 -19.85 0.43 0.12
C THR E 285 -20.70 0.06 -1.10
N ASP E 286 -21.87 0.69 -1.23
CA ASP E 286 -22.78 0.60 -2.40
C ASP E 286 -22.61 1.85 -3.28
N HIS E 287 -21.79 2.82 -2.86
CA HIS E 287 -21.56 4.08 -3.60
C HIS E 287 -20.74 3.79 -4.86
N VAL E 288 -21.26 4.17 -6.03
CA VAL E 288 -20.53 4.08 -7.33
C VAL E 288 -20.11 5.51 -7.73
N VAL E 289 -18.81 5.71 -7.94
CA VAL E 289 -18.20 7.05 -8.21
C VAL E 289 -18.38 7.37 -9.70
N ASP E 290 -18.86 8.58 -9.99
CA ASP E 290 -18.88 9.18 -11.36
C ASP E 290 -17.51 9.83 -11.58
N ALA E 291 -16.70 9.23 -12.48
CA ALA E 291 -15.29 9.62 -12.73
C ALA E 291 -15.20 10.74 -13.78
N SER E 292 -16.33 11.23 -14.32
CA SER E 292 -16.35 12.34 -15.32
C SER E 292 -16.38 13.71 -14.61
N GLY E 293 -16.56 13.73 -13.28
CA GLY E 293 -16.60 14.96 -12.46
C GLY E 293 -17.85 15.79 -12.75
N TYR E 294 -19.00 15.15 -12.88
CA TYR E 294 -20.33 15.80 -13.04
C TYR E 294 -21.31 15.32 -11.96
N GLY E 295 -20.85 14.52 -10.99
CA GLY E 295 -21.59 14.14 -9.77
C GLY E 295 -22.84 13.31 -10.04
N HIS E 296 -22.85 12.53 -11.12
CA HIS E 296 -23.93 11.54 -11.42
C HIS E 296 -23.58 10.21 -10.75
N HIS E 297 -23.43 10.21 -9.42
CA HIS E 297 -23.03 9.03 -8.61
C HIS E 297 -24.17 8.00 -8.64
N GLY E 298 -23.82 6.71 -8.61
CA GLY E 298 -24.75 5.57 -8.66
C GLY E 298 -24.89 4.87 -7.31
N ARG E 299 -25.81 3.92 -7.22
CA ARG E 299 -26.03 3.08 -6.03
C ARG E 299 -26.23 1.63 -6.47
N CYS E 300 -25.46 0.70 -5.90
CA CYS E 300 -25.65 -0.77 -6.06
C CYS E 300 -26.94 -1.17 -5.35
N MET E 301 -27.75 -2.03 -5.99
CA MET E 301 -29.05 -2.50 -5.46
C MET E 301 -29.10 -4.02 -5.51
N ASN E 302 -29.47 -4.66 -4.39
CA ASN E 302 -29.53 -6.14 -4.19
C ASN E 302 -28.12 -6.75 -4.25
N GLN E 303 -27.09 -5.98 -3.86
CA GLN E 303 -25.69 -6.45 -3.63
C GLN E 303 -25.16 -7.23 -4.84
N PRO E 304 -24.80 -6.54 -5.95
CA PRO E 304 -24.00 -7.17 -7.00
C PRO E 304 -22.57 -7.45 -6.49
N SER E 305 -21.92 -8.47 -7.05
CA SER E 305 -20.57 -8.93 -6.65
C SER E 305 -19.53 -7.87 -7.02
N ARG E 306 -18.97 -7.18 -6.01
CA ARG E 306 -17.87 -6.19 -6.17
C ARG E 306 -16.52 -6.91 -6.02
N GLY E 307 -15.44 -6.26 -6.47
CA GLY E 307 -14.11 -6.87 -6.59
C GLY E 307 -14.11 -8.06 -7.54
N SER E 308 -14.84 -7.95 -8.66
CA SER E 308 -14.94 -8.98 -9.72
C SER E 308 -13.86 -8.74 -10.78
N THR E 309 -13.29 -9.81 -11.33
CA THR E 309 -12.23 -9.76 -12.38
C THR E 309 -12.82 -9.03 -13.60
N GLY E 310 -12.04 -8.10 -14.17
CA GLY E 310 -12.48 -7.18 -15.23
C GLY E 310 -12.09 -7.67 -16.62
N TRP E 311 -12.29 -6.81 -17.64
CA TRP E 311 -12.03 -7.12 -19.07
C TRP E 311 -10.53 -7.30 -19.32
N ASN E 312 -9.67 -6.61 -18.54
CA ASN E 312 -8.20 -6.52 -18.78
C ASN E 312 -7.43 -7.34 -17.73
N TRP E 313 -8.10 -8.25 -17.01
CA TRP E 313 -7.49 -9.09 -15.96
C TRP E 313 -6.59 -10.15 -16.61
N ASP E 314 -5.26 -10.01 -16.45
CA ASP E 314 -4.24 -10.89 -17.07
C ASP E 314 -3.77 -11.96 -16.08
N GLY E 315 -4.27 -11.94 -14.83
CA GLY E 315 -4.05 -12.98 -13.81
C GLY E 315 -2.69 -12.92 -13.14
N HIS E 316 -1.94 -11.81 -13.28
CA HIS E 316 -0.62 -11.62 -12.62
C HIS E 316 -0.84 -11.36 -11.11
N GLU E 317 -1.94 -10.69 -10.76
CA GLU E 317 -2.35 -10.40 -9.36
C GLU E 317 -3.78 -10.92 -9.14
N GLU E 318 -4.00 -11.68 -8.06
CA GLU E 318 -5.30 -12.36 -7.76
C GLU E 318 -5.97 -11.73 -6.52
N ASN E 319 -5.41 -10.66 -5.96
CA ASN E 319 -6.04 -9.87 -4.87
C ASN E 319 -6.44 -8.50 -5.42
N PHE E 320 -7.72 -8.15 -5.35
CA PHE E 320 -8.31 -6.93 -5.95
C PHE E 320 -7.81 -5.68 -5.22
N ILE E 321 -7.33 -5.79 -3.97
CA ILE E 321 -6.82 -4.62 -3.18
C ILE E 321 -5.44 -4.23 -3.69
N HIS E 322 -4.73 -5.10 -4.43
CA HIS E 322 -3.35 -4.81 -4.92
C HIS E 322 -3.34 -4.48 -6.43
N CYS E 323 -4.43 -4.75 -7.16
CA CYS E 323 -4.56 -4.45 -8.62
C CYS E 323 -5.97 -3.98 -8.94
N PRO E 324 -6.42 -2.82 -8.40
CA PRO E 324 -7.79 -2.34 -8.62
C PRO E 324 -8.14 -2.01 -10.08
N GLU E 325 -7.16 -1.65 -10.91
CA GLU E 325 -7.37 -1.27 -12.34
C GLU E 325 -7.83 -2.48 -13.17
N GLN E 326 -7.57 -3.71 -12.72
CA GLN E 326 -8.00 -4.96 -13.42
C GLN E 326 -9.23 -5.58 -12.74
N TYR E 327 -9.84 -4.90 -11.75
CA TYR E 327 -11.02 -5.40 -11.00
C TYR E 327 -12.16 -4.36 -11.07
N GLY E 328 -12.42 -3.84 -12.26
CA GLY E 328 -13.39 -2.75 -12.51
C GLY E 328 -14.77 -3.25 -12.89
N ALA E 329 -15.05 -4.55 -12.75
CA ALA E 329 -16.31 -5.20 -13.21
C ALA E 329 -17.26 -5.39 -12.02
N LEU E 330 -18.57 -5.37 -12.28
CA LEU E 330 -19.64 -5.82 -11.35
C LEU E 330 -20.35 -7.01 -11.98
N TRP E 331 -20.60 -8.07 -11.19
CA TRP E 331 -21.38 -9.26 -11.58
C TRP E 331 -22.83 -9.08 -11.11
N PHE E 332 -23.79 -9.07 -12.04
CA PHE E 332 -25.24 -8.97 -11.78
C PHE E 332 -25.90 -10.33 -12.02
N HIS E 333 -26.79 -10.73 -11.10
CA HIS E 333 -27.65 -11.95 -11.22
C HIS E 333 -29.12 -11.51 -11.11
N GLU E 334 -30.01 -12.16 -11.88
CA GLU E 334 -31.47 -11.83 -11.90
C GLU E 334 -32.15 -12.28 -10.61
N ASP E 335 -31.46 -13.04 -9.75
CA ASP E 335 -32.04 -13.69 -8.53
C ASP E 335 -31.25 -13.28 -7.28
N CYS E 336 -30.74 -12.04 -7.23
CA CYS E 336 -30.11 -11.42 -6.04
C CYS E 336 -31.18 -10.73 -5.18
N LEU E 337 -30.99 -10.72 -3.85
CA LEU E 337 -31.89 -10.05 -2.88
C LEU E 337 -31.12 -9.77 -1.58
N ASP E 338 -31.00 -8.49 -1.18
CA ASP E 338 -30.34 -8.05 0.07
C ASP E 338 -31.36 -7.42 1.04
N ASP E 339 -32.54 -7.02 0.56
CA ASP E 339 -33.61 -6.40 1.38
C ASP E 339 -34.93 -6.40 0.59
N CYS E 340 -36.01 -6.89 1.21
CA CYS E 340 -37.38 -6.90 0.63
C CYS E 340 -37.93 -5.48 0.50
N ARG E 341 -37.47 -4.55 1.37
CA ARG E 341 -37.83 -3.10 1.34
C ARG E 341 -39.35 -2.93 1.45
N TRP E 342 -40.01 -3.74 2.29
CA TRP E 342 -41.48 -3.67 2.54
C TRP E 342 -41.78 -2.51 3.50
N GLU E 343 -43.07 -2.18 3.62
CA GLU E 343 -43.59 -1.21 4.62
C GLU E 343 -43.79 -1.91 5.96
N LYS E 344 -43.44 -1.24 7.06
CA LYS E 344 -43.60 -1.74 8.44
C LYS E 344 -45.10 -1.95 8.72
N ASP E 345 -45.44 -3.07 9.36
CA ASP E 345 -46.83 -3.43 9.75
C ASP E 345 -47.07 -3.10 11.24
N PHE E 346 -46.06 -3.34 12.09
CA PHE E 346 -46.07 -2.99 13.54
C PHE E 346 -44.66 -3.13 14.11
N GLU E 347 -44.42 -2.54 15.28
CA GLU E 347 -43.11 -2.60 16.00
C GLU E 347 -43.36 -3.00 17.46
N PHE E 348 -42.30 -3.49 18.13
CA PHE E 348 -42.32 -3.97 19.54
C PHE E 348 -41.11 -3.40 20.28
N THR E 349 -41.35 -2.75 21.44
CA THR E 349 -40.30 -2.29 22.38
C THR E 349 -40.24 -3.28 23.55
N VAL E 350 -39.05 -3.81 23.84
CA VAL E 350 -38.82 -4.84 24.90
C VAL E 350 -39.06 -4.17 26.26
N PRO E 351 -40.07 -4.60 27.05
CA PRO E 351 -40.29 -4.05 28.38
C PRO E 351 -39.26 -4.56 29.41
N GLU E 352 -39.22 -3.93 30.59
CA GLU E 352 -38.39 -4.36 31.74
C GLU E 352 -39.00 -5.65 32.31
N GLY E 353 -38.17 -6.66 32.59
CA GLY E 353 -38.59 -7.93 33.22
C GLY E 353 -38.71 -9.08 32.24
N LEU E 354 -38.86 -8.81 30.94
CA LEU E 354 -38.95 -9.87 29.89
C LEU E 354 -37.61 -10.60 29.80
N LYS E 355 -37.59 -11.86 30.25
CA LYS E 355 -36.37 -12.71 30.39
C LYS E 355 -35.77 -12.98 29.01
N SER E 356 -34.44 -12.91 28.90
CA SER E 356 -33.66 -13.16 27.66
C SER E 356 -33.87 -14.62 27.23
N ASP E 357 -34.41 -14.84 26.03
CA ASP E 357 -34.76 -16.19 25.50
C ASP E 357 -35.04 -16.11 24.00
N PHE E 358 -35.44 -17.24 23.39
CA PHE E 358 -35.91 -17.35 21.99
C PHE E 358 -37.39 -16.94 21.97
N TYR E 359 -37.76 -15.96 21.15
CA TYR E 359 -39.15 -15.45 21.00
C TYR E 359 -39.56 -15.50 19.52
N ALA E 360 -40.86 -15.41 19.26
CA ALA E 360 -41.45 -15.34 17.90
C ALA E 360 -42.75 -14.55 17.93
N VAL E 361 -43.07 -13.87 16.83
CA VAL E 361 -44.41 -13.28 16.55
C VAL E 361 -45.22 -14.32 15.77
N LYS E 362 -46.31 -14.81 16.37
CA LYS E 362 -47.23 -15.81 15.77
C LYS E 362 -48.35 -15.06 15.04
N ILE E 363 -48.54 -15.34 13.74
CA ILE E 363 -49.54 -14.67 12.87
C ILE E 363 -50.52 -15.72 12.33
N ARG E 364 -51.83 -15.48 12.51
CA ARG E 364 -52.93 -16.33 11.97
C ARG E 364 -53.67 -15.52 10.89
N TYR E 365 -53.79 -16.08 9.68
CA TYR E 365 -54.49 -15.47 8.53
C TYR E 365 -55.12 -16.59 7.68
N GLU E 366 -56.45 -16.56 7.50
CA GLU E 366 -57.24 -17.65 6.86
C GLU E 366 -57.00 -18.91 7.71
N ASP E 367 -56.52 -20.02 7.13
CA ASP E 367 -56.15 -21.25 7.86
C ASP E 367 -54.63 -21.30 8.07
N THR E 368 -53.88 -20.30 7.59
CA THR E 368 -52.39 -20.28 7.61
C THR E 368 -51.91 -19.73 8.97
N GLU E 369 -50.85 -20.35 9.51
CA GLU E 369 -50.14 -19.96 10.75
C GLU E 369 -48.66 -19.76 10.39
N ASP E 370 -48.11 -18.56 10.63
CA ASP E 370 -46.70 -18.21 10.36
C ASP E 370 -46.03 -17.72 11.65
N TYR E 371 -44.70 -17.86 11.71
CA TYR E 371 -43.84 -17.41 12.84
C TYR E 371 -42.77 -16.46 12.30
N ILE E 372 -42.51 -15.36 13.02
CA ILE E 372 -41.32 -14.48 12.81
C ILE E 372 -40.45 -14.60 14.06
N PRO E 373 -39.41 -15.48 14.05
CA PRO E 373 -38.52 -15.61 15.21
C PRO E 373 -37.58 -14.41 15.40
N PHE E 374 -37.19 -14.17 16.67
CA PHE E 374 -36.15 -13.18 17.07
C PHE E 374 -35.64 -13.55 18.47
N PHE E 375 -34.67 -12.79 19.00
CA PHE E 375 -33.97 -13.06 20.27
C PHE E 375 -34.01 -11.80 21.14
N VAL E 376 -34.35 -11.95 22.42
CA VAL E 376 -34.32 -10.84 23.43
C VAL E 376 -33.01 -10.96 24.21
N LEU E 377 -32.19 -9.90 24.18
CA LEU E 377 -30.91 -9.79 24.94
C LEU E 377 -31.22 -9.24 26.33
N PRO E 378 -30.36 -9.50 27.34
CA PRO E 378 -30.49 -8.84 28.65
C PRO E 378 -30.19 -7.35 28.54
N PRO E 379 -30.53 -6.53 29.57
CA PRO E 379 -30.21 -5.10 29.56
C PRO E 379 -28.74 -4.82 29.24
N ARG E 380 -28.48 -3.82 28.39
CA ARG E 380 -27.14 -3.53 27.80
C ARG E 380 -26.09 -3.40 28.90
N GLY E 381 -25.01 -4.18 28.80
CA GLY E 381 -23.84 -4.12 29.70
C GLY E 381 -23.99 -4.93 30.97
N THR E 382 -25.04 -5.76 31.08
CA THR E 382 -25.32 -6.61 32.27
C THR E 382 -25.63 -8.05 31.81
N ALA E 383 -25.45 -9.01 32.72
CA ALA E 383 -25.87 -10.42 32.59
C ALA E 383 -26.90 -10.74 33.69
N THR E 384 -27.85 -11.64 33.41
CA THR E 384 -28.98 -12.02 34.32
C THR E 384 -28.98 -13.53 34.59
N ALA E 385 -27.88 -14.23 34.28
CA ALA E 385 -27.72 -15.69 34.49
C ALA E 385 -26.24 -16.07 34.43
N PRO E 386 -25.83 -17.21 35.04
CA PRO E 386 -24.45 -17.70 34.91
C PRO E 386 -24.16 -18.47 33.60
N ILE E 387 -25.18 -18.78 32.80
CA ILE E 387 -25.07 -19.55 31.52
C ILE E 387 -25.46 -18.64 30.36
N LEU E 388 -24.65 -18.63 29.29
CA LEU E 388 -24.96 -17.92 28.02
C LEU E 388 -25.10 -18.96 26.89
N VAL E 389 -26.17 -18.84 26.10
CA VAL E 389 -26.43 -19.67 24.89
C VAL E 389 -26.24 -18.76 23.66
N ILE E 390 -25.36 -19.17 22.74
CA ILE E 390 -25.05 -18.41 21.49
C ILE E 390 -25.89 -18.99 20.34
N ALA E 391 -26.87 -18.22 19.85
CA ALA E 391 -27.69 -18.56 18.66
C ALA E 391 -26.83 -18.39 17.41
N SER E 392 -26.83 -19.39 16.52
CA SER E 392 -25.97 -19.45 15.31
C SER E 392 -26.63 -18.69 14.15
N THR E 393 -26.83 -17.38 14.32
CA THR E 393 -27.56 -16.51 13.36
C THR E 393 -26.82 -16.42 12.02
N LEU E 394 -25.48 -16.44 12.04
CA LEU E 394 -24.65 -16.45 10.80
C LEU E 394 -24.92 -17.75 10.03
N SER E 395 -24.95 -18.89 10.72
CA SER E 395 -25.28 -20.22 10.13
C SER E 395 -26.74 -20.22 9.65
N TYR E 396 -27.66 -19.57 10.38
CA TYR E 396 -29.08 -19.43 9.98
C TYR E 396 -29.18 -18.68 8.64
N LEU E 397 -28.39 -17.60 8.49
CA LEU E 397 -28.32 -16.81 7.23
C LEU E 397 -27.70 -17.65 6.11
N ALA E 398 -26.69 -18.46 6.40
CA ALA E 398 -25.98 -19.32 5.41
C ALA E 398 -26.97 -20.31 4.79
N TYR E 399 -27.87 -20.90 5.58
CA TYR E 399 -28.85 -21.92 5.13
C TYR E 399 -30.23 -21.28 4.82
N ALA E 400 -30.34 -19.94 4.83
CA ALA E 400 -31.63 -19.21 4.70
C ALA E 400 -32.25 -19.51 3.33
N ASN E 401 -33.47 -20.08 3.33
CA ASN E 401 -34.23 -20.46 2.11
C ASN E 401 -33.40 -21.43 1.26
N GLU E 402 -32.81 -22.44 1.91
CA GLU E 402 -32.01 -23.49 1.22
C GLU E 402 -32.95 -24.33 0.34
N GLN E 403 -32.50 -24.62 -0.89
CA GLN E 403 -33.27 -25.36 -1.92
C GLN E 403 -32.34 -26.41 -2.56
N ILE E 404 -31.58 -27.13 -1.73
CA ILE E 404 -30.56 -28.15 -2.18
C ILE E 404 -31.28 -29.25 -2.96
N MET E 405 -32.36 -29.81 -2.40
CA MET E 405 -33.05 -31.01 -2.95
C MET E 405 -33.78 -30.69 -4.27
N HIS E 406 -34.06 -29.41 -4.56
CA HIS E 406 -34.74 -28.95 -5.80
C HIS E 406 -33.73 -28.53 -6.88
N LYS E 407 -32.48 -28.21 -6.52
CA LYS E 407 -31.48 -27.61 -7.45
C LYS E 407 -30.27 -28.53 -7.64
N ALA E 408 -29.63 -28.96 -6.55
CA ALA E 408 -28.36 -29.75 -6.57
C ALA E 408 -28.66 -31.21 -6.94
N ASP E 409 -28.00 -31.71 -7.98
CA ASP E 409 -28.10 -33.12 -8.46
C ASP E 409 -27.65 -34.09 -7.37
N ILE E 410 -26.62 -33.71 -6.59
CA ILE E 410 -25.96 -34.59 -5.57
C ILE E 410 -26.59 -34.40 -4.18
N GLY E 411 -27.67 -33.62 -4.05
CA GLY E 411 -28.39 -33.41 -2.78
C GLY E 411 -28.83 -34.71 -2.15
N GLN E 412 -29.48 -35.58 -2.94
CA GLN E 412 -30.00 -36.88 -2.46
C GLN E 412 -28.85 -37.85 -2.19
N ALA E 413 -27.79 -37.83 -3.01
CA ALA E 413 -26.57 -38.67 -2.86
C ALA E 413 -25.90 -38.35 -1.51
N VAL E 414 -25.77 -37.06 -1.18
CA VAL E 414 -25.20 -36.59 0.12
C VAL E 414 -26.15 -36.99 1.26
N ALA E 415 -27.47 -36.83 1.08
CA ALA E 415 -28.51 -37.13 2.09
C ALA E 415 -28.52 -38.63 2.40
N GLY E 416 -28.27 -39.49 1.41
CA GLY E 416 -28.23 -40.96 1.57
C GLY E 416 -29.61 -41.58 1.73
N HIS E 417 -30.66 -40.89 1.25
CA HIS E 417 -32.06 -41.36 1.21
C HIS E 417 -32.90 -40.37 0.39
N THR E 418 -34.10 -40.78 -0.03
CA THR E 418 -35.07 -39.89 -0.72
C THR E 418 -35.50 -38.80 0.26
N PRO E 419 -35.34 -37.50 -0.09
CA PRO E 419 -35.66 -36.41 0.83
C PRO E 419 -37.18 -36.31 1.11
N VAL E 420 -37.53 -35.83 2.29
CA VAL E 420 -38.93 -35.54 2.72
C VAL E 420 -39.09 -34.03 2.82
N LEU E 421 -39.92 -33.43 1.97
CA LEU E 421 -40.11 -31.96 1.85
C LEU E 421 -41.56 -31.62 2.22
N ASN E 422 -41.77 -30.39 2.72
CA ASN E 422 -43.08 -29.89 3.22
C ASN E 422 -43.51 -28.71 2.36
N GLU E 423 -44.64 -28.07 2.69
CA GLU E 423 -45.25 -26.95 1.93
C GLU E 423 -44.28 -25.75 1.82
N ASN E 424 -43.38 -25.56 2.79
CA ASN E 424 -42.38 -24.46 2.79
C ASN E 424 -41.45 -24.61 1.58
N ASP E 425 -40.96 -25.83 1.30
CA ASP E 425 -40.04 -26.13 0.17
C ASP E 425 -40.79 -25.90 -1.15
N VAL E 426 -42.03 -26.37 -1.25
CA VAL E 426 -42.91 -26.18 -2.46
C VAL E 426 -43.12 -24.68 -2.67
N GLU E 427 -43.38 -23.92 -1.60
CA GLU E 427 -43.59 -22.45 -1.62
C GLU E 427 -42.32 -21.77 -2.14
N LEU E 428 -41.14 -22.16 -1.65
CA LEU E 428 -39.83 -21.63 -2.10
C LEU E 428 -39.67 -21.85 -3.61
N HIS E 429 -39.93 -23.08 -4.08
CA HIS E 429 -39.80 -23.48 -5.51
C HIS E 429 -40.79 -22.69 -6.38
N LYS E 430 -42.02 -22.48 -5.91
CA LYS E 430 -43.11 -21.83 -6.68
C LYS E 430 -42.85 -20.33 -6.82
N ASN E 431 -42.53 -19.64 -5.73
CA ASN E 431 -42.34 -18.16 -5.69
C ASN E 431 -40.94 -17.85 -5.18
N LEU E 432 -39.93 -17.90 -6.05
CA LEU E 432 -38.50 -17.62 -5.69
C LEU E 432 -38.33 -16.13 -5.38
N SER E 433 -39.03 -15.25 -6.12
CA SER E 433 -38.91 -13.77 -6.05
C SER E 433 -39.21 -13.23 -4.64
N TYR E 434 -40.07 -13.92 -3.87
CA TYR E 434 -40.49 -13.49 -2.51
C TYR E 434 -39.37 -13.74 -1.49
N TYR E 435 -38.52 -14.76 -1.68
CA TYR E 435 -37.67 -15.35 -0.62
C TYR E 435 -36.17 -15.23 -0.92
N GLY E 436 -35.73 -15.45 -2.17
CA GLY E 436 -34.31 -15.45 -2.56
C GLY E 436 -33.67 -16.81 -2.37
N LEU E 437 -32.33 -16.87 -2.46
CA LEU E 437 -31.54 -18.14 -2.44
C LEU E 437 -30.67 -18.22 -1.18
N SER E 438 -30.12 -19.41 -0.93
CA SER E 438 -29.15 -19.72 0.16
C SER E 438 -27.72 -19.67 -0.39
N THR E 439 -26.72 -19.67 0.49
CA THR E 439 -25.28 -19.77 0.12
C THR E 439 -24.96 -21.21 -0.34
N TYR E 440 -25.87 -22.16 -0.16
CA TYR E 440 -25.73 -23.57 -0.64
C TYR E 440 -26.34 -23.74 -2.04
N ASP E 441 -26.92 -22.67 -2.61
CA ASP E 441 -27.49 -22.67 -3.98
C ASP E 441 -26.59 -21.82 -4.90
N GLY E 442 -26.64 -22.11 -6.20
CA GLY E 442 -26.03 -21.29 -7.26
C GLY E 442 -27.06 -20.35 -7.87
N HIS E 443 -26.62 -19.22 -8.41
CA HIS E 443 -27.45 -18.32 -9.26
C HIS E 443 -27.82 -19.07 -10.55
N ILE E 444 -28.73 -18.49 -11.35
CA ILE E 444 -29.16 -19.06 -12.66
C ILE E 444 -27.94 -19.14 -13.61
N ASP E 445 -26.92 -18.32 -13.36
CA ASP E 445 -25.64 -18.27 -14.14
C ASP E 445 -24.83 -19.55 -13.86
N GLY E 446 -24.81 -20.02 -12.61
CA GLY E 446 -24.04 -21.20 -12.16
C GLY E 446 -23.14 -20.87 -10.98
N ARG E 447 -22.70 -19.61 -10.87
CA ARG E 447 -21.83 -19.13 -9.75
C ARG E 447 -22.62 -19.22 -8.45
N GLY E 448 -21.97 -19.71 -7.39
CA GLY E 448 -22.54 -19.84 -6.04
C GLY E 448 -22.93 -18.51 -5.42
N VAL E 449 -23.99 -18.49 -4.62
CA VAL E 449 -24.50 -17.26 -3.94
C VAL E 449 -23.51 -16.89 -2.83
N GLN E 450 -23.03 -15.64 -2.84
CA GLN E 450 -21.97 -15.11 -1.93
C GLN E 450 -22.56 -14.26 -0.81
N TYR E 451 -23.76 -13.69 -0.99
CA TYR E 451 -24.39 -12.74 -0.04
C TYR E 451 -25.76 -13.26 0.40
N THR E 452 -26.05 -13.17 1.69
CA THR E 452 -27.33 -13.58 2.34
C THR E 452 -27.82 -12.46 3.25
N SER E 453 -29.13 -12.26 3.33
CA SER E 453 -29.78 -11.14 4.06
C SER E 453 -30.73 -11.68 5.13
N TRP E 454 -30.84 -10.95 6.25
CA TRP E 454 -31.81 -11.20 7.34
C TRP E 454 -33.17 -10.60 6.98
N ARG E 455 -33.20 -9.50 6.22
CA ARG E 455 -34.43 -8.70 5.92
C ARG E 455 -35.18 -9.34 4.76
N ARG E 456 -35.66 -10.58 4.97
CA ARG E 456 -36.49 -11.35 4.01
C ARG E 456 -37.18 -12.47 4.78
N PRO E 457 -38.36 -12.96 4.32
CA PRO E 457 -38.99 -14.13 4.94
C PRO E 457 -38.13 -15.40 4.76
N ILE E 458 -37.63 -15.95 5.87
CA ILE E 458 -36.77 -17.17 5.87
C ILE E 458 -37.61 -18.33 6.42
N MET E 459 -38.03 -19.25 5.54
CA MET E 459 -39.05 -20.29 5.83
C MET E 459 -38.44 -21.38 6.73
N ASN E 460 -37.18 -21.76 6.50
CA ASN E 460 -36.48 -22.82 7.27
C ASN E 460 -36.01 -22.30 8.65
N LEU E 461 -36.34 -21.06 9.02
CA LEU E 461 -36.01 -20.46 10.35
C LEU E 461 -37.14 -20.74 11.36
N ARG E 462 -38.35 -21.08 10.90
CA ARG E 462 -39.55 -21.27 11.78
C ARG E 462 -39.39 -22.56 12.57
N PRO E 463 -39.94 -22.62 13.82
CA PRO E 463 -39.70 -23.76 14.71
C PRO E 463 -40.28 -25.10 14.24
N LYS E 464 -41.34 -25.08 13.42
CA LYS E 464 -42.11 -26.28 12.99
C LYS E 464 -41.56 -26.85 11.68
N HIS E 465 -40.54 -26.24 11.07
CA HIS E 465 -39.95 -26.69 9.77
C HIS E 465 -39.12 -27.97 9.98
N ARG E 466 -39.26 -28.92 9.05
CA ARG E 466 -38.43 -30.15 8.95
C ARG E 466 -37.63 -30.12 7.65
N GLN E 467 -36.33 -30.40 7.72
CA GLN E 467 -35.33 -30.17 6.64
C GLN E 467 -35.15 -31.46 5.81
N GLY E 468 -34.60 -31.32 4.61
CA GLY E 468 -34.44 -32.38 3.59
C GLY E 468 -33.52 -33.53 3.99
N PHE E 469 -32.59 -33.33 4.94
CA PHE E 469 -31.59 -34.36 5.36
C PHE E 469 -32.22 -35.40 6.29
N GLY E 470 -33.53 -35.33 6.57
CA GLY E 470 -34.31 -36.42 7.21
C GLY E 470 -34.80 -36.07 8.61
N SER E 471 -34.36 -34.93 9.17
CA SER E 471 -34.82 -34.41 10.48
C SER E 471 -34.76 -32.87 10.49
N ILE E 472 -34.86 -32.25 11.67
CA ILE E 472 -34.80 -30.78 11.89
C ILE E 472 -33.35 -30.29 11.76
N TRP E 473 -33.17 -28.99 11.49
CA TRP E 473 -31.87 -28.37 11.10
C TRP E 473 -31.82 -26.91 11.57
N GLU E 474 -30.65 -26.46 12.06
CA GLU E 474 -30.39 -25.07 12.54
C GLU E 474 -31.33 -24.74 13.70
N LEU E 475 -32.16 -23.68 13.61
CA LEU E 475 -32.84 -23.07 14.79
C LEU E 475 -33.71 -24.10 15.52
N PRO E 476 -34.61 -24.86 14.83
CA PRO E 476 -35.36 -25.93 15.49
C PRO E 476 -34.46 -26.91 16.27
N ALA E 477 -33.34 -27.33 15.67
CA ALA E 477 -32.34 -28.23 16.29
C ALA E 477 -31.80 -27.58 17.58
N ASP E 478 -31.50 -26.28 17.53
CA ASP E 478 -31.02 -25.51 18.71
C ASP E 478 -32.07 -25.57 19.84
N LEU E 479 -33.37 -25.58 19.50
CA LEU E 479 -34.47 -25.68 20.50
C LEU E 479 -34.34 -26.98 21.31
N HIS E 480 -33.80 -28.07 20.73
CA HIS E 480 -33.50 -29.32 21.47
C HIS E 480 -32.73 -29.00 22.74
N LEU E 481 -31.71 -28.12 22.67
CA LEU E 481 -30.94 -27.66 23.85
C LEU E 481 -31.84 -26.84 24.77
N ILE E 482 -32.53 -25.83 24.22
CA ILE E 482 -33.35 -24.84 25.01
C ILE E 482 -34.33 -25.63 25.89
N ASP E 483 -35.16 -26.48 25.29
CA ASP E 483 -36.15 -27.33 26.01
C ASP E 483 -35.44 -28.07 27.16
N TRP E 484 -34.33 -28.76 26.86
CA TRP E 484 -33.54 -29.52 27.85
C TRP E 484 -33.21 -28.62 29.06
N LEU E 485 -32.65 -27.43 28.81
CA LEU E 485 -32.29 -26.45 29.86
C LEU E 485 -33.54 -26.14 30.68
N ASN E 486 -34.65 -25.78 30.02
CA ASN E 486 -35.95 -25.43 30.68
C ASN E 486 -36.45 -26.61 31.51
N HIS E 487 -36.22 -27.85 31.07
CA HIS E 487 -36.63 -29.09 31.78
C HIS E 487 -35.82 -29.27 33.07
N ASN E 488 -34.55 -28.83 33.09
CA ASN E 488 -33.60 -29.10 34.21
C ASN E 488 -33.49 -27.88 35.14
N GLY E 489 -34.27 -26.82 34.89
CA GLY E 489 -34.37 -25.64 35.78
C GLY E 489 -33.13 -24.75 35.74
N PHE E 490 -32.26 -24.91 34.75
CA PHE E 490 -31.05 -24.06 34.54
C PHE E 490 -31.51 -22.65 34.14
N GLU E 491 -30.87 -21.63 34.72
CA GLU E 491 -31.09 -20.20 34.36
C GLU E 491 -30.00 -19.79 33.37
N TYR E 492 -30.39 -19.32 32.18
CA TYR E 492 -29.48 -18.98 31.05
C TYR E 492 -29.89 -17.65 30.42
N ASP E 493 -28.94 -17.01 29.73
CA ASP E 493 -29.17 -15.85 28.84
C ASP E 493 -28.95 -16.29 27.39
N VAL E 494 -29.42 -15.47 26.44
CA VAL E 494 -29.35 -15.73 24.98
C VAL E 494 -28.65 -14.55 24.31
N ALA E 495 -27.70 -14.84 23.42
CA ALA E 495 -27.02 -13.88 22.52
C ALA E 495 -26.86 -14.50 21.14
N THR E 496 -26.77 -13.66 20.10
CA THR E 496 -26.57 -14.08 18.69
C THR E 496 -25.09 -13.92 18.33
N GLU E 497 -24.67 -14.56 17.23
CA GLU E 497 -23.28 -14.46 16.69
C GLU E 497 -23.02 -13.03 16.23
N HIS E 498 -24.05 -12.31 15.76
CA HIS E 498 -23.98 -10.86 15.40
C HIS E 498 -23.61 -10.04 16.64
N ASP E 499 -24.27 -10.31 17.78
CA ASP E 499 -24.01 -9.62 19.08
C ASP E 499 -22.58 -9.90 19.53
N LEU E 500 -22.12 -11.15 19.42
CA LEU E 500 -20.73 -11.55 19.74
C LEU E 500 -19.75 -10.78 18.84
N ASN E 501 -20.05 -10.70 17.53
CA ASN E 501 -19.22 -9.96 16.55
C ASN E 501 -19.08 -8.50 17.00
N ASP E 502 -20.17 -7.88 17.46
CA ASP E 502 -20.20 -6.45 17.88
C ASP E 502 -19.42 -6.27 19.21
N GLN E 503 -19.63 -7.15 20.19
CA GLN E 503 -19.24 -6.91 21.61
C GLN E 503 -17.90 -7.57 21.97
N GLY E 504 -17.46 -8.58 21.20
CA GLY E 504 -16.18 -9.29 21.41
C GLY E 504 -16.19 -10.12 22.69
N ALA E 505 -15.01 -10.34 23.28
CA ALA E 505 -14.77 -11.19 24.46
C ALA E 505 -15.48 -10.63 25.72
N GLU E 506 -15.82 -9.33 25.71
CA GLU E 506 -16.48 -8.62 26.84
C GLU E 506 -17.86 -9.25 27.12
N LEU E 507 -18.61 -9.62 26.08
CA LEU E 507 -19.93 -10.30 26.20
C LEU E 507 -19.75 -11.66 26.89
N LEU E 508 -18.76 -12.45 26.46
CA LEU E 508 -18.50 -13.83 26.98
C LEU E 508 -18.00 -13.75 28.43
N ARG E 509 -17.20 -12.73 28.77
CA ARG E 509 -16.52 -12.60 30.10
C ARG E 509 -17.54 -12.37 31.23
N ARG E 510 -18.81 -12.04 30.93
CA ARG E 510 -19.86 -11.77 31.94
CA ARG E 510 -19.86 -11.77 31.94
C ARG E 510 -20.49 -13.07 32.44
N TYR E 511 -20.13 -14.22 31.87
CA TYR E 511 -20.74 -15.54 32.19
C TYR E 511 -19.67 -16.53 32.65
N LYS E 512 -20.07 -17.44 33.54
CA LYS E 512 -19.24 -18.58 34.04
C LYS E 512 -18.98 -19.56 32.90
N VAL E 513 -20.01 -19.88 32.10
CA VAL E 513 -19.94 -20.88 31.01
C VAL E 513 -20.76 -20.39 29.80
N VAL E 514 -20.27 -20.69 28.58
CA VAL E 514 -20.95 -20.34 27.30
C VAL E 514 -21.23 -21.65 26.55
N LEU E 515 -22.46 -21.78 26.02
CA LEU E 515 -22.92 -22.97 25.25
C LEU E 515 -23.13 -22.57 23.79
N THR E 516 -22.53 -23.32 22.86
CA THR E 516 -22.68 -23.14 21.39
C THR E 516 -23.99 -23.79 20.95
N GLY E 517 -24.41 -23.54 19.70
CA GLY E 517 -25.61 -24.14 19.09
C GLY E 517 -25.34 -25.56 18.62
N SER E 518 -26.24 -26.11 17.79
CA SER E 518 -26.14 -27.45 17.17
C SER E 518 -25.14 -27.44 16.01
N HIS E 519 -24.84 -26.28 15.42
CA HIS E 519 -24.05 -26.17 14.16
C HIS E 519 -23.51 -24.75 13.96
N PRO E 520 -22.51 -24.31 14.76
CA PRO E 520 -21.90 -22.99 14.59
C PRO E 520 -20.85 -22.98 13.45
N GLU E 521 -21.30 -23.33 12.23
CA GLU E 521 -20.43 -23.59 11.05
C GLU E 521 -19.78 -22.29 10.58
N TYR E 522 -20.56 -21.19 10.53
CA TYR E 522 -20.14 -19.88 9.96
C TYR E 522 -19.82 -18.91 11.10
N GLN E 523 -18.57 -18.42 11.14
CA GLN E 523 -18.06 -17.48 12.17
C GLN E 523 -17.25 -16.38 11.50
N THR E 524 -17.10 -15.23 12.17
CA THR E 524 -16.20 -14.12 11.77
C THR E 524 -14.84 -14.34 12.43
N TRP E 525 -13.80 -13.69 11.90
CA TRP E 525 -12.42 -13.66 12.46
C TRP E 525 -12.48 -13.14 13.90
N ALA E 526 -13.24 -12.07 14.13
CA ALA E 526 -13.46 -11.43 15.45
C ALA E 526 -14.09 -12.43 16.44
N ASN E 527 -15.04 -13.26 15.98
CA ASN E 527 -15.71 -14.29 16.81
C ASN E 527 -14.68 -15.31 17.30
N ALA E 528 -13.80 -15.78 16.43
CA ALA E 528 -12.70 -16.73 16.76
C ALA E 528 -11.75 -16.08 17.78
N ASP E 529 -11.39 -14.82 17.57
CA ASP E 529 -10.51 -14.02 18.48
C ASP E 529 -11.17 -13.92 19.86
N ALA E 530 -12.47 -13.58 19.91
CA ALA E 530 -13.26 -13.43 21.15
C ALA E 530 -13.28 -14.75 21.94
N TRP E 531 -13.59 -15.85 21.25
CA TRP E 531 -13.63 -17.23 21.84
C TRP E 531 -12.25 -17.57 22.43
N GLU E 532 -11.18 -17.34 21.67
CA GLU E 532 -9.77 -17.65 22.07
C GLU E 532 -9.43 -16.85 23.33
N ASP E 533 -9.68 -15.54 23.33
CA ASP E 533 -9.38 -14.62 24.46
C ASP E 533 -10.20 -15.02 25.70
N TYR E 534 -11.47 -15.37 25.52
CA TYR E 534 -12.39 -15.79 26.62
C TYR E 534 -11.85 -17.06 27.29
N LEU E 535 -11.55 -18.10 26.50
CA LEU E 535 -11.09 -19.42 27.00
C LEU E 535 -9.70 -19.30 27.64
N ALA E 536 -8.82 -18.46 27.08
CA ALA E 536 -7.42 -18.26 27.55
C ALA E 536 -7.39 -17.72 28.98
N ASP E 537 -8.32 -16.82 29.34
CA ASP E 537 -8.29 -16.06 30.63
C ASP E 537 -9.19 -16.71 31.69
N GLY E 538 -9.60 -17.98 31.50
CA GLY E 538 -10.33 -18.77 32.50
C GLY E 538 -11.81 -18.97 32.19
N GLY E 539 -12.24 -18.67 30.95
CA GLY E 539 -13.61 -18.94 30.46
C GLY E 539 -13.87 -20.44 30.34
N ARG E 540 -15.13 -20.85 30.45
CA ARG E 540 -15.57 -22.27 30.31
C ARG E 540 -16.56 -22.36 29.15
N GLY E 541 -16.37 -23.35 28.26
CA GLY E 541 -17.15 -23.51 27.02
C GLY E 541 -17.57 -24.97 26.79
N MET E 542 -18.78 -25.17 26.26
CA MET E 542 -19.32 -26.51 25.90
C MET E 542 -19.65 -26.51 24.40
N TYR E 543 -18.89 -27.27 23.61
CA TYR E 543 -19.03 -27.42 22.14
C TYR E 543 -19.90 -28.66 21.86
N LEU E 544 -21.22 -28.49 21.97
CA LEU E 544 -22.24 -29.57 21.81
C LEU E 544 -22.68 -29.64 20.33
N ALA E 545 -21.72 -29.76 19.41
CA ALA E 545 -21.96 -29.67 17.94
C ALA E 545 -20.77 -30.24 17.16
N ALA E 546 -20.85 -30.20 15.82
CA ALA E 546 -19.75 -30.55 14.89
C ALA E 546 -19.67 -29.51 13.77
N ASN E 547 -18.54 -29.48 13.05
CA ASN E 547 -18.32 -28.63 11.86
C ASN E 547 -18.38 -27.14 12.25
N GLY E 548 -18.03 -26.79 13.48
CA GLY E 548 -17.96 -25.40 13.94
C GLY E 548 -16.74 -24.70 13.38
N MET E 549 -16.80 -23.37 13.22
CA MET E 549 -15.67 -22.51 12.76
CA MET E 549 -15.67 -22.51 12.76
C MET E 549 -15.04 -23.13 11.49
N TYR E 550 -15.87 -23.49 10.51
CA TYR E 550 -15.37 -24.05 9.23
C TYR E 550 -15.16 -22.92 8.21
N TRP E 551 -16.16 -22.06 8.02
CA TRP E 551 -16.15 -20.97 7.02
C TRP E 551 -15.91 -19.62 7.71
N ILE E 552 -15.03 -18.80 7.14
CA ILE E 552 -14.83 -17.37 7.56
C ILE E 552 -15.93 -16.55 6.90
N VAL E 553 -16.64 -15.74 7.69
CA VAL E 553 -17.67 -14.81 7.14
C VAL E 553 -17.32 -13.40 7.61
N GLU E 554 -17.82 -12.40 6.88
CA GLU E 554 -17.72 -10.96 7.25
C GLU E 554 -19.12 -10.34 7.19
N VAL E 555 -19.46 -9.54 8.20
CA VAL E 555 -20.73 -8.75 8.27
C VAL E 555 -20.48 -7.43 7.55
N HIS E 556 -21.39 -7.05 6.63
CA HIS E 556 -21.26 -5.83 5.79
C HIS E 556 -21.24 -4.61 6.70
N PRO E 557 -20.18 -3.77 6.69
CA PRO E 557 -20.10 -2.61 7.58
C PRO E 557 -21.26 -1.62 7.45
N GLU E 558 -21.75 -1.39 6.22
CA GLU E 558 -22.86 -0.45 5.91
C GLU E 558 -24.22 -1.11 6.12
N LYS E 559 -24.34 -2.43 5.93
CA LYS E 559 -25.62 -3.19 6.06
C LYS E 559 -25.40 -4.34 7.04
N PRO E 560 -25.53 -4.13 8.37
CA PRO E 560 -25.34 -5.20 9.36
C PRO E 560 -26.21 -6.46 9.17
N TRP E 561 -27.28 -6.36 8.38
CA TRP E 561 -28.23 -7.46 8.06
C TRP E 561 -27.74 -8.31 6.88
N VAL E 562 -26.65 -7.91 6.20
CA VAL E 562 -26.08 -8.65 5.04
C VAL E 562 -24.80 -9.37 5.48
N MET E 563 -24.61 -10.61 5.01
CA MET E 563 -23.46 -11.49 5.34
C MET E 563 -22.81 -11.97 4.04
N GLU E 564 -21.47 -11.92 3.96
CA GLU E 564 -20.67 -12.38 2.79
C GLU E 564 -19.89 -13.64 3.17
N VAL E 565 -19.81 -14.60 2.25
CA VAL E 565 -18.90 -15.78 2.32
C VAL E 565 -18.50 -16.18 0.90
N ARG E 566 -17.21 -16.46 0.68
CA ARG E 566 -16.66 -16.93 -0.62
C ARG E 566 -15.96 -18.28 -0.36
N LYS E 567 -16.45 -19.34 -1.01
CA LYS E 567 -16.12 -20.74 -0.70
C LYS E 567 -15.09 -21.27 -1.70
N GLU E 568 -14.37 -22.32 -1.31
CA GLU E 568 -13.26 -22.95 -2.07
C GLU E 568 -13.37 -24.47 -1.93
N LEU E 569 -12.40 -25.21 -2.50
CA LEU E 569 -12.31 -26.70 -2.42
C LEU E 569 -12.34 -27.14 -0.96
N GLY E 570 -13.11 -28.19 -0.65
CA GLY E 570 -13.38 -28.68 0.72
C GLY E 570 -14.82 -29.15 0.84
N VAL E 571 -15.42 -29.02 2.03
CA VAL E 571 -16.85 -29.36 2.30
C VAL E 571 -17.69 -28.16 1.86
N THR E 572 -17.90 -28.02 0.54
CA THR E 572 -18.47 -26.81 -0.11
C THR E 572 -19.61 -27.20 -1.06
N ALA E 573 -20.53 -26.27 -1.33
CA ALA E 573 -21.58 -26.37 -2.36
C ALA E 573 -21.03 -25.89 -3.72
N TRP E 574 -20.02 -25.03 -3.71
CA TRP E 574 -19.45 -24.38 -4.93
C TRP E 574 -18.03 -23.86 -4.66
N GLU E 575 -17.29 -23.54 -5.73
CA GLU E 575 -15.92 -22.98 -5.71
C GLU E 575 -15.94 -21.58 -6.32
N ALA E 576 -15.25 -20.61 -5.69
CA ALA E 576 -15.11 -19.23 -6.18
C ALA E 576 -14.35 -19.25 -7.51
N PRO E 577 -14.76 -18.46 -8.53
CA PRO E 577 -14.02 -18.44 -9.81
C PRO E 577 -12.63 -17.82 -9.63
N PRO E 578 -11.68 -18.08 -10.56
CA PRO E 578 -10.30 -17.59 -10.42
C PRO E 578 -10.20 -16.08 -10.15
N GLY E 579 -9.39 -15.69 -9.15
CA GLY E 579 -9.05 -14.30 -8.82
C GLY E 579 -10.12 -13.57 -8.01
N GLU E 580 -11.16 -14.27 -7.52
CA GLU E 580 -12.30 -13.66 -6.78
C GLU E 580 -12.48 -14.36 -5.43
N TYR E 581 -11.38 -14.58 -4.70
CA TYR E 581 -11.38 -15.29 -3.38
C TYR E 581 -11.49 -14.28 -2.24
N HIS E 582 -10.99 -13.04 -2.41
CA HIS E 582 -10.93 -11.99 -1.36
C HIS E 582 -12.30 -11.31 -1.22
N TYR E 583 -12.70 -11.02 0.02
CA TYR E 583 -14.03 -10.46 0.39
C TYR E 583 -14.04 -8.96 0.07
N SER E 584 -15.09 -8.48 -0.60
CA SER E 584 -15.30 -7.04 -0.91
C SER E 584 -15.52 -6.23 0.38
N THR E 585 -16.02 -6.87 1.45
CA THR E 585 -16.41 -6.20 2.72
C THR E 585 -15.17 -5.80 3.54
N ASN E 586 -14.07 -6.58 3.53
CA ASN E 586 -12.86 -6.28 4.33
C ASN E 586 -11.55 -6.47 3.55
N GLY E 587 -11.58 -6.96 2.31
CA GLY E 587 -10.39 -7.11 1.43
C GLY E 587 -9.46 -8.24 1.84
N ARG E 588 -9.91 -9.19 2.68
CA ARG E 588 -9.07 -10.27 3.27
CA ARG E 588 -9.06 -10.26 3.26
C ARG E 588 -9.38 -11.61 2.60
N ARG E 589 -8.40 -12.52 2.58
CA ARG E 589 -8.58 -13.92 2.12
C ARG E 589 -9.42 -14.65 3.17
N GLY E 590 -10.61 -15.11 2.80
CA GLY E 590 -11.56 -15.82 3.69
C GLY E 590 -11.54 -17.32 3.44
N GLY E 591 -12.71 -17.91 3.20
CA GLY E 591 -12.89 -19.35 2.95
C GLY E 591 -12.73 -20.16 4.23
N ARG E 592 -11.93 -21.23 4.18
CA ARG E 592 -11.78 -22.20 5.30
C ARG E 592 -10.92 -21.59 6.41
N PHE E 593 -11.36 -21.71 7.66
CA PHE E 593 -10.58 -21.35 8.88
C PHE E 593 -9.27 -22.15 8.91
N ARG E 594 -9.32 -23.43 8.52
CA ARG E 594 -8.17 -24.37 8.51
C ARG E 594 -7.07 -23.83 7.58
N GLY E 595 -7.46 -23.33 6.40
CA GLY E 595 -6.55 -22.76 5.37
C GLY E 595 -5.80 -21.51 5.84
N ARG E 596 -6.26 -20.86 6.92
CA ARG E 596 -5.66 -19.62 7.47
C ARG E 596 -4.93 -19.93 8.80
N ALA E 597 -4.55 -21.19 9.03
CA ALA E 597 -3.85 -21.68 10.24
C ALA E 597 -4.68 -21.42 11.51
N ARG E 598 -6.01 -21.55 11.43
CA ARG E 598 -6.93 -21.42 12.60
C ARG E 598 -8.02 -22.50 12.51
N ALA E 599 -7.61 -23.77 12.37
CA ALA E 599 -8.51 -24.96 12.42
C ALA E 599 -9.22 -24.98 13.79
N THR E 600 -10.44 -25.54 13.82
CA THR E 600 -11.32 -25.60 15.02
C THR E 600 -10.57 -26.25 16.20
N GLN E 601 -9.73 -27.26 15.94
CA GLN E 601 -8.91 -27.95 16.96
C GLN E 601 -8.13 -26.95 17.82
N LYS E 602 -7.66 -25.85 17.21
CA LYS E 602 -6.82 -24.82 17.87
C LYS E 602 -7.58 -24.14 19.02
N ILE E 603 -8.93 -24.09 18.97
CA ILE E 603 -9.77 -23.36 19.96
C ILE E 603 -10.67 -24.32 20.74
N TRP E 604 -11.42 -25.21 20.08
CA TRP E 604 -12.46 -26.06 20.73
C TRP E 604 -12.01 -27.52 20.90
N GLY E 605 -10.82 -27.89 20.41
CA GLY E 605 -10.20 -29.21 20.69
C GLY E 605 -10.40 -30.22 19.57
N THR E 606 -11.51 -30.16 18.84
CA THR E 606 -11.84 -31.09 17.72
C THR E 606 -12.24 -30.30 16.46
N GLY E 607 -12.04 -30.90 15.28
CA GLY E 607 -12.34 -30.28 13.98
C GLY E 607 -12.99 -31.25 12.99
N MET E 608 -13.70 -30.70 12.00
CA MET E 608 -14.54 -31.42 11.00
C MET E 608 -13.73 -32.58 10.41
N SER E 609 -14.32 -33.77 10.38
CA SER E 609 -13.68 -35.03 9.92
C SER E 609 -14.53 -35.75 8.86
N SER E 610 -15.87 -35.77 8.99
CA SER E 610 -16.79 -36.52 8.10
C SER E 610 -18.22 -35.96 8.18
N PHE E 611 -19.03 -36.26 7.16
CA PHE E 611 -20.49 -35.98 7.11
C PHE E 611 -21.22 -37.13 6.39
N GLY E 612 -22.49 -37.33 6.75
CA GLY E 612 -23.38 -38.40 6.24
C GLY E 612 -24.73 -38.35 6.94
N PHE E 613 -25.84 -38.51 6.22
CA PHE E 613 -27.20 -38.19 6.71
C PHE E 613 -28.18 -39.35 6.50
N ASP E 614 -27.69 -40.59 6.35
CA ASP E 614 -28.54 -41.80 6.24
C ASP E 614 -29.15 -42.09 7.62
N HIS E 615 -28.32 -42.03 8.68
CA HIS E 615 -28.70 -42.20 10.10
C HIS E 615 -27.51 -41.82 10.99
N SER E 616 -27.63 -42.00 12.30
CA SER E 616 -26.59 -41.69 13.32
C SER E 616 -26.13 -42.97 14.02
N GLY E 617 -24.87 -42.97 14.50
CA GLY E 617 -24.27 -44.06 15.29
C GLY E 617 -24.33 -43.78 16.78
N TYR E 618 -23.49 -44.47 17.56
CA TYR E 618 -23.37 -44.31 19.03
C TYR E 618 -21.89 -44.29 19.43
N PHE E 619 -21.62 -43.78 20.64
CA PHE E 619 -20.26 -43.61 21.21
C PHE E 619 -19.87 -44.87 21.98
N VAL E 620 -18.61 -45.29 21.84
CA VAL E 620 -17.95 -46.35 22.64
C VAL E 620 -16.86 -45.68 23.49
N GLN E 621 -16.81 -46.00 24.79
CA GLN E 621 -15.90 -45.37 25.79
C GLN E 621 -14.46 -45.78 25.49
N MET E 622 -13.53 -44.83 25.59
CA MET E 622 -12.07 -45.02 25.36
C MET E 622 -11.35 -45.07 26.70
N PRO E 623 -10.08 -45.54 26.78
CA PRO E 623 -9.37 -45.67 28.05
C PRO E 623 -9.42 -44.43 28.97
N ASP E 624 -9.33 -43.22 28.42
CA ASP E 624 -9.27 -41.95 29.18
C ASP E 624 -10.57 -41.73 29.97
N SER E 625 -11.68 -42.35 29.57
CA SER E 625 -12.97 -42.36 30.33
C SER E 625 -12.77 -42.95 31.74
N GLN E 626 -11.81 -43.87 31.91
CA GLN E 626 -11.51 -44.55 33.19
C GLN E 626 -10.51 -43.74 34.04
N ASP E 627 -9.95 -42.64 33.49
CA ASP E 627 -8.98 -41.77 34.20
C ASP E 627 -9.66 -41.12 35.41
N GLU E 628 -8.94 -41.03 36.53
CA GLU E 628 -9.44 -40.44 37.81
C GLU E 628 -9.74 -38.95 37.61
N ARG E 629 -8.99 -38.28 36.72
CA ARG E 629 -9.08 -36.80 36.49
C ARG E 629 -10.42 -36.41 35.87
N VAL E 630 -11.17 -37.33 35.25
CA VAL E 630 -12.46 -37.04 34.54
C VAL E 630 -13.58 -37.95 35.07
N ALA E 631 -13.46 -38.41 36.33
CA ALA E 631 -14.47 -39.22 37.04
C ALA E 631 -15.77 -38.43 37.18
N TRP E 632 -15.65 -37.10 37.35
CA TRP E 632 -16.78 -36.12 37.42
C TRP E 632 -17.62 -36.13 36.14
N ILE E 633 -17.00 -36.25 34.96
CA ILE E 633 -17.70 -36.23 33.64
C ILE E 633 -18.53 -37.52 33.52
N MET E 634 -17.95 -38.67 33.87
CA MET E 634 -18.53 -40.02 33.62
C MET E 634 -19.27 -40.54 34.87
N GLU E 635 -19.59 -39.67 35.83
CA GLU E 635 -20.25 -40.06 37.12
C GLU E 635 -21.68 -40.52 36.82
N GLY E 636 -22.06 -41.71 37.32
CA GLY E 636 -23.40 -42.31 37.14
C GLY E 636 -23.54 -43.06 35.83
N ILE E 637 -22.47 -43.20 35.04
CA ILE E 637 -22.45 -43.95 33.75
C ILE E 637 -21.59 -45.20 33.94
N ASP E 638 -22.20 -46.38 33.76
CA ASP E 638 -21.51 -47.71 33.84
C ASP E 638 -20.44 -47.76 32.76
N PRO E 639 -19.16 -48.06 33.12
CA PRO E 639 -18.06 -48.05 32.14
C PRO E 639 -18.16 -49.02 30.95
N GLU E 640 -19.17 -49.90 30.90
CA GLU E 640 -19.43 -50.84 29.77
C GLU E 640 -20.78 -50.50 29.12
N GLU E 641 -21.16 -49.22 29.03
CA GLU E 641 -22.43 -48.82 28.38
C GLU E 641 -22.11 -48.12 27.06
N ARG E 642 -23.04 -48.18 26.10
CA ARG E 642 -23.03 -47.34 24.88
C ARG E 642 -23.63 -45.98 25.24
N ILE E 643 -23.11 -44.89 24.66
CA ILE E 643 -23.57 -43.50 24.94
C ILE E 643 -24.33 -42.99 23.70
N GLY E 644 -25.64 -42.76 23.85
CA GLY E 644 -26.52 -42.19 22.82
C GLY E 644 -26.83 -43.18 21.71
N ASP E 645 -27.39 -44.34 22.07
CA ASP E 645 -27.98 -45.31 21.10
C ASP E 645 -29.49 -45.09 21.11
N GLY E 646 -29.98 -44.25 20.19
CA GLY E 646 -31.37 -43.75 20.14
C GLY E 646 -31.42 -42.23 20.28
N GLY E 647 -32.24 -41.57 19.45
CA GLY E 647 -32.38 -40.10 19.43
C GLY E 647 -33.37 -39.64 18.37
N LEU E 648 -33.67 -38.34 18.35
CA LEU E 648 -34.65 -37.71 17.42
C LEU E 648 -33.96 -37.31 16.11
N VAL E 649 -32.63 -37.37 16.04
CA VAL E 649 -31.83 -37.01 14.83
C VAL E 649 -31.01 -38.24 14.42
N GLY E 650 -31.57 -39.05 13.51
CA GLY E 650 -30.91 -40.26 12.94
C GLY E 650 -30.84 -41.42 13.93
N GLY E 651 -31.49 -41.32 15.08
CA GLY E 651 -31.55 -42.39 16.09
C GLY E 651 -30.20 -42.68 16.74
N GLY E 652 -29.45 -41.63 17.11
CA GLY E 652 -28.13 -41.77 17.77
C GLY E 652 -27.48 -40.42 18.05
N ALA E 653 -26.48 -40.41 18.96
CA ALA E 653 -25.77 -39.20 19.42
C ALA E 653 -24.64 -38.84 18.46
N GLY E 654 -23.95 -39.85 17.89
CA GLY E 654 -22.84 -39.66 16.94
C GLY E 654 -23.30 -39.79 15.50
N GLY E 655 -23.59 -38.69 14.81
CA GLY E 655 -24.05 -38.72 13.42
C GLY E 655 -24.21 -37.35 12.78
N TYR E 656 -24.66 -37.35 11.51
CA TYR E 656 -24.89 -36.17 10.64
C TYR E 656 -23.52 -35.58 10.24
N GLU E 657 -22.81 -34.93 11.16
CA GLU E 657 -21.42 -34.44 10.94
C GLU E 657 -20.60 -34.73 12.20
N LEU E 658 -19.31 -35.01 12.02
CA LEU E 658 -18.39 -35.51 13.08
C LEU E 658 -17.13 -34.63 13.14
N ASP E 659 -16.59 -34.43 14.35
CA ASP E 659 -15.28 -33.78 14.60
C ASP E 659 -14.33 -34.80 15.24
N ARG E 660 -13.01 -34.62 15.04
CA ARG E 660 -11.98 -35.55 15.58
C ARG E 660 -10.88 -34.77 16.30
N TYR E 661 -10.20 -35.48 17.21
CA TYR E 661 -8.92 -35.11 17.89
C TYR E 661 -7.80 -35.10 16.84
N ASP E 662 -6.96 -34.06 16.84
CA ASP E 662 -5.81 -33.93 15.90
C ASP E 662 -4.80 -32.92 16.44
N LEU E 663 -3.64 -33.39 16.91
CA LEU E 663 -2.54 -32.54 17.46
C LEU E 663 -1.93 -31.67 16.35
N ALA E 664 -1.79 -32.20 15.13
CA ALA E 664 -1.20 -31.50 13.97
C ALA E 664 -2.01 -30.25 13.59
N LEU E 665 -3.31 -30.23 13.85
CA LEU E 665 -4.22 -29.10 13.50
C LEU E 665 -4.44 -28.17 14.71
N GLY E 666 -3.83 -28.49 15.87
CA GLY E 666 -3.71 -27.58 17.03
C GLY E 666 -4.52 -28.01 18.25
N THR E 667 -4.85 -29.29 18.39
CA THR E 667 -5.48 -29.85 19.62
C THR E 667 -4.51 -29.62 20.79
N PRO E 668 -4.95 -28.99 21.91
CA PRO E 668 -4.08 -28.79 23.07
C PRO E 668 -3.45 -30.10 23.55
N PRO E 669 -2.12 -30.12 23.88
CA PRO E 669 -1.44 -31.37 24.27
C PRO E 669 -2.06 -32.14 25.44
N ASN E 670 -2.73 -31.42 26.36
CA ASN E 670 -3.33 -31.96 27.61
C ASN E 670 -4.76 -32.48 27.37
N THR E 671 -5.30 -32.39 26.15
CA THR E 671 -6.67 -32.85 25.79
C THR E 671 -6.77 -34.37 25.97
N LEU E 672 -7.87 -34.83 26.57
CA LEU E 672 -8.20 -36.28 26.76
C LEU E 672 -9.27 -36.70 25.76
N LEU E 673 -9.18 -37.92 25.23
CA LEU E 673 -10.16 -38.55 24.30
C LEU E 673 -10.99 -39.56 25.10
N LEU E 674 -12.26 -39.25 25.38
CA LEU E 674 -13.13 -40.02 26.30
C LEU E 674 -13.89 -41.12 25.56
N ALA E 675 -14.44 -40.83 24.37
CA ALA E 675 -15.24 -41.79 23.58
C ALA E 675 -15.16 -41.48 22.08
N SER E 676 -15.42 -42.48 21.25
CA SER E 676 -15.44 -42.39 19.76
C SER E 676 -16.72 -43.04 19.21
N SER E 677 -17.34 -42.41 18.21
CA SER E 677 -18.59 -42.89 17.57
C SER E 677 -18.27 -43.99 16.55
N VAL E 678 -19.16 -44.97 16.43
CA VAL E 678 -19.03 -46.14 15.50
C VAL E 678 -20.34 -46.31 14.74
N GLU E 679 -20.43 -47.36 13.90
CA GLU E 679 -21.64 -47.73 13.09
C GLU E 679 -21.95 -46.59 12.10
N HIS E 680 -20.96 -46.20 11.30
CA HIS E 680 -21.10 -45.25 10.16
C HIS E 680 -21.01 -46.05 8.86
N SER E 681 -21.97 -45.86 7.95
CA SER E 681 -22.08 -46.59 6.66
C SER E 681 -21.22 -45.91 5.59
N VAL E 682 -21.26 -46.43 4.36
CA VAL E 682 -20.50 -45.91 3.17
C VAL E 682 -20.93 -44.47 2.85
N VAL E 683 -22.12 -44.04 3.27
CA VAL E 683 -22.66 -42.66 3.03
C VAL E 683 -21.73 -41.63 3.69
N TYR E 684 -21.25 -41.90 4.91
CA TYR E 684 -20.27 -41.04 5.63
C TYR E 684 -18.96 -41.08 4.85
N THR E 685 -18.39 -39.91 4.55
CA THR E 685 -17.22 -39.75 3.63
C THR E 685 -16.09 -39.00 4.34
N VAL E 686 -14.84 -39.27 3.95
CA VAL E 686 -13.65 -38.46 4.32
C VAL E 686 -13.75 -37.13 3.56
N ILE E 687 -13.53 -36.01 4.25
CA ILE E 687 -13.66 -34.64 3.67
C ILE E 687 -12.48 -34.42 2.72
N PRO E 688 -12.63 -33.57 1.65
CA PRO E 688 -11.52 -33.31 0.73
C PRO E 688 -10.26 -32.69 1.35
N ASP E 689 -10.38 -32.03 2.51
CA ASP E 689 -9.26 -31.36 3.23
C ASP E 689 -8.25 -32.40 3.72
N ASP E 690 -8.67 -33.64 3.97
CA ASP E 690 -7.82 -34.72 4.56
C ASP E 690 -7.32 -35.69 3.48
N LYS E 691 -7.55 -35.38 2.20
CA LYS E 691 -7.14 -36.24 1.05
C LYS E 691 -5.97 -35.60 0.30
N ALA E 692 -4.93 -36.38 0.01
CA ALA E 692 -3.87 -36.04 -0.97
C ALA E 692 -4.29 -36.59 -2.34
N PHE E 693 -4.30 -37.92 -2.47
CA PHE E 693 -4.78 -38.66 -3.67
C PHE E 693 -6.01 -39.47 -3.28
N PRO E 694 -7.22 -39.16 -3.81
CA PRO E 694 -8.40 -40.00 -3.58
C PRO E 694 -8.15 -41.45 -4.03
N HIS E 695 -8.53 -42.41 -3.19
CA HIS E 695 -8.46 -43.87 -3.47
C HIS E 695 -9.74 -44.55 -2.99
N PRO E 696 -10.05 -45.79 -3.45
CA PRO E 696 -11.28 -46.47 -3.01
C PRO E 696 -11.37 -46.69 -1.50
N GLY E 697 -12.58 -46.65 -0.96
CA GLY E 697 -12.91 -47.02 0.44
C GLY E 697 -12.63 -45.91 1.45
N MET E 698 -12.52 -44.65 1.01
CA MET E 698 -12.37 -43.47 1.91
C MET E 698 -13.76 -43.05 2.40
N ASN E 699 -14.34 -43.85 3.29
CA ASN E 699 -15.75 -43.68 3.76
C ASN E 699 -15.95 -44.44 5.09
N GLY E 700 -17.12 -44.27 5.69
CA GLY E 700 -17.49 -44.80 7.03
C GLY E 700 -17.32 -46.31 7.09
N GLY E 701 -16.60 -46.78 8.12
CA GLY E 701 -16.35 -48.22 8.37
C GLY E 701 -15.17 -48.76 7.60
N GLU E 702 -14.52 -47.95 6.75
CA GLU E 702 -13.36 -48.37 5.92
C GLU E 702 -12.17 -47.40 6.05
N HIS E 703 -12.29 -46.31 6.81
CA HIS E 703 -11.20 -45.31 7.02
C HIS E 703 -11.19 -44.84 8.47
N PRO E 704 -10.01 -44.72 9.13
CA PRO E 704 -9.94 -44.30 10.54
C PRO E 704 -10.47 -42.89 10.84
N PHE E 705 -10.45 -41.98 9.86
CA PHE E 705 -10.82 -40.55 10.02
C PHE E 705 -12.32 -40.38 10.22
N VAL E 706 -13.15 -41.32 9.77
CA VAL E 706 -14.65 -41.23 9.92
C VAL E 706 -15.01 -41.63 11.36
N ARG E 707 -15.10 -40.64 12.26
CA ARG E 707 -15.47 -40.81 13.69
C ARG E 707 -15.75 -39.45 14.33
N ALA E 708 -16.44 -39.46 15.47
CA ALA E 708 -16.59 -38.31 16.39
C ALA E 708 -15.82 -38.61 17.69
N ASP E 709 -15.16 -37.61 18.27
CA ASP E 709 -14.33 -37.76 19.50
C ASP E 709 -14.88 -36.85 20.58
N ILE E 710 -15.30 -37.42 21.73
CA ILE E 710 -15.66 -36.65 22.96
C ILE E 710 -14.35 -36.29 23.67
N THR E 711 -14.08 -35.00 23.84
CA THR E 711 -12.79 -34.49 24.37
C THR E 711 -13.04 -33.43 25.45
N TYR E 712 -12.05 -33.26 26.34
CA TYR E 712 -11.98 -32.20 27.37
C TYR E 712 -10.53 -31.76 27.55
N PHE E 713 -10.32 -30.45 27.77
CA PHE E 713 -9.03 -29.87 28.22
C PHE E 713 -9.30 -28.68 29.14
N SER E 714 -8.29 -28.32 29.94
CA SER E 714 -8.30 -27.20 30.92
C SER E 714 -7.30 -26.13 30.50
N THR E 715 -7.59 -24.86 30.84
CA THR E 715 -6.78 -23.66 30.49
C THR E 715 -6.38 -22.96 31.80
N ALA E 716 -5.76 -21.78 31.70
CA ALA E 716 -5.28 -20.97 32.85
C ALA E 716 -6.47 -20.37 33.60
N ASN E 717 -6.31 -20.14 34.91
CA ASN E 717 -7.26 -19.37 35.78
C ASN E 717 -8.60 -20.12 35.89
N GLY E 718 -8.58 -21.46 35.90
CA GLY E 718 -9.74 -22.33 36.19
C GLY E 718 -10.72 -22.44 35.04
N GLY E 719 -10.28 -22.23 33.79
CA GLY E 719 -11.08 -22.39 32.57
C GLY E 719 -10.98 -23.79 32.00
N GLY E 720 -11.95 -24.19 31.17
CA GLY E 720 -11.99 -25.52 30.52
C GLY E 720 -12.87 -25.53 29.28
N MET E 721 -12.67 -26.50 28.40
CA MET E 721 -13.46 -26.69 27.16
C MET E 721 -13.82 -28.17 27.01
N PHE E 722 -15.11 -28.47 26.81
CA PHE E 722 -15.68 -29.83 26.60
C PHE E 722 -16.38 -29.87 25.25
N ALA E 723 -16.07 -30.89 24.44
CA ALA E 723 -16.59 -31.08 23.06
C ALA E 723 -17.16 -32.50 22.90
N THR E 724 -18.33 -32.60 22.26
CA THR E 724 -19.03 -33.89 21.97
C THR E 724 -18.83 -34.26 20.49
N SER E 725 -18.57 -33.27 19.62
CA SER E 725 -18.08 -33.47 18.23
C SER E 725 -19.16 -34.11 17.35
N SER E 726 -20.44 -33.85 17.61
CA SER E 726 -21.58 -34.42 16.83
C SER E 726 -22.75 -33.44 16.80
N ILE E 727 -23.35 -33.25 15.61
CA ILE E 727 -24.56 -32.40 15.40
C ILE E 727 -25.76 -33.07 16.10
N SER E 728 -25.89 -34.39 16.00
CA SER E 728 -27.05 -35.17 16.51
C SER E 728 -27.03 -35.32 18.04
N TRP E 729 -25.98 -34.86 18.73
CA TRP E 729 -25.84 -34.94 20.21
C TRP E 729 -27.07 -34.36 20.90
N LEU E 730 -27.43 -33.11 20.59
CA LEU E 730 -28.60 -32.39 21.18
C LEU E 730 -29.89 -33.14 20.86
N GLY E 731 -29.92 -33.91 19.75
CA GLY E 731 -31.06 -34.77 19.36
C GLY E 731 -31.32 -35.93 20.32
N SER E 732 -30.34 -36.31 21.15
CA SER E 732 -30.41 -37.49 22.06
C SER E 732 -30.58 -37.07 23.53
N LEU E 733 -30.75 -35.77 23.84
CA LEU E 733 -30.86 -35.27 25.23
C LEU E 733 -32.17 -35.76 25.87
N SER E 734 -33.29 -35.69 25.14
CA SER E 734 -34.65 -35.98 25.64
C SER E 734 -35.05 -37.45 25.43
N TRP E 735 -34.14 -38.30 24.92
CA TRP E 735 -34.44 -39.72 24.60
C TRP E 735 -34.78 -40.49 25.89
N ASN E 736 -35.79 -41.36 25.82
CA ASN E 736 -36.26 -42.21 26.95
C ASN E 736 -36.69 -41.31 28.11
N ASP E 737 -37.45 -40.25 27.82
CA ASP E 737 -38.03 -39.30 28.82
C ASP E 737 -36.91 -38.74 29.69
N TYR E 738 -35.87 -38.18 29.05
CA TYR E 738 -34.70 -37.51 29.71
C TYR E 738 -33.97 -38.47 30.66
N ASP E 739 -33.93 -39.77 30.33
CA ASP E 739 -33.19 -40.81 31.09
C ASP E 739 -32.23 -41.54 30.13
N ASN E 740 -31.01 -41.03 30.01
CA ASN E 740 -29.96 -41.57 29.09
C ASN E 740 -28.58 -41.04 29.48
N ASN E 741 -27.53 -41.63 28.91
CA ASN E 741 -26.11 -41.32 29.20
C ASN E 741 -25.78 -39.90 28.70
N VAL E 742 -26.32 -39.51 27.54
CA VAL E 742 -26.08 -38.17 26.89
C VAL E 742 -26.53 -37.08 27.87
N SER E 743 -27.77 -37.16 28.37
CA SER E 743 -28.35 -36.19 29.35
C SER E 743 -27.48 -36.13 30.61
N LYS E 744 -27.12 -37.31 31.15
CA LYS E 744 -26.31 -37.45 32.40
C LYS E 744 -24.96 -36.75 32.23
N MET E 745 -24.25 -37.04 31.13
CA MET E 745 -22.90 -36.49 30.83
C MET E 745 -22.98 -34.96 30.70
N THR E 746 -23.93 -34.45 29.90
CA THR E 746 -24.14 -33.00 29.66
C THR E 746 -24.45 -32.31 31.00
N LYS E 747 -25.34 -32.90 31.81
CA LYS E 747 -25.75 -32.36 33.14
C LYS E 747 -24.54 -32.29 34.07
N ASN E 748 -23.70 -33.34 34.10
CA ASN E 748 -22.48 -33.41 34.94
C ASN E 748 -21.53 -32.26 34.56
N VAL E 749 -21.24 -32.10 33.27
CA VAL E 749 -20.30 -31.07 32.74
C VAL E 749 -20.85 -29.68 33.09
N LEU E 750 -22.14 -29.43 32.83
CA LEU E 750 -22.79 -28.11 33.06
C LEU E 750 -22.83 -27.80 34.56
N ASN E 751 -23.10 -28.79 35.41
CA ASN E 751 -23.12 -28.62 36.90
C ASN E 751 -21.72 -28.26 37.39
N GLN E 752 -20.68 -28.91 36.87
CA GLN E 752 -19.26 -28.63 37.26
C GLN E 752 -18.88 -27.21 36.83
N PHE E 753 -19.29 -26.79 35.63
CA PHE E 753 -18.83 -25.50 35.02
C PHE E 753 -19.51 -24.29 35.67
N ILE E 754 -20.69 -24.43 36.29
CA ILE E 754 -21.45 -23.28 36.90
C ILE E 754 -21.07 -23.09 38.38
N LYS E 755 -20.22 -23.96 38.96
CA LYS E 755 -19.75 -23.85 40.36
C LYS E 755 -18.73 -22.72 40.48
N ASP E 756 -18.49 -22.24 41.71
CA ASP E 756 -17.50 -21.19 42.05
C ASP E 756 -16.07 -21.77 42.05
N GLU E 757 -15.92 -23.10 41.95
CA GLU E 757 -14.62 -23.82 41.94
C GLU E 757 -13.98 -23.70 40.56
N PRO E 758 -12.63 -23.67 40.45
CA PRO E 758 -11.97 -23.80 39.15
C PRO E 758 -12.31 -25.12 38.45
N ALA E 759 -12.39 -25.13 37.12
CA ALA E 759 -12.64 -26.34 36.31
C ALA E 759 -11.51 -27.34 36.57
N PRO E 760 -11.80 -28.66 36.68
CA PRO E 760 -10.77 -29.65 37.02
C PRO E 760 -9.56 -29.65 36.06
N ARG E 761 -8.35 -29.75 36.61
CA ARG E 761 -7.07 -29.71 35.84
C ARG E 761 -6.84 -31.06 35.17
N VAL E 762 -6.47 -31.05 33.89
CA VAL E 762 -6.11 -32.26 33.08
C VAL E 762 -4.78 -31.98 32.35
N SER F 7 -11.17 -21.61 -41.65
CA SER F 7 -11.61 -21.78 -40.24
C SER F 7 -12.18 -20.45 -39.72
N CYS F 8 -13.43 -20.48 -39.22
CA CYS F 8 -14.15 -19.31 -38.64
C CYS F 8 -15.19 -19.80 -37.62
N VAL F 9 -15.21 -19.18 -36.44
CA VAL F 9 -16.27 -19.35 -35.40
C VAL F 9 -17.00 -18.01 -35.26
N ARG F 10 -18.22 -17.90 -35.79
CA ARG F 10 -19.00 -16.64 -35.86
C ARG F 10 -20.39 -16.79 -35.22
N ASP F 11 -21.09 -17.90 -35.45
CA ASP F 11 -22.51 -18.10 -35.02
C ASP F 11 -22.56 -19.14 -33.90
N PRO F 12 -22.96 -18.77 -32.66
CA PRO F 12 -23.14 -19.72 -31.57
C PRO F 12 -24.16 -20.83 -31.85
N SER F 13 -25.10 -20.63 -32.78
CA SER F 13 -26.16 -21.60 -33.15
C SER F 13 -25.60 -22.78 -33.95
N ASN F 14 -24.36 -22.68 -34.46
CA ASN F 14 -23.69 -23.74 -35.28
C ASN F 14 -22.96 -24.76 -34.38
N TYR F 15 -23.07 -24.64 -33.04
CA TYR F 15 -22.34 -25.48 -32.06
C TYR F 15 -23.28 -25.89 -30.93
N ARG F 16 -22.91 -26.95 -30.19
CA ARG F 16 -23.67 -27.49 -29.04
C ARG F 16 -22.71 -28.21 -28.08
N ASP F 17 -23.20 -28.59 -26.90
CA ASP F 17 -22.44 -29.41 -25.90
C ASP F 17 -22.41 -30.86 -26.42
N ARG F 18 -21.34 -31.21 -27.15
CA ARG F 18 -21.19 -32.51 -27.85
C ARG F 18 -21.03 -33.66 -26.84
N SER F 19 -20.62 -33.35 -25.60
CA SER F 19 -20.48 -34.32 -24.48
C SER F 19 -21.83 -34.99 -24.18
N ALA F 20 -22.95 -34.34 -24.52
CA ALA F 20 -24.32 -34.92 -24.49
C ALA F 20 -24.33 -36.30 -25.18
N ASP F 21 -23.64 -36.42 -26.31
CA ASP F 21 -23.53 -37.69 -27.09
C ASP F 21 -22.97 -38.79 -26.18
N TRP F 22 -21.96 -38.49 -25.37
CA TRP F 22 -21.43 -39.43 -24.34
C TRP F 22 -22.52 -39.71 -23.29
N TYR F 23 -23.15 -38.65 -22.76
CA TYR F 23 -24.10 -38.73 -21.61
C TYR F 23 -25.26 -39.67 -21.95
N ALA F 24 -25.75 -39.67 -23.20
CA ALA F 24 -26.75 -40.64 -23.70
C ALA F 24 -26.15 -42.05 -23.67
N PHE F 25 -25.03 -42.24 -24.38
CA PHE F 25 -24.32 -43.54 -24.56
C PHE F 25 -24.02 -44.16 -23.19
N TYR F 26 -23.50 -43.37 -22.25
CA TYR F 26 -23.24 -43.77 -20.85
C TYR F 26 -24.55 -44.25 -20.20
N ASP F 27 -25.58 -43.40 -20.22
CA ASP F 27 -26.82 -43.58 -19.41
C ASP F 27 -27.48 -44.90 -19.80
N GLU F 28 -27.62 -45.18 -21.10
CA GLU F 28 -28.20 -46.44 -21.62
C GLU F 28 -27.48 -47.63 -20.98
N ARG F 29 -26.15 -47.70 -21.13
CA ARG F 29 -25.30 -48.78 -20.56
C ARG F 29 -25.65 -48.96 -19.08
N ARG F 30 -25.62 -47.87 -18.31
CA ARG F 30 -25.89 -47.87 -16.84
C ARG F 30 -27.25 -48.53 -16.57
N ARG F 31 -28.30 -48.14 -17.30
CA ARG F 31 -29.67 -48.70 -17.14
C ARG F 31 -29.59 -50.23 -17.33
N LYS F 32 -28.96 -50.68 -18.42
CA LYS F 32 -28.79 -52.12 -18.76
C LYS F 32 -28.09 -52.83 -17.59
N GLU F 33 -27.10 -52.17 -16.96
CA GLU F 33 -26.35 -52.69 -15.79
C GLU F 33 -27.32 -52.87 -14.61
N ILE F 34 -28.06 -51.82 -14.26
CA ILE F 34 -28.95 -51.78 -13.05
C ILE F 34 -29.98 -52.92 -13.15
N ILE F 35 -30.68 -53.02 -14.28
CA ILE F 35 -31.69 -54.10 -14.54
C ILE F 35 -31.03 -55.47 -14.34
N ASP F 36 -29.78 -55.65 -14.79
CA ASP F 36 -29.03 -56.93 -14.61
C ASP F 36 -28.88 -57.22 -13.11
N ILE F 37 -28.43 -56.24 -12.31
CA ILE F 37 -28.19 -56.40 -10.84
C ILE F 37 -29.49 -56.91 -10.19
N ILE F 38 -30.60 -56.20 -10.41
CA ILE F 38 -31.93 -56.51 -9.79
C ILE F 38 -32.38 -57.88 -10.29
N ASP F 39 -31.98 -58.29 -11.50
CA ASP F 39 -32.30 -59.64 -12.06
C ASP F 39 -31.45 -60.71 -11.38
N GLU F 40 -30.16 -60.44 -11.11
CA GLU F 40 -29.19 -61.43 -10.56
C GLU F 40 -29.18 -61.41 -9.02
N HIS F 41 -29.68 -60.34 -8.38
CA HIS F 41 -29.76 -60.19 -6.91
C HIS F 41 -31.15 -59.72 -6.50
N PRO F 42 -32.22 -60.54 -6.70
CA PRO F 42 -33.59 -60.11 -6.41
C PRO F 42 -33.87 -59.82 -4.92
N GLU F 43 -33.11 -60.42 -4.01
CA GLU F 43 -33.26 -60.26 -2.53
C GLU F 43 -33.12 -58.78 -2.11
N ILE F 44 -32.29 -57.99 -2.80
CA ILE F 44 -31.95 -56.58 -2.40
C ILE F 44 -33.26 -55.78 -2.23
N VAL F 45 -34.24 -55.97 -3.13
CA VAL F 45 -35.57 -55.29 -3.08
C VAL F 45 -36.17 -55.52 -1.68
N GLU F 46 -36.28 -56.79 -1.26
CA GLU F 46 -36.84 -57.18 0.06
C GLU F 46 -36.00 -56.53 1.16
N GLU F 47 -34.66 -56.54 1.02
CA GLU F 47 -33.72 -55.89 1.97
C GLU F 47 -34.15 -54.43 2.16
N HIS F 48 -34.36 -53.69 1.07
CA HIS F 48 -34.75 -52.26 1.09
C HIS F 48 -36.10 -52.08 1.79
N ALA F 49 -37.03 -53.04 1.63
CA ALA F 49 -38.37 -53.03 2.28
C ALA F 49 -38.20 -53.11 3.81
N ALA F 50 -37.25 -53.92 4.30
CA ALA F 50 -37.02 -54.19 5.73
C ALA F 50 -36.50 -52.93 6.44
N ASN F 51 -35.55 -52.22 5.84
CA ASN F 51 -34.79 -51.11 6.49
C ASN F 51 -34.24 -50.17 5.41
N PRO F 52 -35.04 -49.23 4.85
CA PRO F 52 -34.54 -48.32 3.82
C PRO F 52 -33.41 -47.39 4.29
N PHE F 53 -33.35 -47.05 5.59
CA PHE F 53 -32.32 -46.16 6.19
C PHE F 53 -31.01 -46.94 6.42
N GLY F 54 -31.05 -48.28 6.43
CA GLY F 54 -29.88 -49.13 6.78
C GLY F 54 -29.51 -49.02 8.25
N TYR F 55 -30.49 -48.66 9.09
CA TYR F 55 -30.33 -48.45 10.57
C TYR F 55 -29.86 -49.75 11.22
N ARG F 56 -28.61 -49.78 11.68
CA ARG F 56 -27.95 -50.93 12.36
C ARG F 56 -27.89 -52.17 11.44
N LYS F 57 -28.10 -52.00 10.13
CA LYS F 57 -28.02 -53.06 9.10
C LYS F 57 -27.73 -52.38 7.76
N HIS F 58 -26.45 -52.16 7.46
CA HIS F 58 -25.98 -51.31 6.33
C HIS F 58 -26.37 -51.97 5.01
N PRO F 59 -26.76 -51.20 3.96
CA PRO F 59 -27.13 -51.76 2.67
C PRO F 59 -26.07 -52.67 2.04
N SER F 60 -26.49 -53.72 1.32
CA SER F 60 -25.63 -54.63 0.54
C SER F 60 -24.88 -53.84 -0.53
N PRO F 61 -23.65 -54.23 -0.92
CA PRO F 61 -22.91 -53.54 -1.99
C PRO F 61 -23.69 -53.36 -3.30
N TYR F 62 -24.49 -54.37 -3.69
CA TYR F 62 -25.31 -54.37 -4.93
C TYR F 62 -26.46 -53.36 -4.77
N LEU F 63 -27.14 -53.39 -3.62
CA LEU F 63 -28.20 -52.40 -3.26
C LEU F 63 -27.58 -50.99 -3.25
N GLN F 64 -26.37 -50.85 -2.69
CA GLN F 64 -25.64 -49.55 -2.63
C GLN F 64 -25.31 -49.08 -4.05
N ARG F 65 -24.94 -50.00 -4.96
CA ARG F 65 -24.66 -49.70 -6.39
C ARG F 65 -25.92 -49.12 -7.05
N VAL F 66 -27.08 -49.75 -6.82
CA VAL F 66 -28.40 -49.32 -7.36
C VAL F 66 -28.71 -47.91 -6.81
N HIS F 67 -28.54 -47.71 -5.50
CA HIS F 67 -28.70 -46.41 -4.80
C HIS F 67 -27.77 -45.36 -5.43
N ASN F 68 -26.50 -45.71 -5.67
CA ASN F 68 -25.47 -44.82 -6.24
C ASN F 68 -25.94 -44.32 -7.62
N TYR F 69 -26.51 -45.20 -8.46
CA TYR F 69 -27.08 -44.83 -9.77
C TYR F 69 -28.26 -43.88 -9.57
N PHE F 70 -29.21 -44.22 -8.71
CA PHE F 70 -30.53 -43.53 -8.60
C PHE F 70 -30.37 -42.14 -7.97
N ARG F 71 -29.48 -41.97 -6.99
CA ARG F 71 -29.41 -40.77 -6.11
C ARG F 71 -28.73 -39.58 -6.82
N MET F 72 -27.95 -39.81 -7.89
CA MET F 72 -27.14 -38.75 -8.57
C MET F 72 -27.80 -38.30 -9.87
N GLN F 73 -29.08 -38.60 -10.10
CA GLN F 73 -29.80 -38.24 -11.36
C GLN F 73 -30.11 -36.75 -11.36
N PRO F 74 -30.32 -36.13 -12.55
CA PRO F 74 -30.75 -34.73 -12.63
C PRO F 74 -32.05 -34.47 -11.86
N THR F 75 -32.14 -33.32 -11.19
CA THR F 75 -33.27 -32.91 -10.31
C THR F 75 -34.57 -32.81 -11.12
N PHE F 76 -34.51 -32.24 -12.32
CA PHE F 76 -35.69 -32.07 -13.22
C PHE F 76 -36.22 -33.46 -13.60
N GLY F 77 -37.43 -33.78 -13.13
CA GLY F 77 -38.11 -35.05 -13.36
C GLY F 77 -37.87 -36.07 -12.25
N ARG F 78 -37.06 -35.73 -11.24
CA ARG F 78 -36.68 -36.69 -10.17
C ARG F 78 -37.77 -36.69 -9.09
N TYR F 79 -37.98 -37.85 -8.45
CA TYR F 79 -39.00 -38.06 -7.41
C TYR F 79 -38.47 -37.61 -6.05
N TYR F 80 -39.37 -37.10 -5.20
CA TYR F 80 -39.17 -36.90 -3.74
C TYR F 80 -40.50 -37.21 -3.02
N ILE F 81 -40.50 -37.07 -1.69
CA ILE F 81 -41.68 -37.39 -0.83
C ILE F 81 -42.24 -36.08 -0.27
N TYR F 82 -43.53 -35.82 -0.52
CA TYR F 82 -44.29 -34.64 -0.01
C TYR F 82 -45.10 -35.08 1.21
N SER F 83 -44.89 -34.42 2.35
CA SER F 83 -45.63 -34.64 3.62
C SER F 83 -46.93 -33.84 3.59
N GLU F 84 -48.05 -34.49 3.22
CA GLU F 84 -49.40 -33.87 3.20
C GLU F 84 -49.84 -33.54 4.63
N ARG F 85 -49.69 -34.52 5.54
CA ARG F 85 -49.98 -34.38 6.99
C ARG F 85 -48.83 -35.02 7.78
N GLU F 86 -48.28 -34.28 8.76
CA GLU F 86 -47.07 -34.66 9.53
C GLU F 86 -47.33 -35.99 10.24
N TRP F 87 -46.51 -37.00 9.96
CA TRP F 87 -46.53 -38.36 10.58
C TRP F 87 -47.83 -39.11 10.25
N ASP F 88 -48.60 -38.67 9.24
CA ASP F 88 -49.94 -39.23 8.93
C ASP F 88 -50.03 -39.62 7.45
N ALA F 89 -49.75 -38.71 6.53
CA ALA F 89 -49.89 -38.91 5.07
C ALA F 89 -48.69 -38.37 4.30
N TYR F 90 -48.09 -39.21 3.45
CA TYR F 90 -46.99 -38.87 2.50
C TYR F 90 -47.40 -39.29 1.09
N ARG F 91 -46.96 -38.53 0.09
CA ARG F 91 -47.23 -38.78 -1.35
C ARG F 91 -45.91 -38.66 -2.13
N ILE F 92 -45.86 -39.23 -3.33
CA ILE F 92 -44.67 -39.16 -4.24
C ILE F 92 -44.87 -37.96 -5.17
N ALA F 93 -43.90 -37.04 -5.17
CA ALA F 93 -43.92 -35.77 -5.97
C ALA F 93 -42.81 -35.80 -7.02
N THR F 94 -43.03 -35.14 -8.16
CA THR F 94 -42.04 -35.00 -9.27
C THR F 94 -41.63 -33.53 -9.37
N ILE F 95 -40.31 -33.26 -9.37
CA ILE F 95 -39.73 -31.90 -9.51
C ILE F 95 -39.99 -31.43 -10.94
N ARG F 96 -40.47 -30.19 -11.11
CA ARG F 96 -40.76 -29.55 -12.41
C ARG F 96 -40.04 -28.20 -12.46
N GLU F 97 -40.27 -27.41 -13.52
CA GLU F 97 -39.65 -26.07 -13.73
C GLU F 97 -40.07 -25.11 -12.61
N PHE F 98 -39.23 -24.10 -12.34
CA PHE F 98 -39.52 -23.00 -11.38
C PHE F 98 -40.83 -22.32 -11.78
N GLY F 99 -41.72 -22.10 -10.80
CA GLY F 99 -43.06 -21.52 -11.01
C GLY F 99 -44.12 -22.58 -11.32
N GLU F 100 -43.78 -23.87 -11.20
CA GLU F 100 -44.75 -25.00 -11.32
C GLU F 100 -44.89 -25.72 -9.98
N LEU F 101 -46.10 -26.20 -9.68
CA LEU F 101 -46.37 -27.12 -8.54
C LEU F 101 -45.87 -28.51 -8.92
N PRO F 102 -45.46 -29.36 -7.95
CA PRO F 102 -45.04 -30.73 -8.26
C PRO F 102 -46.24 -31.62 -8.64
N GLU F 103 -45.99 -32.67 -9.42
CA GLU F 103 -46.98 -33.72 -9.74
C GLU F 103 -47.04 -34.71 -8.57
N LEU F 104 -48.14 -34.73 -7.83
CA LEU F 104 -48.35 -35.61 -6.64
C LEU F 104 -48.98 -36.94 -7.09
N GLY F 105 -48.56 -38.05 -6.46
CA GLY F 105 -49.18 -39.37 -6.62
C GLY F 105 -50.55 -39.44 -5.96
N ASP F 106 -51.38 -40.41 -6.36
CA ASP F 106 -52.77 -40.59 -5.85
C ASP F 106 -52.73 -41.34 -4.51
N GLU F 107 -51.84 -42.32 -4.37
CA GLU F 107 -51.71 -43.19 -3.16
C GLU F 107 -51.09 -42.40 -2.02
N ARG F 108 -51.63 -42.61 -0.80
CA ARG F 108 -51.12 -42.05 0.48
C ARG F 108 -50.33 -43.15 1.22
N PHE F 109 -49.31 -42.75 2.00
CA PHE F 109 -48.44 -43.65 2.80
C PHE F 109 -48.46 -43.19 4.26
N LYS F 110 -48.58 -44.15 5.19
CA LYS F 110 -48.69 -43.88 6.65
C LYS F 110 -47.33 -43.42 7.20
N THR F 111 -46.23 -44.01 6.72
CA THR F 111 -44.85 -43.78 7.23
C THR F 111 -43.92 -43.38 6.07
N GLU F 112 -42.85 -42.67 6.39
CA GLU F 112 -41.85 -42.14 5.40
C GLU F 112 -41.06 -43.32 4.80
N GLU F 113 -40.82 -44.39 5.58
CA GLU F 113 -40.07 -45.59 5.12
C GLU F 113 -40.85 -46.28 3.99
N GLU F 114 -42.17 -46.44 4.17
CA GLU F 114 -43.10 -47.01 3.16
C GLU F 114 -43.03 -46.18 1.87
N ALA F 115 -43.04 -44.85 1.99
CA ALA F 115 -42.95 -43.89 0.86
C ALA F 115 -41.62 -44.07 0.11
N MET F 116 -40.50 -44.20 0.85
CA MET F 116 -39.14 -44.40 0.27
C MET F 116 -39.11 -45.71 -0.53
N HIS F 117 -39.65 -46.81 0.02
CA HIS F 117 -39.70 -48.13 -0.65
C HIS F 117 -40.56 -48.04 -1.91
N ALA F 118 -41.70 -47.33 -1.86
CA ALA F 118 -42.61 -47.11 -3.01
C ALA F 118 -41.85 -46.33 -4.11
N VAL F 119 -41.09 -45.30 -3.73
CA VAL F 119 -40.26 -44.48 -4.66
C VAL F 119 -39.24 -45.40 -5.35
N PHE F 120 -38.57 -46.26 -4.58
CA PHE F 120 -37.56 -47.24 -5.06
C PHE F 120 -38.20 -48.15 -6.12
N LEU F 121 -39.33 -48.75 -5.80
CA LEU F 121 -40.09 -49.67 -6.72
C LEU F 121 -40.50 -48.91 -7.99
N ARG F 122 -41.02 -47.70 -7.85
CA ARG F 122 -41.50 -46.85 -8.98
C ARG F 122 -40.33 -46.54 -9.93
N ARG F 123 -39.15 -46.23 -9.38
CA ARG F 123 -37.93 -45.93 -10.18
C ARG F 123 -37.49 -47.17 -10.95
N ILE F 124 -37.52 -48.35 -10.32
CA ILE F 124 -37.16 -49.64 -10.98
C ILE F 124 -38.14 -49.89 -12.13
N GLU F 125 -39.44 -49.68 -11.89
CA GLU F 125 -40.53 -49.86 -12.90
C GLU F 125 -40.30 -48.89 -14.08
N ASP F 126 -39.90 -47.64 -13.80
CA ASP F 126 -39.60 -46.62 -14.84
C ASP F 126 -38.41 -47.09 -15.70
N VAL F 127 -37.34 -47.57 -15.06
CA VAL F 127 -36.12 -48.07 -15.78
C VAL F 127 -36.52 -49.25 -16.67
N ARG F 128 -37.37 -50.16 -16.17
CA ARG F 128 -37.89 -51.32 -16.92
C ARG F 128 -38.71 -50.82 -18.13
N ALA F 129 -39.58 -49.84 -17.92
CA ALA F 129 -40.48 -49.27 -18.96
C ALA F 129 -39.66 -48.68 -20.11
N GLU F 130 -38.58 -47.95 -19.79
CA GLU F 130 -37.66 -47.31 -20.78
C GLU F 130 -36.99 -48.40 -21.63
N LEU F 131 -36.63 -49.54 -21.01
CA LEU F 131 -35.97 -50.69 -21.69
C LEU F 131 -37.04 -51.70 -22.14
N MET G 1 21.99 -59.31 -2.30
CA MET G 1 21.29 -59.12 -3.62
C MET G 1 22.11 -58.18 -4.52
N LYS G 2 21.66 -57.99 -5.78
CA LYS G 2 22.29 -57.11 -6.79
C LYS G 2 22.22 -55.66 -6.29
N ASP G 3 23.37 -55.01 -6.12
CA ASP G 3 23.51 -53.64 -5.55
C ASP G 3 24.21 -52.76 -6.57
N ILE G 4 23.99 -51.45 -6.49
CA ILE G 4 24.53 -50.43 -7.45
C ILE G 4 25.96 -50.09 -7.02
N ALA G 5 26.91 -50.13 -7.96
CA ALA G 5 28.35 -49.87 -7.76
C ALA G 5 28.75 -48.49 -8.32
N ILE G 6 28.08 -48.00 -9.36
CA ILE G 6 28.42 -46.72 -10.07
C ILE G 6 27.14 -45.90 -10.28
N ARG G 7 27.26 -44.57 -10.20
CA ARG G 7 26.17 -43.59 -10.45
C ARG G 7 26.78 -42.31 -11.02
N GLY G 8 25.98 -41.49 -11.72
CA GLY G 8 26.45 -40.24 -12.34
C GLY G 8 25.31 -39.36 -12.82
N TYR G 9 25.66 -38.14 -13.27
CA TYR G 9 24.72 -37.13 -13.81
C TYR G 9 25.47 -36.19 -14.76
N CYS G 10 24.74 -35.25 -15.39
CA CYS G 10 25.28 -34.19 -16.27
C CYS G 10 24.83 -32.81 -15.77
N ASP G 11 25.56 -31.76 -16.15
CA ASP G 11 25.36 -30.36 -15.68
C ASP G 11 24.07 -29.78 -16.26
N ARG G 12 23.69 -30.15 -17.49
CA ARG G 12 22.53 -29.59 -18.22
C ARG G 12 21.80 -30.69 -19.00
N PRO G 13 20.45 -30.59 -19.14
CA PRO G 13 19.67 -31.63 -19.82
C PRO G 13 19.87 -31.68 -21.35
N SER G 14 19.93 -30.53 -22.02
CA SER G 14 19.99 -30.40 -23.49
C SER G 14 21.24 -29.62 -23.93
N VAL G 15 21.73 -29.92 -25.13
CA VAL G 15 22.95 -29.32 -25.75
CA VAL G 15 22.96 -29.33 -25.74
C VAL G 15 22.77 -29.28 -27.27
N ALA G 16 23.23 -28.18 -27.91
CA ALA G 16 23.16 -27.96 -29.36
C ALA G 16 24.53 -28.22 -29.99
N THR G 17 24.65 -28.07 -31.31
CA THR G 17 25.90 -28.35 -32.08
C THR G 17 26.99 -27.36 -31.63
N GLY G 18 28.18 -27.87 -31.33
CA GLY G 18 29.36 -27.08 -30.92
C GLY G 18 29.29 -26.62 -29.47
N GLU G 19 28.33 -27.09 -28.68
CA GLU G 19 28.17 -26.77 -27.24
C GLU G 19 28.68 -27.96 -26.41
N THR G 20 29.15 -27.70 -25.19
CA THR G 20 29.81 -28.70 -24.29
C THR G 20 28.86 -29.12 -23.16
N ILE G 21 28.84 -30.42 -22.85
CA ILE G 21 28.12 -31.03 -21.69
C ILE G 21 29.14 -31.76 -20.82
N ARG G 22 29.08 -31.57 -19.49
CA ARG G 22 30.02 -32.17 -18.50
C ARG G 22 29.32 -33.32 -17.77
N PHE G 23 30.07 -34.35 -17.38
CA PHE G 23 29.57 -35.58 -16.72
C PHE G 23 30.31 -35.80 -15.40
N TYR G 24 29.57 -36.16 -14.36
CA TYR G 24 30.07 -36.39 -12.97
C TYR G 24 29.70 -37.82 -12.57
N VAL G 25 30.67 -38.60 -12.09
CA VAL G 25 30.52 -40.06 -11.81
C VAL G 25 31.12 -40.37 -10.44
N SER G 26 30.40 -41.16 -9.63
CA SER G 26 30.83 -41.62 -8.28
C SER G 26 30.68 -43.14 -8.16
N ALA G 27 31.73 -43.81 -7.67
CA ALA G 27 31.74 -45.26 -7.33
C ALA G 27 31.60 -45.43 -5.82
N ASN G 28 31.26 -46.64 -5.36
CA ASN G 28 31.08 -46.97 -3.92
C ASN G 28 32.43 -46.78 -3.20
N GLU G 29 33.53 -47.24 -3.80
CA GLU G 29 34.93 -47.03 -3.30
C GLU G 29 35.83 -46.60 -4.45
N THR G 30 36.95 -45.94 -4.13
CA THR G 30 38.01 -45.55 -5.09
C THR G 30 38.86 -46.78 -5.42
N ARG G 31 38.63 -47.40 -6.58
CA ARG G 31 39.40 -48.60 -7.03
C ARG G 31 39.09 -48.91 -8.50
N GLY G 32 40.16 -49.13 -9.29
CA GLY G 32 40.09 -49.51 -10.71
C GLY G 32 39.53 -48.39 -11.58
N THR G 33 39.01 -48.75 -12.76
CA THR G 33 38.53 -47.81 -13.81
C THR G 33 37.16 -48.30 -14.32
N PHE G 34 36.45 -47.42 -15.05
CA PHE G 34 35.14 -47.72 -15.70
C PHE G 34 35.21 -47.32 -17.18
N ASP G 35 34.39 -47.98 -18.01
CA ASP G 35 34.29 -47.74 -19.48
C ASP G 35 33.10 -46.80 -19.72
N ALA G 36 33.29 -45.78 -20.55
CA ALA G 36 32.25 -44.80 -20.98
C ALA G 36 32.14 -44.82 -22.51
N GLU G 37 30.92 -44.91 -23.03
CA GLU G 37 30.61 -44.80 -24.50
C GLU G 37 29.33 -44.01 -24.69
N LEU G 38 29.02 -43.64 -25.95
CA LEU G 38 27.82 -42.87 -26.35
C LEU G 38 26.84 -43.79 -27.08
N VAL G 39 25.56 -43.74 -26.73
CA VAL G 39 24.46 -44.52 -27.36
C VAL G 39 23.28 -43.59 -27.67
N ARG G 40 22.50 -43.94 -28.69
CA ARG G 40 21.20 -43.30 -29.03
C ARG G 40 20.08 -44.25 -28.60
N LEU G 41 19.19 -43.78 -27.71
CA LEU G 41 18.06 -44.57 -27.15
C LEU G 41 16.96 -44.65 -28.21
N ILE G 42 16.37 -45.84 -28.39
CA ILE G 42 15.26 -46.07 -29.37
C ILE G 42 14.04 -46.58 -28.61
N HIS G 43 14.16 -47.72 -27.93
CA HIS G 43 13.08 -48.37 -27.13
C HIS G 43 13.64 -48.82 -25.78
N GLY G 44 13.03 -48.39 -24.68
CA GLY G 44 13.45 -48.69 -23.29
C GLY G 44 12.76 -49.93 -22.73
N ASP G 45 11.47 -50.11 -23.07
CA ASP G 45 10.62 -51.20 -22.49
C ASP G 45 11.18 -52.56 -22.91
N SER G 46 11.35 -53.48 -21.95
CA SER G 46 11.89 -54.85 -22.16
C SER G 46 10.77 -55.90 -22.06
N ASN G 47 9.50 -55.50 -22.25
CA ASN G 47 8.31 -56.39 -22.17
C ASN G 47 8.41 -57.40 -23.31
N PRO G 48 8.41 -58.74 -23.03
CA PRO G 48 8.42 -59.76 -24.08
C PRO G 48 7.31 -59.63 -25.15
N ALA G 49 6.16 -59.07 -24.77
CA ALA G 49 5.00 -58.82 -25.68
C ALA G 49 5.30 -57.71 -26.68
N GLY G 50 6.39 -56.94 -26.49
CA GLY G 50 6.73 -55.74 -27.30
C GLY G 50 8.03 -55.91 -28.09
N PRO G 51 8.47 -54.87 -28.83
CA PRO G 51 9.72 -54.91 -29.59
C PRO G 51 10.98 -55.24 -28.76
N GLY G 52 11.02 -54.84 -27.49
CA GLY G 52 12.15 -55.06 -26.58
C GLY G 52 13.15 -53.90 -26.63
N TYR G 53 14.18 -53.92 -25.79
CA TYR G 53 15.17 -52.83 -25.64
C TYR G 53 15.93 -52.63 -26.96
N LYS G 54 16.13 -51.37 -27.36
CA LYS G 54 16.84 -50.98 -28.62
C LYS G 54 17.68 -49.72 -28.38
N GLU G 55 18.98 -49.80 -28.70
CA GLU G 55 19.93 -48.66 -28.67
C GLU G 55 20.90 -48.78 -29.86
N GLU G 56 21.54 -47.66 -30.23
CA GLU G 56 22.57 -47.61 -31.31
C GLU G 56 23.85 -47.00 -30.73
N ALA G 57 24.95 -47.77 -30.71
CA ALA G 57 26.30 -47.31 -30.34
C ALA G 57 26.77 -46.26 -31.36
N ILE G 58 27.34 -45.16 -30.87
CA ILE G 58 27.84 -44.01 -31.68
C ILE G 58 29.31 -43.75 -31.33
N LYS G 59 30.18 -43.69 -32.34
CA LYS G 59 31.62 -43.37 -32.21
C LYS G 59 31.76 -41.90 -31.78
N SER G 60 32.57 -41.64 -30.76
CA SER G 60 32.84 -40.29 -30.20
C SER G 60 34.20 -40.25 -29.47
N ASP G 61 34.71 -39.05 -29.21
CA ASP G 61 35.93 -38.82 -28.39
C ASP G 61 35.66 -39.23 -26.93
N LEU G 62 34.39 -39.24 -26.51
CA LEU G 62 33.94 -39.61 -25.14
C LEU G 62 34.34 -41.05 -24.80
N GLU G 63 34.32 -41.97 -25.77
CA GLU G 63 34.58 -43.42 -25.56
C GLU G 63 35.97 -43.61 -24.93
N GLY G 64 36.06 -44.44 -23.88
CA GLY G 64 37.35 -44.85 -23.28
C GLY G 64 37.21 -45.29 -21.82
N GLN G 65 38.34 -45.27 -21.10
CA GLN G 65 38.45 -45.68 -19.67
C GLN G 65 38.76 -44.45 -18.82
N TYR G 66 38.11 -44.34 -17.65
CA TYR G 66 38.32 -43.25 -16.66
C TYR G 66 38.43 -43.85 -15.26
N PRO G 67 39.26 -43.28 -14.36
CA PRO G 67 39.41 -43.80 -13.01
C PRO G 67 38.10 -43.64 -12.21
N ALA G 68 37.73 -44.67 -11.45
CA ALA G 68 36.51 -44.73 -10.60
C ALA G 68 36.89 -44.30 -9.18
N ARG G 69 36.14 -43.36 -8.61
CA ARG G 69 36.42 -42.72 -7.30
C ARG G 69 35.10 -42.38 -6.60
N PHE G 70 35.11 -42.39 -5.28
CA PHE G 70 33.97 -41.96 -4.43
C PHE G 70 34.00 -40.43 -4.33
N GLN G 71 32.84 -39.80 -4.51
CA GLN G 71 32.65 -38.32 -4.42
C GLN G 71 31.59 -38.05 -3.35
N ARG G 72 31.96 -37.38 -2.27
CA ARG G 72 31.07 -37.05 -1.13
C ARG G 72 30.05 -35.99 -1.58
N THR G 73 28.82 -36.09 -1.10
CA THR G 73 27.71 -35.15 -1.38
C THR G 73 27.32 -34.45 -0.08
N GLN G 74 27.28 -33.11 -0.08
CA GLN G 74 26.72 -32.30 1.04
C GLN G 74 25.19 -32.39 0.94
N PHE G 75 24.55 -32.92 1.99
CA PHE G 75 23.09 -33.20 2.04
C PHE G 75 22.46 -32.33 3.14
N GLY G 76 21.29 -31.75 2.85
CA GLY G 76 20.56 -30.86 3.79
C GLY G 76 20.82 -29.39 3.48
N SER G 77 19.82 -28.54 3.70
CA SER G 77 19.86 -27.08 3.45
C SER G 77 20.38 -26.35 4.70
N TYR G 78 21.11 -25.25 4.50
CA TYR G 78 21.66 -24.39 5.58
C TYR G 78 22.03 -23.01 4.99
N VAL G 79 22.57 -22.12 5.83
CA VAL G 79 23.15 -20.81 5.40
C VAL G 79 24.62 -20.78 5.82
N GLU G 80 25.51 -20.39 4.91
CA GLU G 80 26.98 -20.32 5.10
C GLU G 80 27.42 -18.86 5.02
N VAL G 81 28.10 -18.36 6.06
CA VAL G 81 28.71 -17.00 6.10
C VAL G 81 30.23 -17.19 6.19
N ALA G 82 30.93 -16.95 5.08
CA ALA G 82 32.42 -17.00 4.98
C ALA G 82 33.00 -15.90 5.87
N ASP G 83 33.91 -16.25 6.78
CA ASP G 83 34.56 -15.34 7.74
C ASP G 83 36.05 -15.62 7.79
N PRO G 84 36.83 -15.19 6.76
CA PRO G 84 38.26 -15.49 6.69
C PRO G 84 39.08 -14.89 7.86
N ASP G 85 38.69 -13.71 8.34
CA ASP G 85 39.45 -12.90 9.34
C ASP G 85 38.90 -13.14 10.75
N ALA G 86 38.00 -14.12 10.94
CA ALA G 86 37.41 -14.51 12.25
C ALA G 86 36.74 -13.30 12.91
N GLY G 87 36.08 -12.44 12.13
CA GLY G 87 35.28 -11.30 12.61
C GLY G 87 34.14 -11.75 13.51
N LEU G 88 33.47 -12.83 13.14
CA LEU G 88 32.32 -13.43 13.90
C LEU G 88 32.81 -14.41 14.96
N GLN G 89 34.09 -14.33 15.38
CA GLN G 89 34.62 -14.99 16.60
C GLN G 89 35.15 -13.90 17.53
N PRO G 90 34.30 -13.31 18.41
CA PRO G 90 34.75 -12.29 19.36
C PRO G 90 35.72 -12.83 20.42
N ASP G 91 36.58 -11.94 20.96
CA ASP G 91 37.62 -12.28 21.97
C ASP G 91 37.12 -12.00 23.39
N GLY G 92 36.05 -11.20 23.54
CA GLY G 92 35.46 -10.81 24.83
C GLY G 92 34.03 -11.28 24.99
N ALA G 93 33.20 -10.52 25.71
CA ALA G 93 31.76 -10.78 25.91
C ALA G 93 31.05 -10.75 24.55
N PHE G 94 30.10 -11.65 24.32
CA PHE G 94 29.24 -11.65 23.10
C PHE G 94 27.90 -12.34 23.40
N SER G 95 26.93 -12.13 22.51
CA SER G 95 25.55 -12.67 22.59
C SER G 95 25.07 -13.11 21.20
N VAL G 96 24.17 -14.09 21.16
CA VAL G 96 23.51 -14.60 19.92
C VAL G 96 22.00 -14.66 20.19
N HIS G 97 21.21 -13.99 19.36
CA HIS G 97 19.72 -14.00 19.43
C HIS G 97 19.13 -14.50 18.12
N LEU G 98 18.04 -15.28 18.20
CA LEU G 98 17.27 -15.73 17.01
C LEU G 98 15.86 -16.17 17.43
N PHE G 99 14.97 -16.28 16.45
CA PHE G 99 13.64 -16.93 16.57
C PHE G 99 13.74 -18.32 15.91
N LEU G 100 13.27 -19.36 16.61
CA LEU G 100 13.33 -20.77 16.16
C LEU G 100 11.92 -21.36 16.16
N TRP G 101 11.68 -22.31 15.25
CA TRP G 101 10.39 -23.03 15.06
C TRP G 101 10.71 -24.47 14.66
N SER G 102 10.87 -25.36 15.65
CA SER G 102 11.45 -26.72 15.51
C SER G 102 10.35 -27.73 15.12
N THR G 103 10.60 -28.54 14.09
CA THR G 103 9.66 -29.55 13.55
C THR G 103 9.99 -30.94 14.12
N THR G 104 11.27 -31.24 14.42
CA THR G 104 11.72 -32.53 14.99
C THR G 104 12.65 -32.25 16.18
N PRO G 105 12.15 -31.65 17.29
CA PRO G 105 13.00 -31.27 18.41
C PRO G 105 13.71 -32.44 19.11
N SER G 106 13.16 -33.66 19.03
CA SER G 106 13.68 -34.87 19.72
C SER G 106 14.47 -35.79 18.76
N ARG G 107 14.84 -35.31 17.57
CA ARG G 107 15.55 -36.11 16.54
C ARG G 107 17.07 -35.82 16.65
N GLY G 108 17.68 -36.25 17.75
CA GLY G 108 19.14 -36.20 17.99
C GLY G 108 19.66 -34.78 18.11
N ARG G 109 20.98 -34.60 17.91
CA ARG G 109 21.68 -33.30 18.03
C ARG G 109 21.51 -32.50 16.73
N GLN G 110 21.01 -31.27 16.84
CA GLN G 110 20.70 -30.37 15.70
C GLN G 110 21.31 -28.98 15.98
N GLY G 111 22.32 -28.58 15.21
CA GLY G 111 22.95 -27.25 15.31
C GLY G 111 22.04 -26.16 14.80
N ILE G 112 21.73 -25.14 15.62
CA ILE G 112 20.83 -24.01 15.26
C ILE G 112 21.67 -22.92 14.57
N ALA G 113 22.72 -22.45 15.22
CA ALA G 113 23.66 -21.41 14.71
C ALA G 113 25.03 -21.56 15.39
N SER G 114 26.11 -21.57 14.62
CA SER G 114 27.47 -21.94 15.11
C SER G 114 28.59 -21.33 14.27
N ARG G 115 29.71 -21.00 14.93
CA ARG G 115 31.07 -20.92 14.35
C ARG G 115 31.91 -21.95 15.12
N TRP G 116 31.88 -23.21 14.68
CA TRP G 116 32.22 -24.40 15.49
C TRP G 116 33.05 -25.40 14.69
N ASN G 117 34.11 -25.94 15.31
CA ASN G 117 34.91 -27.07 14.79
C ASN G 117 34.61 -28.28 15.68
N ASP G 118 33.89 -29.28 15.13
CA ASP G 118 33.43 -30.48 15.88
C ASP G 118 34.58 -31.46 16.09
N GLU G 119 35.56 -31.49 15.18
CA GLU G 119 36.76 -32.37 15.29
C GLU G 119 37.58 -31.93 16.52
N ARG G 120 37.85 -30.62 16.65
CA ARG G 120 38.68 -30.04 17.74
C ARG G 120 37.80 -29.55 18.91
N GLN G 121 36.48 -29.47 18.73
CA GLN G 121 35.52 -28.93 19.74
C GLN G 121 35.92 -27.50 20.10
N SER G 122 36.14 -26.64 19.09
CA SER G 122 36.60 -25.23 19.24
C SER G 122 35.55 -24.27 18.68
N GLY G 123 35.49 -23.04 19.23
CA GLY G 123 34.57 -21.97 18.81
C GLY G 123 33.33 -21.92 19.69
N TRP G 124 32.19 -21.54 19.10
CA TRP G 124 30.88 -21.43 19.82
C TRP G 124 29.77 -22.06 18.96
N ASN G 125 28.73 -22.59 19.60
CA ASN G 125 27.54 -23.17 18.92
C ASN G 125 26.31 -23.05 19.82
N LEU G 126 25.15 -22.88 19.18
CA LEU G 126 23.80 -23.00 19.80
C LEU G 126 23.08 -24.15 19.08
N ALA G 127 22.75 -25.22 19.80
CA ALA G 127 22.22 -26.49 19.24
C ALA G 127 21.05 -27.02 20.08
N ILE G 128 20.39 -28.05 19.58
CA ILE G 128 19.33 -28.82 20.31
C ILE G 128 19.93 -30.19 20.67
N GLU G 129 20.02 -30.49 21.97
CA GLU G 129 20.49 -31.79 22.51
C GLU G 129 19.45 -32.33 23.49
N ASP G 130 19.03 -33.59 23.32
CA ASP G 130 17.99 -34.25 24.15
C ASP G 130 16.74 -33.35 24.23
N GLY G 131 16.35 -32.74 23.10
CA GLY G 131 15.18 -31.86 22.97
C GLY G 131 15.27 -30.59 23.82
N ARG G 132 16.48 -30.09 24.08
CA ARG G 132 16.73 -28.85 24.87
CA ARG G 132 16.73 -28.85 24.87
C ARG G 132 17.73 -27.96 24.12
N VAL G 133 17.53 -26.64 24.19
CA VAL G 133 18.46 -25.64 23.60
C VAL G 133 19.70 -25.58 24.50
N VAL G 134 20.90 -25.72 23.91
CA VAL G 134 22.21 -25.71 24.63
C VAL G 134 23.13 -24.70 23.96
N PHE G 135 23.78 -23.84 24.74
CA PHE G 135 24.79 -22.85 24.28
C PHE G 135 26.16 -23.30 24.80
N THR G 136 27.10 -23.56 23.88
CA THR G 136 28.42 -24.18 24.17
C THR G 136 29.55 -23.35 23.57
N ILE G 137 30.66 -23.25 24.30
CA ILE G 137 31.97 -22.70 23.82
C ILE G 137 33.06 -23.74 24.09
N GLY G 138 34.15 -23.70 23.30
CA GLY G 138 35.30 -24.62 23.38
C GLY G 138 36.58 -23.97 22.91
N ASP G 139 37.71 -24.32 23.55
CA ASP G 139 39.04 -23.70 23.34
C ASP G 139 39.91 -24.56 22.41
N GLY G 140 39.40 -25.72 21.95
CA GLY G 140 40.10 -26.62 21.01
C GLY G 140 40.94 -27.68 21.70
N SER G 141 41.04 -27.66 23.04
CA SER G 141 41.80 -28.67 23.84
C SER G 141 40.94 -29.90 24.14
N GLY G 142 39.67 -29.91 23.71
CA GLY G 142 38.69 -30.97 24.01
C GLY G 142 37.75 -30.57 25.14
N ALA G 143 38.19 -29.65 26.02
CA ALA G 143 37.41 -29.08 27.13
C ALA G 143 36.40 -28.06 26.57
N THR G 144 35.13 -28.16 27.00
CA THR G 144 34.02 -27.26 26.59
C THR G 144 33.23 -26.81 27.82
N SER G 145 32.59 -25.64 27.72
CA SER G 145 31.67 -25.06 28.71
C SER G 145 30.28 -24.88 28.07
N SER G 146 29.23 -25.39 28.71
CA SER G 146 27.84 -25.42 28.16
C SER G 146 26.85 -24.89 29.20
N VAL G 147 25.75 -24.31 28.72
CA VAL G 147 24.55 -23.95 29.54
C VAL G 147 23.32 -24.56 28.86
N VAL G 148 22.49 -25.27 29.63
CA VAL G 148 21.37 -26.12 29.13
C VAL G 148 20.04 -25.57 29.68
N SER G 149 19.05 -25.39 28.81
CA SER G 149 17.68 -24.96 29.18
C SER G 149 16.98 -26.08 29.97
N ASP G 150 16.15 -25.68 30.94
CA ASP G 150 15.37 -26.60 31.82
C ASP G 150 13.95 -26.78 31.28
N ARG G 151 13.62 -26.14 30.15
CA ARG G 151 12.30 -26.27 29.46
C ARG G 151 12.52 -26.86 28.07
N PRO G 152 12.26 -28.17 27.85
CA PRO G 152 12.35 -28.77 26.51
C PRO G 152 11.40 -28.12 25.51
N LEU G 153 11.83 -27.99 24.24
CA LEU G 153 11.07 -27.32 23.16
C LEU G 153 9.82 -28.13 22.81
N PHE G 154 8.69 -27.46 22.58
CA PHE G 154 7.45 -28.03 21.98
C PHE G 154 7.59 -27.98 20.44
N GLN G 155 7.06 -29.00 19.77
CA GLN G 155 7.14 -29.15 18.28
C GLN G 155 6.32 -28.04 17.62
N GLN G 156 6.93 -27.34 16.65
CA GLN G 156 6.30 -26.29 15.80
C GLN G 156 5.70 -25.19 16.67
N ILE G 157 6.47 -24.74 17.68
CA ILE G 157 6.15 -23.55 18.53
C ILE G 157 7.28 -22.53 18.34
N TRP G 158 6.93 -21.27 18.06
CA TRP G 158 7.90 -20.17 17.89
C TRP G 158 8.52 -19.82 19.24
N TYR G 159 9.85 -19.74 19.29
CA TYR G 159 10.65 -19.39 20.50
C TYR G 159 11.61 -18.25 20.16
N SER G 160 11.83 -17.34 21.12
CA SER G 160 12.93 -16.35 21.13
C SER G 160 14.06 -16.89 22.01
N ILE G 161 15.26 -17.05 21.45
CA ILE G 161 16.44 -17.67 22.12
C ILE G 161 17.58 -16.65 22.17
N THR G 162 18.17 -16.45 23.35
CA THR G 162 19.36 -15.60 23.57
C THR G 162 20.42 -16.41 24.35
N GLY G 163 21.61 -16.58 23.76
CA GLY G 163 22.80 -17.14 24.42
C GLY G 163 23.84 -16.06 24.67
N VAL G 164 24.38 -15.98 25.89
CA VAL G 164 25.30 -14.88 26.33
C VAL G 164 26.56 -15.51 26.93
N TYR G 165 27.73 -15.04 26.50
CA TYR G 165 29.05 -15.30 27.15
C TYR G 165 29.54 -14.01 27.81
N ASP G 166 29.72 -14.06 29.14
CA ASP G 166 30.13 -12.92 30.00
C ASP G 166 31.41 -13.28 30.73
N PRO G 167 32.62 -12.98 30.17
CA PRO G 167 33.88 -13.27 30.85
C PRO G 167 34.10 -12.49 32.17
N GLU G 168 33.54 -11.28 32.30
CA GLU G 168 33.65 -10.43 33.51
C GLU G 168 32.99 -11.16 34.69
N LYS G 169 31.82 -11.76 34.48
CA LYS G 169 31.10 -12.60 35.49
C LYS G 169 31.53 -14.07 35.35
N LYS G 170 32.37 -14.41 34.36
CA LYS G 170 32.83 -15.79 34.04
C LYS G 170 31.61 -16.71 33.93
N GLN G 171 30.64 -16.33 33.10
CA GLN G 171 29.29 -16.96 33.06
C GLN G 171 28.86 -17.24 31.61
N LEU G 172 28.06 -18.29 31.43
CA LEU G 172 27.21 -18.52 30.24
C LEU G 172 25.74 -18.41 30.68
N ARG G 173 24.93 -17.64 29.94
CA ARG G 173 23.49 -17.44 30.25
C ARG G 173 22.65 -17.82 29.03
N LEU G 174 21.44 -18.34 29.27
CA LEU G 174 20.47 -18.73 28.22
C LEU G 174 19.08 -18.21 28.60
N TYR G 175 18.43 -17.48 27.69
CA TYR G 175 17.05 -16.95 27.84
C TYR G 175 16.17 -17.57 26.75
N GLN G 176 15.04 -18.17 27.14
CA GLN G 176 14.07 -18.84 26.24
C GLN G 176 12.67 -18.29 26.55
N LYS G 177 11.95 -17.82 25.53
CA LYS G 177 10.56 -17.29 25.68
C LYS G 177 9.71 -17.72 24.48
N SER G 178 8.55 -18.33 24.76
CA SER G 178 7.50 -18.65 23.75
C SER G 178 6.89 -17.33 23.24
N VAL G 179 6.73 -17.20 21.92
CA VAL G 179 6.19 -15.98 21.25
C VAL G 179 4.99 -16.39 20.39
N VAL G 180 4.20 -17.36 20.89
CA VAL G 180 3.00 -17.92 20.21
C VAL G 180 1.99 -16.77 20.01
N ASN G 181 1.38 -16.71 18.82
CA ASN G 181 0.22 -15.84 18.51
C ASN G 181 -0.90 -16.73 17.96
N ARG G 182 -1.93 -16.13 17.37
CA ARG G 182 -3.17 -16.82 16.92
C ARG G 182 -2.87 -17.77 15.77
N THR G 183 -1.90 -17.45 14.89
CA THR G 183 -1.76 -18.09 13.55
C THR G 183 -0.36 -18.65 13.27
N ASN G 184 0.65 -18.44 14.12
CA ASN G 184 2.08 -18.71 13.78
C ASN G 184 2.52 -20.10 14.25
N SER G 185 1.86 -20.68 15.25
CA SER G 185 2.32 -21.92 15.96
C SER G 185 1.34 -23.07 15.74
N ARG G 186 1.72 -24.28 16.20
CA ARG G 186 0.92 -25.53 16.09
C ARG G 186 -0.41 -25.34 16.83
N PHE G 187 -0.36 -24.92 18.10
CA PHE G 187 -1.54 -24.65 18.96
C PHE G 187 -1.61 -23.16 19.31
N GLY G 188 -2.79 -22.69 19.73
CA GLY G 188 -3.11 -21.26 19.91
C GLY G 188 -2.90 -20.78 21.34
N LEU G 189 -3.54 -19.66 21.69
CA LEU G 189 -3.33 -18.92 22.97
C LEU G 189 -4.14 -19.56 24.11
N VAL G 190 -5.06 -20.49 23.80
CA VAL G 190 -5.91 -21.19 24.81
C VAL G 190 -5.03 -22.11 25.68
N VAL G 191 -3.91 -22.63 25.14
CA VAL G 191 -2.99 -23.56 25.86
C VAL G 191 -2.20 -22.75 26.89
N PRO G 192 -2.29 -23.09 28.20
CA PRO G 192 -1.52 -22.38 29.23
C PRO G 192 -0.06 -22.83 29.24
N LEU G 193 0.69 -22.47 28.19
CA LEU G 193 2.09 -22.92 27.94
C LEU G 193 3.02 -22.20 28.94
N ASP G 194 3.93 -22.97 29.57
CA ASP G 194 5.00 -22.46 30.45
C ASP G 194 6.34 -23.03 29.96
N SER G 195 6.97 -22.36 28.99
CA SER G 195 8.25 -22.76 28.36
C SER G 195 9.30 -21.64 28.45
N ASP G 196 9.06 -20.60 29.25
CA ASP G 196 10.04 -19.50 29.50
C ASP G 196 11.05 -19.96 30.54
N CYS G 197 12.32 -19.55 30.39
CA CYS G 197 13.42 -19.85 31.35
C CYS G 197 14.59 -18.88 31.18
N ALA G 198 15.33 -18.65 32.27
CA ALA G 198 16.62 -17.92 32.31
C ALA G 198 17.59 -18.74 33.17
N VAL G 199 18.62 -19.35 32.54
CA VAL G 199 19.54 -20.32 33.20
C VAL G 199 20.99 -19.83 33.06
N SER G 200 21.81 -20.09 34.09
CA SER G 200 23.23 -19.67 34.19
C SER G 200 24.12 -20.88 34.45
N ALA G 201 25.36 -20.85 33.94
CA ALA G 201 26.40 -21.88 34.15
C ALA G 201 27.78 -21.21 34.19
N ASP G 202 28.76 -21.88 34.81
CA ASP G 202 30.15 -21.38 34.96
C ASP G 202 30.90 -21.60 33.64
N ALA G 203 31.57 -20.55 33.13
CA ALA G 203 32.44 -20.60 31.93
C ALA G 203 33.89 -20.80 32.40
N THR G 204 34.48 -21.96 32.10
CA THR G 204 35.83 -22.38 32.55
C THR G 204 36.85 -22.29 31.40
N VAL G 205 36.40 -22.20 30.14
CA VAL G 205 37.27 -22.10 28.93
C VAL G 205 36.92 -20.80 28.17
N LYS G 206 37.70 -20.49 27.13
CA LYS G 206 37.49 -19.34 26.22
C LYS G 206 37.22 -19.86 24.81
N ALA G 207 36.39 -19.17 24.04
CA ALA G 207 36.03 -19.51 22.64
C ALA G 207 37.23 -19.23 21.74
N ALA G 208 37.82 -20.28 21.16
CA ALA G 208 38.98 -20.20 20.22
C ALA G 208 38.45 -20.08 18.78
N ASP G 209 39.34 -19.71 17.84
CA ASP G 209 39.00 -19.65 16.39
C ASP G 209 38.81 -21.08 15.89
N SER G 210 37.62 -21.39 15.35
CA SER G 210 37.24 -22.73 14.82
C SER G 210 37.90 -22.98 13.46
N GLU G 211 38.31 -21.93 12.74
CA GLU G 211 38.87 -22.00 11.36
C GLU G 211 37.82 -22.60 10.41
N THR G 212 36.54 -22.29 10.64
CA THR G 212 35.39 -22.67 9.78
C THR G 212 34.54 -21.42 9.51
N SER G 213 33.64 -21.50 8.52
CA SER G 213 32.63 -20.47 8.21
C SER G 213 31.47 -20.60 9.20
N LEU G 214 30.79 -19.49 9.51
CA LEU G 214 29.59 -19.47 10.39
C LEU G 214 28.45 -20.19 9.65
N LEU G 215 27.67 -21.01 10.36
CA LEU G 215 26.56 -21.82 9.80
C LEU G 215 25.25 -21.49 10.53
N ILE G 216 24.16 -21.31 9.77
CA ILE G 216 22.77 -21.33 10.29
C ILE G 216 22.15 -22.68 9.89
N ALA G 217 21.63 -23.41 10.87
CA ALA G 217 21.01 -24.76 10.75
C ALA G 217 22.09 -25.82 10.45
N GLY G 218 23.19 -25.82 11.22
CA GLY G 218 24.24 -26.84 11.11
C GLY G 218 25.46 -26.57 11.98
N LEU G 219 26.39 -27.53 12.03
CA LEU G 219 27.70 -27.45 12.75
C LEU G 219 28.83 -27.77 11.77
N GLY G 220 29.97 -27.08 11.90
CA GLY G 220 31.20 -27.36 11.12
C GLY G 220 31.80 -28.70 11.52
N GLU G 221 32.07 -29.57 10.55
CA GLU G 221 32.63 -30.93 10.80
C GLU G 221 34.09 -30.81 11.27
N ALA G 222 34.89 -30.02 10.55
CA ALA G 222 36.33 -29.83 10.82
C ALA G 222 36.82 -28.53 10.15
N ALA G 223 38.12 -28.22 10.30
CA ALA G 223 38.81 -27.06 9.68
C ALA G 223 38.58 -27.10 8.15
N ALA G 224 38.22 -25.96 7.56
CA ALA G 224 37.90 -25.82 6.12
C ALA G 224 39.12 -26.20 5.27
N GLN G 225 38.94 -27.13 4.33
CA GLN G 225 39.97 -27.57 3.36
C GLN G 225 39.60 -27.01 1.99
N ASP G 226 40.52 -26.26 1.36
CA ASP G 226 40.33 -25.57 0.05
C ASP G 226 39.10 -24.65 0.13
N GLY G 227 38.87 -24.03 1.30
CA GLY G 227 37.79 -23.07 1.56
C GLY G 227 36.39 -23.69 1.47
N ARG G 228 36.23 -24.94 1.93
CA ARG G 228 34.90 -25.62 2.03
C ARG G 228 34.70 -26.12 3.46
N THR G 229 33.62 -25.67 4.11
CA THR G 229 33.19 -26.14 5.46
C THR G 229 32.05 -27.15 5.28
N TRP G 230 32.31 -28.44 5.53
CA TRP G 230 31.29 -29.52 5.54
C TRP G 230 30.35 -29.30 6.74
N CYS G 231 29.04 -29.33 6.48
CA CYS G 231 27.96 -29.06 7.47
C CYS G 231 27.39 -30.40 7.97
N ILE G 232 27.37 -30.59 9.29
CA ILE G 232 26.81 -31.81 9.98
C ILE G 232 25.82 -31.37 11.06
N ALA G 233 25.11 -32.34 11.65
CA ALA G 233 24.06 -32.14 12.68
C ALA G 233 23.02 -31.14 12.15
N HIS G 234 22.35 -31.51 11.05
CA HIS G 234 21.42 -30.63 10.28
C HIS G 234 20.15 -30.38 11.13
N TYR G 235 19.68 -29.12 11.14
CA TYR G 235 18.47 -28.68 11.88
C TYR G 235 17.26 -28.77 10.95
N ASN G 236 16.11 -29.12 11.54
CA ASN G 236 14.79 -29.23 10.86
C ASN G 236 13.86 -28.16 11.44
N GLY G 237 13.36 -27.25 10.59
CA GLY G 237 12.38 -26.20 10.96
C GLY G 237 12.81 -24.82 10.50
N LYS G 238 12.20 -23.77 11.06
CA LYS G 238 12.39 -22.36 10.62
C LYS G 238 13.33 -21.62 11.58
N VAL G 239 14.21 -20.78 11.02
CA VAL G 239 15.02 -19.77 11.76
C VAL G 239 14.65 -18.38 11.21
N ASP G 240 14.50 -17.40 12.11
CA ASP G 240 14.06 -16.02 11.77
C ASP G 240 14.95 -15.02 12.51
N ALA G 241 15.61 -14.13 11.75
CA ALA G 241 16.38 -12.94 12.22
C ALA G 241 17.46 -13.34 13.23
N PRO G 242 18.46 -14.18 12.84
CA PRO G 242 19.62 -14.43 13.69
C PRO G 242 20.57 -13.22 13.72
N LYS G 243 21.14 -12.91 14.89
CA LYS G 243 22.05 -11.75 15.08
C LYS G 243 23.08 -12.06 16.18
N ILE G 244 24.26 -11.44 16.08
CA ILE G 244 25.38 -11.55 17.06
C ILE G 244 25.68 -10.15 17.60
N TYR G 245 25.85 -10.02 18.92
CA TYR G 245 26.21 -8.77 19.63
C TYR G 245 27.61 -8.92 20.22
N GLY G 246 28.41 -7.84 20.18
CA GLY G 246 29.79 -7.80 20.71
C GLY G 246 29.84 -7.46 22.20
N CYS G 247 28.70 -7.49 22.90
CA CYS G 247 28.58 -7.24 24.36
C CYS G 247 27.79 -8.38 25.02
N ALA G 248 27.66 -8.34 26.35
CA ALA G 248 26.87 -9.28 27.17
C ALA G 248 25.50 -8.66 27.45
N LEU G 249 24.42 -9.31 26.96
CA LEU G 249 23.02 -8.82 27.09
C LEU G 249 22.40 -9.32 28.40
N GLY G 250 21.48 -8.53 28.96
CA GLY G 250 20.74 -8.82 30.21
C GLY G 250 19.36 -9.41 29.93
N GLN G 251 18.53 -9.51 30.97
CA GLN G 251 17.16 -10.07 30.91
C GLN G 251 16.25 -9.09 30.14
N ASP G 252 16.33 -7.79 30.44
CA ASP G 252 15.54 -6.70 29.80
C ASP G 252 15.84 -6.66 28.28
N ASP G 253 17.11 -6.82 27.89
CA ASP G 253 17.54 -6.85 26.47
C ASP G 253 16.90 -8.05 25.76
N ALA G 254 16.91 -9.22 26.39
CA ALA G 254 16.28 -10.46 25.88
C ALA G 254 14.77 -10.26 25.74
N GLU G 255 14.13 -9.58 26.72
CA GLU G 255 12.68 -9.28 26.73
C GLU G 255 12.33 -8.38 25.54
N LYS G 256 13.12 -7.33 25.29
CA LYS G 256 12.92 -6.38 24.16
C LYS G 256 13.17 -7.10 22.83
N LEU G 257 14.18 -7.99 22.77
CA LEU G 257 14.52 -8.78 21.55
C LEU G 257 13.37 -9.73 21.21
N SER G 258 12.70 -10.31 22.20
CA SER G 258 11.59 -11.28 22.02
C SER G 258 10.37 -10.60 21.37
N ARG G 259 10.23 -9.28 21.51
CA ARG G 259 9.09 -8.49 20.96
C ARG G 259 9.45 -7.87 19.60
N GLY G 260 10.66 -8.13 19.07
CA GLY G 260 11.08 -7.74 17.71
C GLY G 260 11.81 -6.40 17.65
N GLU G 261 12.19 -5.84 18.79
CA GLU G 261 12.95 -4.55 18.87
C GLU G 261 14.43 -4.86 18.63
N ILE G 262 15.11 -4.03 17.84
CA ILE G 262 16.58 -4.14 17.56
C ILE G 262 17.32 -3.33 18.62
N VAL G 263 17.71 -3.98 19.72
CA VAL G 263 18.39 -3.33 20.89
C VAL G 263 19.85 -3.05 20.53
N ARG G 264 20.43 -2.01 21.13
CA ARG G 264 21.87 -1.62 21.01
C ARG G 264 22.36 -1.80 19.57
N PRO G 265 21.78 -1.10 18.57
CA PRO G 265 22.09 -1.34 17.15
C PRO G 265 23.59 -1.21 16.83
N ILE G 266 24.27 -0.26 17.48
CA ILE G 266 25.73 0.02 17.31
C ILE G 266 26.56 -1.21 17.71
N SER G 267 26.09 -2.02 18.68
CA SER G 267 26.83 -3.16 19.28
C SER G 267 26.75 -4.44 18.42
N ARG G 268 25.89 -4.49 17.39
CA ARG G 268 25.74 -5.68 16.50
C ARG G 268 27.04 -5.93 15.74
N LEU G 269 27.47 -7.20 15.66
CA LEU G 269 28.62 -7.65 14.81
C LEU G 269 28.08 -8.12 13.45
N ALA G 270 26.96 -8.84 13.45
CA ALA G 270 26.20 -9.25 12.24
C ALA G 270 24.70 -9.35 12.57
N HIS G 271 23.84 -9.14 11.56
CA HIS G 271 22.36 -9.29 11.64
C HIS G 271 21.84 -9.68 10.25
N TRP G 272 21.47 -10.95 10.06
CA TRP G 272 20.98 -11.50 8.77
C TRP G 272 19.46 -11.35 8.70
N ASP G 273 18.97 -10.49 7.79
CA ASP G 273 17.52 -10.32 7.49
C ASP G 273 17.21 -11.16 6.24
N PHE G 274 16.55 -12.30 6.44
CA PHE G 274 16.20 -13.27 5.35
C PHE G 274 15.15 -12.66 4.41
N SER G 275 14.39 -11.65 4.87
CA SER G 275 13.34 -10.96 4.06
C SER G 275 13.96 -9.89 3.14
N ALA G 276 15.20 -9.44 3.39
CA ALA G 276 15.90 -8.42 2.58
C ALA G 276 16.11 -8.97 1.17
N GLY G 277 15.48 -8.36 0.16
CA GLY G 277 15.53 -8.77 -1.26
C GLY G 277 14.18 -9.18 -1.83
N ILE G 278 13.11 -9.17 -1.02
CA ILE G 278 11.71 -9.44 -1.48
C ILE G 278 11.21 -8.20 -2.25
N GLY G 279 10.75 -8.41 -3.49
CA GLY G 279 10.12 -7.37 -4.34
C GLY G 279 8.89 -7.91 -5.04
N LEU G 280 8.40 -7.18 -6.06
CA LEU G 280 7.20 -7.55 -6.86
C LEU G 280 7.46 -8.86 -7.63
N ASN G 281 8.73 -9.20 -7.88
CA ASN G 281 9.16 -10.44 -8.58
C ASN G 281 9.65 -11.51 -7.58
N GLY G 282 9.27 -11.41 -6.31
CA GLY G 282 9.68 -12.35 -5.25
C GLY G 282 11.13 -12.13 -4.82
N ILE G 283 11.83 -13.21 -4.45
CA ILE G 283 13.25 -13.19 -3.99
C ILE G 283 14.01 -14.32 -4.70
N PRO G 284 14.30 -14.18 -6.02
CA PRO G 284 15.02 -15.21 -6.77
C PRO G 284 16.54 -15.10 -6.60
N THR G 285 17.05 -15.37 -5.40
CA THR G 285 18.50 -15.29 -5.08
C THR G 285 18.83 -16.17 -3.85
N ASP G 286 20.10 -16.55 -3.73
CA ASP G 286 20.67 -17.27 -2.56
C ASP G 286 21.42 -16.28 -1.66
N HIS G 287 21.53 -15.00 -2.06
CA HIS G 287 22.25 -13.95 -1.30
C HIS G 287 21.45 -13.60 -0.04
N VAL G 288 22.07 -13.70 1.13
CA VAL G 288 21.50 -13.28 2.44
C VAL G 288 22.19 -11.98 2.86
N VAL G 289 21.40 -10.92 3.08
CA VAL G 289 21.91 -9.55 3.37
C VAL G 289 22.25 -9.47 4.86
N ASP G 290 23.44 -8.94 5.17
CA ASP G 290 23.86 -8.55 6.54
C ASP G 290 23.35 -7.13 6.79
N ALA G 291 22.35 -7.01 7.68
CA ALA G 291 21.62 -5.74 7.95
C ALA G 291 22.33 -4.90 9.02
N SER G 292 23.47 -5.35 9.56
CA SER G 292 24.26 -4.59 10.57
C SER G 292 25.25 -3.63 9.88
N GLY G 293 25.39 -3.71 8.55
CA GLY G 293 26.30 -2.85 7.76
C GLY G 293 27.76 -3.13 8.04
N TYR G 294 28.14 -4.42 8.15
CA TYR G 294 29.54 -4.89 8.32
C TYR G 294 29.91 -5.90 7.21
N GLY G 295 29.02 -6.13 6.24
CA GLY G 295 29.29 -6.90 5.01
C GLY G 295 29.59 -8.37 5.26
N HIS G 296 29.05 -8.96 6.33
CA HIS G 296 29.13 -10.42 6.60
C HIS G 296 27.95 -11.11 5.93
N HIS G 297 27.84 -10.98 4.59
CA HIS G 297 26.74 -11.54 3.77
C HIS G 297 26.82 -13.07 3.78
N GLY G 298 25.66 -13.74 3.73
CA GLY G 298 25.53 -15.20 3.75
C GLY G 298 25.14 -15.77 2.40
N ARG G 299 25.14 -17.11 2.28
CA ARG G 299 24.73 -17.85 1.06
C ARG G 299 23.84 -19.02 1.50
N CYS G 300 22.63 -19.13 0.93
CA CYS G 300 21.73 -20.30 1.07
C CYS G 300 22.36 -21.49 0.34
N MET G 301 22.33 -22.67 0.97
CA MET G 301 22.94 -23.91 0.42
C MET G 301 21.90 -25.04 0.45
N ASN G 302 21.73 -25.73 -0.68
CA ASN G 302 20.74 -26.82 -0.90
C ASN G 302 19.31 -26.26 -0.85
N GLN G 303 19.12 -24.99 -1.21
CA GLN G 303 17.79 -24.35 -1.45
C GLN G 303 16.86 -24.54 -0.26
N PRO G 304 17.06 -23.82 0.88
CA PRO G 304 16.04 -23.72 1.92
C PRO G 304 14.83 -22.92 1.41
N SER G 305 13.64 -23.20 1.96
CA SER G 305 12.36 -22.57 1.56
C SER G 305 12.39 -21.09 1.96
N ARG G 306 12.47 -20.18 0.96
CA ARG G 306 12.39 -18.71 1.14
C ARG G 306 10.93 -18.27 0.99
N GLY G 307 10.61 -17.06 1.45
CA GLY G 307 9.23 -16.55 1.57
C GLY G 307 8.40 -17.41 2.50
N SER G 308 8.99 -17.85 3.62
CA SER G 308 8.33 -18.67 4.67
C SER G 308 7.73 -17.76 5.74
N THR G 309 6.56 -18.13 6.27
CA THR G 309 5.84 -17.37 7.33
C THR G 309 6.75 -17.27 8.56
N GLY G 310 6.85 -16.08 9.15
CA GLY G 310 7.80 -15.74 10.22
C GLY G 310 7.17 -15.84 11.61
N TRP G 311 7.91 -15.39 12.63
CA TRP G 311 7.50 -15.45 14.05
C TRP G 311 6.30 -14.52 14.31
N ASN G 312 6.18 -13.42 13.56
CA ASN G 312 5.20 -12.33 13.80
C ASN G 312 4.08 -12.36 12.73
N TRP G 313 3.92 -13.47 12.01
CA TRP G 313 2.89 -13.61 10.94
C TRP G 313 1.51 -13.74 11.58
N ASP G 314 0.67 -12.71 11.44
CA ASP G 314 -0.68 -12.63 12.04
C ASP G 314 -1.77 -13.06 11.03
N GLY G 315 -1.38 -13.36 9.79
CA GLY G 315 -2.27 -13.94 8.76
C GLY G 315 -3.19 -12.92 8.09
N HIS G 316 -2.95 -11.61 8.25
CA HIS G 316 -3.74 -10.53 7.60
C HIS G 316 -3.39 -10.49 6.11
N GLU G 317 -2.14 -10.78 5.75
CA GLU G 317 -1.64 -10.84 4.35
C GLU G 317 -0.97 -12.21 4.11
N GLU G 318 -1.34 -12.89 3.02
CA GLU G 318 -0.89 -14.27 2.70
C GLU G 318 0.04 -14.29 1.47
N ASN G 319 0.39 -13.12 0.93
CA ASN G 319 1.41 -12.99 -0.15
C ASN G 319 2.64 -12.30 0.43
N PHE G 320 3.80 -12.95 0.35
CA PHE G 320 5.07 -12.50 0.96
C PHE G 320 5.60 -11.24 0.26
N ILE G 321 5.20 -10.98 -1.00
CA ILE G 321 5.65 -9.78 -1.76
C ILE G 321 4.94 -8.52 -1.24
N HIS G 322 3.82 -8.65 -0.51
CA HIS G 322 3.03 -7.49 0.00
C HIS G 322 3.26 -7.27 1.50
N CYS G 323 3.84 -8.24 2.23
CA CYS G 323 4.12 -8.14 3.69
C CYS G 323 5.46 -8.81 4.02
N PRO G 324 6.60 -8.30 3.48
CA PRO G 324 7.90 -8.92 3.71
C PRO G 324 8.37 -8.95 5.18
N GLU G 325 7.92 -8.01 6.01
CA GLU G 325 8.34 -7.91 7.44
C GLU G 325 7.81 -9.11 8.25
N GLN G 326 6.76 -9.80 7.79
CA GLN G 326 6.18 -11.00 8.46
C GLN G 326 6.63 -12.30 7.77
N TYR G 327 7.54 -12.22 6.79
CA TYR G 327 8.05 -13.39 6.02
C TYR G 327 9.58 -13.45 6.10
N GLY G 328 10.12 -13.28 7.30
CA GLY G 328 11.57 -13.19 7.56
C GLY G 328 12.20 -14.52 7.94
N ALA G 329 11.49 -15.65 7.77
CA ALA G 329 11.93 -17.00 8.20
C ALA G 329 12.48 -17.79 7.01
N LEU G 330 13.42 -18.70 7.26
CA LEU G 330 13.87 -19.75 6.32
C LEU G 330 13.54 -21.12 6.93
N TRP G 331 12.97 -22.02 6.13
CA TRP G 331 12.69 -23.44 6.50
C TRP G 331 13.85 -24.32 6.01
N PHE G 332 14.53 -24.99 6.94
CA PHE G 332 15.64 -25.94 6.67
C PHE G 332 15.16 -27.37 6.88
N HIS G 333 15.52 -28.27 5.96
CA HIS G 333 15.28 -29.74 6.06
C HIS G 333 16.62 -30.47 5.94
N GLU G 334 16.80 -31.56 6.69
CA GLU G 334 18.07 -32.34 6.72
C GLU G 334 18.25 -33.13 5.40
N ASP G 335 17.23 -33.18 4.53
CA ASP G 335 17.20 -34.02 3.31
C ASP G 335 16.92 -33.15 2.07
N CYS G 336 17.44 -31.93 2.04
CA CYS G 336 17.42 -31.02 0.86
C CYS G 336 18.67 -31.27 0.00
N LEU G 337 18.56 -31.10 -1.32
CA LEU G 337 19.67 -31.25 -2.29
C LEU G 337 19.33 -30.50 -3.58
N ASP G 338 20.14 -29.48 -3.95
CA ASP G 338 20.00 -28.69 -5.21
C ASP G 338 21.17 -28.95 -6.16
N ASP G 339 22.29 -29.50 -5.68
CA ASP G 339 23.50 -29.79 -6.51
C ASP G 339 24.42 -30.73 -5.73
N CYS G 340 24.86 -31.83 -6.36
CA CYS G 340 25.81 -32.81 -5.78
C CYS G 340 27.21 -32.18 -5.65
N ARG G 341 27.53 -31.20 -6.48
CA ARG G 341 28.81 -30.41 -6.45
C ARG G 341 30.01 -31.36 -6.57
N TRP G 342 29.92 -32.38 -7.40
CA TRP G 342 31.01 -33.37 -7.66
C TRP G 342 32.05 -32.75 -8.61
N GLU G 343 33.20 -33.42 -8.73
CA GLU G 343 34.28 -33.09 -9.71
C GLU G 343 33.92 -33.71 -11.07
N LYS G 344 34.14 -32.95 -12.15
CA LYS G 344 33.92 -33.40 -13.56
C LYS G 344 34.83 -34.60 -13.84
N ASP G 345 34.31 -35.62 -14.51
CA ASP G 345 35.04 -36.86 -14.92
C ASP G 345 35.45 -36.75 -16.40
N PHE G 346 34.56 -36.21 -17.24
CA PHE G 346 34.82 -35.95 -18.68
C PHE G 346 33.72 -35.03 -19.25
N GLU G 347 33.98 -34.44 -20.42
CA GLU G 347 33.02 -33.55 -21.13
C GLU G 347 32.91 -33.99 -22.60
N PHE G 348 31.83 -33.58 -23.26
CA PHE G 348 31.51 -33.92 -24.68
C PHE G 348 31.06 -32.65 -25.41
N THR G 349 31.69 -32.35 -26.55
CA THR G 349 31.27 -31.26 -27.48
C THR G 349 30.54 -31.91 -28.67
N VAL G 350 29.31 -31.45 -28.96
CA VAL G 350 28.44 -32.01 -30.03
C VAL G 350 29.08 -31.68 -31.37
N PRO G 351 29.51 -32.68 -32.18
CA PRO G 351 30.07 -32.42 -33.51
C PRO G 351 28.99 -32.05 -34.54
N GLU G 352 29.40 -31.55 -35.70
CA GLU G 352 28.52 -31.27 -36.86
C GLU G 352 28.05 -32.61 -37.45
N GLY G 353 26.76 -32.74 -37.74
CA GLY G 353 26.17 -33.93 -38.40
C GLY G 353 25.43 -34.85 -37.43
N LEU G 354 25.72 -34.78 -36.12
CA LEU G 354 25.04 -35.61 -35.09
C LEU G 354 23.56 -35.18 -35.00
N LYS G 355 22.67 -36.06 -35.47
CA LYS G 355 21.21 -35.79 -35.62
C LYS G 355 20.58 -35.57 -34.23
N SER G 356 19.69 -34.59 -34.11
CA SER G 356 18.94 -34.25 -32.87
C SER G 356 18.05 -35.44 -32.47
N ASP G 357 18.29 -35.99 -31.27
CA ASP G 357 17.58 -37.20 -30.78
C ASP G 357 17.82 -37.38 -29.26
N PHE G 358 17.31 -38.47 -28.69
CA PHE G 358 17.56 -38.89 -27.30
C PHE G 358 18.89 -39.65 -27.28
N TYR G 359 19.84 -39.21 -26.43
CA TYR G 359 21.18 -39.84 -26.28
C TYR G 359 21.44 -40.18 -24.81
N ALA G 360 22.43 -41.04 -24.56
CA ALA G 360 22.88 -41.42 -23.21
C ALA G 360 24.37 -41.78 -23.22
N VAL G 361 25.07 -41.53 -22.11
CA VAL G 361 26.44 -42.05 -21.84
C VAL G 361 26.28 -43.38 -21.08
N LYS G 362 26.72 -44.48 -21.69
CA LYS G 362 26.66 -45.86 -21.11
C LYS G 362 27.98 -46.13 -20.39
N ILE G 363 27.90 -46.48 -19.09
CA ILE G 363 29.10 -46.71 -18.21
C ILE G 363 29.05 -48.16 -17.69
N ARG G 364 30.15 -48.90 -17.87
CA ARG G 364 30.35 -50.27 -17.33
C ARG G 364 31.43 -50.22 -16.25
N TYR G 365 31.12 -50.72 -15.06
CA TYR G 365 32.05 -50.81 -13.89
C TYR G 365 31.70 -52.06 -13.07
N GLU G 366 32.67 -52.97 -12.90
CA GLU G 366 32.47 -54.32 -12.30
C GLU G 366 31.42 -55.03 -13.15
N ASP G 367 30.30 -55.49 -12.58
CA ASP G 367 29.17 -56.11 -13.34
C ASP G 367 28.04 -55.07 -13.52
N THR G 368 28.22 -53.84 -13.02
CA THR G 368 27.17 -52.78 -13.03
C THR G 368 27.22 -52.03 -14.37
N GLU G 369 26.03 -51.72 -14.90
CA GLU G 369 25.81 -50.90 -16.12
C GLU G 369 24.90 -49.72 -15.75
N ASP G 370 25.36 -48.49 -15.99
CA ASP G 370 24.58 -47.25 -15.70
C ASP G 370 24.44 -46.42 -16.99
N TYR G 371 23.40 -45.59 -17.05
CA TYR G 371 23.11 -44.66 -18.18
C TYR G 371 23.00 -43.24 -17.64
N ILE G 372 23.59 -42.26 -18.33
CA ILE G 372 23.37 -40.80 -18.09
C ILE G 372 22.67 -40.25 -19.33
N PRO G 373 21.32 -40.14 -19.35
CA PRO G 373 20.60 -39.60 -20.49
C PRO G 373 20.78 -38.09 -20.67
N PHE G 374 20.68 -37.61 -21.92
CA PHE G 374 20.64 -36.18 -22.30
C PHE G 374 20.04 -36.06 -23.71
N PHE G 375 19.89 -34.83 -24.21
CA PHE G 375 19.18 -34.50 -25.49
C PHE G 375 20.09 -33.62 -26.34
N VAL G 376 20.25 -33.95 -27.63
CA VAL G 376 21.00 -33.13 -28.61
C VAL G 376 19.99 -32.28 -29.39
N LEU G 377 20.16 -30.95 -29.34
CA LEU G 377 19.34 -29.96 -30.10
C LEU G 377 19.94 -29.77 -31.48
N PRO G 378 19.15 -29.32 -32.49
CA PRO G 378 19.71 -28.94 -33.78
C PRO G 378 20.56 -27.66 -33.66
N PRO G 379 21.38 -27.31 -34.67
CA PRO G 379 22.18 -26.08 -34.63
C PRO G 379 21.31 -24.84 -34.31
N ARG G 380 21.82 -23.94 -33.44
CA ARG G 380 21.08 -22.82 -32.84
C ARG G 380 20.42 -21.97 -33.94
N GLY G 381 19.11 -21.77 -33.84
CA GLY G 381 18.31 -20.89 -34.72
C GLY G 381 17.87 -21.55 -36.02
N THR G 382 18.04 -22.87 -36.16
CA THR G 382 17.64 -23.65 -37.36
C THR G 382 16.85 -24.89 -36.92
N ALA G 383 16.05 -25.45 -37.85
CA ALA G 383 15.35 -26.75 -37.73
C ALA G 383 15.86 -27.68 -38.84
N THR G 384 15.90 -28.99 -38.58
CA THR G 384 16.45 -30.04 -39.49
C THR G 384 15.39 -31.11 -39.80
N ALA G 385 14.11 -30.85 -39.48
CA ALA G 385 12.97 -31.77 -39.71
C ALA G 385 11.65 -31.00 -39.65
N PRO G 386 10.56 -31.50 -40.27
CA PRO G 386 9.24 -30.89 -40.15
C PRO G 386 8.48 -31.24 -38.85
N ILE G 387 8.99 -32.21 -38.06
CA ILE G 387 8.35 -32.69 -36.79
C ILE G 387 9.26 -32.32 -35.62
N LEU G 388 8.69 -31.77 -34.54
CA LEU G 388 9.40 -31.50 -33.25
C LEU G 388 8.77 -32.36 -32.16
N VAL G 389 9.61 -33.04 -31.37
CA VAL G 389 9.20 -33.82 -30.17
C VAL G 389 9.70 -33.08 -28.92
N ILE G 390 8.79 -32.75 -27.99
CA ILE G 390 9.09 -32.02 -26.73
C ILE G 390 9.26 -33.04 -25.61
N ALA G 391 10.50 -33.19 -25.11
CA ALA G 391 10.84 -34.02 -23.94
C ALA G 391 10.34 -33.31 -22.67
N SER G 392 9.63 -34.03 -21.80
CA SER G 392 8.97 -33.49 -20.59
C SER G 392 9.95 -33.44 -19.42
N THR G 393 11.03 -32.64 -19.57
CA THR G 393 12.16 -32.56 -18.60
C THR G 393 11.68 -31.99 -17.26
N LEU G 394 10.71 -31.07 -17.27
CA LEU G 394 10.11 -30.50 -16.02
C LEU G 394 9.39 -31.63 -15.27
N SER G 395 8.61 -32.45 -15.98
CA SER G 395 7.91 -33.64 -15.42
C SER G 395 8.93 -34.67 -14.94
N TYR G 396 10.05 -34.84 -15.66
CA TYR G 396 11.16 -35.75 -15.27
C TYR G 396 11.75 -35.30 -13.93
N LEU G 397 11.95 -33.99 -13.75
CA LEU G 397 12.45 -33.39 -12.49
C LEU G 397 11.41 -33.57 -11.37
N ALA G 398 10.11 -33.42 -11.68
CA ALA G 398 9.01 -33.55 -10.69
C ALA G 398 9.01 -34.96 -10.08
N TYR G 399 9.25 -36.01 -10.90
CA TYR G 399 9.22 -37.44 -10.46
C TYR G 399 10.65 -37.94 -10.15
N ALA G 400 11.66 -37.07 -10.15
CA ALA G 400 13.10 -37.46 -10.01
C ALA G 400 13.32 -38.14 -8.64
N ASN G 401 13.79 -39.39 -8.67
CA ASN G 401 14.06 -40.22 -7.46
C ASN G 401 12.78 -40.34 -6.63
N GLU G 402 11.65 -40.64 -7.27
CA GLU G 402 10.33 -40.83 -6.60
C GLU G 402 10.42 -42.09 -5.73
N GLN G 403 9.89 -42.01 -4.51
CA GLN G 403 9.89 -43.10 -3.50
C GLN G 403 8.49 -43.20 -2.88
N ILE G 404 7.44 -43.16 -3.70
CA ILE G 404 6.01 -43.17 -3.25
C ILE G 404 5.74 -44.48 -2.49
N MET G 405 6.13 -45.62 -3.07
CA MET G 405 5.77 -46.97 -2.55
C MET G 405 6.50 -47.27 -1.23
N HIS G 406 7.60 -46.56 -0.92
CA HIS G 406 8.40 -46.74 0.33
C HIS G 406 7.97 -45.74 1.42
N LYS G 407 7.30 -44.63 1.07
CA LYS G 407 7.02 -43.51 2.01
C LYS G 407 5.50 -43.32 2.20
N ALA G 408 4.75 -43.16 1.12
CA ALA G 408 3.30 -42.84 1.12
C ALA G 408 2.48 -44.08 1.48
N ASP G 409 1.65 -44.01 2.52
CA ASP G 409 0.73 -45.09 2.98
C ASP G 409 -0.27 -45.44 1.87
N ILE G 410 -0.73 -44.44 1.10
CA ILE G 410 -1.82 -44.58 0.07
C ILE G 410 -1.23 -44.86 -1.32
N GLY G 411 0.09 -45.08 -1.44
CA GLY G 411 0.77 -45.41 -2.70
C GLY G 411 0.16 -46.64 -3.37
N GLN G 412 0.00 -47.72 -2.60
CA GLN G 412 -0.53 -49.01 -3.10
C GLN G 412 -2.03 -48.88 -3.38
N ALA G 413 -2.77 -48.13 -2.55
CA ALA G 413 -4.23 -47.87 -2.71
C ALA G 413 -4.48 -47.15 -4.04
N VAL G 414 -3.66 -46.13 -4.36
CA VAL G 414 -3.72 -45.37 -5.64
C VAL G 414 -3.33 -46.31 -6.80
N ALA G 415 -2.27 -47.12 -6.62
CA ALA G 415 -1.74 -48.05 -7.64
C ALA G 415 -2.79 -49.12 -7.99
N GLY G 416 -3.57 -49.58 -7.01
CA GLY G 416 -4.63 -50.58 -7.19
C GLY G 416 -4.08 -51.99 -7.38
N HIS G 417 -2.86 -52.25 -6.89
CA HIS G 417 -2.18 -53.58 -6.86
C HIS G 417 -0.90 -53.47 -6.03
N THR G 418 -0.33 -54.61 -5.63
CA THR G 418 0.98 -54.67 -4.94
C THR G 418 2.05 -54.18 -5.90
N PRO G 419 2.85 -53.15 -5.53
CA PRO G 419 3.85 -52.59 -6.43
C PRO G 419 5.00 -53.57 -6.71
N VAL G 420 5.60 -53.46 -7.89
CA VAL G 420 6.81 -54.24 -8.32
C VAL G 420 7.98 -53.26 -8.40
N LEU G 421 8.98 -53.44 -7.54
CA LEU G 421 10.16 -52.54 -7.42
C LEU G 421 11.43 -53.31 -7.78
N ASN G 422 12.45 -52.60 -8.27
CA ASN G 422 13.74 -53.15 -8.77
C ASN G 422 14.86 -52.61 -7.87
N GLU G 423 16.12 -52.94 -8.21
CA GLU G 423 17.33 -52.57 -7.43
C GLU G 423 17.50 -51.05 -7.31
N ASN G 424 16.98 -50.27 -8.27
CA ASN G 424 17.05 -48.78 -8.24
C ASN G 424 16.28 -48.25 -7.03
N ASP G 425 15.08 -48.78 -6.76
CA ASP G 425 14.20 -48.36 -5.62
C ASP G 425 14.89 -48.73 -4.31
N VAL G 426 15.44 -49.95 -4.21
CA VAL G 426 16.19 -50.45 -3.02
C VAL G 426 17.40 -49.53 -2.79
N GLU G 427 18.11 -49.17 -3.86
CA GLU G 427 19.30 -48.27 -3.81
C GLU G 427 18.88 -46.90 -3.26
N LEU G 428 17.77 -46.34 -3.76
CA LEU G 428 17.21 -45.04 -3.30
C LEU G 428 16.91 -45.12 -1.79
N HIS G 429 16.24 -46.18 -1.34
CA HIS G 429 15.84 -46.40 0.08
C HIS G 429 17.09 -46.53 0.97
N LYS G 430 18.13 -47.24 0.49
CA LYS G 430 19.36 -47.56 1.28
C LYS G 430 20.22 -46.30 1.44
N ASN G 431 20.50 -45.58 0.36
CA ASN G 431 21.40 -44.40 0.35
C ASN G 431 20.62 -43.17 -0.16
N LEU G 432 19.86 -42.52 0.72
CA LEU G 432 19.05 -41.32 0.37
C LEU G 432 19.97 -40.13 0.08
N SER G 433 21.08 -40.00 0.83
CA SER G 433 22.03 -38.86 0.78
C SER G 433 22.64 -38.68 -0.62
N TYR G 434 22.77 -39.75 -1.41
CA TYR G 434 23.37 -39.72 -2.77
C TYR G 434 22.41 -39.11 -3.79
N TYR G 435 21.09 -39.24 -3.60
CA TYR G 435 20.07 -39.04 -4.67
C TYR G 435 19.08 -37.91 -4.36
N GLY G 436 18.61 -37.78 -3.10
CA GLY G 436 17.61 -36.78 -2.71
C GLY G 436 16.19 -37.29 -2.92
N LEU G 437 15.19 -36.40 -2.81
CA LEU G 437 13.75 -36.75 -2.85
C LEU G 437 13.08 -36.17 -4.11
N SER G 438 11.85 -36.62 -4.38
CA SER G 438 10.95 -36.15 -5.46
C SER G 438 9.97 -35.12 -4.90
N THR G 439 9.25 -34.41 -5.78
CA THR G 439 8.16 -33.47 -5.40
C THR G 439 6.92 -34.27 -4.96
N TYR G 440 6.90 -35.59 -5.16
CA TYR G 440 5.81 -36.50 -4.70
C TYR G 440 6.12 -37.07 -3.30
N ASP G 441 7.27 -36.72 -2.72
CA ASP G 441 7.68 -37.14 -1.35
C ASP G 441 7.62 -35.92 -0.42
N GLY G 442 7.44 -36.18 0.88
CA GLY G 442 7.58 -35.18 1.96
C GLY G 442 8.96 -35.25 2.58
N HIS G 443 9.44 -34.15 3.14
CA HIS G 443 10.66 -34.11 3.99
C HIS G 443 10.40 -34.91 5.27
N ILE G 444 11.44 -35.15 6.07
CA ILE G 444 11.34 -35.88 7.38
C ILE G 444 10.42 -35.10 8.32
N ASP G 445 10.26 -33.78 8.10
CA ASP G 445 9.39 -32.88 8.89
C ASP G 445 7.91 -33.19 8.59
N GLY G 446 7.58 -33.48 7.33
CA GLY G 446 6.21 -33.74 6.87
C GLY G 446 5.80 -32.84 5.71
N ARG G 447 6.41 -31.65 5.60
CA ARG G 447 6.16 -30.67 4.50
C ARG G 447 6.63 -31.30 3.19
N GLY G 448 5.82 -31.18 2.13
CA GLY G 448 6.13 -31.69 0.77
C GLY G 448 7.34 -31.01 0.17
N VAL G 449 8.12 -31.73 -0.64
CA VAL G 449 9.35 -31.20 -1.31
C VAL G 449 8.92 -30.22 -2.40
N GLN G 450 9.45 -29.00 -2.37
CA GLN G 450 9.06 -27.87 -3.26
C GLN G 450 10.10 -27.66 -4.37
N TYR G 451 11.35 -28.09 -4.18
CA TYR G 451 12.47 -27.84 -5.12
C TYR G 451 13.08 -29.17 -5.57
N THR G 452 13.36 -29.28 -6.87
CA THR G 452 13.98 -30.47 -7.53
C THR G 452 15.12 -30.00 -8.43
N SER G 453 16.21 -30.78 -8.50
CA SER G 453 17.45 -30.43 -9.23
C SER G 453 17.76 -31.47 -10.32
N TRP G 454 18.35 -31.01 -11.43
CA TRP G 454 18.87 -31.85 -12.53
C TRP G 454 20.26 -32.39 -12.16
N ARG G 455 21.05 -31.63 -11.39
CA ARG G 455 22.48 -31.94 -11.09
C ARG G 455 22.57 -32.95 -9.93
N ARG G 456 22.03 -34.15 -10.17
CA ARG G 456 22.08 -35.30 -9.23
C ARG G 456 21.78 -36.58 -10.02
N PRO G 457 22.27 -37.76 -9.57
CA PRO G 457 21.91 -39.02 -10.22
C PRO G 457 20.40 -39.32 -10.05
N ILE G 458 19.66 -39.34 -11.16
CA ILE G 458 18.19 -39.60 -11.19
C ILE G 458 17.98 -41.00 -11.76
N MET G 459 17.62 -41.97 -10.90
CA MET G 459 17.61 -43.42 -11.21
C MET G 459 16.43 -43.76 -12.11
N ASN G 460 15.27 -43.15 -11.87
CA ASN G 460 14.02 -43.40 -12.66
C ASN G 460 14.06 -42.69 -14.02
N LEU G 461 15.17 -42.02 -14.39
CA LEU G 461 15.37 -41.35 -15.71
C LEU G 461 15.97 -42.33 -16.73
N ARG G 462 16.59 -43.43 -16.29
CA ARG G 462 17.32 -44.39 -17.16
C ARG G 462 16.31 -45.19 -17.99
N PRO G 463 16.67 -45.60 -19.23
CA PRO G 463 15.70 -46.22 -20.15
C PRO G 463 15.16 -47.59 -19.69
N LYS G 464 15.92 -48.33 -18.87
CA LYS G 464 15.62 -49.73 -18.47
C LYS G 464 14.81 -49.77 -17.16
N HIS G 465 14.51 -48.62 -16.54
CA HIS G 465 13.78 -48.54 -15.25
C HIS G 465 12.29 -48.87 -15.46
N ARG G 466 11.71 -49.66 -14.55
CA ARG G 466 10.26 -49.97 -14.46
C ARG G 466 9.72 -49.38 -13.15
N GLN G 467 8.59 -48.67 -13.22
CA GLN G 467 8.03 -47.83 -12.13
C GLN G 467 6.99 -48.62 -11.33
N GLY G 468 6.70 -48.16 -10.11
CA GLY G 468 5.82 -48.81 -9.10
C GLY G 468 4.36 -48.98 -9.52
N PHE G 469 3.85 -48.17 -10.46
CA PHE G 469 2.42 -48.19 -10.88
C PHE G 469 2.14 -49.37 -11.84
N GLY G 470 3.12 -50.23 -12.13
CA GLY G 470 2.92 -51.53 -12.79
C GLY G 470 3.53 -51.61 -14.18
N SER G 471 4.02 -50.49 -14.72
CA SER G 471 4.73 -50.43 -16.03
C SER G 471 5.75 -49.28 -16.03
N ILE G 472 6.26 -48.90 -17.20
CA ILE G 472 7.27 -47.80 -17.39
C ILE G 472 6.57 -46.44 -17.25
N TRP G 473 7.36 -45.40 -16.96
CA TRP G 473 6.88 -44.05 -16.54
C TRP G 473 7.87 -42.97 -17.01
N GLU G 474 7.36 -41.82 -17.47
CA GLU G 474 8.14 -40.64 -17.92
C GLU G 474 9.05 -41.05 -19.09
N LEU G 475 10.38 -40.88 -19.00
CA LEU G 475 11.30 -40.91 -20.17
C LEU G 475 11.20 -42.24 -20.91
N PRO G 476 11.32 -43.42 -20.25
CA PRO G 476 11.09 -44.70 -20.93
C PRO G 476 9.77 -44.76 -21.71
N ALA G 477 8.67 -44.28 -21.11
CA ALA G 477 7.33 -44.21 -21.74
C ALA G 477 7.41 -43.34 -23.01
N ASP G 478 8.11 -42.20 -22.95
CA ASP G 478 8.32 -41.30 -24.12
C ASP G 478 9.03 -42.06 -25.24
N LEU G 479 9.94 -43.00 -24.92
CA LEU G 479 10.66 -43.81 -25.93
C LEU G 479 9.66 -44.64 -26.76
N HIS G 480 8.51 -45.04 -26.18
CA HIS G 480 7.41 -45.72 -26.94
C HIS G 480 7.09 -44.91 -28.21
N LEU G 481 6.99 -43.59 -28.11
CA LEU G 481 6.77 -42.69 -29.27
C LEU G 481 8.00 -42.73 -30.19
N ILE G 482 9.20 -42.52 -29.64
CA ILE G 482 10.47 -42.37 -30.42
C ILE G 482 10.63 -43.60 -31.32
N ASP G 483 10.61 -44.80 -30.74
CA ASP G 483 10.72 -46.09 -31.47
C ASP G 483 9.71 -46.09 -32.62
N TRP G 484 8.43 -45.80 -32.34
CA TRP G 484 7.33 -45.78 -33.34
C TRP G 484 7.74 -44.90 -34.52
N LEU G 485 8.17 -43.66 -34.25
CA LEU G 485 8.62 -42.69 -35.29
C LEU G 485 9.74 -43.33 -36.11
N ASN G 486 10.77 -43.87 -35.45
CA ASN G 486 11.94 -44.52 -36.11
C ASN G 486 11.48 -45.71 -36.96
N HIS G 487 10.43 -46.43 -36.54
CA HIS G 487 9.87 -47.59 -37.28
C HIS G 487 9.17 -47.13 -38.57
N ASN G 488 8.58 -45.92 -38.58
CA ASN G 488 7.73 -45.41 -39.69
C ASN G 488 8.53 -44.47 -40.61
N GLY G 489 9.81 -44.26 -40.34
CA GLY G 489 10.72 -43.49 -41.19
C GLY G 489 10.47 -41.98 -41.15
N PHE G 490 9.71 -41.49 -40.15
CA PHE G 490 9.46 -40.05 -39.92
C PHE G 490 10.78 -39.38 -39.50
N GLU G 491 11.05 -38.20 -40.05
CA GLU G 491 12.19 -37.33 -39.67
C GLU G 491 11.69 -36.29 -38.65
N TYR G 492 12.30 -36.25 -37.47
CA TYR G 492 11.88 -35.39 -36.33
C TYR G 492 13.11 -34.74 -35.68
N ASP G 493 12.88 -33.62 -34.98
CA ASP G 493 13.87 -32.98 -34.07
C ASP G 493 13.39 -33.15 -32.63
N VAL G 494 14.29 -32.92 -31.68
CA VAL G 494 14.05 -33.08 -30.22
C VAL G 494 14.37 -31.75 -29.52
N ALA G 495 13.50 -31.31 -28.62
CA ALA G 495 13.68 -30.15 -27.72
C ALA G 495 13.12 -30.50 -26.34
N THR G 496 13.63 -29.87 -25.29
CA THR G 496 13.18 -30.05 -23.88
C THR G 496 12.25 -28.89 -23.51
N GLU G 497 11.49 -29.07 -22.42
CA GLU G 497 10.57 -28.03 -21.87
C GLU G 497 11.39 -26.83 -21.39
N HIS G 498 12.62 -27.06 -20.91
CA HIS G 498 13.59 -25.98 -20.54
C HIS G 498 13.91 -25.12 -21.76
N ASP G 499 14.20 -25.76 -22.90
CA ASP G 499 14.52 -25.07 -24.18
C ASP G 499 13.30 -24.25 -24.64
N LEU G 500 12.09 -24.82 -24.53
CA LEU G 500 10.82 -24.12 -24.87
C LEU G 500 10.67 -22.91 -23.94
N ASN G 501 10.92 -23.07 -22.64
CA ASN G 501 10.84 -21.98 -21.63
C ASN G 501 11.76 -20.83 -22.06
N ASP G 502 12.99 -21.15 -22.52
CA ASP G 502 14.01 -20.15 -22.92
C ASP G 502 13.58 -19.45 -24.23
N GLN G 503 13.14 -20.21 -25.23
CA GLN G 503 13.04 -19.75 -26.65
C GLN G 503 11.61 -19.28 -27.00
N GLY G 504 10.60 -19.70 -26.26
CA GLY G 504 9.19 -19.29 -26.48
C GLY G 504 8.62 -19.88 -27.76
N ALA G 505 7.64 -19.18 -28.35
CA ALA G 505 6.86 -19.61 -29.55
C ALA G 505 7.78 -19.70 -30.78
N GLU G 506 8.93 -19.01 -30.77
CA GLU G 506 9.90 -18.95 -31.89
C GLU G 506 10.44 -20.36 -32.19
N LEU G 507 10.70 -21.17 -31.16
CA LEU G 507 11.17 -22.58 -31.29
C LEU G 507 10.09 -23.40 -32.00
N LEU G 508 8.83 -23.29 -31.57
CA LEU G 508 7.68 -24.08 -32.12
C LEU G 508 7.39 -23.64 -33.55
N ARG G 509 7.54 -22.35 -33.88
CA ARG G 509 7.16 -21.76 -35.20
C ARG G 509 8.04 -22.29 -36.34
N ARG G 510 9.17 -22.95 -36.04
CA ARG G 510 10.13 -23.48 -37.05
CA ARG G 510 10.13 -23.48 -37.06
C ARG G 510 9.67 -24.85 -37.59
N TYR G 511 8.60 -25.42 -37.02
CA TYR G 511 8.10 -26.78 -37.37
C TYR G 511 6.65 -26.73 -37.83
N LYS G 512 6.29 -27.64 -38.75
CA LYS G 512 4.90 -27.86 -39.24
C LYS G 512 4.02 -28.38 -38.11
N VAL G 513 4.53 -29.36 -37.34
CA VAL G 513 3.77 -30.04 -36.25
C VAL G 513 4.69 -30.27 -35.05
N VAL G 514 4.14 -30.17 -33.84
CA VAL G 514 4.84 -30.41 -32.54
C VAL G 514 4.13 -31.55 -31.82
N LEU G 515 4.90 -32.52 -31.30
CA LEU G 515 4.39 -33.71 -30.56
C LEU G 515 4.81 -33.59 -29.09
N THR G 516 3.85 -33.72 -28.17
CA THR G 516 4.07 -33.71 -26.69
C THR G 516 4.55 -35.11 -26.27
N GLY G 517 5.01 -35.24 -25.02
CA GLY G 517 5.44 -36.52 -24.43
C GLY G 517 4.24 -37.35 -23.97
N SER G 518 4.50 -38.38 -23.17
CA SER G 518 3.47 -39.27 -22.57
C SER G 518 2.76 -38.58 -21.40
N HIS G 519 3.36 -37.56 -20.79
CA HIS G 519 2.87 -36.94 -19.53
C HIS G 519 3.48 -35.56 -19.30
N PRO G 520 3.09 -34.53 -20.09
CA PRO G 520 3.58 -33.16 -19.89
C PRO G 520 2.84 -32.44 -18.74
N GLU G 521 2.90 -33.01 -17.54
CA GLU G 521 2.09 -32.61 -16.35
C GLU G 521 2.54 -31.23 -15.86
N TYR G 522 3.86 -30.99 -15.80
CA TYR G 522 4.49 -29.79 -15.21
C TYR G 522 4.94 -28.85 -16.34
N GLN G 523 4.39 -27.63 -16.36
CA GLN G 523 4.71 -26.58 -17.37
C GLN G 523 4.89 -25.24 -16.67
N THR G 524 5.60 -24.31 -17.32
CA THR G 524 5.74 -22.89 -16.91
C THR G 524 4.61 -22.08 -17.56
N TRP G 525 4.34 -20.89 -17.00
CA TRP G 525 3.39 -19.90 -17.56
C TRP G 525 3.80 -19.55 -18.99
N ALA G 526 5.10 -19.32 -19.21
CA ALA G 526 5.72 -19.00 -20.52
C ALA G 526 5.46 -20.13 -21.52
N ASN G 527 5.55 -21.39 -21.08
CA ASN G 527 5.31 -22.59 -21.94
C ASN G 527 3.86 -22.58 -22.45
N ALA G 528 2.90 -22.31 -21.57
CA ALA G 528 1.45 -22.21 -21.92
C ALA G 528 1.24 -21.06 -22.91
N ASP G 529 1.87 -19.90 -22.68
CA ASP G 529 1.81 -18.72 -23.58
C ASP G 529 2.36 -19.09 -24.95
N ALA G 530 3.52 -19.77 -25.01
CA ALA G 530 4.21 -20.18 -26.26
C ALA G 530 3.30 -21.13 -27.05
N TRP G 531 2.73 -22.15 -26.39
CA TRP G 531 1.80 -23.14 -27.00
C TRP G 531 0.58 -22.40 -27.58
N GLU G 532 -0.03 -21.49 -26.81
CA GLU G 532 -1.24 -20.72 -27.22
C GLU G 532 -0.92 -19.90 -28.46
N ASP G 533 0.19 -19.14 -28.44
CA ASP G 533 0.63 -18.25 -29.55
C ASP G 533 0.93 -19.09 -30.80
N TYR G 534 1.59 -20.25 -30.64
CA TYR G 534 1.96 -21.17 -31.75
C TYR G 534 0.68 -21.69 -32.43
N LEU G 535 -0.27 -22.22 -31.66
CA LEU G 535 -1.51 -22.84 -32.18
C LEU G 535 -2.42 -21.76 -32.81
N ALA G 536 -2.45 -20.55 -32.23
CA ALA G 536 -3.31 -19.43 -32.68
C ALA G 536 -2.94 -18.99 -34.10
N ASP G 537 -1.64 -19.00 -34.46
CA ASP G 537 -1.12 -18.42 -35.73
C ASP G 537 -0.93 -19.50 -36.81
N GLY G 538 -1.53 -20.69 -36.64
CA GLY G 538 -1.57 -21.76 -37.66
C GLY G 538 -0.65 -22.93 -37.36
N GLY G 539 -0.15 -23.05 -36.12
CA GLY G 539 0.63 -24.22 -35.65
C GLY G 539 -0.24 -25.46 -35.55
N ARG G 540 0.37 -26.64 -35.67
CA ARG G 540 -0.32 -27.96 -35.56
C ARG G 540 0.32 -28.74 -34.40
N GLY G 541 -0.52 -29.32 -33.53
CA GLY G 541 -0.09 -30.01 -32.29
C GLY G 541 -0.81 -31.33 -32.09
N MET G 542 -0.10 -32.34 -31.57
CA MET G 542 -0.66 -33.68 -31.23
C MET G 542 -0.44 -33.93 -29.74
N TYR G 543 -1.53 -33.95 -28.96
CA TYR G 543 -1.52 -34.19 -27.49
C TYR G 543 -1.78 -35.67 -27.23
N LEU G 544 -0.72 -36.49 -27.35
CA LEU G 544 -0.76 -37.97 -27.21
C LEU G 544 -0.50 -38.35 -25.74
N ALA G 545 -1.28 -37.78 -24.81
CA ALA G 545 -1.05 -37.89 -23.35
C ALA G 545 -2.31 -37.49 -22.56
N ALA G 546 -2.22 -37.54 -21.24
CA ALA G 546 -3.25 -37.03 -20.29
C ALA G 546 -2.58 -36.26 -19.15
N ASN G 547 -3.36 -35.46 -18.42
CA ASN G 547 -2.94 -34.70 -17.21
C ASN G 547 -1.86 -33.68 -17.58
N GLY G 548 -1.86 -33.17 -18.82
CA GLY G 548 -0.92 -32.12 -19.26
C GLY G 548 -1.30 -30.77 -18.67
N MET G 549 -0.32 -29.87 -18.50
CA MET G 549 -0.53 -28.48 -18.01
CA MET G 549 -0.53 -28.49 -18.00
C MET G 549 -1.42 -28.49 -16.75
N TYR G 550 -1.09 -29.34 -15.77
CA TYR G 550 -1.84 -29.41 -14.49
C TYR G 550 -1.21 -28.47 -13.47
N TRP G 551 0.10 -28.56 -13.27
CA TRP G 551 0.87 -27.81 -12.25
C TRP G 551 1.64 -26.66 -12.92
N ILE G 552 1.60 -25.46 -12.33
CA ILE G 552 2.44 -24.30 -12.74
C ILE G 552 3.81 -24.50 -12.07
N VAL G 553 4.89 -24.42 -12.85
CA VAL G 553 6.27 -24.48 -12.29
C VAL G 553 7.02 -23.21 -12.72
N GLU G 554 8.08 -22.88 -12.00
CA GLU G 554 9.01 -21.78 -12.34
C GLU G 554 10.44 -22.32 -12.30
N VAL G 555 11.26 -21.99 -13.29
CA VAL G 555 12.72 -22.32 -13.35
C VAL G 555 13.46 -21.21 -12.61
N HIS G 556 14.37 -21.59 -11.70
CA HIS G 556 15.14 -20.65 -10.84
C HIS G 556 15.98 -19.75 -11.74
N PRO G 557 15.82 -18.41 -11.70
CA PRO G 557 16.58 -17.52 -12.58
C PRO G 557 18.11 -17.63 -12.45
N GLU G 558 18.60 -17.82 -11.22
CA GLU G 558 20.06 -17.93 -10.90
C GLU G 558 20.57 -19.37 -11.13
N LYS G 559 19.72 -20.39 -10.94
CA LYS G 559 20.09 -21.82 -11.11
C LYS G 559 19.12 -22.48 -12.09
N PRO G 560 19.38 -22.40 -13.42
CA PRO G 560 18.50 -23.01 -14.42
C PRO G 560 18.23 -24.52 -14.26
N TRP G 561 19.06 -25.22 -13.46
CA TRP G 561 18.96 -26.68 -13.18
C TRP G 561 18.00 -26.95 -12.00
N VAL G 562 17.51 -25.91 -11.31
CA VAL G 562 16.58 -26.05 -10.15
C VAL G 562 15.16 -25.65 -10.61
N MET G 563 14.16 -26.41 -10.15
CA MET G 563 12.71 -26.22 -10.48
C MET G 563 11.93 -26.11 -9.17
N GLU G 564 11.00 -25.16 -9.09
CA GLU G 564 10.10 -24.93 -7.93
C GLU G 564 8.65 -25.27 -8.32
N VAL G 565 7.92 -25.91 -7.41
CA VAL G 565 6.44 -26.12 -7.51
C VAL G 565 5.86 -26.14 -6.08
N ARG G 566 4.75 -25.43 -5.87
CA ARG G 566 4.02 -25.40 -4.58
C ARG G 566 2.59 -25.87 -4.84
N LYS G 567 2.19 -26.96 -4.21
CA LYS G 567 0.96 -27.74 -4.53
C LYS G 567 -0.15 -27.40 -3.54
N GLU G 568 -1.40 -27.65 -3.94
CA GLU G 568 -2.63 -27.31 -3.18
C GLU G 568 -3.63 -28.48 -3.33
N LEU G 569 -4.84 -28.34 -2.77
CA LEU G 569 -5.94 -29.34 -2.85
C LEU G 569 -6.23 -29.65 -4.33
N GLY G 570 -6.41 -30.92 -4.66
CA GLY G 570 -6.54 -31.44 -6.05
C GLY G 570 -5.85 -32.79 -6.19
N VAL G 571 -5.32 -33.09 -7.38
CA VAL G 571 -4.55 -34.33 -7.67
C VAL G 571 -3.10 -34.07 -7.21
N THR G 572 -2.87 -34.15 -5.91
CA THR G 572 -1.61 -33.70 -5.23
C THR G 572 -1.09 -34.78 -4.29
N ALA G 573 0.22 -34.77 -4.02
CA ALA G 573 0.88 -35.61 -2.98
C ALA G 573 0.82 -34.90 -1.63
N TRP G 574 0.71 -33.57 -1.61
CA TRP G 574 0.75 -32.72 -0.38
C TRP G 574 0.11 -31.35 -0.63
N GLU G 575 -0.20 -30.62 0.45
CA GLU G 575 -0.78 -29.26 0.44
C GLU G 575 0.22 -28.28 1.07
N ALA G 576 0.41 -27.11 0.46
CA ALA G 576 1.28 -26.03 0.96
C ALA G 576 0.72 -25.54 2.30
N PRO G 577 1.57 -25.28 3.33
CA PRO G 577 1.07 -24.76 4.60
C PRO G 577 0.50 -23.35 4.46
N PRO G 578 -0.37 -22.88 5.39
CA PRO G 578 -1.00 -21.57 5.26
C PRO G 578 -0.03 -20.40 5.02
N GLY G 579 -0.33 -19.56 4.03
CA GLY G 579 0.40 -18.31 3.72
C GLY G 579 1.68 -18.53 2.91
N GLU G 580 1.93 -19.75 2.41
CA GLU G 580 3.18 -20.10 1.67
C GLU G 580 2.82 -20.71 0.31
N TYR G 581 1.89 -20.08 -0.42
CA TYR G 581 1.39 -20.56 -1.74
C TYR G 581 2.19 -19.90 -2.88
N HIS G 582 2.71 -18.68 -2.68
CA HIS G 582 3.40 -17.88 -3.72
C HIS G 582 4.86 -18.34 -3.87
N TYR G 583 5.36 -18.40 -5.10
CA TYR G 583 6.70 -18.93 -5.46
C TYR G 583 7.75 -17.88 -5.12
N SER G 584 8.84 -18.28 -4.46
CA SER G 584 10.00 -17.41 -4.12
C SER G 584 10.73 -16.98 -5.40
N THR G 585 10.65 -17.76 -6.49
CA THR G 585 11.40 -17.54 -7.75
C THR G 585 10.80 -16.37 -8.55
N ASN G 586 9.48 -16.17 -8.55
CA ASN G 586 8.83 -15.07 -9.34
C ASN G 586 7.76 -14.30 -8.55
N GLY G 587 7.42 -14.70 -7.31
CA GLY G 587 6.47 -13.97 -6.44
C GLY G 587 5.01 -14.12 -6.87
N ARG G 588 4.68 -15.10 -7.72
CA ARG G 588 3.33 -15.27 -8.30
C ARG G 588 2.59 -16.45 -7.67
N ARG G 589 1.26 -16.41 -7.66
CA ARG G 589 0.41 -17.53 -7.22
C ARG G 589 0.50 -18.63 -8.28
N GLY G 590 1.02 -19.81 -7.92
CA GLY G 590 1.19 -20.96 -8.82
C GLY G 590 0.12 -22.02 -8.60
N GLY G 591 0.54 -23.27 -8.37
CA GLY G 591 -0.34 -24.42 -8.14
C GLY G 591 -1.02 -24.86 -9.43
N ARG G 592 -2.34 -25.07 -9.40
CA ARG G 592 -3.13 -25.64 -10.52
C ARG G 592 -3.30 -24.57 -11.62
N PHE G 593 -3.07 -24.95 -12.88
CA PHE G 593 -3.36 -24.13 -14.08
C PHE G 593 -4.86 -23.78 -14.13
N ARG G 594 -5.72 -24.73 -13.75
CA ARG G 594 -7.20 -24.58 -13.74
C ARG G 594 -7.61 -23.44 -12.79
N GLY G 595 -6.98 -23.36 -11.61
CA GLY G 595 -7.24 -22.34 -10.58
C GLY G 595 -6.88 -20.93 -11.02
N ARG G 596 -6.09 -20.77 -12.09
CA ARG G 596 -5.65 -19.45 -12.62
C ARG G 596 -6.38 -19.14 -13.94
N ALA G 597 -7.53 -19.77 -14.19
CA ALA G 597 -8.37 -19.60 -15.40
C ALA G 597 -7.59 -19.98 -16.67
N ARG G 598 -6.74 -21.01 -16.60
CA ARG G 598 -5.98 -21.56 -17.78
C ARG G 598 -5.97 -23.09 -17.71
N ALA G 599 -7.16 -23.70 -17.59
CA ALA G 599 -7.35 -25.17 -17.66
C ALA G 599 -6.85 -25.67 -19.03
N THR G 600 -6.39 -26.93 -19.09
CA THR G 600 -5.78 -27.55 -20.30
C THR G 600 -6.76 -27.48 -21.47
N GLN G 601 -8.07 -27.61 -21.23
CA GLN G 601 -9.15 -27.51 -22.27
C GLN G 601 -8.97 -26.23 -23.10
N LYS G 602 -8.55 -25.13 -22.47
CA LYS G 602 -8.41 -23.79 -23.11
C LYS G 602 -7.37 -23.85 -24.25
N ILE G 603 -6.39 -24.75 -24.20
CA ILE G 603 -5.26 -24.81 -25.18
C ILE G 603 -5.30 -26.12 -26.00
N TRP G 604 -5.39 -27.29 -25.35
CA TRP G 604 -5.25 -28.62 -26.01
C TRP G 604 -6.60 -29.32 -26.21
N GLY G 605 -7.71 -28.76 -25.72
CA GLY G 605 -9.08 -29.25 -26.01
C GLY G 605 -9.66 -30.13 -24.91
N THR G 606 -8.82 -30.89 -24.19
CA THR G 606 -9.26 -31.79 -23.08
C THR G 606 -8.43 -31.52 -21.81
N GLY G 607 -8.99 -31.83 -20.64
CA GLY G 607 -8.36 -31.62 -19.32
C GLY G 607 -8.56 -32.79 -18.38
N MET G 608 -7.65 -32.93 -17.39
CA MET G 608 -7.61 -34.03 -16.39
C MET G 608 -9.00 -34.29 -15.82
N SER G 609 -9.42 -35.56 -15.81
CA SER G 609 -10.76 -36.01 -15.35
C SER G 609 -10.67 -37.14 -14.31
N SER G 610 -9.73 -38.08 -14.46
CA SER G 610 -9.60 -39.28 -13.58
C SER G 610 -8.18 -39.88 -13.65
N PHE G 611 -7.83 -40.68 -12.64
CA PHE G 611 -6.59 -41.51 -12.60
C PHE G 611 -6.90 -42.85 -11.91
N GLY G 612 -6.14 -43.89 -12.28
CA GLY G 612 -6.25 -45.28 -11.78
C GLY G 612 -5.25 -46.18 -12.50
N PHE G 613 -4.59 -47.08 -11.79
CA PHE G 613 -3.38 -47.81 -12.28
C PHE G 613 -3.50 -49.33 -12.08
N ASP G 614 -4.72 -49.87 -11.95
CA ASP G 614 -4.97 -51.33 -11.87
C ASP G 614 -4.75 -51.94 -13.26
N HIS G 615 -5.28 -51.30 -14.30
CA HIS G 615 -5.11 -51.66 -15.74
C HIS G 615 -5.70 -50.54 -16.62
N SER G 616 -5.73 -50.74 -17.93
CA SER G 616 -6.25 -49.76 -18.94
C SER G 616 -7.47 -50.34 -19.66
N GLY G 617 -8.36 -49.45 -20.13
CA GLY G 617 -9.55 -49.79 -20.92
C GLY G 617 -9.30 -49.61 -22.41
N TYR G 618 -10.38 -49.50 -23.19
CA TYR G 618 -10.35 -49.28 -24.66
C TYR G 618 -11.38 -48.21 -25.06
N PHE G 619 -11.21 -47.64 -26.25
CA PHE G 619 -12.05 -46.55 -26.81
C PHE G 619 -13.22 -47.16 -27.60
N VAL G 620 -14.40 -46.57 -27.44
CA VAL G 620 -15.62 -46.86 -28.26
C VAL G 620 -15.92 -45.60 -29.09
N GLN G 621 -16.17 -45.78 -30.40
CA GLN G 621 -16.36 -44.68 -31.38
C GLN G 621 -17.68 -43.96 -31.08
N MET G 622 -17.67 -42.62 -31.17
CA MET G 622 -18.83 -41.74 -30.91
C MET G 622 -19.38 -41.25 -32.26
N PRO G 623 -20.60 -40.68 -32.33
CA PRO G 623 -21.19 -40.25 -33.61
C PRO G 623 -20.28 -39.41 -34.52
N ASP G 624 -19.50 -38.49 -33.94
CA ASP G 624 -18.64 -37.53 -34.70
C ASP G 624 -17.56 -38.27 -35.49
N SER G 625 -17.21 -39.51 -35.10
CA SER G 625 -16.29 -40.41 -35.87
C SER G 625 -16.85 -40.66 -37.28
N GLN G 626 -18.18 -40.64 -37.45
CA GLN G 626 -18.87 -40.90 -38.75
C GLN G 626 -18.98 -39.61 -39.57
N ASP G 627 -18.60 -38.44 -39.02
CA ASP G 627 -18.67 -37.14 -39.72
C ASP G 627 -17.73 -37.17 -40.94
N GLU G 628 -18.17 -36.59 -42.06
CA GLU G 628 -17.39 -36.46 -43.32
C GLU G 628 -16.14 -35.59 -43.07
N ARG G 629 -16.23 -34.63 -42.15
CA ARG G 629 -15.14 -33.63 -41.88
C ARG G 629 -13.89 -34.30 -41.29
N VAL G 630 -14.01 -35.51 -40.70
CA VAL G 630 -12.89 -36.21 -39.99
C VAL G 630 -12.73 -37.63 -40.56
N ALA G 631 -13.13 -37.85 -41.82
CA ALA G 631 -12.97 -39.13 -42.55
C ALA G 631 -11.49 -39.47 -42.69
N TRP G 632 -10.64 -38.44 -42.83
CA TRP G 632 -9.15 -38.54 -42.90
C TRP G 632 -8.57 -39.15 -41.62
N ILE G 633 -9.10 -38.82 -40.44
CA ILE G 633 -8.60 -39.33 -39.12
C ILE G 633 -8.91 -40.83 -39.03
N MET G 634 -10.14 -41.24 -39.39
CA MET G 634 -10.67 -42.60 -39.18
C MET G 634 -10.52 -43.46 -40.44
N GLU G 635 -9.65 -43.07 -41.39
CA GLU G 635 -9.45 -43.78 -42.68
C GLU G 635 -8.76 -45.12 -42.40
N GLY G 636 -9.32 -46.22 -42.92
CA GLY G 636 -8.81 -47.60 -42.75
C GLY G 636 -9.25 -48.25 -41.45
N ILE G 637 -10.12 -47.59 -40.65
CA ILE G 637 -10.67 -48.13 -39.38
C ILE G 637 -12.16 -48.42 -39.58
N ASP G 638 -12.57 -49.68 -39.42
CA ASP G 638 -14.00 -50.12 -39.53
C ASP G 638 -14.79 -49.41 -38.43
N PRO G 639 -15.91 -48.72 -38.77
CA PRO G 639 -16.68 -47.96 -37.78
C PRO G 639 -17.29 -48.75 -36.59
N GLU G 640 -17.21 -50.09 -36.60
CA GLU G 640 -17.67 -50.97 -35.48
C GLU G 640 -16.48 -51.73 -34.88
N GLU G 641 -15.34 -51.06 -34.72
CA GLU G 641 -14.14 -51.67 -34.08
C GLU G 641 -13.89 -50.97 -32.74
N ARG G 642 -13.27 -51.68 -31.79
CA ARG G 642 -12.69 -51.10 -30.55
C ARG G 642 -11.30 -50.54 -30.91
N ILE G 643 -10.92 -49.40 -30.31
CA ILE G 643 -9.61 -48.74 -30.55
C ILE G 643 -8.72 -48.95 -29.32
N GLY G 644 -7.63 -49.70 -29.48
CA GLY G 644 -6.60 -49.92 -28.45
C GLY G 644 -7.08 -50.86 -27.35
N ASP G 645 -7.50 -52.08 -27.72
CA ASP G 645 -7.76 -53.20 -26.78
C ASP G 645 -6.53 -54.10 -26.79
N GLY G 646 -5.60 -53.85 -25.87
CA GLY G 646 -4.27 -54.48 -25.81
C GLY G 646 -3.16 -53.45 -25.94
N GLY G 647 -2.12 -53.56 -25.10
CA GLY G 647 -0.98 -52.61 -25.06
C GLY G 647 0.05 -53.00 -24.00
N LEU G 648 1.18 -52.29 -23.97
CA LEU G 648 2.31 -52.54 -23.04
C LEU G 648 2.09 -51.80 -21.71
N VAL G 649 1.10 -50.90 -21.63
CA VAL G 649 0.78 -50.10 -20.41
C VAL G 649 -0.67 -50.41 -20.01
N GLY G 650 -0.85 -51.40 -19.12
CA GLY G 650 -2.17 -51.79 -18.57
C GLY G 650 -3.03 -52.56 -19.57
N GLY G 651 -2.49 -52.93 -20.74
CA GLY G 651 -3.21 -53.72 -21.76
C GLY G 651 -4.36 -52.96 -22.40
N GLY G 652 -4.16 -51.68 -22.75
CA GLY G 652 -5.18 -50.84 -23.40
C GLY G 652 -4.71 -49.43 -23.66
N ALA G 653 -5.40 -48.71 -24.56
CA ALA G 653 -5.03 -47.33 -24.99
C ALA G 653 -5.61 -46.30 -24.02
N GLY G 654 -6.80 -46.53 -23.46
CA GLY G 654 -7.46 -45.63 -22.50
C GLY G 654 -7.24 -46.08 -21.07
N GLY G 655 -6.26 -45.50 -20.37
CA GLY G 655 -5.96 -45.87 -18.98
C GLY G 655 -4.88 -45.02 -18.31
N TYR G 656 -4.57 -45.36 -17.05
CA TYR G 656 -3.59 -44.69 -16.16
C TYR G 656 -4.15 -43.32 -15.74
N GLU G 657 -4.19 -42.35 -16.65
CA GLU G 657 -4.83 -41.02 -16.42
C GLU G 657 -5.62 -40.62 -17.67
N LEU G 658 -6.74 -39.92 -17.50
CA LEU G 658 -7.73 -39.63 -18.56
C LEU G 658 -8.02 -38.12 -18.60
N ASP G 659 -8.28 -37.59 -19.80
CA ASP G 659 -8.72 -36.20 -20.04
C ASP G 659 -10.11 -36.22 -20.68
N ARG G 660 -10.92 -35.17 -20.47
CA ARG G 660 -12.30 -35.10 -21.02
C ARG G 660 -12.53 -33.75 -21.71
N TYR G 661 -13.51 -33.76 -22.63
CA TYR G 661 -14.16 -32.59 -23.29
C TYR G 661 -14.95 -31.80 -22.24
N ASP G 662 -14.82 -30.47 -22.22
CA ASP G 662 -15.54 -29.58 -21.27
C ASP G 662 -15.54 -28.13 -21.79
N LEU G 663 -16.71 -27.65 -22.24
CA LEU G 663 -16.89 -26.28 -22.80
C LEU G 663 -16.70 -25.23 -21.70
N ALA G 664 -17.18 -25.49 -20.48
CA ALA G 664 -17.14 -24.57 -19.32
C ALA G 664 -15.68 -24.28 -18.92
N LEU G 665 -14.75 -25.21 -19.17
CA LEU G 665 -13.31 -25.07 -18.80
C LEU G 665 -12.49 -24.55 -20.00
N GLY G 666 -13.12 -24.33 -21.16
CA GLY G 666 -12.55 -23.58 -22.30
C GLY G 666 -12.27 -24.44 -23.54
N THR G 667 -12.95 -25.58 -23.69
CA THR G 667 -12.88 -26.40 -24.94
C THR G 667 -13.40 -25.53 -26.09
N PRO G 668 -12.65 -25.39 -27.21
CA PRO G 668 -13.11 -24.62 -28.36
C PRO G 668 -14.49 -25.09 -28.86
N PRO G 669 -15.44 -24.18 -29.17
CA PRO G 669 -16.80 -24.58 -29.58
C PRO G 669 -16.89 -25.54 -30.77
N ASN G 670 -15.90 -25.49 -31.68
CA ASN G 670 -15.85 -26.28 -32.94
C ASN G 670 -15.19 -27.66 -32.72
N THR G 671 -14.77 -27.98 -31.50
CA THR G 671 -14.12 -29.29 -31.16
C THR G 671 -15.11 -30.43 -31.36
N LEU G 672 -14.65 -31.54 -31.97
CA LEU G 672 -15.43 -32.78 -32.17
C LEU G 672 -14.97 -33.85 -31.19
N LEU G 673 -15.90 -34.66 -30.68
CA LEU G 673 -15.64 -35.82 -29.76
C LEU G 673 -15.77 -37.11 -30.58
N LEU G 674 -14.64 -37.77 -30.86
CA LEU G 674 -14.56 -38.92 -31.80
C LEU G 674 -14.81 -40.24 -31.08
N ALA G 675 -14.21 -40.44 -29.89
CA ALA G 675 -14.33 -41.70 -29.11
C ALA G 675 -14.17 -41.45 -27.61
N SER G 676 -14.70 -42.35 -26.79
CA SER G 676 -14.63 -42.33 -25.31
C SER G 676 -14.18 -43.69 -24.78
N SER G 677 -13.30 -43.70 -23.77
CA SER G 677 -12.75 -44.93 -23.14
C SER G 677 -13.76 -45.49 -22.15
N VAL G 678 -13.82 -46.83 -22.04
CA VAL G 678 -14.74 -47.58 -21.13
C VAL G 678 -13.93 -48.64 -20.37
N GLU G 679 -14.60 -49.46 -19.55
CA GLU G 679 -14.01 -50.57 -18.75
C GLU G 679 -13.00 -50.01 -17.77
N HIS G 680 -13.43 -49.04 -16.94
CA HIS G 680 -12.67 -48.49 -15.79
C HIS G 680 -13.30 -49.01 -14.49
N SER G 681 -12.49 -49.57 -13.59
CA SER G 681 -12.95 -50.18 -12.31
C SER G 681 -13.08 -49.10 -11.23
N VAL G 682 -13.42 -49.51 -10.00
CA VAL G 682 -13.60 -48.63 -8.81
C VAL G 682 -12.29 -47.91 -8.47
N VAL G 683 -11.13 -48.44 -8.89
CA VAL G 683 -9.78 -47.85 -8.63
C VAL G 683 -9.71 -46.45 -9.28
N TYR G 684 -10.23 -46.29 -10.50
CA TYR G 684 -10.32 -44.98 -11.20
C TYR G 684 -11.29 -44.09 -10.42
N THR G 685 -10.88 -42.86 -10.08
CA THR G 685 -11.60 -41.94 -9.17
C THR G 685 -11.86 -40.60 -9.86
N VAL G 686 -12.95 -39.92 -9.45
CA VAL G 686 -13.22 -38.50 -9.81
C VAL G 686 -12.22 -37.63 -9.03
N ILE G 687 -11.58 -36.68 -9.71
CA ILE G 687 -10.53 -35.80 -9.11
C ILE G 687 -11.20 -34.83 -8.14
N PRO G 688 -10.51 -34.35 -7.08
CA PRO G 688 -11.11 -33.39 -6.14
C PRO G 688 -11.55 -32.05 -6.75
N ASP G 689 -11.00 -31.65 -7.91
CA ASP G 689 -11.33 -30.39 -8.61
C ASP G 689 -12.79 -30.40 -9.10
N ASP G 690 -13.36 -31.57 -9.36
CA ASP G 690 -14.72 -31.74 -9.95
C ASP G 690 -15.75 -32.08 -8.87
N LYS G 691 -15.39 -32.04 -7.59
CA LYS G 691 -16.27 -32.38 -6.45
C LYS G 691 -16.64 -31.10 -5.68
N ALA G 692 -17.93 -30.92 -5.39
CA ALA G 692 -18.46 -29.93 -4.42
C ALA G 692 -18.57 -30.63 -3.06
N PHE G 693 -19.49 -31.60 -2.94
CA PHE G 693 -19.66 -32.49 -1.77
C PHE G 693 -19.35 -33.92 -2.20
N PRO G 694 -18.28 -34.56 -1.70
CA PRO G 694 -18.04 -35.98 -1.96
C PRO G 694 -19.23 -36.84 -1.51
N HIS G 695 -19.65 -37.79 -2.36
CA HIS G 695 -20.72 -38.77 -2.08
C HIS G 695 -20.29 -40.15 -2.57
N PRO G 696 -20.93 -41.26 -2.12
CA PRO G 696 -20.54 -42.60 -2.56
C PRO G 696 -20.64 -42.80 -4.08
N GLY G 697 -19.74 -43.63 -4.63
CA GLY G 697 -19.79 -44.10 -6.03
C GLY G 697 -19.20 -43.12 -7.03
N MET G 698 -18.39 -42.14 -6.58
CA MET G 698 -17.67 -41.19 -7.47
C MET G 698 -16.38 -41.86 -7.97
N ASN G 699 -16.52 -42.83 -8.87
CA ASN G 699 -15.41 -43.69 -9.34
C ASN G 699 -15.78 -44.35 -10.68
N GLY G 700 -14.82 -45.06 -11.29
CA GLY G 700 -14.94 -45.67 -12.63
C GLY G 700 -16.13 -46.62 -12.72
N GLY G 701 -16.96 -46.44 -13.75
CA GLY G 701 -18.15 -47.27 -14.01
C GLY G 701 -19.38 -46.84 -13.23
N GLU G 702 -19.27 -45.83 -12.37
CA GLU G 702 -20.39 -45.32 -11.53
C GLU G 702 -20.56 -43.78 -11.65
N HIS G 703 -19.69 -43.08 -12.40
CA HIS G 703 -19.76 -41.61 -12.58
C HIS G 703 -19.43 -41.25 -14.03
N PRO G 704 -20.19 -40.32 -14.69
CA PRO G 704 -19.93 -39.95 -16.08
C PRO G 704 -18.56 -39.31 -16.37
N PHE G 705 -17.94 -38.68 -15.37
CA PHE G 705 -16.68 -37.91 -15.51
C PHE G 705 -15.48 -38.85 -15.73
N VAL G 706 -15.56 -40.11 -15.29
CA VAL G 706 -14.43 -41.09 -15.45
C VAL G 706 -14.44 -41.61 -16.90
N ARG G 707 -13.68 -40.95 -17.78
CA ARG G 707 -13.53 -41.31 -19.22
C ARG G 707 -12.36 -40.54 -19.84
N ALA G 708 -11.87 -41.01 -20.99
CA ALA G 708 -10.96 -40.28 -21.90
C ALA G 708 -11.72 -39.94 -23.19
N ASP G 709 -11.47 -38.76 -23.75
CA ASP G 709 -12.17 -38.26 -24.97
C ASP G 709 -11.12 -37.98 -26.06
N ILE G 710 -11.22 -38.65 -27.20
CA ILE G 710 -10.41 -38.34 -28.42
C ILE G 710 -11.09 -37.17 -29.12
N THR G 711 -10.37 -36.06 -29.28
CA THR G 711 -10.92 -34.77 -29.79
C THR G 711 -10.00 -34.18 -30.86
N TYR G 712 -10.58 -33.34 -31.73
CA TYR G 712 -9.87 -32.54 -32.75
C TYR G 712 -10.59 -31.20 -32.92
N PHE G 713 -9.82 -30.12 -33.11
CA PHE G 713 -10.33 -28.79 -33.54
C PHE G 713 -9.29 -28.12 -34.45
N SER G 714 -9.75 -27.14 -35.24
CA SER G 714 -8.95 -26.34 -36.21
C SER G 714 -8.90 -24.87 -35.76
N THR G 715 -7.81 -24.18 -36.08
CA THR G 715 -7.53 -22.76 -35.71
C THR G 715 -7.31 -21.96 -37.00
N ALA G 716 -6.93 -20.68 -36.89
CA ALA G 716 -6.69 -19.76 -38.02
C ALA G 716 -5.42 -20.16 -38.77
N ASN G 717 -5.36 -19.86 -40.07
CA ASN G 717 -4.15 -19.97 -40.93
C ASN G 717 -3.71 -21.44 -41.06
N GLY G 718 -4.68 -22.38 -41.09
CA GLY G 718 -4.46 -23.81 -41.40
C GLY G 718 -3.84 -24.61 -40.26
N GLY G 719 -4.03 -24.16 -39.01
CA GLY G 719 -3.57 -24.85 -37.79
C GLY G 719 -4.64 -25.78 -37.24
N GLY G 720 -4.22 -26.76 -36.42
CA GLY G 720 -5.14 -27.75 -35.80
C GLY G 720 -4.53 -28.40 -34.57
N MET G 721 -5.37 -28.95 -33.69
CA MET G 721 -4.94 -29.67 -32.46
C MET G 721 -5.73 -30.97 -32.34
N PHE G 722 -5.03 -32.09 -32.15
CA PHE G 722 -5.58 -33.47 -31.97
C PHE G 722 -5.12 -34.01 -30.61
N ALA G 723 -6.06 -34.52 -29.82
CA ALA G 723 -5.83 -35.04 -28.44
C ALA G 723 -6.42 -36.46 -28.31
N THR G 724 -5.67 -37.36 -27.69
CA THR G 724 -6.07 -38.78 -27.42
C THR G 724 -6.50 -38.92 -25.95
N SER G 725 -5.99 -38.05 -25.05
CA SER G 725 -6.48 -37.86 -23.67
C SER G 725 -6.18 -39.09 -22.80
N SER G 726 -5.08 -39.80 -23.06
CA SER G 726 -4.68 -41.02 -22.31
C SER G 726 -3.15 -41.16 -22.26
N ILE G 727 -2.60 -41.47 -21.08
CA ILE G 727 -1.14 -41.71 -20.86
C ILE G 727 -0.75 -43.01 -21.58
N SER G 728 -1.60 -44.05 -21.50
CA SER G 728 -1.32 -45.41 -22.03
C SER G 728 -1.42 -45.48 -23.56
N TRP G 729 -1.83 -44.40 -24.24
CA TRP G 729 -1.99 -44.33 -25.72
C TRP G 729 -0.70 -44.78 -26.41
N LEU G 730 0.43 -44.14 -26.08
CA LEU G 730 1.76 -44.46 -26.67
C LEU G 730 2.16 -45.91 -26.36
N GLY G 731 1.63 -46.49 -25.28
CA GLY G 731 1.83 -47.91 -24.90
C GLY G 731 1.20 -48.89 -25.88
N SER G 732 0.26 -48.46 -26.71
CA SER G 732 -0.52 -49.33 -27.64
C SER G 732 -0.09 -49.14 -29.10
N LEU G 733 0.93 -48.32 -29.39
CA LEU G 733 1.38 -48.02 -30.78
C LEU G 733 1.97 -49.28 -31.43
N SER G 734 2.80 -50.03 -30.71
CA SER G 734 3.57 -51.19 -31.23
C SER G 734 2.81 -52.52 -31.03
N TRP G 735 1.58 -52.49 -30.52
CA TRP G 735 0.78 -53.73 -30.24
C TRP G 735 0.49 -54.48 -31.54
N ASN G 736 0.60 -55.81 -31.50
CA ASN G 736 0.33 -56.73 -32.64
C ASN G 736 1.28 -56.38 -33.80
N ASP G 737 2.57 -56.16 -33.50
CA ASP G 737 3.65 -55.86 -34.47
C ASP G 737 3.24 -54.66 -35.34
N TYR G 738 2.90 -53.53 -34.68
CA TYR G 738 2.53 -52.23 -35.30
C TYR G 738 1.34 -52.39 -36.26
N ASP G 739 0.40 -53.29 -35.94
CA ASP G 739 -0.85 -53.51 -36.73
C ASP G 739 -2.04 -53.37 -35.79
N ASN G 740 -2.59 -52.17 -35.66
CA ASN G 740 -3.68 -51.82 -34.72
C ASN G 740 -4.28 -50.46 -35.10
N ASN G 741 -5.45 -50.14 -34.52
CA ASN G 741 -6.24 -48.91 -34.81
C ASN G 741 -5.47 -47.69 -34.29
N VAL G 742 -4.83 -47.81 -33.12
CA VAL G 742 -4.06 -46.70 -32.46
C VAL G 742 -2.95 -46.23 -33.41
N SER G 743 -2.13 -47.16 -33.93
CA SER G 743 -1.04 -46.85 -34.89
C SER G 743 -1.61 -46.18 -36.15
N LYS G 744 -2.69 -46.75 -36.70
CA LYS G 744 -3.35 -46.27 -37.94
C LYS G 744 -3.82 -44.82 -37.76
N MET G 745 -4.53 -44.54 -36.66
CA MET G 745 -5.11 -43.20 -36.35
C MET G 745 -3.97 -42.18 -36.19
N THR G 746 -2.95 -42.50 -35.39
CA THR G 746 -1.78 -41.62 -35.13
C THR G 746 -1.06 -41.32 -36.45
N LYS G 747 -0.85 -42.35 -37.29
CA LYS G 747 -0.16 -42.24 -38.60
C LYS G 747 -0.96 -41.33 -39.53
N ASN G 748 -2.29 -41.48 -39.57
CA ASN G 748 -3.21 -40.66 -40.41
C ASN G 748 -3.08 -39.19 -40.01
N VAL G 749 -3.18 -38.89 -38.70
CA VAL G 749 -3.13 -37.50 -38.15
C VAL G 749 -1.76 -36.88 -38.48
N LEU G 750 -0.67 -37.62 -38.23
CA LEU G 750 0.72 -37.15 -38.43
C LEU G 750 0.98 -36.93 -39.94
N ASN G 751 0.49 -37.81 -40.80
CA ASN G 751 0.63 -37.68 -42.28
C ASN G 751 -0.11 -36.43 -42.77
N GLN G 752 -1.32 -36.16 -42.26
CA GLN G 752 -2.13 -34.97 -42.63
C GLN G 752 -1.39 -33.69 -42.18
N PHE G 753 -0.81 -33.70 -40.97
CA PHE G 753 -0.23 -32.48 -40.34
C PHE G 753 1.10 -32.08 -40.98
N ILE G 754 1.85 -33.00 -41.60
CA ILE G 754 3.20 -32.71 -42.20
C ILE G 754 3.07 -32.31 -43.68
N LYS G 755 1.86 -32.30 -44.25
CA LYS G 755 1.62 -31.86 -45.66
C LYS G 755 1.71 -30.33 -45.75
N ASP G 756 1.86 -29.82 -46.98
CA ASP G 756 1.90 -28.37 -47.29
C ASP G 756 0.48 -27.77 -47.29
N GLU G 757 -0.55 -28.61 -47.22
CA GLU G 757 -1.99 -28.22 -47.21
C GLU G 757 -2.38 -27.70 -45.82
N PRO G 758 -3.32 -26.73 -45.70
CA PRO G 758 -3.88 -26.38 -44.39
C PRO G 758 -4.58 -27.57 -43.73
N ALA G 759 -4.53 -27.65 -42.39
CA ALA G 759 -5.22 -28.70 -41.59
C ALA G 759 -6.72 -28.62 -41.87
N PRO G 760 -7.44 -29.75 -42.01
CA PRO G 760 -8.87 -29.72 -42.35
C PRO G 760 -9.72 -28.89 -41.38
N ARG G 761 -10.67 -28.10 -41.93
CA ARG G 761 -11.54 -27.19 -41.15
C ARG G 761 -12.67 -28.01 -40.50
N VAL G 762 -12.93 -27.75 -39.21
CA VAL G 762 -14.04 -28.37 -38.42
C VAL G 762 -14.79 -27.24 -37.69
N SER H 7 -3.46 -25.83 36.41
CA SER H 7 -3.24 -26.23 34.98
C SER H 7 -1.94 -25.59 34.46
N CYS H 8 -1.01 -26.40 33.96
CA CYS H 8 0.33 -25.98 33.46
C CYS H 8 0.88 -26.99 32.46
N VAL H 9 1.34 -26.52 31.30
CA VAL H 9 1.98 -27.34 30.23
C VAL H 9 3.44 -26.90 30.10
N ARG H 10 4.38 -27.71 30.61
CA ARG H 10 5.83 -27.38 30.67
C ARG H 10 6.69 -28.44 29.96
N ASP H 11 6.40 -29.73 30.13
CA ASP H 11 7.24 -30.85 29.63
C ASP H 11 6.52 -31.56 28.48
N PRO H 12 7.06 -31.52 27.24
CA PRO H 12 6.50 -32.29 26.13
C PRO H 12 6.45 -33.81 26.35
N SER H 13 7.26 -34.36 27.25
CA SER H 13 7.33 -35.81 27.57
C SER H 13 6.10 -36.27 28.37
N ASN H 14 5.30 -35.35 28.92
CA ASN H 14 4.07 -35.66 29.71
C ASN H 14 2.84 -35.85 28.80
N TYR H 15 2.99 -35.79 27.48
CA TYR H 15 1.88 -35.82 26.48
C TYR H 15 2.27 -36.74 25.32
N ARG H 16 1.25 -37.23 24.59
CA ARG H 16 1.41 -38.18 23.45
C ARG H 16 0.22 -38.05 22.50
N ASP H 17 0.31 -38.68 21.31
CA ASP H 17 -0.80 -38.74 20.32
C ASP H 17 -1.84 -39.73 20.84
N ARG H 18 -2.85 -39.24 21.55
CA ARG H 18 -3.87 -40.07 22.25
C ARG H 18 -4.80 -40.74 21.23
N SER H 19 -4.86 -40.22 20.00
CA SER H 19 -5.64 -40.82 18.86
C SER H 19 -5.15 -42.24 18.56
N ALA H 20 -3.90 -42.58 18.91
CA ALA H 20 -3.35 -43.96 18.88
C ALA H 20 -4.32 -44.94 19.56
N ASP H 21 -4.93 -44.54 20.68
CA ASP H 21 -5.91 -45.36 21.45
C ASP H 21 -7.08 -45.74 20.51
N TRP H 22 -7.56 -44.81 19.69
CA TRP H 22 -8.57 -45.09 18.64
C TRP H 22 -8.00 -46.06 17.60
N TYR H 23 -6.79 -45.76 17.09
CA TYR H 23 -6.15 -46.48 15.95
C TYR H 23 -6.02 -47.98 16.28
N ALA H 24 -5.69 -48.32 17.53
CA ALA H 24 -5.67 -49.71 18.04
C ALA H 24 -7.10 -50.28 18.00
N PHE H 25 -8.03 -49.62 18.70
CA PHE H 25 -9.45 -50.04 18.86
C PHE H 25 -10.09 -50.28 17.49
N TYR H 26 -9.89 -49.33 16.55
CA TYR H 26 -10.33 -49.44 15.13
C TYR H 26 -9.76 -50.71 14.50
N ASP H 27 -8.41 -50.83 14.52
CA ASP H 27 -7.67 -51.84 13.73
C ASP H 27 -8.15 -53.25 14.11
N GLU H 28 -8.25 -53.53 15.41
CA GLU H 28 -8.72 -54.84 15.93
C GLU H 28 -10.08 -55.18 15.28
N ARG H 29 -11.06 -54.28 15.42
CA ARG H 29 -12.43 -54.45 14.85
C ARG H 29 -12.30 -54.83 13.36
N ARG H 30 -11.55 -54.02 12.60
CA ARG H 30 -11.34 -54.21 11.13
C ARG H 30 -10.83 -55.62 10.85
N ARG H 31 -9.81 -56.08 11.58
CA ARG H 31 -9.24 -57.45 11.43
C ARG H 31 -10.37 -58.48 11.59
N LYS H 32 -11.15 -58.37 12.67
CA LYS H 32 -12.30 -59.27 12.97
C LYS H 32 -13.28 -59.26 11.79
N GLU H 33 -13.51 -58.10 11.18
CA GLU H 33 -14.39 -57.92 10.00
C GLU H 33 -13.81 -58.71 8.81
N ILE H 34 -12.53 -58.49 8.49
CA ILE H 34 -11.87 -59.06 7.27
C ILE H 34 -11.94 -60.60 7.35
N ILE H 35 -11.52 -61.18 8.48
CA ILE H 35 -11.57 -62.67 8.72
C ILE H 35 -13.01 -63.16 8.48
N ASP H 36 -14.02 -62.42 8.94
CA ASP H 36 -15.46 -62.79 8.74
C ASP H 36 -15.76 -62.87 7.24
N ILE H 37 -15.37 -61.85 6.46
CA ILE H 37 -15.64 -61.77 4.99
C ILE H 37 -15.07 -63.03 4.33
N ILE H 38 -13.78 -63.31 4.55
CA ILE H 38 -13.05 -64.46 3.92
C ILE H 38 -13.70 -65.77 4.39
N ASP H 39 -14.29 -65.80 5.59
CA ASP H 39 -15.02 -66.99 6.13
C ASP H 39 -16.37 -67.14 5.43
N GLU H 40 -17.09 -66.03 5.17
CA GLU H 40 -18.48 -66.04 4.61
C GLU H 40 -18.44 -65.99 3.07
N HIS H 41 -17.33 -65.58 2.45
CA HIS H 41 -17.16 -65.49 0.97
C HIS H 41 -15.83 -66.13 0.58
N PRO H 42 -15.66 -67.46 0.75
CA PRO H 42 -14.39 -68.13 0.45
C PRO H 42 -13.96 -68.08 -1.02
N GLU H 43 -14.92 -67.96 -1.94
CA GLU H 43 -14.68 -67.92 -3.42
C GLU H 43 -13.74 -66.77 -3.81
N ILE H 44 -13.78 -65.63 -3.09
CA ILE H 44 -13.02 -64.39 -3.46
C ILE H 44 -11.53 -64.73 -3.63
N VAL H 45 -10.97 -65.58 -2.75
CA VAL H 45 -9.55 -66.03 -2.78
C VAL H 45 -9.27 -66.58 -4.19
N GLU H 46 -10.08 -67.56 -4.63
CA GLU H 46 -9.94 -68.20 -5.98
C GLU H 46 -10.07 -67.12 -7.05
N GLU H 47 -11.03 -66.19 -6.90
CA GLU H 47 -11.24 -65.05 -7.83
C GLU H 47 -9.90 -64.32 -7.99
N HIS H 48 -9.25 -63.95 -6.89
CA HIS H 48 -7.95 -63.21 -6.88
C HIS H 48 -6.87 -64.03 -7.59
N ALA H 49 -6.89 -65.37 -7.46
CA ALA H 49 -5.93 -66.28 -8.13
C ALA H 49 -6.08 -66.19 -9.65
N ALA H 50 -7.32 -66.08 -10.14
CA ALA H 50 -7.66 -66.09 -11.58
C ALA H 50 -7.14 -64.81 -12.26
N ASN H 51 -7.32 -63.65 -11.64
CA ASN H 51 -7.07 -62.31 -12.25
C ASN H 51 -6.82 -61.27 -11.16
N PRO H 52 -5.59 -61.18 -10.60
CA PRO H 52 -5.30 -60.22 -9.53
C PRO H 52 -5.46 -58.75 -9.93
N PHE H 53 -5.24 -58.42 -11.21
CA PHE H 53 -5.34 -57.05 -11.78
C PHE H 53 -6.81 -56.66 -12.01
N GLY H 54 -7.72 -57.64 -12.07
CA GLY H 54 -9.14 -57.42 -12.44
C GLY H 54 -9.30 -57.05 -13.90
N TYR H 55 -8.33 -57.43 -14.74
CA TYR H 55 -8.29 -57.12 -16.21
C TYR H 55 -9.51 -57.70 -16.91
N ARG H 56 -10.44 -56.83 -17.34
CA ARG H 56 -11.70 -57.21 -18.06
C ARG H 56 -12.61 -58.08 -17.17
N LYS H 57 -12.35 -58.15 -15.86
CA LYS H 57 -13.16 -58.90 -14.86
C LYS H 57 -12.93 -58.23 -13.49
N HIS H 58 -13.70 -57.19 -13.19
CA HIS H 58 -13.47 -56.27 -12.04
C HIS H 58 -13.67 -57.04 -10.73
N PRO H 59 -12.87 -56.78 -9.67
CA PRO H 59 -13.01 -57.47 -8.39
C PRO H 59 -14.42 -57.38 -7.78
N SER H 60 -14.85 -58.44 -7.08
CA SER H 60 -16.12 -58.50 -6.31
C SER H 60 -16.09 -57.43 -5.22
N PRO H 61 -17.26 -56.83 -4.83
CA PRO H 61 -17.29 -55.85 -3.75
C PRO H 61 -16.63 -56.30 -2.44
N TYR H 62 -16.78 -57.57 -2.07
CA TYR H 62 -16.21 -58.18 -0.84
C TYR H 62 -14.68 -58.27 -0.98
N LEU H 63 -14.20 -58.75 -2.14
CA LEU H 63 -12.76 -58.77 -2.50
C LEU H 63 -12.20 -57.35 -2.47
N GLN H 64 -12.95 -56.38 -3.01
CA GLN H 64 -12.56 -54.95 -3.04
C GLN H 64 -12.48 -54.40 -1.61
N ARG H 65 -13.40 -54.83 -0.72
CA ARG H 65 -13.39 -54.43 0.72
C ARG H 65 -12.10 -54.92 1.39
N VAL H 66 -11.72 -56.18 1.13
CA VAL H 66 -10.47 -56.81 1.67
C VAL H 66 -9.26 -56.02 1.14
N HIS H 67 -9.24 -55.74 -0.16
CA HIS H 67 -8.19 -54.91 -0.83
C HIS H 67 -8.12 -53.52 -0.18
N ASN H 68 -9.27 -52.89 0.07
CA ASN H 68 -9.38 -51.53 0.67
C ASN H 68 -8.71 -51.53 2.05
N TYR H 69 -8.93 -52.58 2.86
CA TYR H 69 -8.27 -52.73 4.18
C TYR H 69 -6.75 -52.89 3.99
N PHE H 70 -6.32 -53.80 3.11
CA PHE H 70 -4.91 -54.23 2.99
C PHE H 70 -4.03 -53.12 2.39
N ARG H 71 -4.54 -52.35 1.42
CA ARG H 71 -3.73 -51.43 0.58
C ARG H 71 -3.39 -50.12 1.31
N MET H 72 -4.10 -49.75 2.38
CA MET H 72 -3.93 -48.46 3.08
C MET H 72 -3.14 -48.62 4.40
N GLN H 73 -2.46 -49.75 4.61
CA GLN H 73 -1.71 -50.03 5.87
C GLN H 73 -0.44 -49.18 5.90
N PRO H 74 0.13 -48.93 7.11
CA PRO H 74 1.42 -48.22 7.22
C PRO H 74 2.54 -48.94 6.45
N THR H 75 3.42 -48.16 5.80
CA THR H 75 4.51 -48.65 4.91
C THR H 75 5.50 -49.51 5.71
N PHE H 76 5.85 -49.08 6.92
CA PHE H 76 6.81 -49.81 7.81
C PHE H 76 6.21 -51.18 8.14
N GLY H 77 6.85 -52.25 7.66
CA GLY H 77 6.44 -53.65 7.85
C GLY H 77 5.55 -54.17 6.74
N ARG H 78 5.22 -53.34 5.74
CA ARG H 78 4.28 -53.72 4.65
C ARG H 78 5.05 -54.48 3.56
N TYR H 79 4.39 -55.42 2.91
CA TYR H 79 4.97 -56.28 1.84
C TYR H 79 4.92 -55.55 0.50
N TYR H 80 5.92 -55.81 -0.35
CA TYR H 80 5.94 -55.50 -1.80
C TYR H 80 6.66 -56.63 -2.54
N ILE H 81 6.76 -56.52 -3.87
CA ILE H 81 7.37 -57.56 -4.75
C ILE H 81 8.70 -57.01 -5.28
N TYR H 82 9.80 -57.73 -5.04
CA TYR H 82 11.16 -57.43 -5.56
C TYR H 82 11.43 -58.30 -6.80
N SER H 83 11.74 -57.67 -7.94
CA SER H 83 12.08 -58.35 -9.21
C SER H 83 13.58 -58.68 -9.20
N GLU H 84 13.92 -59.92 -8.86
CA GLU H 84 15.33 -60.43 -8.84
C GLU H 84 15.85 -60.47 -10.27
N ARG H 85 15.07 -61.05 -11.20
CA ARG H 85 15.36 -61.12 -12.65
C ARG H 85 14.09 -60.75 -13.42
N GLU H 86 14.21 -59.83 -14.38
CA GLU H 86 13.07 -59.25 -15.14
C GLU H 86 12.34 -60.38 -15.88
N TRP H 87 11.03 -60.57 -15.60
CA TRP H 87 10.16 -61.56 -16.28
C TRP H 87 10.58 -63.00 -15.96
N ASP H 88 11.44 -63.23 -14.95
CA ASP H 88 12.00 -64.57 -14.63
C ASP H 88 11.75 -64.90 -13.15
N ALA H 89 12.20 -64.06 -12.22
CA ALA H 89 12.16 -64.33 -10.76
C ALA H 89 11.66 -63.10 -9.98
N TYR H 90 10.67 -63.32 -9.12
CA TYR H 90 10.13 -62.30 -8.15
C TYR H 90 10.11 -62.92 -6.76
N ARG H 91 10.34 -62.08 -5.73
CA ARG H 91 10.35 -62.47 -4.29
C ARG H 91 9.48 -61.46 -3.51
N ILE H 92 9.03 -61.86 -2.32
CA ILE H 92 8.24 -60.99 -1.39
C ILE H 92 9.23 -60.29 -0.45
N ALA H 93 9.20 -58.95 -0.42
CA ALA H 93 10.10 -58.09 0.38
C ALA H 93 9.27 -57.35 1.45
N THR H 94 9.89 -57.05 2.60
CA THR H 94 9.29 -56.28 3.72
C THR H 94 10.02 -54.94 3.85
N ILE H 95 9.27 -53.83 3.87
CA ILE H 95 9.82 -52.46 4.06
C ILE H 95 10.33 -52.33 5.50
N ARG H 96 11.54 -51.79 5.66
CA ARG H 96 12.19 -51.56 6.98
C ARG H 96 12.63 -50.09 7.05
N GLU H 97 13.34 -49.70 8.12
CA GLU H 97 13.83 -48.31 8.37
C GLU H 97 14.80 -47.89 7.25
N PHE H 98 14.89 -46.59 6.99
CA PHE H 98 15.83 -45.99 6.00
C PHE H 98 17.26 -46.40 6.36
N GLY H 99 18.02 -46.86 5.36
CA GLY H 99 19.40 -47.38 5.52
C GLY H 99 19.44 -48.86 5.86
N GLU H 100 18.31 -49.56 5.74
CA GLU H 100 18.21 -51.06 5.91
C GLU H 100 17.80 -51.67 4.57
N LEU H 101 18.34 -52.86 4.25
CA LEU H 101 17.90 -53.69 3.10
C LEU H 101 16.57 -54.35 3.46
N PRO H 102 15.69 -54.65 2.48
CA PRO H 102 14.42 -55.33 2.76
C PRO H 102 14.66 -56.81 3.13
N GLU H 103 13.73 -57.40 3.88
CA GLU H 103 13.70 -58.86 4.16
C GLU H 103 13.05 -59.56 2.97
N LEU H 104 13.83 -60.34 2.20
CA LEU H 104 13.35 -61.09 1.01
C LEU H 104 12.88 -62.48 1.43
N GLY H 105 11.80 -62.97 0.80
CA GLY H 105 11.31 -64.35 0.93
C GLY H 105 12.24 -65.35 0.26
N ASP H 106 12.15 -66.63 0.63
CA ASP H 106 13.01 -67.72 0.11
C ASP H 106 12.47 -68.21 -1.24
N GLU H 107 11.13 -68.28 -1.38
CA GLU H 107 10.45 -68.80 -2.60
C GLU H 107 10.57 -67.76 -3.73
N ARG H 108 10.79 -68.28 -4.95
CA ARG H 108 10.82 -67.51 -6.22
C ARG H 108 9.49 -67.71 -6.96
N PHE H 109 9.05 -66.71 -7.73
CA PHE H 109 7.80 -66.73 -8.53
C PHE H 109 8.13 -66.39 -9.99
N LYS H 110 7.55 -67.14 -10.94
CA LYS H 110 7.82 -67.00 -12.39
C LYS H 110 7.20 -65.71 -12.93
N THR H 111 6.01 -65.32 -12.45
CA THR H 111 5.24 -64.13 -12.92
C THR H 111 4.89 -63.23 -11.73
N GLU H 112 4.65 -61.95 -12.02
CA GLU H 112 4.25 -60.90 -11.02
C GLU H 112 2.86 -61.21 -10.47
N GLU H 113 1.95 -61.79 -11.27
CA GLU H 113 0.57 -62.14 -10.83
C GLU H 113 0.62 -63.19 -9.72
N GLU H 114 1.44 -64.23 -9.91
CA GLU H 114 1.70 -65.31 -8.92
C GLU H 114 2.20 -64.70 -7.61
N ALA H 115 3.15 -63.75 -7.69
CA ALA H 115 3.75 -63.03 -6.54
C ALA H 115 2.66 -62.24 -5.80
N MET H 116 1.79 -61.54 -6.53
CA MET H 116 0.67 -60.73 -5.95
C MET H 116 -0.27 -61.65 -5.18
N HIS H 117 -0.66 -62.80 -5.75
CA HIS H 117 -1.56 -63.78 -5.11
C HIS H 117 -0.90 -64.35 -3.85
N ALA H 118 0.41 -64.66 -3.90
CA ALA H 118 1.21 -65.15 -2.75
C ALA H 118 1.21 -64.10 -1.63
N VAL H 119 1.40 -62.81 -1.98
CA VAL H 119 1.37 -61.66 -1.02
C VAL H 119 -0.01 -61.62 -0.35
N PHE H 120 -1.08 -61.74 -1.14
CA PHE H 120 -2.50 -61.73 -0.66
C PHE H 120 -2.69 -62.84 0.38
N LEU H 121 -2.30 -64.07 0.04
CA LEU H 121 -2.42 -65.27 0.93
C LEU H 121 -1.61 -65.05 2.21
N ARG H 122 -0.37 -64.54 2.09
CA ARG H 122 0.56 -64.31 3.24
C ARG H 122 -0.07 -63.28 4.19
N ARG H 123 -0.69 -62.22 3.67
CA ARG H 123 -1.35 -61.16 4.48
C ARG H 123 -2.53 -61.75 5.23
N ILE H 124 -3.34 -62.59 4.58
CA ILE H 124 -4.51 -63.28 5.21
C ILE H 124 -3.99 -64.17 6.35
N GLU H 125 -2.92 -64.93 6.11
CA GLU H 125 -2.28 -65.82 7.13
C GLU H 125 -1.78 -65.00 8.31
N ASP H 126 -1.17 -63.83 8.05
CA ASP H 126 -0.67 -62.90 9.11
C ASP H 126 -1.85 -62.42 9.97
N VAL H 127 -2.96 -61.99 9.34
CA VAL H 127 -4.17 -61.50 10.06
C VAL H 127 -4.73 -62.64 10.92
N ARG H 128 -4.75 -63.87 10.39
CA ARG H 128 -5.21 -65.08 11.14
C ARG H 128 -4.28 -65.31 12.34
N ALA H 129 -2.96 -65.22 12.15
CA ALA H 129 -1.93 -65.46 13.18
C ALA H 129 -2.10 -64.49 14.35
N GLU H 130 -2.36 -63.21 14.04
CA GLU H 130 -2.57 -62.12 15.04
C GLU H 130 -3.81 -62.43 15.88
N LEU H 131 -4.85 -62.98 15.26
CA LEU H 131 -6.14 -63.34 15.93
C LEU H 131 -6.09 -64.81 16.37
FE FE I . -0.35 37.68 -6.08
FE FE J . 21.32 25.09 13.11
FE FE K . -22.66 -26.55 6.17
FE FE L . 1.57 -36.35 -11.53
#